data_4I3V
#
_entry.id   4I3V
#
_cell.length_a   94.744
_cell.length_b   172.128
_cell.length_c   140.056
_cell.angle_alpha   90.00
_cell.angle_beta   107.75
_cell.angle_gamma   90.00
#
_symmetry.space_group_name_H-M   'P 1 21 1'
#
loop_
_entity.id
_entity.type
_entity.pdbx_description
1 polymer 'Aldehyde dehydrogenase (NAD+)'
2 non-polymer NICOTINAMIDE-ADENINE-DINUCLEOTIDE
3 non-polymer PHOSPHONOACETALDEHYDE
4 water water
#
_entity_poly.entity_id   1
_entity_poly.type   'polypeptide(L)'
_entity_poly.pdbx_seq_one_letter_code
;GSHMTNAEVTIAVRHEPMRIAGRLVDTDDRVEVRYPWNDTVVGTVPAGRAEHAREAFAIAAAYQPKLTRYERQKILLATA
EALAARKEEISDVITLELGISKADSLYEVGRAFDVFTLAGQMCIRDDGEIFSCDLTPHGKARKIFTMREPLTAISAITPF
NHPLNMVAHKVAPAIATNNCVVVKPTELTPMTALLLADILYEAGLPPEMLSVVTGWPADIGMEMITNPHVDLVTFTGSVP
VGKLIAANAHYKRQVLELGGNDPLIILNDLSDDDLARAADLAVAGATKNSGQRCTAVKRILCQESVADRFVPLVLERAKR
LRFGDPMDRSTDLGTVIHEKAAALFEERVMRAAEEGADILYHPGRSGALLPPIVVDRVPHQSDLVLEETFGPIIPIVRVP
DDDDATITLSNSTAFGLSSGVCTNDYRRMQKYIAGLKVGTVNIWEVPGYRIEMSPFGGIKDSGNGYKEGVIEAMKSFTNV
KTFSLPWP
;
_entity_poly.pdbx_strand_id   A,B,C,D,E,F,G,H
#
loop_
_chem_comp.id
_chem_comp.type
_chem_comp.name
_chem_comp.formula
NAD non-polymer NICOTINAMIDE-ADENINE-DINUCLEOTIDE 'C21 H27 N7 O14 P2'
POA non-polymer PHOSPHONOACETALDEHYDE 'C2 H5 O4 P'
#
# COMPACT_ATOMS: atom_id res chain seq x y z
N HIS A 15 2.67 -8.59 21.51
CA HIS A 15 3.81 -8.20 20.65
C HIS A 15 3.84 -8.84 19.24
N GLU A 16 3.63 -8.03 18.21
CA GLU A 16 3.47 -8.57 16.86
C GLU A 16 4.39 -7.94 15.81
N PRO A 17 5.32 -8.71 15.26
CA PRO A 17 6.18 -8.21 14.18
C PRO A 17 5.38 -7.90 12.91
N MET A 18 6.00 -7.14 12.00
CA MET A 18 5.40 -6.93 10.69
C MET A 18 5.28 -8.27 9.94
N ARG A 19 4.30 -8.37 9.05
CA ARG A 19 4.21 -9.53 8.15
C ARG A 19 4.68 -9.12 6.77
N ILE A 20 5.86 -9.58 6.37
CA ILE A 20 6.41 -9.19 5.07
C ILE A 20 6.52 -10.41 4.18
N ALA A 21 5.56 -10.50 3.25
CA ALA A 21 5.53 -11.64 2.32
C ALA A 21 5.69 -12.95 3.09
N GLY A 22 4.91 -13.13 4.14
CA GLY A 22 4.90 -14.38 4.88
C GLY A 22 5.95 -14.50 5.98
N ARG A 23 6.96 -13.62 5.97
CA ARG A 23 7.98 -13.63 7.01
C ARG A 23 7.65 -12.62 8.13
N LEU A 24 8.11 -12.89 9.35
CA LEU A 24 8.00 -11.91 10.42
C LEU A 24 9.25 -11.02 10.39
N VAL A 25 9.05 -9.71 10.43
CA VAL A 25 10.15 -8.75 10.40
C VAL A 25 10.01 -7.81 11.59
N ASP A 26 11.09 -7.61 12.33
CA ASP A 26 11.03 -6.82 13.56
C ASP A 26 12.09 -5.74 13.58
N THR A 27 11.94 -4.79 14.50
CA THR A 27 12.91 -3.73 14.73
C THR A 27 13.18 -3.63 16.23
N ASP A 28 14.21 -2.88 16.61
CA ASP A 28 14.47 -2.63 18.04
C ASP A 28 13.38 -1.79 18.67
N ASP A 29 13.13 -0.62 18.10
CA ASP A 29 12.11 0.28 18.62
C ASP A 29 10.73 -0.27 18.31
N ARG A 30 9.74 0.18 19.08
CA ARG A 30 8.43 -0.43 19.03
C ARG A 30 7.36 0.61 19.20
N VAL A 31 6.15 0.29 18.76
CA VAL A 31 5.01 1.18 18.91
C VAL A 31 4.02 0.50 19.84
N GLU A 32 3.73 1.14 20.97
CA GLU A 32 2.74 0.59 21.89
C GLU A 32 1.33 0.84 21.37
N VAL A 33 0.47 -0.15 21.53
CA VAL A 33 -0.94 -0.02 21.19
C VAL A 33 -1.75 -0.07 22.49
N ARG A 34 -2.50 0.99 22.77
CA ARG A 34 -3.28 1.10 24.01
C ARG A 34 -4.77 0.82 23.82
N TYR A 35 -5.37 0.18 24.81
CA TYR A 35 -6.82 -0.03 24.90
C TYR A 35 -7.43 1.30 25.34
N PRO A 36 -8.30 1.90 24.50
CA PRO A 36 -8.85 3.20 24.90
C PRO A 36 -9.75 3.16 26.15
N TRP A 37 -10.32 2.00 26.48
CA TRP A 37 -11.15 1.92 27.69
C TRP A 37 -10.37 2.31 28.96
N ASN A 38 -9.16 1.79 29.12
CA ASN A 38 -8.42 2.00 30.36
C ASN A 38 -6.97 2.41 30.12
N ASP A 39 -6.64 2.61 28.86
CA ASP A 39 -5.32 3.12 28.48
C ASP A 39 -4.15 2.18 28.76
N THR A 40 -4.44 0.90 28.99
CA THR A 40 -3.38 -0.08 29.19
C THR A 40 -2.81 -0.58 27.85
N VAL A 41 -1.50 -0.84 27.83
CA VAL A 41 -0.87 -1.44 26.66
C VAL A 41 -1.41 -2.84 26.39
N VAL A 42 -1.94 -3.05 25.19
CA VAL A 42 -2.49 -4.35 24.83
C VAL A 42 -1.58 -5.10 23.85
N GLY A 43 -0.68 -4.37 23.21
CA GLY A 43 0.24 -4.96 22.25
C GLY A 43 1.30 -3.96 21.80
N THR A 44 2.32 -4.46 21.10
CA THR A 44 3.33 -3.61 20.49
C THR A 44 3.60 -4.07 19.05
N VAL A 45 3.94 -3.15 18.18
CA VAL A 45 4.34 -3.54 16.83
C VAL A 45 5.60 -2.78 16.46
N PRO A 46 6.29 -3.21 15.40
CA PRO A 46 7.58 -2.58 15.16
C PRO A 46 7.45 -1.13 14.73
N ALA A 47 8.46 -0.33 15.05
CA ALA A 47 8.60 1.01 14.49
C ALA A 47 9.31 0.86 13.15
N GLY A 48 8.56 0.37 12.16
CA GLY A 48 9.11 0.16 10.83
C GLY A 48 9.57 1.45 10.18
N ARG A 49 10.45 1.31 9.19
CA ARG A 49 11.08 2.46 8.55
C ARG A 49 11.00 2.35 7.03
N ALA A 50 11.51 3.34 6.32
CA ALA A 50 11.39 3.32 4.85
C ALA A 50 11.92 2.02 4.22
N GLU A 51 13.00 1.47 4.77
CA GLU A 51 13.62 0.27 4.20
C GLU A 51 12.66 -0.92 4.23
N HIS A 52 11.75 -0.95 5.20
CA HIS A 52 10.87 -2.10 5.36
C HIS A 52 9.77 -2.13 4.31
N ALA A 53 9.22 -0.95 4.02
CA ALA A 53 8.26 -0.80 2.94
C ALA A 53 8.97 -1.07 1.61
N ARG A 54 10.14 -0.46 1.42
CA ARG A 54 10.93 -0.65 0.20
C ARG A 54 11.13 -2.15 -0.07
N GLU A 55 11.43 -2.91 0.98
CA GLU A 55 11.65 -4.36 0.88
C GLU A 55 10.37 -5.11 0.48
N ALA A 56 9.26 -4.76 1.12
CA ALA A 56 7.96 -5.33 0.75
C ALA A 56 7.59 -5.02 -0.70
N PHE A 57 7.83 -3.80 -1.16
CA PHE A 57 7.45 -3.44 -2.52
C PHE A 57 8.34 -4.15 -3.57
N ALA A 58 9.61 -4.37 -3.22
CA ALA A 58 10.52 -5.11 -4.08
C ALA A 58 10.00 -6.52 -4.29
N ILE A 59 9.59 -7.17 -3.19
CA ILE A 59 8.99 -8.50 -3.28
C ILE A 59 7.70 -8.51 -4.09
N ALA A 60 6.76 -7.61 -3.78
CA ALA A 60 5.53 -7.45 -4.57
C ALA A 60 5.82 -7.30 -6.07
N ALA A 61 6.76 -6.42 -6.40
CA ALA A 61 7.08 -6.14 -7.79
C ALA A 61 7.65 -7.35 -8.51
N ALA A 62 8.42 -8.17 -7.80
CA ALA A 62 9.11 -9.29 -8.45
C ALA A 62 8.21 -10.52 -8.61
N TYR A 63 7.18 -10.63 -7.79
CA TYR A 63 6.31 -11.80 -7.85
C TYR A 63 5.17 -11.57 -8.85
N GLN A 64 5.00 -12.52 -9.76
CA GLN A 64 3.92 -12.48 -10.74
C GLN A 64 2.88 -13.54 -10.45
N PRO A 65 1.80 -13.16 -9.77
CA PRO A 65 0.75 -14.11 -9.40
C PRO A 65 0.20 -14.81 -10.63
N LYS A 66 0.04 -16.12 -10.55
CA LYS A 66 -0.48 -16.92 -11.65
C LYS A 66 -1.75 -17.65 -11.24
N LEU A 67 -2.35 -17.27 -10.11
CA LEU A 67 -3.52 -17.97 -9.61
C LEU A 67 -4.64 -17.96 -10.65
N THR A 68 -5.33 -19.09 -10.81
CA THR A 68 -6.55 -19.11 -11.61
C THR A 68 -7.67 -18.39 -10.87
N ARG A 69 -8.76 -18.08 -11.57
CA ARG A 69 -9.92 -17.49 -10.93
C ARG A 69 -10.45 -18.41 -9.85
N TYR A 70 -10.53 -19.70 -10.17
CA TYR A 70 -10.93 -20.70 -9.21
C TYR A 70 -10.06 -20.64 -7.93
N GLU A 71 -8.74 -20.61 -8.11
CA GLU A 71 -7.82 -20.57 -6.96
C GLU A 71 -8.00 -19.30 -6.10
N ARG A 72 -8.16 -18.16 -6.77
CA ARG A 72 -8.45 -16.92 -6.05
C ARG A 72 -9.77 -16.99 -5.30
N GLN A 73 -10.80 -17.54 -5.93
CA GLN A 73 -12.08 -17.72 -5.23
C GLN A 73 -11.87 -18.61 -4.00
N LYS A 74 -11.12 -19.70 -4.14
CA LYS A 74 -10.95 -20.61 -3.00
C LYS A 74 -10.32 -19.89 -1.80
N ILE A 75 -9.25 -19.16 -2.06
CA ILE A 75 -8.59 -18.38 -1.02
C ILE A 75 -9.54 -17.39 -0.35
N LEU A 76 -10.29 -16.65 -1.16
CA LEU A 76 -11.15 -15.61 -0.63
C LEU A 76 -12.31 -16.19 0.18
N LEU A 77 -12.87 -17.30 -0.29
CA LEU A 77 -13.99 -17.93 0.43
C LEU A 77 -13.51 -18.62 1.70
N ALA A 78 -12.32 -19.22 1.65
CA ALA A 78 -11.70 -19.81 2.83
C ALA A 78 -11.43 -18.71 3.85
N THR A 79 -11.08 -17.52 3.38
CA THR A 79 -10.81 -16.42 4.28
C THR A 79 -12.12 -16.01 4.94
N ALA A 80 -13.17 -15.90 4.14
CA ALA A 80 -14.50 -15.62 4.67
C ALA A 80 -14.89 -16.62 5.77
N GLU A 81 -14.78 -17.91 5.50
CA GLU A 81 -15.15 -18.88 6.53
C GLU A 81 -14.24 -18.84 7.74
N ALA A 82 -12.98 -18.48 7.56
CA ALA A 82 -12.08 -18.31 8.70
C ALA A 82 -12.50 -17.11 9.57
N LEU A 83 -12.90 -16.02 8.93
CA LEU A 83 -13.39 -14.85 9.66
C LEU A 83 -14.63 -15.22 10.48
N ALA A 84 -15.54 -15.96 9.86
CA ALA A 84 -16.73 -16.42 10.56
C ALA A 84 -16.40 -17.33 11.76
N ALA A 85 -15.49 -18.28 11.54
CA ALA A 85 -15.17 -19.24 12.59
C ALA A 85 -14.42 -18.57 13.72
N ARG A 86 -13.62 -17.56 13.40
CA ARG A 86 -12.81 -16.91 14.42
C ARG A 86 -13.34 -15.57 14.88
N LYS A 87 -14.63 -15.33 14.68
CA LYS A 87 -15.17 -13.99 14.87
C LYS A 87 -15.04 -13.46 16.30
N GLU A 88 -15.12 -14.33 17.31
CA GLU A 88 -14.99 -13.85 18.68
C GLU A 88 -13.56 -13.41 18.95
N GLU A 89 -12.60 -14.20 18.47
CA GLU A 89 -11.19 -13.85 18.60
C GLU A 89 -10.89 -12.52 17.89
N ILE A 90 -11.36 -12.39 16.64
CA ILE A 90 -11.07 -11.21 15.84
C ILE A 90 -11.68 -9.92 16.42
N SER A 91 -12.95 -9.97 16.78
CA SER A 91 -13.60 -8.82 17.41
C SER A 91 -13.00 -8.42 18.76
N ASP A 92 -12.44 -9.39 19.49
CA ASP A 92 -11.69 -9.08 20.71
C ASP A 92 -10.51 -8.18 20.36
N VAL A 93 -9.73 -8.57 19.36
CA VAL A 93 -8.58 -7.77 18.93
C VAL A 93 -9.00 -6.37 18.48
N ILE A 94 -10.07 -6.28 17.68
CA ILE A 94 -10.61 -4.99 17.26
C ILE A 94 -11.02 -4.13 18.47
N THR A 95 -11.82 -4.70 19.35
CA THR A 95 -12.27 -3.95 20.52
C THR A 95 -11.11 -3.48 21.40
N LEU A 96 -10.15 -4.37 21.62
CA LEU A 96 -9.03 -4.03 22.49
C LEU A 96 -8.13 -2.89 21.99
N GLU A 97 -8.08 -2.65 20.68
CA GLU A 97 -7.26 -1.54 20.18
C GLU A 97 -8.06 -0.30 19.78
N LEU A 98 -9.31 -0.51 19.37
CA LEU A 98 -10.16 0.59 18.93
C LEU A 98 -11.06 1.11 20.06
N GLY A 99 -11.65 0.19 20.82
CA GLY A 99 -12.50 0.58 21.95
C GLY A 99 -13.99 0.53 21.63
N ILE A 100 -14.35 0.21 20.39
CA ILE A 100 -15.76 0.03 20.08
C ILE A 100 -16.26 -1.20 20.82
N SER A 101 -17.57 -1.28 20.98
CA SER A 101 -18.21 -2.40 21.68
C SER A 101 -18.04 -3.69 20.91
N LYS A 102 -18.14 -4.82 21.61
CA LYS A 102 -18.13 -6.12 20.95
C LYS A 102 -19.27 -6.24 19.98
N ALA A 103 -20.38 -5.58 20.29
CA ALA A 103 -21.50 -5.57 19.35
C ALA A 103 -21.06 -4.96 18.01
N ASP A 104 -20.34 -3.84 18.07
CA ASP A 104 -19.85 -3.19 16.85
C ASP A 104 -18.70 -3.97 16.21
N SER A 105 -17.79 -4.51 17.03
CA SER A 105 -16.66 -5.34 16.57
C SER A 105 -17.14 -6.54 15.78
N LEU A 106 -18.14 -7.22 16.32
CA LEU A 106 -18.68 -8.42 15.74
C LEU A 106 -19.37 -8.05 14.44
N TYR A 107 -20.06 -6.91 14.45
CA TYR A 107 -20.69 -6.45 13.22
C TYR A 107 -19.61 -6.23 12.15
N GLU A 108 -18.49 -5.65 12.55
CA GLU A 108 -17.44 -5.36 11.58
C GLU A 108 -16.89 -6.66 10.99
N VAL A 109 -16.78 -7.71 11.81
CA VAL A 109 -16.36 -9.00 11.28
C VAL A 109 -17.34 -9.48 10.22
N GLY A 110 -18.64 -9.31 10.48
CA GLY A 110 -19.67 -9.61 9.51
C GLY A 110 -19.55 -8.82 8.21
N ARG A 111 -19.15 -7.55 8.27
CA ARG A 111 -18.91 -6.80 7.02
C ARG A 111 -17.70 -7.38 6.25
N ALA A 112 -16.62 -7.68 6.97
CA ALA A 112 -15.43 -8.25 6.33
C ALA A 112 -15.73 -9.61 5.70
N PHE A 113 -16.64 -10.35 6.34
CA PHE A 113 -17.15 -11.62 5.82
C PHE A 113 -17.86 -11.42 4.48
N ASP A 114 -18.67 -10.35 4.39
CA ASP A 114 -19.31 -9.96 3.12
C ASP A 114 -18.29 -9.53 2.04
N VAL A 115 -17.33 -8.70 2.43
CA VAL A 115 -16.26 -8.27 1.53
C VAL A 115 -15.59 -9.48 0.87
N PHE A 116 -15.11 -10.42 1.68
CA PHE A 116 -14.41 -11.58 1.14
C PHE A 116 -15.32 -12.54 0.37
N THR A 117 -16.53 -12.71 0.86
CA THR A 117 -17.49 -13.56 0.17
C THR A 117 -17.82 -12.99 -1.21
N LEU A 118 -18.12 -11.70 -1.24
CA LEU A 118 -18.52 -11.07 -2.49
C LEU A 118 -17.34 -10.99 -3.47
N ALA A 119 -16.14 -10.69 -2.97
CA ALA A 119 -14.95 -10.70 -3.82
C ALA A 119 -14.69 -12.10 -4.39
N GLY A 120 -14.82 -13.12 -3.56
CA GLY A 120 -14.64 -14.48 -4.02
C GLY A 120 -15.63 -14.83 -5.12
N GLN A 121 -16.88 -14.47 -4.92
CA GLN A 121 -17.91 -14.79 -5.92
C GLN A 121 -17.74 -13.97 -7.21
N MET A 122 -17.27 -12.72 -7.10
CA MET A 122 -17.06 -11.89 -8.29
C MET A 122 -15.89 -12.35 -9.20
N CYS A 123 -15.03 -13.24 -8.69
CA CYS A 123 -13.98 -13.91 -9.48
C CYS A 123 -14.44 -14.67 -10.72
N ILE A 124 -15.67 -15.15 -10.74
CA ILE A 124 -16.13 -15.95 -11.86
C ILE A 124 -16.49 -15.05 -13.04
N ARG A 125 -16.48 -13.75 -12.81
CA ARG A 125 -17.02 -12.80 -13.80
C ARG A 125 -15.92 -12.12 -14.63
N ASP A 126 -16.07 -12.19 -15.95
CA ASP A 126 -15.16 -11.56 -16.88
C ASP A 126 -15.94 -10.46 -17.58
N ASP A 127 -15.57 -9.20 -17.34
CA ASP A 127 -16.31 -8.10 -17.96
C ASP A 127 -15.72 -7.63 -19.30
N GLY A 128 -14.93 -8.48 -19.94
CA GLY A 128 -14.37 -8.12 -21.25
C GLY A 128 -15.46 -7.76 -22.26
N GLU A 129 -15.14 -6.87 -23.19
CA GLU A 129 -16.10 -6.43 -24.20
C GLU A 129 -15.59 -6.77 -25.60
N ILE A 130 -16.50 -6.72 -26.57
CA ILE A 130 -16.14 -6.98 -27.97
C ILE A 130 -16.69 -5.83 -28.82
N PHE A 131 -15.86 -5.27 -29.69
CA PHE A 131 -16.30 -4.24 -30.62
C PHE A 131 -16.21 -4.76 -32.04
N SER A 132 -17.24 -4.51 -32.86
CA SER A 132 -17.14 -4.73 -34.31
C SER A 132 -16.56 -3.45 -34.89
N CYS A 133 -15.71 -3.57 -35.91
CA CYS A 133 -14.97 -2.41 -36.41
C CYS A 133 -15.45 -1.86 -37.75
N ASP A 134 -16.49 -2.47 -38.31
CA ASP A 134 -16.99 -2.04 -39.63
C ASP A 134 -18.10 -0.99 -39.49
N LEU A 135 -17.78 0.12 -38.81
CA LEU A 135 -18.79 1.02 -38.29
C LEU A 135 -18.95 2.34 -39.01
N THR A 136 -17.91 2.76 -39.72
CA THR A 136 -17.84 4.09 -40.29
C THR A 136 -17.14 3.97 -41.65
N PRO A 137 -16.99 5.09 -42.37
CA PRO A 137 -16.19 4.99 -43.60
C PRO A 137 -14.76 4.49 -43.37
N HIS A 138 -14.21 4.71 -42.17
CA HIS A 138 -12.87 4.19 -41.84
C HIS A 138 -12.89 2.74 -41.33
N GLY A 139 -14.04 2.08 -41.47
CA GLY A 139 -14.23 0.73 -40.92
C GLY A 139 -13.34 -0.35 -41.50
N LYS A 140 -13.16 -1.43 -40.76
CA LYS A 140 -12.40 -2.58 -41.22
C LYS A 140 -13.11 -3.85 -40.79
N ALA A 141 -12.83 -4.96 -41.47
CA ALA A 141 -13.40 -6.25 -41.10
C ALA A 141 -12.56 -6.86 -39.98
N ARG A 142 -12.92 -6.54 -38.74
CA ARG A 142 -12.01 -6.73 -37.61
C ARG A 142 -12.83 -6.66 -36.33
N LYS A 143 -12.36 -7.34 -35.28
CA LYS A 143 -12.96 -7.26 -33.96
C LYS A 143 -11.90 -6.82 -32.94
N ILE A 144 -12.34 -6.04 -31.95
CA ILE A 144 -11.51 -5.66 -30.83
C ILE A 144 -12.09 -6.33 -29.59
N PHE A 145 -11.21 -6.88 -28.77
CA PHE A 145 -11.61 -7.63 -27.59
C PHE A 145 -10.93 -6.93 -26.42
N THR A 146 -11.48 -7.00 -25.22
CA THR A 146 -10.80 -6.38 -24.08
C THR A 146 -10.57 -7.40 -22.99
N MET A 147 -9.52 -7.18 -22.20
CA MET A 147 -9.25 -8.02 -21.04
C MET A 147 -8.49 -7.21 -19.96
N ARG A 148 -8.39 -7.76 -18.76
CA ARG A 148 -7.75 -7.03 -17.67
C ARG A 148 -6.51 -7.72 -17.15
N GLU A 149 -5.53 -6.91 -16.78
CA GLU A 149 -4.28 -7.42 -16.22
C GLU A 149 -3.96 -6.67 -14.93
N PRO A 150 -3.26 -7.32 -13.98
CA PRO A 150 -2.93 -6.69 -12.69
C PRO A 150 -1.80 -5.67 -12.83
N LEU A 151 -1.55 -4.93 -11.76
CA LEU A 151 -0.50 -3.93 -11.71
C LEU A 151 0.78 -4.50 -11.13
N THR A 152 1.82 -3.68 -11.08
CA THR A 152 3.07 -4.08 -10.49
C THR A 152 2.95 -4.27 -8.99
N ALA A 153 2.42 -3.25 -8.33
CA ALA A 153 2.26 -3.30 -6.89
C ALA A 153 1.24 -2.27 -6.45
N ILE A 154 0.51 -2.60 -5.39
CA ILE A 154 -0.45 -1.67 -4.82
C ILE A 154 -0.07 -1.27 -3.40
N SER A 155 -0.15 0.03 -3.13
CA SER A 155 0.11 0.56 -1.79
C SER A 155 -1.20 0.90 -1.10
N ALA A 156 -1.47 0.29 0.05
CA ALA A 156 -2.71 0.57 0.77
C ALA A 156 -2.42 1.19 2.14
N ILE A 157 -3.13 2.27 2.45
CA ILE A 157 -2.99 2.99 3.72
C ILE A 157 -4.36 3.15 4.38
N THR A 158 -4.52 2.64 5.59
CA THR A 158 -5.84 2.56 6.21
C THR A 158 -5.91 3.29 7.56
N PRO A 159 -7.11 3.78 7.93
CA PRO A 159 -7.34 4.54 9.15
C PRO A 159 -7.78 3.63 10.31
N PHE A 160 -8.09 4.22 11.47
CA PHE A 160 -8.35 3.43 12.68
C PHE A 160 -9.80 2.97 12.72
N ASN A 161 -10.58 3.62 11.88
CA ASN A 161 -12.02 3.45 11.75
C ASN A 161 -12.59 2.03 11.77
N HIS A 162 -12.12 1.21 10.85
CA HIS A 162 -12.54 -0.17 10.77
C HIS A 162 -11.24 -0.94 10.59
N PRO A 163 -10.59 -1.32 11.71
CA PRO A 163 -9.26 -1.92 11.64
C PRO A 163 -9.27 -3.21 10.82
N LEU A 164 -10.44 -3.83 10.64
CA LEU A 164 -10.54 -5.03 9.82
C LEU A 164 -11.14 -4.74 8.45
N ASN A 165 -12.33 -4.16 8.44
CA ASN A 165 -13.02 -3.96 7.17
C ASN A 165 -12.30 -3.03 6.19
N MET A 166 -11.65 -1.99 6.70
CA MET A 166 -10.90 -1.10 5.81
C MET A 166 -9.78 -1.87 5.10
N VAL A 167 -9.13 -2.77 5.84
CA VAL A 167 -8.06 -3.58 5.25
C VAL A 167 -8.64 -4.61 4.28
N ALA A 168 -9.75 -5.24 4.67
CA ALA A 168 -10.48 -6.15 3.80
C ALA A 168 -10.82 -5.53 2.43
N HIS A 169 -11.33 -4.30 2.43
CA HIS A 169 -11.76 -3.64 1.19
C HIS A 169 -10.58 -3.35 0.23
N LYS A 170 -9.39 -3.19 0.79
CA LYS A 170 -8.23 -2.89 -0.03
C LYS A 170 -7.48 -4.15 -0.46
N VAL A 171 -7.55 -5.19 0.36
CA VAL A 171 -6.83 -6.42 0.08
C VAL A 171 -7.65 -7.45 -0.73
N ALA A 172 -8.93 -7.63 -0.40
CA ALA A 172 -9.71 -8.65 -1.10
C ALA A 172 -9.74 -8.45 -2.63
N PRO A 173 -9.98 -7.21 -3.08
CA PRO A 173 -10.00 -7.00 -4.54
C PRO A 173 -8.63 -7.16 -5.20
N ALA A 174 -7.54 -6.94 -4.45
CA ALA A 174 -6.20 -7.12 -5.00
C ALA A 174 -5.94 -8.61 -5.21
N ILE A 175 -6.31 -9.42 -4.22
CA ILE A 175 -6.22 -10.86 -4.37
C ILE A 175 -7.07 -11.31 -5.57
N ALA A 176 -8.33 -10.87 -5.63
CA ALA A 176 -9.24 -11.31 -6.68
C ALA A 176 -8.74 -10.99 -8.09
N THR A 177 -7.77 -10.07 -8.18
CA THR A 177 -7.27 -9.60 -9.46
C THR A 177 -5.78 -9.91 -9.72
N ASN A 178 -5.21 -10.78 -8.88
CA ASN A 178 -3.80 -11.20 -9.01
C ASN A 178 -2.79 -10.09 -8.81
N ASN A 179 -3.09 -9.18 -7.89
CA ASN A 179 -2.17 -8.11 -7.55
C ASN A 179 -1.33 -8.44 -6.31
N CYS A 180 -0.31 -7.64 -6.06
CA CYS A 180 0.48 -7.78 -4.85
C CYS A 180 0.33 -6.48 -4.09
N VAL A 181 -0.14 -6.59 -2.86
CA VAL A 181 -0.47 -5.40 -2.09
C VAL A 181 0.38 -5.29 -0.83
N VAL A 182 0.79 -4.06 -0.50
CA VAL A 182 1.46 -3.77 0.75
C VAL A 182 0.59 -2.82 1.55
N VAL A 183 0.26 -3.21 2.77
CA VAL A 183 -0.63 -2.43 3.61
C VAL A 183 0.10 -1.79 4.80
N LYS A 184 -0.11 -0.48 5.02
CA LYS A 184 0.32 0.18 6.25
C LYS A 184 -0.89 0.71 7.03
N PRO A 185 -1.39 -0.08 7.98
CA PRO A 185 -2.54 0.30 8.81
C PRO A 185 -2.10 1.40 9.75
N THR A 186 -3.05 2.10 10.36
CA THR A 186 -2.71 3.15 11.29
C THR A 186 -1.93 2.56 12.46
N GLU A 187 -1.00 3.33 13.00
CA GLU A 187 -0.26 2.89 14.18
C GLU A 187 -1.18 2.74 15.38
N LEU A 188 -2.36 3.36 15.33
CA LEU A 188 -3.34 3.27 16.42
C LEU A 188 -4.07 1.93 16.50
N THR A 189 -4.24 1.25 15.37
CA THR A 189 -4.95 -0.04 15.35
C THR A 189 -4.38 -1.07 14.35
N PRO A 190 -3.07 -1.39 14.47
CA PRO A 190 -2.37 -2.27 13.52
C PRO A 190 -2.55 -3.77 13.75
N MET A 191 -2.91 -4.17 14.96
CA MET A 191 -2.94 -5.58 15.29
C MET A 191 -3.97 -6.38 14.48
N THR A 192 -5.11 -5.77 14.21
CA THR A 192 -6.14 -6.44 13.42
C THR A 192 -5.66 -6.78 12.00
N ALA A 193 -4.91 -5.86 11.39
CA ALA A 193 -4.33 -6.04 10.06
C ALA A 193 -3.31 -7.18 10.02
N LEU A 194 -2.46 -7.25 11.04
CA LEU A 194 -1.44 -8.28 11.12
C LEU A 194 -2.10 -9.66 11.26
N LEU A 195 -3.21 -9.70 11.98
CA LEU A 195 -3.97 -10.93 12.14
C LEU A 195 -4.65 -11.35 10.83
N LEU A 196 -5.19 -10.38 10.12
CA LEU A 196 -5.82 -10.68 8.82
C LEU A 196 -4.78 -11.29 7.87
N ALA A 197 -3.56 -10.75 7.91
CA ALA A 197 -2.49 -11.30 7.09
C ALA A 197 -2.25 -12.78 7.42
N ASP A 198 -2.14 -13.10 8.70
CA ASP A 198 -1.98 -14.49 9.13
C ASP A 198 -3.09 -15.37 8.58
N ILE A 199 -4.33 -14.91 8.74
CA ILE A 199 -5.49 -15.65 8.23
C ILE A 199 -5.39 -15.86 6.71
N LEU A 200 -5.01 -14.83 5.98
CA LEU A 200 -4.86 -14.96 4.52
C LEU A 200 -3.80 -16.00 4.13
N TYR A 201 -2.63 -15.93 4.78
CA TYR A 201 -1.57 -16.88 4.53
C TYR A 201 -2.09 -18.30 4.77
N GLU A 202 -2.77 -18.48 5.89
CA GLU A 202 -3.29 -19.80 6.25
C GLU A 202 -4.38 -20.26 5.27
N ALA A 203 -5.09 -19.31 4.69
CA ALA A 203 -6.12 -19.63 3.70
C ALA A 203 -5.53 -19.99 2.33
N GLY A 204 -4.21 -19.88 2.19
CA GLY A 204 -3.56 -20.29 0.96
C GLY A 204 -3.05 -19.19 0.04
N LEU A 205 -3.09 -17.95 0.51
CA LEU A 205 -2.57 -16.86 -0.30
C LEU A 205 -1.05 -16.98 -0.47
N PRO A 206 -0.58 -16.93 -1.72
CA PRO A 206 0.87 -16.85 -1.92
C PRO A 206 1.42 -15.63 -1.18
N PRO A 207 2.34 -15.85 -0.23
CA PRO A 207 2.73 -14.81 0.73
C PRO A 207 3.23 -13.54 0.07
N GLU A 208 3.91 -13.65 -1.08
CA GLU A 208 4.41 -12.46 -1.76
C GLU A 208 3.29 -11.48 -2.14
N MET A 209 2.04 -11.99 -2.22
CA MET A 209 0.91 -11.16 -2.61
C MET A 209 0.42 -10.21 -1.51
N LEU A 210 0.94 -10.36 -0.29
CA LEU A 210 0.52 -9.48 0.80
C LEU A 210 1.60 -9.20 1.85
N SER A 211 1.84 -7.92 2.13
CA SER A 211 2.59 -7.52 3.32
C SER A 211 1.82 -6.50 4.16
N VAL A 212 2.03 -6.58 5.47
CA VAL A 212 1.51 -5.58 6.39
C VAL A 212 2.68 -5.02 7.20
N VAL A 213 3.03 -3.77 6.92
CA VAL A 213 4.12 -3.09 7.61
C VAL A 213 3.52 -2.11 8.61
N THR A 214 4.28 -1.77 9.65
CA THR A 214 3.81 -0.87 10.70
C THR A 214 4.90 0.14 11.06
N GLY A 215 4.51 1.25 11.69
CA GLY A 215 5.47 2.24 12.15
C GLY A 215 4.90 3.63 12.19
N TRP A 216 5.71 4.59 12.63
CA TRP A 216 5.26 5.99 12.66
C TRP A 216 5.17 6.54 11.24
N PRO A 217 4.20 7.42 10.99
CA PRO A 217 4.07 8.00 9.64
C PRO A 217 5.34 8.74 9.18
N ALA A 218 6.07 9.37 10.10
CA ALA A 218 7.23 10.18 9.72
C ALA A 218 8.47 9.42 9.22
N ASP A 219 8.42 8.08 9.24
CA ASP A 219 9.56 7.31 8.72
C ASP A 219 9.21 6.29 7.64
N ILE A 220 7.98 5.79 7.62
CA ILE A 220 7.59 4.76 6.64
C ILE A 220 6.45 5.21 5.70
N GLY A 221 5.69 6.22 6.12
CA GLY A 221 4.56 6.66 5.31
C GLY A 221 4.94 7.19 3.94
N MET A 222 6.06 7.89 3.87
CA MET A 222 6.52 8.48 2.61
C MET A 222 6.89 7.41 1.58
N GLU A 223 7.53 6.34 2.06
CA GLU A 223 7.90 5.23 1.19
C GLU A 223 6.65 4.57 0.58
N MET A 224 5.57 4.52 1.36
CA MET A 224 4.31 3.95 0.89
C MET A 224 3.76 4.74 -0.31
N ILE A 225 4.09 6.02 -0.34
CA ILE A 225 3.54 6.96 -1.30
C ILE A 225 4.45 7.13 -2.51
N THR A 226 5.76 6.97 -2.30
CA THR A 226 6.71 7.34 -3.35
C THR A 226 7.46 6.18 -3.95
N ASN A 227 7.42 5.01 -3.32
CA ASN A 227 8.17 3.87 -3.85
C ASN A 227 7.99 3.70 -5.37
N PRO A 228 9.10 3.50 -6.08
CA PRO A 228 9.04 3.42 -7.55
C PRO A 228 8.22 2.25 -8.11
N HIS A 229 8.03 1.16 -7.35
CA HIS A 229 7.25 0.01 -7.84
C HIS A 229 5.73 0.18 -7.68
N VAL A 230 5.31 1.19 -6.94
CA VAL A 230 3.89 1.41 -6.67
C VAL A 230 3.16 1.98 -7.90
N ASP A 231 2.19 1.24 -8.43
CA ASP A 231 1.38 1.74 -9.54
C ASP A 231 0.14 2.49 -9.04
N LEU A 232 -0.31 2.14 -7.85
CA LEU A 232 -1.55 2.72 -7.34
C LEU A 232 -1.47 2.83 -5.83
N VAL A 233 -1.93 3.96 -5.31
CA VAL A 233 -2.06 4.17 -3.88
C VAL A 233 -3.54 4.28 -3.58
N THR A 234 -4.04 3.37 -2.72
CA THR A 234 -5.41 3.46 -2.24
C THR A 234 -5.41 3.81 -0.76
N PHE A 235 -6.08 4.91 -0.43
CA PHE A 235 -6.01 5.53 0.89
C PHE A 235 -7.40 5.91 1.43
N THR A 236 -7.61 5.66 2.72
CA THR A 236 -8.80 6.15 3.42
C THR A 236 -8.34 6.85 4.69
N GLY A 237 -8.87 8.05 4.93
CA GLY A 237 -8.42 8.87 6.04
C GLY A 237 -8.85 10.32 5.92
N SER A 238 -8.04 11.22 6.47
CA SER A 238 -8.42 12.62 6.56
C SER A 238 -7.99 13.41 5.33
N VAL A 239 -8.64 14.55 5.12
CA VAL A 239 -8.33 15.46 4.03
C VAL A 239 -6.87 15.92 4.06
N PRO A 240 -6.39 16.44 5.21
CA PRO A 240 -5.00 16.91 5.22
C PRO A 240 -4.03 15.84 4.78
N VAL A 241 -4.20 14.61 5.26
CA VAL A 241 -3.27 13.54 4.90
C VAL A 241 -3.50 13.16 3.44
N GLY A 242 -4.75 13.16 3.03
CA GLY A 242 -5.07 12.92 1.64
C GLY A 242 -4.29 13.85 0.73
N LYS A 243 -4.21 15.12 1.13
CA LYS A 243 -3.53 16.11 0.34
C LYS A 243 -2.03 15.89 0.32
N LEU A 244 -1.50 15.39 1.43
CA LEU A 244 -0.09 15.03 1.48
C LEU A 244 0.18 13.89 0.49
N ILE A 245 -0.74 12.94 0.41
CA ILE A 245 -0.56 11.81 -0.51
C ILE A 245 -0.52 12.29 -1.95
N ALA A 246 -1.52 13.07 -2.36
CA ALA A 246 -1.59 13.55 -3.74
C ALA A 246 -0.41 14.45 -4.12
N ALA A 247 0.14 15.16 -3.13
CA ALA A 247 1.31 16.00 -3.36
C ALA A 247 2.58 15.19 -3.65
N ASN A 248 2.66 14.00 -3.06
CA ASN A 248 3.87 13.21 -3.17
C ASN A 248 3.78 12.01 -4.11
N ALA A 249 2.56 11.65 -4.51
CA ALA A 249 2.35 10.49 -5.35
C ALA A 249 2.12 10.93 -6.80
N HIS A 250 2.94 11.87 -7.23
CA HIS A 250 2.83 12.56 -8.52
C HIS A 250 2.24 11.84 -9.73
N TYR A 251 2.90 10.82 -10.24
CA TYR A 251 2.44 10.28 -11.52
C TYR A 251 1.58 9.03 -11.30
N LYS A 252 1.48 8.63 -10.05
CA LYS A 252 0.81 7.38 -9.69
C LYS A 252 -0.73 7.53 -9.68
N ARG A 253 -1.42 6.43 -9.96
CA ARG A 253 -2.86 6.40 -9.81
C ARG A 253 -3.17 6.46 -8.32
N GLN A 254 -4.25 7.13 -7.95
CA GLN A 254 -4.65 7.23 -6.56
C GLN A 254 -6.14 7.04 -6.43
N VAL A 255 -6.55 6.36 -5.37
CA VAL A 255 -7.95 6.33 -5.00
C VAL A 255 -8.01 6.80 -3.54
N LEU A 256 -8.56 7.99 -3.33
CA LEU A 256 -8.58 8.58 -2.00
C LEU A 256 -10.00 8.68 -1.50
N GLU A 257 -10.28 8.18 -0.31
CA GLU A 257 -11.57 8.36 0.34
C GLU A 257 -11.33 9.15 1.59
N LEU A 258 -11.82 10.34 1.57
CA LEU A 258 -11.51 11.35 2.57
C LEU A 258 -12.80 11.50 3.39
N GLY A 259 -12.87 12.39 4.35
CA GLY A 259 -14.10 12.40 5.14
C GLY A 259 -15.48 12.51 4.47
N GLY A 260 -16.51 12.47 5.32
CA GLY A 260 -17.85 12.83 4.92
C GLY A 260 -18.36 13.74 6.02
N ASN A 261 -19.55 14.30 5.80
CA ASN A 261 -20.24 15.09 6.82
C ASN A 261 -21.71 14.91 6.51
N ASP A 262 -22.18 13.68 6.67
CA ASP A 262 -23.39 13.25 6.00
C ASP A 262 -24.65 13.53 6.82
N PRO A 263 -25.71 13.98 6.15
CA PRO A 263 -26.96 14.33 6.81
C PRO A 263 -27.99 13.21 6.73
N LEU A 264 -28.83 13.14 7.75
CA LEU A 264 -30.06 12.39 7.67
C LEU A 264 -31.16 13.45 7.65
N ILE A 265 -31.91 13.48 6.58
CA ILE A 265 -32.89 14.53 6.38
C ILE A 265 -34.30 14.03 6.65
N ILE A 266 -35.00 14.75 7.50
CA ILE A 266 -36.35 14.38 7.92
C ILE A 266 -37.37 15.34 7.31
N LEU A 267 -38.17 14.86 6.36
CA LEU A 267 -39.11 15.76 5.68
C LEU A 267 -40.45 15.85 6.43
N ASN A 268 -41.17 16.94 6.20
CA ASN A 268 -42.34 17.27 7.00
C ASN A 268 -43.66 16.59 6.58
N ASP A 269 -43.58 15.61 5.70
CA ASP A 269 -44.75 14.85 5.31
C ASP A 269 -44.98 13.63 6.21
N LEU A 270 -44.00 13.33 7.07
CA LEU A 270 -44.03 12.09 7.84
C LEU A 270 -45.10 12.07 8.95
N SER A 271 -45.79 10.93 9.07
CA SER A 271 -46.68 10.68 10.20
C SER A 271 -45.88 10.53 11.49
N ASP A 272 -46.57 10.52 12.63
CA ASP A 272 -45.90 10.27 13.90
C ASP A 272 -45.21 8.90 13.91
N ASP A 273 -45.88 7.89 13.35
CA ASP A 273 -45.32 6.54 13.32
C ASP A 273 -44.01 6.48 12.52
N ASP A 274 -43.99 7.13 11.36
CA ASP A 274 -42.77 7.24 10.56
C ASP A 274 -41.70 8.11 11.24
N LEU A 275 -42.13 9.14 11.96
CA LEU A 275 -41.18 9.96 12.68
C LEU A 275 -40.38 9.12 13.68
N ALA A 276 -41.04 8.11 14.24
CA ALA A 276 -40.39 7.20 15.18
C ALA A 276 -39.39 6.29 14.48
N ARG A 277 -39.77 5.83 13.29
CA ARG A 277 -38.85 5.01 12.51
C ARG A 277 -37.64 5.85 12.11
N ALA A 278 -37.88 7.11 11.74
CA ALA A 278 -36.80 8.01 11.38
C ALA A 278 -35.89 8.25 12.57
N ALA A 279 -36.49 8.36 13.75
CA ALA A 279 -35.72 8.54 14.97
C ALA A 279 -34.79 7.35 15.23
N ASP A 280 -35.24 6.14 14.93
CA ASP A 280 -34.39 4.96 15.06
C ASP A 280 -33.18 5.09 14.12
N LEU A 281 -33.46 5.50 12.90
CA LEU A 281 -32.40 5.75 11.92
C LEU A 281 -31.41 6.80 12.41
N ALA A 282 -31.92 7.92 12.93
CA ALA A 282 -31.05 8.98 13.39
C ALA A 282 -30.11 8.51 14.48
N VAL A 283 -30.64 7.79 15.45
CA VAL A 283 -29.82 7.36 16.58
C VAL A 283 -28.79 6.31 16.15
N ALA A 284 -29.24 5.28 15.44
CA ALA A 284 -28.32 4.27 14.93
C ALA A 284 -27.23 4.92 14.07
N GLY A 285 -27.65 5.79 13.14
CA GLY A 285 -26.73 6.43 12.20
C GLY A 285 -25.70 7.30 12.90
N ALA A 286 -26.13 7.99 13.95
CA ALA A 286 -25.22 8.89 14.66
C ALA A 286 -24.30 8.16 15.62
N THR A 287 -24.65 6.95 16.02
CA THR A 287 -23.91 6.27 17.10
C THR A 287 -23.23 4.95 16.75
N LYS A 288 -23.62 4.31 15.66
CA LYS A 288 -23.01 3.04 15.26
C LYS A 288 -21.50 3.21 15.16
N ASN A 289 -20.74 2.20 15.59
CA ASN A 289 -19.30 2.30 15.59
C ASN A 289 -18.80 3.50 16.40
N SER A 290 -19.52 3.87 17.45
CA SER A 290 -19.21 5.09 18.21
C SER A 290 -19.14 6.33 17.33
N GLY A 291 -19.94 6.36 16.26
CA GLY A 291 -20.01 7.53 15.41
C GLY A 291 -18.80 7.69 14.50
N GLN A 292 -17.90 6.73 14.56
CA GLN A 292 -16.67 6.81 13.81
C GLN A 292 -16.80 6.14 12.43
N ARG A 293 -17.54 6.79 11.54
CA ARG A 293 -17.65 6.35 10.14
C ARG A 293 -17.61 7.59 9.26
N CYS A 294 -16.97 7.48 8.11
CA CYS A 294 -16.96 8.58 7.16
C CYS A 294 -18.41 8.91 6.78
N THR A 295 -19.29 7.91 6.84
CA THR A 295 -20.72 8.07 6.52
C THR A 295 -21.62 8.15 7.77
N ALA A 296 -21.04 8.45 8.93
CA ALA A 296 -21.85 8.57 10.14
C ALA A 296 -22.82 9.72 9.98
N VAL A 297 -24.00 9.61 10.58
CA VAL A 297 -24.88 10.78 10.61
C VAL A 297 -24.24 11.85 11.50
N LYS A 298 -23.83 12.95 10.88
CA LYS A 298 -23.16 14.02 11.58
C LYS A 298 -24.08 15.23 11.74
N ARG A 299 -25.20 15.22 11.01
CA ARG A 299 -26.14 16.34 10.95
C ARG A 299 -27.52 15.75 10.74
N ILE A 300 -28.42 15.92 11.69
CA ILE A 300 -29.80 15.53 11.47
C ILE A 300 -30.60 16.79 11.12
N LEU A 301 -30.91 16.95 9.85
CA LEU A 301 -31.63 18.12 9.36
C LEU A 301 -33.13 17.85 9.43
N CYS A 302 -33.76 18.36 10.48
CA CYS A 302 -35.19 18.12 10.70
C CYS A 302 -36.01 19.33 10.32
N GLN A 303 -36.91 19.16 9.36
CA GLN A 303 -37.72 20.29 8.96
C GLN A 303 -38.59 20.79 10.12
N GLU A 304 -38.55 22.10 10.36
CA GLU A 304 -39.14 22.74 11.53
C GLU A 304 -40.46 22.16 12.00
N SER A 305 -41.41 21.99 11.08
CA SER A 305 -42.79 21.69 11.48
C SER A 305 -43.00 20.29 12.04
N VAL A 306 -42.00 19.43 11.94
CA VAL A 306 -42.10 18.14 12.62
C VAL A 306 -41.06 18.03 13.73
N ALA A 307 -40.27 19.07 13.95
CA ALA A 307 -39.21 19.01 14.94
C ALA A 307 -39.74 18.71 16.35
N ASP A 308 -40.84 19.37 16.73
CA ASP A 308 -41.35 19.21 18.09
C ASP A 308 -41.83 17.77 18.37
N ARG A 309 -42.30 17.08 17.34
CA ARG A 309 -42.71 15.70 17.48
C ARG A 309 -41.52 14.74 17.39
N PHE A 310 -40.55 15.12 16.57
CA PHE A 310 -39.39 14.27 16.26
C PHE A 310 -38.37 14.18 17.40
N VAL A 311 -37.95 15.33 17.92
CA VAL A 311 -36.87 15.38 18.90
C VAL A 311 -37.10 14.46 20.13
N PRO A 312 -38.29 14.50 20.75
CA PRO A 312 -38.58 13.62 21.90
C PRO A 312 -38.40 12.15 21.56
N LEU A 313 -38.88 11.72 20.41
CA LEU A 313 -38.70 10.34 19.95
C LEU A 313 -37.21 9.98 19.89
N VAL A 314 -36.40 10.91 19.41
CA VAL A 314 -34.95 10.71 19.36
C VAL A 314 -34.35 10.62 20.77
N LEU A 315 -34.80 11.49 21.67
CA LEU A 315 -34.28 11.53 23.03
C LEU A 315 -34.57 10.20 23.74
N GLU A 316 -35.78 9.69 23.53
CA GLU A 316 -36.23 8.45 24.17
C GLU A 316 -35.41 7.25 23.68
N ARG A 317 -35.14 7.20 22.39
CA ARG A 317 -34.31 6.14 21.85
C ARG A 317 -32.87 6.22 22.32
N ALA A 318 -32.32 7.44 22.39
CA ALA A 318 -30.93 7.62 22.77
C ALA A 318 -30.69 7.15 24.21
N LYS A 319 -31.71 7.27 25.05
CA LYS A 319 -31.60 6.93 26.47
C LYS A 319 -31.65 5.42 26.69
N ARG A 320 -32.21 4.68 25.74
CA ARG A 320 -32.22 3.24 25.84
C ARG A 320 -30.85 2.64 25.53
N LEU A 321 -29.92 3.50 25.09
CA LEU A 321 -28.60 3.03 24.65
C LEU A 321 -27.66 2.71 25.82
N ARG A 322 -27.20 1.47 25.88
CA ARG A 322 -26.23 1.08 26.91
C ARG A 322 -24.80 1.45 26.49
N PHE A 323 -24.17 2.29 27.29
CA PHE A 323 -22.82 2.75 26.98
C PHE A 323 -21.89 2.52 28.16
N GLY A 324 -20.75 1.89 27.89
CA GLY A 324 -19.78 1.57 28.91
C GLY A 324 -18.78 0.54 28.41
N ASP A 325 -18.53 -0.48 29.23
CA ASP A 325 -17.43 -1.41 29.01
C ASP A 325 -17.57 -2.08 27.65
N PRO A 326 -16.64 -1.79 26.74
CA PRO A 326 -16.87 -2.33 25.40
C PRO A 326 -16.77 -3.85 25.34
N MET A 327 -16.05 -4.47 26.26
CA MET A 327 -15.98 -5.93 26.30
C MET A 327 -17.25 -6.55 26.86
N ASP A 328 -18.06 -5.75 27.53
CA ASP A 328 -19.36 -6.25 28.01
C ASP A 328 -20.30 -6.49 26.84
N ARG A 329 -20.80 -7.71 26.74
CA ARG A 329 -21.65 -8.09 25.63
C ARG A 329 -22.99 -7.38 25.64
N SER A 330 -23.29 -6.67 26.73
CA SER A 330 -24.52 -5.91 26.83
C SER A 330 -24.34 -4.50 26.24
N THR A 331 -23.12 -3.98 26.30
CA THR A 331 -22.83 -2.63 25.81
C THR A 331 -23.19 -2.45 24.32
N ASP A 332 -23.94 -1.39 24.02
CA ASP A 332 -24.23 -1.02 22.64
C ASP A 332 -23.09 -0.14 22.14
N LEU A 333 -22.75 0.85 22.96
CA LEU A 333 -21.81 1.89 22.58
C LEU A 333 -20.56 1.86 23.46
N GLY A 334 -19.41 1.62 22.82
CA GLY A 334 -18.12 1.65 23.50
C GLY A 334 -17.51 3.02 23.42
N THR A 335 -16.19 3.10 23.55
CA THR A 335 -15.49 4.38 23.55
C THR A 335 -15.25 4.92 22.13
N VAL A 336 -14.78 6.15 22.03
CA VAL A 336 -14.11 6.61 20.80
C VAL A 336 -12.60 6.33 20.87
N ILE A 337 -11.86 6.74 19.84
CA ILE A 337 -10.50 6.26 19.63
C ILE A 337 -9.53 6.59 20.75
N HIS A 338 -9.70 7.76 21.37
CA HIS A 338 -8.96 8.12 22.56
C HIS A 338 -9.63 9.24 23.33
N GLU A 339 -9.04 9.64 24.46
CA GLU A 339 -9.67 10.62 25.34
C GLU A 339 -9.60 12.02 24.74
N LYS A 340 -8.47 12.34 24.13
CA LYS A 340 -8.27 13.63 23.50
C LYS A 340 -9.35 13.91 22.45
N ALA A 341 -9.76 12.87 21.72
CA ALA A 341 -10.84 13.02 20.76
C ALA A 341 -12.15 13.20 21.50
N ALA A 342 -12.34 12.41 22.55
CA ALA A 342 -13.57 12.45 23.34
C ALA A 342 -13.80 13.81 23.97
N ALA A 343 -12.74 14.39 24.52
CA ALA A 343 -12.83 15.70 25.16
C ALA A 343 -13.15 16.78 24.13
N LEU A 344 -12.51 16.70 22.97
CA LEU A 344 -12.74 17.66 21.91
C LEU A 344 -14.20 17.69 21.47
N PHE A 345 -14.78 16.51 21.28
CA PHE A 345 -16.17 16.44 20.81
C PHE A 345 -17.09 17.06 21.84
N GLU A 346 -16.82 16.76 23.11
CA GLU A 346 -17.64 17.29 24.19
C GLU A 346 -17.53 18.81 24.20
N GLU A 347 -16.33 19.30 23.94
CA GLU A 347 -16.09 20.73 23.90
C GLU A 347 -16.91 21.37 22.79
N ARG A 348 -16.97 20.72 21.64
CA ARG A 348 -17.77 21.26 20.55
C ARG A 348 -19.25 21.26 20.93
N VAL A 349 -19.66 20.27 21.72
CA VAL A 349 -21.02 20.22 22.19
C VAL A 349 -21.31 21.39 23.12
N MET A 350 -20.30 21.80 23.89
CA MET A 350 -20.46 22.90 24.84
C MET A 350 -20.50 24.25 24.11
N ARG A 351 -19.65 24.42 23.12
CA ARG A 351 -19.68 25.65 22.33
C ARG A 351 -21.03 25.83 21.64
N ALA A 352 -21.60 24.73 21.14
CA ALA A 352 -22.87 24.78 20.45
C ALA A 352 -23.97 25.26 21.38
N ALA A 353 -23.91 24.81 22.63
CA ALA A 353 -24.86 25.22 23.66
C ALA A 353 -24.68 26.70 23.97
N GLU A 354 -23.43 27.16 24.03
CA GLU A 354 -23.12 28.58 24.23
C GLU A 354 -23.86 29.37 23.18
N GLU A 355 -24.07 28.73 22.03
CA GLU A 355 -24.49 29.42 20.81
C GLU A 355 -25.96 29.25 20.50
N GLY A 356 -26.69 28.58 21.38
CA GLY A 356 -28.12 28.44 21.18
C GLY A 356 -28.65 27.04 21.30
N ALA A 357 -27.77 26.06 21.16
CA ALA A 357 -28.18 24.66 21.18
C ALA A 357 -28.71 24.26 22.55
N ASP A 358 -29.69 23.36 22.56
CA ASP A 358 -30.20 22.74 23.77
C ASP A 358 -29.65 21.33 23.92
N ILE A 359 -28.77 21.14 24.90
CA ILE A 359 -28.30 19.80 25.28
C ILE A 359 -29.41 19.09 26.03
N LEU A 360 -29.96 18.04 25.44
CA LEU A 360 -31.11 17.33 26.01
C LEU A 360 -30.74 16.06 26.79
N TYR A 361 -29.49 15.61 26.62
CA TYR A 361 -29.05 14.38 27.23
C TYR A 361 -27.54 14.34 27.19
N HIS A 362 -26.96 14.32 28.38
CA HIS A 362 -25.51 14.32 28.52
C HIS A 362 -25.15 13.80 29.91
N PRO A 363 -25.26 12.48 30.10
CA PRO A 363 -25.02 11.90 31.42
C PRO A 363 -23.56 11.98 31.83
N GLY A 364 -22.73 12.60 31.00
CA GLY A 364 -21.35 12.86 31.38
C GLY A 364 -20.31 11.95 30.75
N ARG A 365 -19.15 12.53 30.48
CA ARG A 365 -18.04 11.81 29.84
C ARG A 365 -17.06 11.26 30.88
N SER A 366 -16.63 10.02 30.70
CA SER A 366 -15.48 9.51 31.47
C SER A 366 -14.34 9.04 30.54
N GLY A 367 -13.30 9.86 30.44
CA GLY A 367 -12.18 9.56 29.57
C GLY A 367 -12.60 9.52 28.10
N ALA A 368 -12.33 8.38 27.47
CA ALA A 368 -12.64 8.22 26.05
C ALA A 368 -14.06 7.71 25.86
N LEU A 369 -14.77 7.50 26.96
CA LEU A 369 -16.16 7.07 26.87
C LEU A 369 -17.08 8.28 26.76
N LEU A 370 -17.80 8.34 25.64
CA LEU A 370 -18.73 9.42 25.37
C LEU A 370 -20.14 8.85 25.35
N PRO A 371 -21.06 9.52 26.05
CA PRO A 371 -22.46 9.10 26.00
C PRO A 371 -22.98 9.48 24.62
N PRO A 372 -24.12 8.92 24.22
CA PRO A 372 -24.77 9.33 22.97
C PRO A 372 -25.48 10.67 23.16
N ILE A 373 -24.69 11.72 23.32
CA ILE A 373 -25.16 13.06 23.62
C ILE A 373 -26.22 13.58 22.63
N VAL A 374 -27.36 14.02 23.16
CA VAL A 374 -28.37 14.61 22.29
C VAL A 374 -28.38 16.12 22.38
N VAL A 375 -28.21 16.78 21.24
CA VAL A 375 -28.24 18.22 21.18
C VAL A 375 -29.31 18.63 20.16
N ASP A 376 -30.26 19.46 20.59
CA ASP A 376 -31.27 20.02 19.69
C ASP A 376 -30.89 21.45 19.31
N ARG A 377 -31.61 22.01 18.35
CA ARG A 377 -31.34 23.37 17.84
C ARG A 377 -29.86 23.65 17.59
N VAL A 378 -29.16 22.67 17.04
CA VAL A 378 -27.76 22.87 16.70
C VAL A 378 -27.65 23.87 15.56
N PRO A 379 -26.80 24.88 15.72
CA PRO A 379 -26.54 25.84 14.64
C PRO A 379 -25.79 25.14 13.51
N HIS A 380 -26.25 25.27 12.27
CA HIS A 380 -25.60 24.53 11.20
C HIS A 380 -24.14 24.94 11.01
N GLN A 381 -23.82 26.16 11.44
CA GLN A 381 -22.47 26.67 11.31
C GLN A 381 -21.56 26.41 12.52
N SER A 382 -22.10 25.77 13.56
CA SER A 382 -21.31 25.47 14.75
C SER A 382 -20.20 24.48 14.42
N ASP A 383 -19.10 24.55 15.18
CA ASP A 383 -18.01 23.59 15.02
C ASP A 383 -18.53 22.17 15.14
N LEU A 384 -19.51 21.98 16.01
CA LEU A 384 -20.07 20.66 16.25
C LEU A 384 -20.42 19.96 14.94
N VAL A 385 -20.97 20.70 14.00
CA VAL A 385 -21.41 20.09 12.74
C VAL A 385 -20.35 20.24 11.65
N LEU A 386 -19.75 21.43 11.54
CA LEU A 386 -18.82 21.70 10.45
C LEU A 386 -17.44 21.04 10.62
N GLU A 387 -16.99 20.84 11.84
CA GLU A 387 -15.77 20.07 12.09
C GLU A 387 -16.14 18.60 11.90
N GLU A 388 -15.16 17.70 11.79
CA GLU A 388 -15.56 16.30 11.75
C GLU A 388 -15.62 15.79 13.18
N THR A 389 -16.83 15.85 13.72
CA THR A 389 -17.10 15.36 15.06
C THR A 389 -17.35 13.87 14.92
N PHE A 390 -16.24 13.15 15.01
CA PHE A 390 -16.17 11.73 14.69
C PHE A 390 -16.51 10.93 15.94
N GLY A 391 -17.68 11.21 16.51
CA GLY A 391 -18.12 10.60 17.74
C GLY A 391 -19.63 10.46 17.78
N PRO A 392 -20.15 9.84 18.84
CA PRO A 392 -21.56 9.49 18.92
C PRO A 392 -22.46 10.66 19.37
N ILE A 393 -22.18 11.86 18.90
CA ILE A 393 -23.08 12.97 19.16
C ILE A 393 -24.29 12.82 18.26
N ILE A 394 -25.48 13.06 18.81
CA ILE A 394 -26.72 13.07 18.06
C ILE A 394 -27.22 14.51 17.89
N PRO A 395 -26.79 15.19 16.80
CA PRO A 395 -27.07 16.62 16.69
C PRO A 395 -28.23 16.95 15.73
N ILE A 396 -29.25 17.59 16.26
CA ILE A 396 -30.43 17.93 15.46
C ILE A 396 -30.39 19.40 15.07
N VAL A 397 -30.31 19.63 13.77
CA VAL A 397 -30.41 20.96 13.19
C VAL A 397 -31.85 21.14 12.70
N ARG A 398 -32.52 22.19 13.19
CA ARG A 398 -33.84 22.50 12.68
C ARG A 398 -33.68 23.29 11.37
N VAL A 399 -34.34 22.85 10.32
CA VAL A 399 -34.22 23.52 9.02
C VAL A 399 -35.60 23.95 8.51
N PRO A 400 -35.64 24.86 7.52
CA PRO A 400 -36.90 25.38 7.01
C PRO A 400 -37.79 24.30 6.40
N ASP A 401 -39.11 24.50 6.46
CA ASP A 401 -40.06 23.65 5.77
C ASP A 401 -40.08 24.00 4.30
N ASP A 402 -38.90 24.15 3.72
CA ASP A 402 -38.75 24.42 2.30
C ASP A 402 -37.60 23.57 1.78
N ASP A 403 -37.87 22.79 0.73
CA ASP A 403 -36.91 21.83 0.22
C ASP A 403 -35.69 22.49 -0.42
N ASP A 404 -35.92 23.55 -1.18
CA ASP A 404 -34.80 24.26 -1.80
C ASP A 404 -33.82 24.74 -0.74
N ALA A 405 -34.35 25.33 0.33
CA ALA A 405 -33.49 25.80 1.43
C ALA A 405 -32.77 24.65 2.15
N THR A 406 -33.46 23.54 2.34
CA THR A 406 -32.88 22.36 2.99
C THR A 406 -31.74 21.79 2.16
N ILE A 407 -31.98 21.63 0.86
CA ILE A 407 -30.97 21.13 -0.05
C ILE A 407 -29.75 22.05 -0.08
N THR A 408 -29.99 23.36 -0.16
CA THR A 408 -28.91 24.33 -0.12
C THR A 408 -28.08 24.19 1.14
N LEU A 409 -28.75 24.09 2.28
CA LEU A 409 -28.02 23.93 3.52
C LEU A 409 -27.24 22.62 3.50
N SER A 410 -27.91 21.55 3.09
CA SER A 410 -27.29 20.24 3.07
C SER A 410 -26.00 20.26 2.25
N ASN A 411 -26.05 20.92 1.10
CA ASN A 411 -24.90 21.01 0.20
C ASN A 411 -23.84 22.03 0.61
N SER A 412 -24.00 22.67 1.78
CA SER A 412 -23.14 23.83 2.10
C SER A 412 -21.79 23.51 2.76
N THR A 413 -21.52 22.23 3.02
CA THR A 413 -20.23 21.87 3.56
C THR A 413 -19.21 21.61 2.44
N ALA A 414 -17.96 21.42 2.84
CA ALA A 414 -16.90 21.06 1.90
C ALA A 414 -16.98 19.60 1.46
N PHE A 415 -17.87 18.82 2.08
CA PHE A 415 -17.92 17.40 1.82
C PHE A 415 -19.13 17.00 0.98
N GLY A 416 -19.06 15.79 0.43
CA GLY A 416 -20.16 15.26 -0.35
C GLY A 416 -20.00 13.77 -0.51
N LEU A 417 -20.28 13.02 0.56
CA LEU A 417 -20.11 11.57 0.52
C LEU A 417 -21.44 10.84 0.36
N SER A 418 -22.20 10.74 1.45
CA SER A 418 -23.50 10.08 1.39
C SER A 418 -24.56 10.94 2.07
N SER A 419 -25.78 10.39 2.18
CA SER A 419 -26.92 11.10 2.72
C SER A 419 -28.07 10.10 2.89
N GLY A 420 -28.97 10.41 3.81
CA GLY A 420 -30.20 9.64 3.96
C GLY A 420 -31.36 10.62 4.00
N VAL A 421 -32.49 10.22 3.44
CA VAL A 421 -33.67 11.08 3.40
C VAL A 421 -34.92 10.30 3.75
N CYS A 422 -35.66 10.77 4.76
CA CYS A 422 -36.89 10.11 5.18
C CYS A 422 -38.12 10.91 4.76
N THR A 423 -38.85 10.37 3.78
CA THR A 423 -40.07 10.96 3.24
C THR A 423 -40.87 9.88 2.53
N ASN A 424 -42.17 10.10 2.31
CA ASN A 424 -42.98 9.19 1.52
C ASN A 424 -43.48 9.85 0.24
N ASP A 425 -43.03 11.08 0.00
CA ASP A 425 -43.49 11.83 -1.15
C ASP A 425 -42.49 11.57 -2.28
N TYR A 426 -42.91 10.86 -3.32
CA TYR A 426 -41.96 10.55 -4.40
C TYR A 426 -41.37 11.83 -5.02
N ARG A 427 -42.23 12.79 -5.31
CA ARG A 427 -41.79 14.03 -5.94
C ARG A 427 -40.60 14.62 -5.18
N ARG A 428 -40.69 14.62 -3.86
CA ARG A 428 -39.64 15.19 -3.04
C ARG A 428 -38.41 14.31 -3.05
N MET A 429 -38.64 13.00 -3.02
CA MET A 429 -37.58 12.00 -3.12
C MET A 429 -36.69 12.24 -4.33
N GLN A 430 -37.32 12.33 -5.51
CA GLN A 430 -36.64 12.66 -6.78
C GLN A 430 -35.81 13.92 -6.66
N LYS A 431 -36.43 14.93 -6.07
CA LYS A 431 -35.82 16.24 -5.94
C LYS A 431 -34.52 16.15 -5.15
N TYR A 432 -34.54 15.41 -4.04
CA TYR A 432 -33.36 15.28 -3.18
C TYR A 432 -32.31 14.40 -3.86
N ILE A 433 -32.76 13.31 -4.45
CA ILE A 433 -31.83 12.41 -5.15
C ILE A 433 -31.08 13.22 -6.20
N ALA A 434 -31.82 14.03 -6.97
CA ALA A 434 -31.20 14.82 -8.03
C ALA A 434 -30.37 15.97 -7.51
N GLY A 435 -30.82 16.59 -6.42
CA GLY A 435 -30.25 17.86 -5.99
C GLY A 435 -29.15 17.81 -4.94
N LEU A 436 -29.02 16.69 -4.24
CA LEU A 436 -27.97 16.62 -3.23
C LEU A 436 -26.62 16.37 -3.89
N LYS A 437 -25.64 17.17 -3.53
CA LYS A 437 -24.32 17.04 -4.13
C LYS A 437 -23.48 16.02 -3.36
N VAL A 438 -23.74 14.74 -3.63
CA VAL A 438 -23.11 13.64 -2.90
C VAL A 438 -22.92 12.47 -3.86
N GLY A 439 -22.21 11.44 -3.40
CA GLY A 439 -22.05 10.22 -4.17
C GLY A 439 -23.20 9.23 -4.00
N THR A 440 -23.94 9.33 -2.89
CA THR A 440 -25.02 8.39 -2.59
C THR A 440 -26.20 9.08 -1.88
N VAL A 441 -27.41 8.79 -2.31
CA VAL A 441 -28.59 9.25 -1.59
C VAL A 441 -29.43 8.03 -1.18
N ASN A 442 -29.51 7.75 0.13
CA ASN A 442 -30.32 6.61 0.56
C ASN A 442 -31.71 7.06 1.04
N ILE A 443 -32.76 6.52 0.42
CA ILE A 443 -34.11 6.82 0.89
C ILE A 443 -34.50 5.86 2.00
N TRP A 444 -34.82 6.43 3.17
CA TRP A 444 -35.24 5.63 4.32
C TRP A 444 -34.14 4.70 4.84
N GLU A 445 -32.91 5.19 4.81
CA GLU A 445 -31.79 4.47 5.42
C GLU A 445 -30.78 5.51 5.80
N VAL A 446 -29.84 5.12 6.66
CA VAL A 446 -28.75 5.99 7.06
C VAL A 446 -27.79 6.15 5.88
N PRO A 447 -27.02 7.26 5.88
CA PRO A 447 -26.06 7.49 4.79
C PRO A 447 -25.09 6.32 4.61
N GLY A 448 -24.71 5.67 5.72
CA GLY A 448 -23.71 4.62 5.66
C GLY A 448 -24.20 3.32 5.08
N TYR A 449 -25.49 3.24 4.73
CA TYR A 449 -25.98 2.00 4.16
C TYR A 449 -25.45 1.74 2.74
N ARG A 450 -24.89 0.56 2.53
CA ARG A 450 -24.48 0.11 1.20
C ARG A 450 -24.29 -1.41 1.27
N ILE A 451 -24.27 -2.08 0.14
CA ILE A 451 -23.72 -3.45 0.10
C ILE A 451 -22.21 -3.34 -0.14
N GLU A 452 -21.44 -4.35 0.24
CA GLU A 452 -19.99 -4.18 0.20
C GLU A 452 -19.45 -4.13 -1.24
N MET A 453 -20.32 -4.35 -2.23
CA MET A 453 -19.85 -4.39 -3.61
C MET A 453 -20.43 -3.29 -4.54
N SER A 454 -21.34 -2.47 -4.04
CA SER A 454 -21.89 -1.38 -4.84
C SER A 454 -20.89 -0.20 -4.93
N PRO A 455 -21.06 0.70 -5.91
CA PRO A 455 -20.08 1.79 -6.03
C PRO A 455 -20.14 2.70 -4.80
N PHE A 456 -18.98 2.99 -4.23
CA PHE A 456 -18.89 3.81 -3.03
C PHE A 456 -17.84 4.90 -3.25
N GLY A 457 -18.22 6.13 -2.93
CA GLY A 457 -17.29 7.25 -3.04
C GLY A 457 -18.03 8.56 -3.14
N GLY A 458 -17.31 9.64 -2.85
CA GLY A 458 -17.95 10.94 -2.81
C GLY A 458 -17.31 11.93 -3.76
N ILE A 459 -17.77 13.17 -3.67
CA ILE A 459 -17.25 14.27 -4.47
C ILE A 459 -16.76 15.37 -3.54
N LYS A 460 -16.37 16.50 -4.10
CA LYS A 460 -15.89 17.62 -3.31
C LYS A 460 -14.70 17.15 -2.47
N ASP A 461 -14.65 17.50 -1.18
CA ASP A 461 -13.49 17.14 -0.35
C ASP A 461 -13.52 15.68 0.09
N SER A 462 -14.57 14.97 -0.28
CA SER A 462 -14.77 13.61 0.20
C SER A 462 -13.93 12.56 -0.54
N GLY A 463 -13.48 12.89 -1.75
CA GLY A 463 -12.61 11.97 -2.45
C GLY A 463 -11.97 12.61 -3.67
N ASN A 464 -11.06 11.88 -4.33
CA ASN A 464 -10.43 12.39 -5.54
C ASN A 464 -11.15 11.95 -6.81
N GLY A 465 -12.39 11.47 -6.65
CA GLY A 465 -13.27 11.26 -7.79
C GLY A 465 -13.35 9.86 -8.38
N TYR A 466 -12.90 8.86 -7.65
CA TYR A 466 -13.02 7.49 -8.12
C TYR A 466 -13.87 6.68 -7.14
N LYS A 467 -14.59 5.69 -7.65
CA LYS A 467 -15.42 4.80 -6.84
C LYS A 467 -14.64 3.59 -6.32
N GLU A 468 -15.02 3.16 -5.12
CA GLU A 468 -14.54 1.92 -4.52
C GLU A 468 -15.72 0.98 -4.32
N GLY A 469 -15.59 0.09 -3.34
CA GLY A 469 -16.49 -1.02 -3.18
C GLY A 469 -15.84 -2.18 -3.93
N VAL A 470 -16.24 -3.40 -3.67
CA VAL A 470 -15.55 -4.55 -4.23
C VAL A 470 -15.43 -4.52 -5.77
N ILE A 471 -16.52 -4.24 -6.45
CA ILE A 471 -16.52 -4.29 -7.92
C ILE A 471 -15.65 -3.19 -8.53
N GLU A 472 -15.89 -1.94 -8.14
CA GLU A 472 -15.13 -0.82 -8.69
C GLU A 472 -13.65 -0.90 -8.28
N ALA A 473 -13.39 -1.44 -7.10
CA ALA A 473 -11.99 -1.65 -6.67
C ALA A 473 -11.28 -2.62 -7.59
N MET A 474 -11.93 -3.74 -7.92
CA MET A 474 -11.31 -4.71 -8.81
C MET A 474 -10.96 -4.09 -10.16
N LYS A 475 -11.85 -3.25 -10.70
CA LYS A 475 -11.57 -2.56 -11.95
C LYS A 475 -10.39 -1.59 -11.80
N SER A 476 -10.38 -0.81 -10.72
CA SER A 476 -9.30 0.17 -10.49
C SER A 476 -7.92 -0.50 -10.33
N PHE A 477 -7.92 -1.74 -9.86
CA PHE A 477 -6.67 -2.42 -9.58
C PHE A 477 -6.15 -3.15 -10.82
N THR A 478 -6.75 -2.91 -11.98
CA THR A 478 -6.26 -3.55 -13.20
C THR A 478 -6.00 -2.54 -14.31
N ASN A 479 -5.23 -2.96 -15.32
CA ASN A 479 -5.11 -2.24 -16.58
C ASN A 479 -5.93 -2.98 -17.63
N VAL A 480 -6.76 -2.25 -18.37
CA VAL A 480 -7.46 -2.86 -19.48
C VAL A 480 -6.49 -2.94 -20.66
N LYS A 481 -6.40 -4.11 -21.27
CA LYS A 481 -5.64 -4.25 -22.51
C LYS A 481 -6.59 -4.66 -23.61
N THR A 482 -6.45 -4.04 -24.77
CA THR A 482 -7.27 -4.42 -25.90
C THR A 482 -6.44 -5.21 -26.90
N PHE A 483 -7.09 -6.03 -27.70
CA PHE A 483 -6.43 -6.65 -28.83
C PHE A 483 -7.41 -6.80 -29.97
N SER A 484 -6.91 -6.74 -31.21
CA SER A 484 -7.79 -6.87 -32.36
C SER A 484 -7.33 -7.97 -33.30
N LEU A 485 -8.30 -8.63 -33.93
CA LEU A 485 -8.01 -9.74 -34.83
C LEU A 485 -8.72 -9.49 -36.16
N PRO A 486 -8.05 -9.80 -37.29
CA PRO A 486 -8.77 -9.83 -38.57
C PRO A 486 -10.06 -10.66 -38.45
N TRP A 487 -11.16 -10.15 -38.98
CA TRP A 487 -12.42 -10.89 -38.98
C TRP A 487 -13.16 -10.78 -40.32
N HIS B 15 -11.05 -41.41 28.97
CA HIS B 15 -10.88 -40.05 29.51
C HIS B 15 -9.60 -39.92 30.34
N GLU B 16 -8.70 -39.06 29.86
CA GLU B 16 -7.36 -38.95 30.43
C GLU B 16 -7.02 -37.52 30.83
N PRO B 17 -6.29 -37.36 31.94
CA PRO B 17 -5.76 -36.03 32.25
C PRO B 17 -4.39 -35.82 31.62
N MET B 18 -3.90 -34.58 31.66
CA MET B 18 -2.52 -34.29 31.33
C MET B 18 -1.60 -34.91 32.38
N ARG B 19 -0.34 -35.10 32.01
CA ARG B 19 0.68 -35.51 32.97
C ARG B 19 1.68 -34.35 33.17
N ILE B 20 1.52 -33.61 34.25
CA ILE B 20 2.43 -32.50 34.52
C ILE B 20 3.42 -32.92 35.59
N ALA B 21 4.62 -33.27 35.15
CA ALA B 21 5.68 -33.77 36.03
C ALA B 21 5.13 -34.80 37.01
N GLY B 22 4.41 -35.79 36.49
CA GLY B 22 3.89 -36.87 37.31
C GLY B 22 2.51 -36.64 37.89
N ARG B 23 2.06 -35.39 37.90
CA ARG B 23 0.75 -35.05 38.47
C ARG B 23 -0.34 -35.12 37.42
N LEU B 24 -1.50 -35.66 37.81
CA LEU B 24 -2.61 -35.78 36.87
C LEU B 24 -3.41 -34.50 36.94
N VAL B 25 -3.52 -33.80 35.82
CA VAL B 25 -4.14 -32.49 35.81
C VAL B 25 -5.23 -32.43 34.75
N ASP B 26 -6.46 -32.15 35.18
CA ASP B 26 -7.58 -32.09 34.26
C ASP B 26 -8.02 -30.66 34.05
N THR B 27 -8.83 -30.47 33.02
CA THR B 27 -9.56 -29.23 32.85
C THR B 27 -10.98 -29.68 32.54
N ASP B 28 -11.92 -28.76 32.64
CA ASP B 28 -13.31 -29.06 32.36
C ASP B 28 -13.56 -29.20 30.86
N ASP B 29 -13.07 -28.24 30.08
CA ASP B 29 -13.18 -28.31 28.64
C ASP B 29 -12.33 -29.47 28.14
N ARG B 30 -12.82 -30.17 27.12
CA ARG B 30 -12.13 -31.37 26.66
C ARG B 30 -11.78 -31.28 25.18
N VAL B 31 -10.73 -32.00 24.79
CA VAL B 31 -10.48 -32.33 23.40
C VAL B 31 -10.96 -33.77 23.17
N GLU B 32 -11.94 -33.96 22.28
CA GLU B 32 -12.38 -35.30 21.95
C GLU B 32 -11.46 -35.95 20.92
N VAL B 33 -11.12 -37.22 21.16
CA VAL B 33 -10.29 -37.99 20.23
C VAL B 33 -11.16 -39.04 19.56
N ARG B 34 -11.25 -38.99 18.23
CA ARG B 34 -12.10 -39.92 17.49
C ARG B 34 -11.32 -41.01 16.78
N TYR B 35 -11.94 -42.20 16.69
CA TYR B 35 -11.44 -43.34 15.93
C TYR B 35 -11.83 -43.18 14.46
N PRO B 36 -10.83 -42.99 13.58
CA PRO B 36 -11.14 -42.72 12.17
C PRO B 36 -11.93 -43.83 11.48
N TRP B 37 -11.89 -45.04 12.01
CA TRP B 37 -12.62 -46.16 11.41
C TRP B 37 -14.14 -45.94 11.39
N ASN B 38 -14.70 -45.44 12.49
CA ASN B 38 -16.15 -45.23 12.56
C ASN B 38 -16.57 -43.81 13.02
N ASP B 39 -15.58 -42.95 13.22
CA ASP B 39 -15.81 -41.57 13.66
C ASP B 39 -16.44 -41.44 15.04
N THR B 40 -16.24 -42.44 15.89
CA THR B 40 -16.77 -42.37 17.26
C THR B 40 -15.70 -41.87 18.23
N VAL B 41 -16.13 -41.25 19.32
CA VAL B 41 -15.20 -40.75 20.33
C VAL B 41 -14.67 -41.93 21.10
N VAL B 42 -13.35 -42.10 21.15
CA VAL B 42 -12.75 -43.19 21.92
C VAL B 42 -11.98 -42.68 23.13
N GLY B 43 -11.74 -41.38 23.17
CA GLY B 43 -10.95 -40.83 24.24
C GLY B 43 -11.15 -39.34 24.39
N THR B 44 -10.74 -38.85 25.53
CA THR B 44 -10.84 -37.44 25.81
C THR B 44 -9.57 -37.04 26.57
N VAL B 45 -9.03 -35.85 26.25
CA VAL B 45 -7.95 -35.25 27.02
C VAL B 45 -8.30 -33.80 27.34
N PRO B 46 -7.54 -33.16 28.24
CA PRO B 46 -7.82 -31.77 28.62
C PRO B 46 -7.58 -30.76 27.50
N ALA B 47 -8.47 -29.79 27.39
CA ALA B 47 -8.19 -28.64 26.55
C ALA B 47 -7.28 -27.71 27.34
N GLY B 48 -6.00 -28.06 27.42
CA GLY B 48 -5.05 -27.30 28.20
C GLY B 48 -4.80 -25.89 27.70
N ARG B 49 -4.25 -25.04 28.58
CA ARG B 49 -4.06 -23.63 28.27
C ARG B 49 -2.60 -23.24 28.49
N ALA B 50 -2.25 -22.02 28.11
CA ALA B 50 -0.86 -21.57 28.24
C ALA B 50 -0.33 -21.76 29.65
N GLU B 51 -1.17 -21.56 30.65
CA GLU B 51 -0.73 -21.67 32.04
C GLU B 51 -0.25 -23.08 32.39
N HIS B 52 -0.80 -24.09 31.74
CA HIS B 52 -0.40 -25.47 32.02
C HIS B 52 1.01 -25.79 31.46
N ALA B 53 1.28 -25.33 30.24
CA ALA B 53 2.63 -25.44 29.71
C ALA B 53 3.60 -24.62 30.54
N ARG B 54 3.15 -23.42 30.93
CA ARG B 54 4.01 -22.51 31.66
C ARG B 54 4.49 -23.20 32.93
N GLU B 55 3.56 -23.82 33.64
CA GLU B 55 3.89 -24.55 34.87
C GLU B 55 4.85 -25.69 34.58
N ALA B 56 4.58 -26.43 33.51
CA ALA B 56 5.45 -27.53 33.11
C ALA B 56 6.87 -27.02 32.83
N PHE B 57 6.97 -25.94 32.09
CA PHE B 57 8.30 -25.41 31.79
C PHE B 57 9.01 -24.89 33.06
N ALA B 58 8.26 -24.22 33.96
CA ALA B 58 8.84 -23.75 35.21
C ALA B 58 9.42 -24.90 36.00
N ILE B 59 8.67 -26.01 36.05
CA ILE B 59 9.15 -27.21 36.73
C ILE B 59 10.40 -27.79 36.06
N ALA B 60 10.34 -27.96 34.74
CA ALA B 60 11.50 -28.45 33.99
C ALA B 60 12.73 -27.59 34.28
N ALA B 61 12.57 -26.28 34.22
CA ALA B 61 13.72 -25.39 34.39
C ALA B 61 14.33 -25.51 35.79
N ALA B 62 13.50 -25.54 36.82
CA ALA B 62 14.03 -25.59 38.19
C ALA B 62 14.71 -26.90 38.53
N TYR B 63 14.28 -28.00 37.92
CA TYR B 63 14.82 -29.30 38.27
C TYR B 63 16.14 -29.57 37.56
N GLN B 64 17.14 -30.00 38.32
CA GLN B 64 18.48 -30.30 37.80
C GLN B 64 18.76 -31.79 37.86
N PRO B 65 18.55 -32.50 36.75
CA PRO B 65 18.84 -33.94 36.77
C PRO B 65 20.28 -34.22 37.13
N LYS B 66 20.49 -35.22 37.97
CA LYS B 66 21.83 -35.64 38.37
C LYS B 66 21.99 -37.13 38.11
N LEU B 67 21.08 -37.73 37.34
CA LEU B 67 21.17 -39.16 37.05
C LEU B 67 22.53 -39.48 36.48
N THR B 68 23.15 -40.53 37.01
CA THR B 68 24.36 -41.05 36.39
C THR B 68 24.03 -41.63 35.01
N ARG B 69 25.05 -41.87 34.19
CA ARG B 69 24.81 -42.52 32.89
C ARG B 69 24.20 -43.91 33.10
N TYR B 70 24.67 -44.63 34.12
CA TYR B 70 24.08 -45.92 34.46
C TYR B 70 22.58 -45.85 34.80
N GLU B 71 22.19 -44.87 35.61
CA GLU B 71 20.79 -44.71 36.00
C GLU B 71 19.90 -44.36 34.81
N ARG B 72 20.41 -43.50 33.93
CA ARG B 72 19.69 -43.13 32.72
C ARG B 72 19.47 -44.38 31.86
N GLN B 73 20.51 -45.18 31.73
CA GLN B 73 20.42 -46.43 30.97
C GLN B 73 19.36 -47.38 31.53
N LYS B 74 19.26 -47.48 32.85
CA LYS B 74 18.30 -48.41 33.44
C LYS B 74 16.88 -47.97 33.14
N ILE B 75 16.64 -46.67 33.25
CA ILE B 75 15.33 -46.11 32.97
C ILE B 75 14.94 -46.34 31.50
N LEU B 76 15.89 -46.10 30.60
CA LEU B 76 15.63 -46.20 29.17
C LEU B 76 15.38 -47.65 28.76
N LEU B 77 16.21 -48.57 29.26
CA LEU B 77 16.06 -49.99 28.91
C LEU B 77 14.88 -50.64 29.62
N ALA B 78 14.48 -50.12 30.78
CA ALA B 78 13.27 -50.61 31.42
C ALA B 78 12.04 -50.10 30.69
N THR B 79 12.15 -48.92 30.09
CA THR B 79 11.07 -48.39 29.26
C THR B 79 10.89 -49.27 28.03
N ALA B 80 12.02 -49.68 27.45
CA ALA B 80 12.00 -50.59 26.31
C ALA B 80 11.35 -51.93 26.67
N GLU B 81 11.77 -52.53 27.77
CA GLU B 81 11.17 -53.78 28.24
C GLU B 81 9.66 -53.64 28.43
N ALA B 82 9.25 -52.51 29.00
CA ALA B 82 7.83 -52.23 29.20
C ALA B 82 7.06 -52.08 27.89
N LEU B 83 7.69 -51.45 26.90
CA LEU B 83 7.00 -51.30 25.62
C LEU B 83 6.77 -52.66 24.99
N ALA B 84 7.77 -53.53 25.12
CA ALA B 84 7.65 -54.89 24.61
C ALA B 84 6.58 -55.66 25.36
N ALA B 85 6.59 -55.54 26.68
CA ALA B 85 5.63 -56.24 27.52
C ALA B 85 4.20 -55.82 27.27
N ARG B 86 4.01 -54.53 27.00
CA ARG B 86 2.67 -53.97 26.87
C ARG B 86 2.35 -53.63 25.41
N LYS B 87 3.06 -54.26 24.47
CA LYS B 87 2.90 -53.89 23.05
C LYS B 87 1.46 -54.00 22.55
N GLU B 88 0.73 -55.01 23.02
CA GLU B 88 -0.64 -55.19 22.53
C GLU B 88 -1.54 -54.05 23.03
N GLU B 89 -1.40 -53.72 24.31
CA GLU B 89 -2.13 -52.60 24.89
C GLU B 89 -1.82 -51.27 24.18
N ILE B 90 -0.53 -51.00 23.99
CA ILE B 90 -0.09 -49.74 23.39
C ILE B 90 -0.53 -49.60 21.91
N SER B 91 -0.35 -50.66 21.13
CA SER B 91 -0.80 -50.64 19.74
C SER B 91 -2.34 -50.51 19.61
N ASP B 92 -3.09 -51.11 20.54
CA ASP B 92 -4.52 -50.80 20.64
C ASP B 92 -4.75 -49.28 20.75
N VAL B 93 -4.07 -48.65 21.68
CA VAL B 93 -4.25 -47.22 21.87
C VAL B 93 -3.90 -46.46 20.58
N ILE B 94 -2.76 -46.79 19.97
CA ILE B 94 -2.36 -46.18 18.70
C ILE B 94 -3.43 -46.38 17.62
N THR B 95 -3.88 -47.61 17.45
CA THR B 95 -4.84 -47.89 16.39
C THR B 95 -6.16 -47.14 16.61
N LEU B 96 -6.61 -47.09 17.86
CA LEU B 96 -7.89 -46.44 18.14
C LEU B 96 -7.90 -44.93 17.91
N GLU B 97 -6.76 -44.26 18.08
CA GLU B 97 -6.73 -42.84 17.78
C GLU B 97 -6.26 -42.50 16.35
N LEU B 98 -5.33 -43.26 15.81
CA LEU B 98 -4.79 -42.95 14.48
C LEU B 98 -5.57 -43.64 13.33
N GLY B 99 -5.91 -44.91 13.51
CA GLY B 99 -6.65 -45.67 12.50
C GLY B 99 -5.81 -46.62 11.66
N ILE B 100 -4.49 -46.59 11.83
CA ILE B 100 -3.64 -47.53 11.14
C ILE B 100 -3.89 -48.92 11.69
N SER B 101 -3.57 -49.93 10.89
CA SER B 101 -3.82 -51.33 11.22
C SER B 101 -3.04 -51.71 12.46
N LYS B 102 -3.49 -52.74 13.17
CA LYS B 102 -2.72 -53.30 14.27
C LYS B 102 -1.35 -53.77 13.77
N ALA B 103 -1.30 -54.25 12.53
CA ALA B 103 0.00 -54.63 11.94
C ALA B 103 0.96 -53.44 11.94
N ASP B 104 0.50 -52.29 11.46
CA ASP B 104 1.30 -51.06 11.52
C ASP B 104 1.60 -50.55 12.94
N SER B 105 0.61 -50.60 13.84
CA SER B 105 0.83 -50.04 15.17
C SER B 105 1.77 -50.91 16.00
N LEU B 106 1.67 -52.22 15.81
CA LEU B 106 2.59 -53.13 16.45
C LEU B 106 4.01 -52.91 15.92
N TYR B 107 4.12 -52.57 14.64
CA TYR B 107 5.43 -52.28 14.07
C TYR B 107 5.97 -51.00 14.72
N GLU B 108 5.11 -50.00 14.85
CA GLU B 108 5.49 -48.75 15.54
C GLU B 108 5.98 -48.95 16.99
N VAL B 109 5.33 -49.84 17.74
CA VAL B 109 5.83 -50.19 19.08
C VAL B 109 7.24 -50.76 18.93
N GLY B 110 7.43 -51.60 17.91
CA GLY B 110 8.75 -52.14 17.60
C GLY B 110 9.76 -51.02 17.40
N ARG B 111 9.36 -49.98 16.67
CA ARG B 111 10.28 -48.89 16.39
C ARG B 111 10.63 -48.16 17.67
N ALA B 112 9.62 -47.89 18.49
CA ALA B 112 9.84 -47.19 19.75
C ALA B 112 10.75 -48.00 20.68
N PHE B 113 10.54 -49.32 20.69
CA PHE B 113 11.40 -50.26 21.41
C PHE B 113 12.88 -50.09 21.04
N ASP B 114 13.16 -50.01 19.73
CA ASP B 114 14.50 -49.74 19.23
C ASP B 114 15.05 -48.37 19.71
N VAL B 115 14.21 -47.33 19.65
CA VAL B 115 14.64 -45.98 20.05
C VAL B 115 15.12 -45.99 21.52
N PHE B 116 14.27 -46.48 22.42
CA PHE B 116 14.66 -46.56 23.83
C PHE B 116 15.85 -47.49 24.07
N THR B 117 15.89 -48.61 23.35
CA THR B 117 17.00 -49.55 23.51
C THR B 117 18.33 -48.88 23.13
N LEU B 118 18.35 -48.25 21.96
CA LEU B 118 19.56 -47.62 21.46
C LEU B 118 19.89 -46.34 22.21
N ALA B 119 18.87 -45.58 22.61
CA ALA B 119 19.16 -44.43 23.49
C ALA B 119 19.85 -44.91 24.78
N GLY B 120 19.30 -45.96 25.38
CA GLY B 120 19.89 -46.55 26.58
C GLY B 120 21.34 -46.97 26.38
N GLN B 121 21.61 -47.69 25.30
CA GLN B 121 22.97 -48.20 25.04
C GLN B 121 24.00 -47.11 24.68
N MET B 122 23.54 -46.02 24.06
CA MET B 122 24.41 -44.89 23.75
C MET B 122 24.84 -44.14 25.01
N CYS B 123 24.16 -44.40 26.12
CA CYS B 123 24.48 -43.77 27.41
C CYS B 123 25.91 -44.00 27.91
N ILE B 124 26.55 -45.06 27.43
CA ILE B 124 27.91 -45.33 27.87
C ILE B 124 28.96 -44.57 27.03
N ARG B 125 28.53 -43.94 25.94
CA ARG B 125 29.45 -43.28 25.03
C ARG B 125 29.72 -41.80 25.39
N ASP B 126 30.99 -41.48 25.56
CA ASP B 126 31.45 -40.10 25.77
C ASP B 126 32.23 -39.71 24.53
N ASP B 127 31.74 -38.72 23.78
CA ASP B 127 32.40 -38.28 22.54
C ASP B 127 33.32 -37.08 22.74
N GLY B 128 33.73 -36.84 23.98
CA GLY B 128 34.74 -35.84 24.28
C GLY B 128 35.97 -35.93 23.38
N GLU B 129 36.59 -34.78 23.09
CA GLU B 129 37.81 -34.78 22.30
C GLU B 129 38.89 -34.06 23.07
N ILE B 130 40.11 -34.22 22.60
CA ILE B 130 41.28 -33.57 23.17
C ILE B 130 42.05 -32.91 22.03
N PHE B 131 42.50 -31.68 22.24
CA PHE B 131 43.35 -31.00 21.27
C PHE B 131 44.70 -30.69 21.91
N SER B 132 45.77 -30.93 21.18
CA SER B 132 47.08 -30.45 21.58
C SER B 132 47.23 -29.03 21.06
N CYS B 133 47.79 -28.13 21.87
CA CYS B 133 47.79 -26.71 21.52
C CYS B 133 49.09 -26.19 20.92
N ASP B 134 50.09 -27.05 20.77
CA ASP B 134 51.39 -26.60 20.32
C ASP B 134 51.53 -26.76 18.81
N LEU B 135 50.62 -26.13 18.06
CA LEU B 135 50.37 -26.47 16.65
C LEU B 135 50.95 -25.49 15.62
N THR B 136 51.09 -24.23 16.04
CA THR B 136 51.44 -23.14 15.13
C THR B 136 52.47 -22.26 15.85
N PRO B 137 52.95 -21.19 15.19
CA PRO B 137 53.81 -20.24 15.90
C PRO B 137 53.12 -19.64 17.12
N HIS B 138 51.79 -19.66 17.16
CA HIS B 138 51.09 -19.16 18.33
C HIS B 138 50.80 -20.25 19.39
N GLY B 139 51.43 -21.42 19.23
CA GLY B 139 51.11 -22.58 20.06
C GLY B 139 51.50 -22.48 21.53
N LYS B 140 50.89 -23.30 22.35
CA LYS B 140 51.17 -23.28 23.79
C LYS B 140 51.25 -24.72 24.31
N ALA B 141 52.06 -24.94 25.35
CA ALA B 141 52.15 -26.27 25.93
C ALA B 141 50.93 -26.49 26.80
N ARG B 142 49.88 -27.02 26.18
CA ARG B 142 48.55 -26.95 26.76
C ARG B 142 47.64 -27.97 26.04
N LYS B 143 46.62 -28.46 26.74
CA LYS B 143 45.62 -29.34 26.14
C LYS B 143 44.23 -28.75 26.31
N ILE B 144 43.40 -28.85 25.26
CA ILE B 144 41.98 -28.52 25.33
C ILE B 144 41.16 -29.81 25.41
N PHE B 145 40.18 -29.86 26.31
CA PHE B 145 39.29 -31.02 26.46
C PHE B 145 37.84 -30.55 26.25
N THR B 146 36.98 -31.40 25.70
CA THR B 146 35.56 -31.04 25.54
C THR B 146 34.66 -31.93 26.37
N MET B 147 33.49 -31.37 26.71
CA MET B 147 32.53 -31.93 27.64
C MET B 147 31.14 -31.55 27.15
N ARG B 148 30.11 -32.30 27.52
CA ARG B 148 28.75 -31.86 27.22
C ARG B 148 27.92 -31.65 28.48
N GLU B 149 27.02 -30.68 28.44
CA GLU B 149 26.14 -30.35 29.56
C GLU B 149 24.72 -30.21 29.06
N PRO B 150 23.72 -30.45 29.94
CA PRO B 150 22.33 -30.37 29.46
C PRO B 150 21.82 -28.94 29.28
N LEU B 151 20.64 -28.80 28.70
CA LEU B 151 19.98 -27.50 28.60
C LEU B 151 19.05 -27.26 29.79
N THR B 152 18.39 -26.10 29.78
CA THR B 152 17.45 -25.70 30.82
C THR B 152 16.11 -26.43 30.68
N ALA B 153 15.55 -26.39 29.48
CA ALA B 153 14.32 -27.11 29.17
C ALA B 153 14.21 -27.35 27.68
N ILE B 154 13.56 -28.45 27.31
CA ILE B 154 13.31 -28.73 25.90
C ILE B 154 11.81 -28.80 25.61
N SER B 155 11.39 -28.13 24.55
CA SER B 155 10.00 -28.19 24.11
C SER B 155 9.87 -29.15 22.92
N ALA B 156 8.95 -30.10 23.02
CA ALA B 156 8.76 -31.07 21.96
C ALA B 156 7.32 -31.04 21.43
N ILE B 157 7.17 -30.93 20.11
CA ILE B 157 5.85 -30.85 19.49
C ILE B 157 5.76 -31.90 18.42
N THR B 158 4.72 -32.75 18.48
CA THR B 158 4.67 -33.94 17.63
C THR B 158 3.39 -34.08 16.82
N PRO B 159 3.48 -34.77 15.68
CA PRO B 159 2.37 -34.89 14.73
C PRO B 159 1.64 -36.20 14.90
N PHE B 160 0.63 -36.44 14.08
CA PHE B 160 -0.24 -37.62 14.28
C PHE B 160 0.33 -38.93 13.75
N ASN B 161 1.27 -38.86 12.81
CA ASN B 161 1.58 -40.04 12.02
C ASN B 161 2.27 -41.16 12.79
N HIS B 162 3.07 -40.81 13.79
CA HIS B 162 3.65 -41.83 14.68
C HIS B 162 3.39 -41.43 16.13
N PRO B 163 2.19 -41.69 16.63
CA PRO B 163 1.79 -41.23 17.97
C PRO B 163 2.73 -41.66 19.08
N LEU B 164 3.38 -42.81 18.92
CA LEU B 164 4.37 -43.27 19.89
C LEU B 164 5.80 -42.91 19.47
N ASN B 165 6.20 -43.31 18.27
CA ASN B 165 7.62 -43.21 17.87
C ASN B 165 8.18 -41.81 17.83
N MET B 166 7.35 -40.85 17.43
CA MET B 166 7.80 -39.45 17.36
C MET B 166 8.05 -38.89 18.75
N VAL B 167 7.20 -39.28 19.69
CA VAL B 167 7.44 -38.86 21.08
C VAL B 167 8.72 -39.50 21.60
N ALA B 168 8.86 -40.79 21.32
CA ALA B 168 10.03 -41.55 21.72
C ALA B 168 11.32 -40.89 21.22
N HIS B 169 11.34 -40.46 19.95
CA HIS B 169 12.55 -39.93 19.36
C HIS B 169 12.91 -38.60 20.01
N LYS B 170 11.92 -37.91 20.55
CA LYS B 170 12.21 -36.62 21.16
C LYS B 170 12.48 -36.74 22.67
N VAL B 171 11.86 -37.71 23.31
CA VAL B 171 12.00 -37.90 24.76
C VAL B 171 13.20 -38.77 25.17
N ALA B 172 13.43 -39.88 24.46
CA ALA B 172 14.54 -40.76 24.85
C ALA B 172 15.91 -40.07 24.86
N PRO B 173 16.21 -39.24 23.84
CA PRO B 173 17.51 -38.56 23.87
C PRO B 173 17.60 -37.51 24.97
N ALA B 174 16.47 -36.91 25.34
CA ALA B 174 16.46 -35.91 26.41
C ALA B 174 16.79 -36.57 27.75
N ILE B 175 16.18 -37.72 27.99
CA ILE B 175 16.43 -38.49 29.19
C ILE B 175 17.88 -38.92 29.24
N ALA B 176 18.39 -39.40 28.11
CA ALA B 176 19.75 -39.91 28.04
C ALA B 176 20.79 -38.82 28.33
N THR B 177 20.40 -37.56 28.21
CA THR B 177 21.36 -36.45 28.34
C THR B 177 21.06 -35.53 29.54
N ASN B 178 20.21 -36.01 30.47
CA ASN B 178 19.86 -35.27 31.68
C ASN B 178 19.12 -33.96 31.41
N ASN B 179 18.28 -33.95 30.39
CA ASN B 179 17.44 -32.80 30.10
C ASN B 179 16.05 -32.98 30.69
N CYS B 180 15.29 -31.89 30.73
CA CYS B 180 13.90 -31.93 31.11
C CYS B 180 13.05 -31.52 29.92
N VAL B 181 12.11 -32.37 29.56
CA VAL B 181 11.31 -32.10 28.37
C VAL B 181 9.80 -31.99 28.64
N VAL B 182 9.17 -31.06 27.92
CA VAL B 182 7.73 -30.95 27.91
C VAL B 182 7.25 -31.27 26.52
N VAL B 183 6.30 -32.20 26.42
CA VAL B 183 5.76 -32.62 25.14
C VAL B 183 4.31 -32.19 25.00
N LYS B 184 4.00 -31.60 23.85
CA LYS B 184 2.63 -31.33 23.44
C LYS B 184 2.33 -32.15 22.19
N PRO B 185 1.74 -33.33 22.37
CA PRO B 185 1.38 -34.14 21.19
C PRO B 185 0.24 -33.50 20.42
N THR B 186 0.09 -33.88 19.16
CA THR B 186 -1.06 -33.40 18.40
C THR B 186 -2.36 -33.76 19.12
N GLU B 187 -3.34 -32.87 19.03
CA GLU B 187 -4.63 -33.10 19.64
C GLU B 187 -5.39 -34.22 18.91
N LEU B 188 -4.89 -34.62 17.75
CA LEU B 188 -5.53 -35.71 17.00
C LEU B 188 -5.21 -37.09 17.59
N THR B 189 -4.02 -37.24 18.17
CA THR B 189 -3.58 -38.52 18.72
C THR B 189 -2.73 -38.31 19.96
N PRO B 190 -3.34 -37.78 21.03
CA PRO B 190 -2.57 -37.40 22.23
C PRO B 190 -2.45 -38.55 23.21
N MET B 191 -3.30 -39.56 23.08
CA MET B 191 -3.44 -40.57 24.12
C MET B 191 -2.22 -41.45 24.29
N THR B 192 -1.58 -41.78 23.18
CA THR B 192 -0.41 -42.64 23.23
C THR B 192 0.73 -41.97 24.00
N ALA B 193 0.85 -40.66 23.84
CA ALA B 193 1.88 -39.88 24.54
C ALA B 193 1.67 -39.93 26.06
N LEU B 194 0.41 -39.81 26.49
CA LEU B 194 0.11 -39.82 27.92
C LEU B 194 0.45 -41.19 28.50
N LEU B 195 0.13 -42.25 27.76
CA LEU B 195 0.51 -43.60 28.18
C LEU B 195 2.04 -43.77 28.25
N LEU B 196 2.78 -43.25 27.27
CA LEU B 196 4.24 -43.35 27.31
C LEU B 196 4.77 -42.63 28.56
N ALA B 197 4.14 -41.52 28.92
CA ALA B 197 4.50 -40.80 30.14
C ALA B 197 4.35 -41.70 31.37
N ASP B 198 3.18 -42.32 31.51
CA ASP B 198 2.94 -43.26 32.60
C ASP B 198 4.00 -44.34 32.68
N ILE B 199 4.32 -44.93 31.54
CA ILE B 199 5.34 -45.97 31.45
C ILE B 199 6.72 -45.47 31.91
N LEU B 200 7.05 -44.25 31.51
CA LEU B 200 8.34 -43.69 31.87
C LEU B 200 8.44 -43.44 33.38
N TYR B 201 7.36 -42.92 33.96
CA TYR B 201 7.33 -42.70 35.40
C TYR B 201 7.46 -44.04 36.14
N GLU B 202 6.77 -45.08 35.65
CA GLU B 202 6.84 -46.40 36.29
C GLU B 202 8.22 -47.01 36.16
N ALA B 203 8.92 -46.61 35.11
CA ALA B 203 10.26 -47.14 34.86
C ALA B 203 11.28 -46.37 35.70
N GLY B 204 10.80 -45.45 36.52
CA GLY B 204 11.67 -44.76 37.46
C GLY B 204 12.26 -43.42 37.02
N LEU B 205 11.68 -42.78 36.01
CA LEU B 205 12.12 -41.44 35.61
C LEU B 205 11.69 -40.41 36.66
N PRO B 206 12.66 -39.60 37.14
CA PRO B 206 12.27 -38.51 38.04
C PRO B 206 11.23 -37.67 37.31
N PRO B 207 10.06 -37.48 37.92
CA PRO B 207 8.87 -37.01 37.18
C PRO B 207 9.08 -35.63 36.59
N GLU B 208 9.92 -34.81 37.22
CA GLU B 208 10.14 -33.44 36.76
C GLU B 208 10.77 -33.40 35.38
N MET B 209 11.36 -34.52 34.96
CA MET B 209 12.04 -34.58 33.69
C MET B 209 11.10 -34.74 32.48
N LEU B 210 9.81 -34.91 32.75
CA LEU B 210 8.85 -35.11 31.66
C LEU B 210 7.46 -34.60 32.01
N SER B 211 6.90 -33.76 31.16
CA SER B 211 5.47 -33.46 31.20
C SER B 211 4.89 -33.67 29.82
N VAL B 212 3.62 -34.04 29.78
CA VAL B 212 2.88 -34.15 28.52
C VAL B 212 1.62 -33.35 28.69
N VAL B 213 1.54 -32.23 27.98
CA VAL B 213 0.39 -31.36 28.06
C VAL B 213 -0.41 -31.46 26.77
N THR B 214 -1.71 -31.20 26.85
CA THR B 214 -2.57 -31.35 25.68
C THR B 214 -3.48 -30.14 25.59
N GLY B 215 -3.98 -29.87 24.39
CA GLY B 215 -4.84 -28.73 24.19
C GLY B 215 -4.95 -28.32 22.74
N TRP B 216 -5.82 -27.35 22.45
CA TRP B 216 -5.91 -26.84 21.09
C TRP B 216 -4.69 -25.97 20.81
N PRO B 217 -4.18 -26.03 19.57
CA PRO B 217 -2.99 -25.22 19.22
C PRO B 217 -3.20 -23.74 19.53
N ALA B 218 -4.44 -23.27 19.40
CA ALA B 218 -4.73 -21.86 19.63
C ALA B 218 -4.61 -21.47 21.11
N ASP B 219 -4.73 -22.45 22.00
CA ASP B 219 -4.66 -22.18 23.43
C ASP B 219 -3.28 -22.37 24.02
N ILE B 220 -2.61 -23.45 23.65
CA ILE B 220 -1.40 -23.86 24.33
C ILE B 220 -0.21 -23.92 23.39
N GLY B 221 -0.48 -23.81 22.09
CA GLY B 221 0.56 -23.94 21.10
C GLY B 221 1.69 -22.93 21.23
N MET B 222 1.35 -21.66 21.34
CA MET B 222 2.36 -20.60 21.32
C MET B 222 3.28 -20.67 22.53
N GLU B 223 2.75 -21.06 23.68
CA GLU B 223 3.57 -21.18 24.89
C GLU B 223 4.70 -22.19 24.70
N MET B 224 4.44 -23.24 23.93
CA MET B 224 5.45 -24.27 23.65
C MET B 224 6.61 -23.67 22.87
N ILE B 225 6.34 -22.58 22.16
CA ILE B 225 7.32 -21.96 21.25
C ILE B 225 8.08 -20.82 21.87
N THR B 226 7.40 -20.05 22.72
CA THR B 226 7.98 -18.80 23.20
C THR B 226 8.34 -18.78 24.69
N ASN B 227 8.02 -19.86 25.42
CA ASN B 227 8.32 -19.89 26.83
C ASN B 227 9.80 -19.52 27.11
N PRO B 228 10.04 -18.57 28.01
CA PRO B 228 11.41 -18.11 28.25
C PRO B 228 12.39 -19.19 28.75
N HIS B 229 11.92 -20.26 29.38
CA HIS B 229 12.81 -21.30 29.86
C HIS B 229 13.28 -22.26 28.76
N VAL B 230 12.62 -22.26 27.62
CA VAL B 230 12.95 -23.22 26.57
C VAL B 230 14.25 -22.86 25.84
N ASP B 231 15.23 -23.77 25.87
CA ASP B 231 16.48 -23.57 25.14
C ASP B 231 16.42 -24.14 23.72
N LEU B 232 15.55 -25.12 23.52
CA LEU B 232 15.48 -25.84 22.25
C LEU B 232 14.05 -26.32 21.99
N VAL B 233 13.59 -26.08 20.77
CA VAL B 233 12.31 -26.61 20.33
C VAL B 233 12.56 -27.68 19.27
N THR B 234 12.04 -28.87 19.50
CA THR B 234 12.17 -29.95 18.52
C THR B 234 10.78 -30.25 17.98
N PHE B 235 10.62 -30.04 16.68
CA PHE B 235 9.31 -30.14 16.04
C PHE B 235 9.33 -31.07 14.83
N THR B 236 8.27 -31.85 14.69
CA THR B 236 8.01 -32.61 13.47
C THR B 236 6.57 -32.36 13.08
N GLY B 237 6.34 -32.04 11.81
CA GLY B 237 5.02 -31.71 11.33
C GLY B 237 5.02 -31.12 9.95
N SER B 238 4.02 -30.28 9.68
CA SER B 238 3.83 -29.67 8.37
C SER B 238 4.70 -28.45 8.17
N VAL B 239 4.95 -28.09 6.91
CA VAL B 239 5.73 -26.90 6.57
C VAL B 239 5.15 -25.57 7.13
N PRO B 240 3.85 -25.30 6.91
CA PRO B 240 3.31 -24.05 7.44
C PRO B 240 3.51 -23.90 8.96
N VAL B 241 3.24 -24.96 9.72
CA VAL B 241 3.43 -24.92 11.17
C VAL B 241 4.92 -24.80 11.55
N GLY B 242 5.77 -25.57 10.88
CA GLY B 242 7.20 -25.45 11.07
C GLY B 242 7.71 -24.04 10.83
N LYS B 243 7.21 -23.38 9.78
CA LYS B 243 7.62 -22.00 9.51
C LYS B 243 7.13 -21.05 10.59
N LEU B 244 5.90 -21.26 11.08
CA LEU B 244 5.39 -20.48 12.22
C LEU B 244 6.28 -20.64 13.46
N ILE B 245 6.75 -21.86 13.70
CA ILE B 245 7.63 -22.12 14.82
C ILE B 245 8.98 -21.44 14.65
N ALA B 246 9.60 -21.60 13.48
CA ALA B 246 10.87 -20.93 13.23
C ALA B 246 10.75 -19.41 13.45
N ALA B 247 9.62 -18.86 13.01
CA ALA B 247 9.37 -17.43 13.11
C ALA B 247 9.23 -16.94 14.55
N ASN B 248 8.69 -17.80 15.43
CA ASN B 248 8.35 -17.40 16.79
C ASN B 248 9.31 -17.85 17.90
N ALA B 249 10.13 -18.88 17.64
CA ALA B 249 11.07 -19.36 18.64
C ALA B 249 12.37 -18.57 18.51
N HIS B 250 12.23 -17.26 18.48
CA HIS B 250 13.25 -16.31 18.00
C HIS B 250 14.73 -16.72 18.08
N TYR B 251 15.25 -16.89 19.29
CA TYR B 251 16.70 -17.07 19.51
C TYR B 251 16.96 -18.43 20.18
N LYS B 252 16.00 -19.33 20.04
CA LYS B 252 16.10 -20.67 20.63
C LYS B 252 16.69 -21.58 19.58
N ARG B 253 17.36 -22.65 20.01
CA ARG B 253 17.80 -23.66 19.03
C ARG B 253 16.54 -24.36 18.53
N GLN B 254 16.55 -24.78 17.27
CA GLN B 254 15.35 -25.34 16.65
C GLN B 254 15.75 -26.54 15.82
N VAL B 255 15.04 -27.64 15.98
CA VAL B 255 15.27 -28.79 15.11
C VAL B 255 13.91 -29.15 14.51
N LEU B 256 13.72 -28.78 13.25
CA LEU B 256 12.44 -28.86 12.57
C LEU B 256 12.50 -29.91 11.47
N GLU B 257 11.64 -30.92 11.55
CA GLU B 257 11.52 -31.89 10.48
C GLU B 257 10.13 -31.71 9.88
N LEU B 258 10.11 -31.32 8.61
CA LEU B 258 8.87 -30.95 7.94
C LEU B 258 8.54 -32.05 6.91
N GLY B 259 7.79 -31.76 5.87
CA GLY B 259 7.43 -32.88 5.01
C GLY B 259 8.54 -33.58 4.23
N GLY B 260 8.12 -34.55 3.42
CA GLY B 260 8.96 -35.11 2.37
C GLY B 260 8.08 -35.23 1.14
N ASN B 261 8.67 -35.47 -0.02
CA ASN B 261 7.91 -35.90 -1.17
C ASN B 261 8.79 -36.90 -1.89
N ASP B 262 8.95 -38.07 -1.27
CA ASP B 262 10.09 -38.93 -1.60
C ASP B 262 9.87 -39.89 -2.77
N PRO B 263 10.84 -39.93 -3.69
CA PRO B 263 10.72 -40.78 -4.88
C PRO B 263 11.29 -42.17 -4.65
N LEU B 264 10.69 -43.16 -5.30
CA LEU B 264 11.38 -44.42 -5.53
C LEU B 264 11.68 -44.47 -7.03
N ILE B 265 12.96 -44.59 -7.36
CA ILE B 265 13.42 -44.45 -8.72
C ILE B 265 13.81 -45.81 -9.29
N ILE B 266 13.18 -46.17 -10.41
CA ILE B 266 13.38 -47.47 -11.03
C ILE B 266 14.22 -47.27 -12.31
N LEU B 267 15.47 -47.72 -12.31
CA LEU B 267 16.33 -47.50 -13.49
C LEU B 267 16.17 -48.59 -14.57
N ASN B 268 16.43 -48.21 -15.82
CA ASN B 268 16.15 -49.08 -16.96
C ASN B 268 17.16 -50.20 -17.19
N ASP B 269 18.11 -50.36 -16.27
CA ASP B 269 19.07 -51.48 -16.38
C ASP B 269 18.52 -52.78 -15.80
N LEU B 270 17.37 -52.71 -15.14
CA LEU B 270 16.94 -53.84 -14.31
C LEU B 270 16.32 -54.96 -15.14
N SER B 271 16.58 -56.19 -14.72
CA SER B 271 15.91 -57.36 -15.31
C SER B 271 14.53 -57.48 -14.70
N ASP B 272 13.70 -58.39 -15.23
CA ASP B 272 12.33 -58.49 -14.73
C ASP B 272 12.26 -59.08 -13.30
N ASP B 273 13.26 -59.87 -12.94
CA ASP B 273 13.38 -60.41 -11.58
C ASP B 273 13.57 -59.25 -10.60
N ASP B 274 14.49 -58.36 -10.96
CA ASP B 274 14.74 -57.19 -10.14
C ASP B 274 13.55 -56.21 -10.16
N LEU B 275 12.86 -56.12 -11.28
CA LEU B 275 11.66 -55.26 -11.29
C LEU B 275 10.61 -55.76 -10.29
N ALA B 276 10.56 -57.07 -10.09
CA ALA B 276 9.63 -57.65 -9.11
C ALA B 276 10.00 -57.22 -7.70
N ARG B 277 11.30 -57.25 -7.40
CA ARG B 277 11.77 -56.80 -6.11
C ARG B 277 11.56 -55.28 -5.95
N ALA B 278 11.79 -54.51 -7.02
CA ALA B 278 11.52 -53.08 -6.93
C ALA B 278 10.03 -52.81 -6.71
N ALA B 279 9.18 -53.63 -7.30
CA ALA B 279 7.74 -53.49 -7.09
C ALA B 279 7.35 -53.76 -5.63
N ASP B 280 8.01 -54.73 -4.99
CA ASP B 280 7.79 -55.00 -3.58
C ASP B 280 8.05 -53.73 -2.78
N LEU B 281 9.17 -53.07 -3.07
CA LEU B 281 9.54 -51.81 -2.40
C LEU B 281 8.53 -50.69 -2.64
N ALA B 282 8.08 -50.55 -3.89
CA ALA B 282 7.15 -49.50 -4.24
C ALA B 282 5.84 -49.65 -3.44
N VAL B 283 5.27 -50.85 -3.48
CA VAL B 283 4.00 -51.10 -2.78
C VAL B 283 4.13 -50.93 -1.26
N ALA B 284 5.17 -51.53 -0.67
CA ALA B 284 5.41 -51.38 0.78
C ALA B 284 5.67 -49.93 1.15
N GLY B 285 6.54 -49.29 0.37
CA GLY B 285 6.94 -47.92 0.63
C GLY B 285 5.80 -46.93 0.44
N ALA B 286 4.90 -47.23 -0.48
CA ALA B 286 3.76 -46.35 -0.70
C ALA B 286 2.63 -46.53 0.33
N THR B 287 2.56 -47.72 0.95
CA THR B 287 1.39 -48.04 1.78
C THR B 287 1.63 -48.27 3.27
N LYS B 288 2.87 -48.52 3.69
CA LYS B 288 3.13 -48.73 5.10
C LYS B 288 2.64 -47.51 5.91
N ASN B 289 2.07 -47.76 7.07
CA ASN B 289 1.48 -46.70 7.88
C ASN B 289 0.38 -45.94 7.16
N SER B 290 -0.35 -46.63 6.30
CA SER B 290 -1.33 -45.99 5.44
C SER B 290 -0.75 -44.88 4.57
N GLY B 291 0.55 -44.95 4.27
CA GLY B 291 1.21 -43.92 3.47
C GLY B 291 1.50 -42.64 4.23
N GLN B 292 1.30 -42.71 5.55
CA GLN B 292 1.46 -41.54 6.41
C GLN B 292 2.86 -41.46 7.01
N ARG B 293 3.85 -41.27 6.15
CA ARG B 293 5.22 -41.04 6.60
C ARG B 293 5.79 -39.88 5.81
N CYS B 294 6.60 -39.08 6.46
CA CYS B 294 7.34 -38.03 5.79
C CYS B 294 8.17 -38.65 4.67
N THR B 295 8.60 -39.89 4.88
CA THR B 295 9.46 -40.59 3.92
C THR B 295 8.73 -41.66 3.10
N ALA B 296 7.41 -41.64 3.13
CA ALA B 296 6.64 -42.58 2.31
C ALA B 296 6.98 -42.39 0.83
N VAL B 297 6.85 -43.46 0.05
CA VAL B 297 6.98 -43.33 -1.41
C VAL B 297 5.76 -42.59 -1.93
N LYS B 298 5.97 -41.37 -2.39
CA LYS B 298 4.88 -40.55 -2.91
C LYS B 298 4.97 -40.35 -4.41
N ARG B 299 6.07 -40.78 -5.00
CA ARG B 299 6.28 -40.70 -6.46
C ARG B 299 7.14 -41.87 -6.89
N ILE B 300 6.59 -42.74 -7.73
CA ILE B 300 7.41 -43.81 -8.26
C ILE B 300 7.92 -43.39 -9.64
N LEU B 301 9.18 -42.98 -9.70
CA LEU B 301 9.79 -42.54 -10.97
C LEU B 301 10.37 -43.71 -11.77
N CYS B 302 9.57 -44.23 -12.69
CA CYS B 302 9.98 -45.40 -13.46
C CYS B 302 10.43 -44.98 -14.86
N GLN B 303 11.66 -45.32 -15.24
CA GLN B 303 12.11 -45.01 -16.59
C GLN B 303 11.23 -45.70 -17.66
N GLU B 304 10.94 -44.98 -18.74
CA GLU B 304 9.89 -45.36 -19.69
C GLU B 304 10.06 -46.75 -20.29
N SER B 305 11.28 -47.10 -20.65
CA SER B 305 11.52 -48.39 -21.30
C SER B 305 11.26 -49.62 -20.42
N VAL B 306 11.20 -49.47 -19.10
CA VAL B 306 10.87 -50.63 -18.27
C VAL B 306 9.48 -50.53 -17.65
N ALA B 307 8.78 -49.42 -17.91
CA ALA B 307 7.49 -49.17 -17.23
C ALA B 307 6.42 -50.23 -17.53
N ASP B 308 6.31 -50.62 -18.80
CA ASP B 308 5.37 -51.67 -19.18
C ASP B 308 5.62 -53.01 -18.49
N ARG B 309 6.85 -53.27 -18.10
CA ARG B 309 7.18 -54.52 -17.38
C ARG B 309 6.98 -54.37 -15.87
N PHE B 310 7.23 -53.18 -15.36
CA PHE B 310 7.22 -52.88 -13.92
C PHE B 310 5.80 -52.73 -13.38
N VAL B 311 4.98 -51.97 -14.09
CA VAL B 311 3.61 -51.69 -13.64
C VAL B 311 2.74 -52.93 -13.34
N PRO B 312 2.75 -53.94 -14.22
CA PRO B 312 1.97 -55.14 -13.86
C PRO B 312 2.46 -55.85 -12.58
N LEU B 313 3.75 -55.73 -12.27
CA LEU B 313 4.25 -56.32 -11.01
C LEU B 313 3.76 -55.54 -9.76
N VAL B 314 3.67 -54.22 -9.91
CA VAL B 314 3.15 -53.34 -8.86
C VAL B 314 1.68 -53.69 -8.61
N LEU B 315 0.91 -53.71 -9.69
CA LEU B 315 -0.52 -54.08 -9.61
C LEU B 315 -0.70 -55.41 -8.87
N GLU B 316 0.06 -56.43 -9.28
CA GLU B 316 -0.04 -57.75 -8.68
C GLU B 316 0.15 -57.72 -7.15
N ARG B 317 1.15 -56.95 -6.70
CA ARG B 317 1.41 -56.82 -5.25
C ARG B 317 0.37 -55.97 -4.53
N ALA B 318 -0.14 -54.92 -5.17
CA ALA B 318 -1.11 -54.04 -4.51
C ALA B 318 -2.39 -54.80 -4.24
N LYS B 319 -2.77 -55.67 -5.18
CA LYS B 319 -3.99 -56.45 -5.04
C LYS B 319 -3.92 -57.44 -3.88
N ARG B 320 -2.71 -57.78 -3.43
CA ARG B 320 -2.56 -58.73 -2.33
C ARG B 320 -2.98 -58.15 -0.96
N LEU B 321 -2.91 -56.83 -0.83
CA LEU B 321 -3.09 -56.16 0.45
C LEU B 321 -4.52 -56.24 0.97
N ARG B 322 -4.66 -56.68 2.22
CA ARG B 322 -5.97 -56.64 2.89
C ARG B 322 -6.19 -55.29 3.54
N PHE B 323 -7.23 -54.58 3.13
CA PHE B 323 -7.53 -53.30 3.72
C PHE B 323 -8.89 -53.33 4.40
N GLY B 324 -8.96 -52.81 5.61
CA GLY B 324 -10.24 -52.69 6.30
C GLY B 324 -10.11 -52.42 7.78
N ASP B 325 -10.97 -53.05 8.56
CA ASP B 325 -11.05 -52.84 10.01
C ASP B 325 -9.66 -52.92 10.62
N PRO B 326 -9.13 -51.78 11.09
CA PRO B 326 -7.75 -51.76 11.57
C PRO B 326 -7.52 -52.58 12.85
N MET B 327 -8.57 -52.86 13.63
CA MET B 327 -8.42 -53.76 14.78
C MET B 327 -8.43 -55.23 14.38
N ASP B 328 -8.86 -55.52 13.15
CA ASP B 328 -8.76 -56.88 12.63
C ASP B 328 -7.29 -57.22 12.34
N ARG B 329 -6.80 -58.31 12.93
CA ARG B 329 -5.38 -58.63 12.86
C ARG B 329 -4.97 -59.13 11.48
N SER B 330 -5.94 -59.49 10.67
CA SER B 330 -5.64 -59.90 9.30
C SER B 330 -5.56 -58.69 8.36
N THR B 331 -5.83 -57.50 8.89
CA THR B 331 -5.79 -56.28 8.07
C THR B 331 -4.34 -55.81 7.86
N ASP B 332 -3.95 -55.55 6.62
CA ASP B 332 -2.61 -55.00 6.33
C ASP B 332 -2.70 -53.48 6.43
N LEU B 333 -3.73 -52.94 5.77
CA LEU B 333 -3.88 -51.50 5.58
C LEU B 333 -5.12 -50.97 6.28
N GLY B 334 -4.92 -50.11 7.28
CA GLY B 334 -6.00 -49.44 7.98
C GLY B 334 -6.40 -48.14 7.30
N THR B 335 -7.05 -47.24 8.03
CA THR B 335 -7.49 -45.98 7.48
C THR B 335 -6.38 -44.94 7.47
N VAL B 336 -6.66 -43.79 6.88
CA VAL B 336 -5.84 -42.60 7.09
C VAL B 336 -6.47 -41.76 8.22
N ILE B 337 -5.88 -40.61 8.51
CA ILE B 337 -6.18 -39.83 9.72
C ILE B 337 -7.65 -39.45 9.84
N HIS B 338 -8.27 -39.02 8.76
CA HIS B 338 -9.72 -38.79 8.79
C HIS B 338 -10.35 -38.82 7.41
N GLU B 339 -11.67 -38.73 7.40
CA GLU B 339 -12.43 -38.84 6.17
C GLU B 339 -12.11 -37.69 5.22
N LYS B 340 -11.85 -36.52 5.79
CA LYS B 340 -11.56 -35.33 4.98
C LYS B 340 -10.28 -35.53 4.15
N ALA B 341 -9.23 -35.98 4.81
CA ALA B 341 -7.97 -36.27 4.12
C ALA B 341 -8.16 -37.36 3.07
N ALA B 342 -8.83 -38.46 3.43
CA ALA B 342 -9.06 -39.54 2.47
C ALA B 342 -9.78 -39.07 1.20
N ALA B 343 -10.78 -38.19 1.37
CA ALA B 343 -11.54 -37.67 0.23
C ALA B 343 -10.66 -36.78 -0.63
N LEU B 344 -9.81 -36.00 0.03
CA LEU B 344 -8.91 -35.10 -0.64
C LEU B 344 -7.92 -35.88 -1.50
N PHE B 345 -7.38 -36.98 -0.95
CA PHE B 345 -6.44 -37.80 -1.68
C PHE B 345 -7.11 -38.46 -2.88
N GLU B 346 -8.34 -38.93 -2.70
CA GLU B 346 -9.03 -39.58 -3.80
C GLU B 346 -9.36 -38.57 -4.89
N GLU B 347 -9.68 -37.34 -4.48
CA GLU B 347 -9.91 -36.24 -5.41
C GLU B 347 -8.73 -36.02 -6.36
N ARG B 348 -7.52 -35.95 -5.80
CA ARG B 348 -6.31 -35.82 -6.62
C ARG B 348 -6.08 -36.99 -7.58
N VAL B 349 -6.40 -38.19 -7.15
CA VAL B 349 -6.28 -39.34 -8.05
C VAL B 349 -7.19 -39.15 -9.28
N MET B 350 -8.43 -38.72 -9.01
CA MET B 350 -9.40 -38.49 -10.10
C MET B 350 -9.01 -37.31 -11.00
N ARG B 351 -8.48 -36.24 -10.41
CA ARG B 351 -8.01 -35.11 -11.21
C ARG B 351 -6.86 -35.56 -12.11
N ALA B 352 -6.02 -36.45 -11.58
CA ALA B 352 -4.88 -36.96 -12.31
C ALA B 352 -5.36 -37.84 -13.47
N ALA B 353 -6.39 -38.64 -13.23
CA ALA B 353 -6.97 -39.47 -14.26
C ALA B 353 -7.52 -38.58 -15.38
N GLU B 354 -8.08 -37.44 -15.02
CA GLU B 354 -8.61 -36.49 -16.00
C GLU B 354 -7.51 -35.87 -16.85
N GLU B 355 -6.29 -35.84 -16.32
CA GLU B 355 -5.18 -35.23 -17.02
C GLU B 355 -4.33 -36.27 -17.77
N GLY B 356 -4.81 -37.50 -17.78
CA GLY B 356 -4.12 -38.54 -18.55
C GLY B 356 -3.73 -39.78 -17.76
N ALA B 357 -3.83 -39.72 -16.44
CA ALA B 357 -3.40 -40.86 -15.63
C ALA B 357 -4.31 -42.06 -15.84
N ASP B 358 -3.78 -43.24 -15.60
CA ASP B 358 -4.52 -44.47 -15.79
C ASP B 358 -4.73 -45.22 -14.47
N ILE B 359 -5.93 -45.12 -13.93
CA ILE B 359 -6.29 -45.83 -12.70
C ILE B 359 -6.46 -47.32 -12.97
N LEU B 360 -5.49 -48.11 -12.50
CA LEU B 360 -5.46 -49.55 -12.71
C LEU B 360 -6.13 -50.37 -11.61
N TYR B 361 -6.19 -49.81 -10.40
CA TYR B 361 -6.74 -50.55 -9.26
C TYR B 361 -7.28 -49.57 -8.25
N HIS B 362 -8.58 -49.69 -7.96
CA HIS B 362 -9.24 -48.79 -7.04
C HIS B 362 -10.57 -49.40 -6.59
N PRO B 363 -10.53 -50.23 -5.54
CA PRO B 363 -11.72 -50.90 -5.02
C PRO B 363 -12.73 -49.93 -4.39
N GLY B 364 -12.37 -48.67 -4.26
CA GLY B 364 -13.28 -47.68 -3.70
C GLY B 364 -13.02 -47.34 -2.24
N ARG B 365 -13.19 -46.06 -1.90
CA ARG B 365 -13.00 -45.55 -0.55
C ARG B 365 -14.28 -45.77 0.30
N SER B 366 -14.11 -46.12 1.57
CA SER B 366 -15.20 -46.09 2.55
C SER B 366 -14.79 -45.22 3.72
N GLY B 367 -15.36 -44.03 3.82
CA GLY B 367 -15.03 -43.12 4.90
C GLY B 367 -13.56 -42.75 4.87
N ALA B 368 -12.86 -43.00 5.97
CA ALA B 368 -11.44 -42.69 6.08
C ALA B 368 -10.61 -43.85 5.54
N LEU B 369 -11.26 -44.91 5.07
CA LEU B 369 -10.54 -46.07 4.60
C LEU B 369 -10.27 -45.94 3.10
N LEU B 370 -9.00 -45.78 2.76
CA LEU B 370 -8.54 -45.78 1.38
C LEU B 370 -7.90 -47.13 1.07
N PRO B 371 -8.24 -47.71 -0.08
CA PRO B 371 -7.50 -48.89 -0.53
C PRO B 371 -6.18 -48.47 -1.18
N PRO B 372 -5.30 -49.45 -1.43
CA PRO B 372 -4.02 -49.16 -2.05
C PRO B 372 -4.16 -48.89 -3.55
N ILE B 373 -4.53 -47.66 -3.89
CA ILE B 373 -4.88 -47.29 -5.26
C ILE B 373 -3.67 -47.29 -6.19
N VAL B 374 -3.73 -48.05 -7.28
CA VAL B 374 -2.66 -48.05 -8.27
C VAL B 374 -2.97 -47.12 -9.46
N VAL B 375 -2.10 -46.15 -9.70
CA VAL B 375 -2.29 -45.22 -10.82
C VAL B 375 -1.01 -45.09 -11.63
N ASP B 376 -1.14 -45.30 -12.95
CA ASP B 376 -0.02 -45.23 -13.90
C ASP B 376 -0.13 -43.94 -14.75
N ARG B 377 0.95 -43.63 -15.44
CA ARG B 377 1.04 -42.46 -16.30
C ARG B 377 0.62 -41.19 -15.57
N VAL B 378 1.01 -41.07 -14.30
CA VAL B 378 0.69 -39.88 -13.51
C VAL B 378 1.49 -38.67 -14.00
N PRO B 379 0.82 -37.57 -14.36
CA PRO B 379 1.63 -36.43 -14.79
C PRO B 379 2.46 -35.93 -13.61
N HIS B 380 3.72 -35.59 -13.82
CA HIS B 380 4.52 -35.15 -12.69
C HIS B 380 4.01 -33.82 -12.10
N GLN B 381 3.33 -33.01 -12.92
CA GLN B 381 2.78 -31.73 -12.46
C GLN B 381 1.45 -31.84 -11.73
N SER B 382 0.84 -33.03 -11.77
CA SER B 382 -0.44 -33.23 -11.11
C SER B 382 -0.33 -32.88 -9.63
N ASP B 383 -1.44 -32.45 -9.05
CA ASP B 383 -1.52 -32.19 -7.62
C ASP B 383 -1.18 -33.45 -6.83
N LEU B 384 -1.59 -34.60 -7.37
CA LEU B 384 -1.35 -35.88 -6.73
C LEU B 384 0.10 -36.07 -6.29
N VAL B 385 1.04 -35.70 -7.15
CA VAL B 385 2.46 -35.90 -6.87
C VAL B 385 3.17 -34.62 -6.46
N LEU B 386 2.50 -33.48 -6.58
CA LEU B 386 3.16 -32.21 -6.32
C LEU B 386 2.79 -31.67 -4.96
N GLU B 387 1.53 -31.82 -4.59
CA GLU B 387 1.16 -31.67 -3.20
C GLU B 387 1.73 -32.90 -2.50
N GLU B 388 1.79 -32.88 -1.18
CA GLU B 388 2.19 -34.06 -0.43
C GLU B 388 0.92 -34.86 -0.20
N THR B 389 0.81 -36.00 -0.87
CA THR B 389 -0.39 -36.82 -0.72
C THR B 389 -0.13 -37.92 0.30
N PHE B 390 -0.64 -37.69 1.51
CA PHE B 390 -0.24 -38.42 2.70
C PHE B 390 -1.16 -39.63 2.91
N GLY B 391 -1.30 -40.46 1.86
CA GLY B 391 -2.12 -41.66 1.91
C GLY B 391 -1.51 -42.80 1.09
N PRO B 392 -2.15 -43.98 1.10
CA PRO B 392 -1.57 -45.17 0.46
C PRO B 392 -1.81 -45.24 -1.06
N ILE B 393 -1.65 -44.11 -1.74
CA ILE B 393 -1.71 -44.09 -3.20
C ILE B 393 -0.39 -44.62 -3.77
N ILE B 394 -0.46 -45.39 -4.84
CA ILE B 394 0.72 -45.94 -5.50
C ILE B 394 0.78 -45.35 -6.91
N PRO B 395 1.47 -44.21 -7.07
CA PRO B 395 1.48 -43.42 -8.30
C PRO B 395 2.74 -43.62 -9.13
N ILE B 396 2.60 -44.20 -10.31
CA ILE B 396 3.76 -44.34 -11.21
C ILE B 396 3.81 -43.17 -12.18
N VAL B 397 4.92 -42.45 -12.10
CA VAL B 397 5.25 -41.39 -13.03
C VAL B 397 6.28 -41.93 -14.00
N ARG B 398 5.97 -41.90 -15.28
CA ARG B 398 6.88 -42.42 -16.30
C ARG B 398 7.89 -41.35 -16.66
N VAL B 399 9.17 -41.66 -16.49
CA VAL B 399 10.20 -40.66 -16.73
C VAL B 399 11.08 -41.04 -17.92
N PRO B 400 11.83 -40.07 -18.47
CA PRO B 400 12.68 -40.40 -19.62
C PRO B 400 13.78 -41.39 -19.27
N ASP B 401 14.20 -42.17 -20.27
CA ASP B 401 15.39 -43.00 -20.17
C ASP B 401 16.64 -42.12 -20.32
N ASP B 402 16.82 -41.23 -19.36
CA ASP B 402 17.95 -40.29 -19.29
C ASP B 402 18.12 -39.93 -17.81
N ASP B 403 19.28 -40.19 -17.24
CA ASP B 403 19.48 -39.96 -15.81
C ASP B 403 19.49 -38.49 -15.42
N ASP B 404 20.07 -37.65 -16.26
CA ASP B 404 20.06 -36.22 -15.97
C ASP B 404 18.62 -35.71 -15.89
N ALA B 405 17.79 -36.14 -16.83
CA ALA B 405 16.40 -35.72 -16.81
C ALA B 405 15.67 -36.26 -15.56
N THR B 406 15.96 -37.50 -15.19
CA THR B 406 15.27 -38.15 -14.07
C THR B 406 15.66 -37.44 -12.78
N ILE B 407 16.94 -37.13 -12.63
CA ILE B 407 17.43 -36.45 -11.43
C ILE B 407 16.84 -35.04 -11.30
N THR B 408 16.84 -34.30 -12.40
CA THR B 408 16.21 -32.98 -12.45
C THR B 408 14.76 -33.05 -12.00
N LEU B 409 14.03 -34.04 -12.50
CA LEU B 409 12.63 -34.19 -12.14
C LEU B 409 12.49 -34.57 -10.66
N SER B 410 13.32 -35.50 -10.22
CA SER B 410 13.32 -35.88 -8.81
C SER B 410 13.53 -34.67 -7.92
N ASN B 411 14.46 -33.80 -8.31
CA ASN B 411 14.85 -32.63 -7.52
C ASN B 411 13.90 -31.42 -7.67
N SER B 412 12.86 -31.57 -8.49
CA SER B 412 12.02 -30.44 -8.89
C SER B 412 10.98 -29.95 -7.86
N THR B 413 10.79 -30.67 -6.76
CA THR B 413 9.81 -30.23 -5.76
C THR B 413 10.45 -29.36 -4.69
N ALA B 414 9.65 -28.85 -3.75
CA ALA B 414 10.16 -28.00 -2.68
C ALA B 414 10.82 -28.82 -1.58
N PHE B 415 10.67 -30.14 -1.65
CA PHE B 415 11.15 -31.03 -0.58
C PHE B 415 12.49 -31.68 -0.91
N GLY B 416 13.10 -32.27 0.11
CA GLY B 416 14.39 -32.92 -0.02
C GLY B 416 14.67 -33.68 1.25
N LEU B 417 13.99 -34.81 1.42
CA LEU B 417 14.15 -35.59 2.64
C LEU B 417 14.88 -36.91 2.34
N SER B 418 14.16 -37.91 1.85
CA SER B 418 14.85 -39.14 1.48
C SER B 418 14.53 -39.58 0.04
N SER B 419 15.01 -40.76 -0.35
CA SER B 419 14.81 -41.26 -1.69
C SER B 419 15.22 -42.71 -1.69
N GLY B 420 14.73 -43.46 -2.68
CA GLY B 420 15.16 -44.82 -2.90
C GLY B 420 15.52 -44.99 -4.36
N VAL B 421 16.56 -45.75 -4.66
CA VAL B 421 16.96 -45.95 -6.04
C VAL B 421 17.21 -47.41 -6.31
N CYS B 422 16.51 -47.94 -7.32
CA CYS B 422 16.68 -49.34 -7.71
C CYS B 422 17.46 -49.47 -9.01
N THR B 423 18.66 -50.02 -8.91
CA THR B 423 19.55 -50.21 -10.04
C THR B 423 20.68 -51.14 -9.61
N ASN B 424 21.29 -51.82 -10.58
CA ASN B 424 22.47 -52.66 -10.31
C ASN B 424 23.74 -52.12 -10.97
N ASP B 425 23.64 -50.99 -11.65
CA ASP B 425 24.75 -50.32 -12.35
C ASP B 425 25.46 -49.38 -11.36
N TYR B 426 26.66 -49.73 -10.92
CA TYR B 426 27.36 -48.88 -9.94
C TYR B 426 27.52 -47.40 -10.36
N ARG B 427 28.00 -47.21 -11.59
CA ARG B 427 28.19 -45.87 -12.15
C ARG B 427 26.95 -45.01 -11.92
N ARG B 428 25.78 -45.56 -12.23
CA ARG B 428 24.54 -44.82 -12.16
C ARG B 428 24.12 -44.62 -10.72
N MET B 429 24.33 -45.66 -9.94
CA MET B 429 24.11 -45.64 -8.50
C MET B 429 24.81 -44.45 -7.85
N GLN B 430 26.12 -44.30 -8.09
CA GLN B 430 26.77 -43.21 -7.40
C GLN B 430 26.44 -41.83 -8.00
N LYS B 431 26.05 -41.82 -9.28
CA LYS B 431 25.55 -40.58 -9.89
C LYS B 431 24.27 -40.08 -9.20
N TYR B 432 23.33 -40.98 -8.92
CA TYR B 432 22.13 -40.58 -8.17
C TYR B 432 22.48 -40.19 -6.72
N ILE B 433 23.35 -40.97 -6.08
CA ILE B 433 23.74 -40.67 -4.72
C ILE B 433 24.27 -39.24 -4.63
N ALA B 434 25.15 -38.89 -5.57
CA ALA B 434 25.75 -37.57 -5.58
C ALA B 434 24.77 -36.50 -6.05
N GLY B 435 23.85 -36.88 -6.95
CA GLY B 435 23.01 -35.89 -7.63
C GLY B 435 21.66 -35.57 -7.01
N LEU B 436 21.12 -36.47 -6.20
CA LEU B 436 19.80 -36.21 -5.59
C LEU B 436 19.95 -35.20 -4.46
N LYS B 437 19.11 -34.17 -4.49
CA LYS B 437 19.14 -33.12 -3.47
C LYS B 437 18.26 -33.52 -2.30
N VAL B 438 18.81 -34.37 -1.44
CA VAL B 438 18.05 -34.97 -0.36
C VAL B 438 19.00 -35.23 0.79
N GLY B 439 18.44 -35.57 1.96
CA GLY B 439 19.24 -35.93 3.12
C GLY B 439 19.72 -37.37 3.13
N THR B 440 19.00 -38.25 2.43
CA THR B 440 19.30 -39.67 2.41
C THR B 440 18.97 -40.29 1.05
N VAL B 441 19.88 -41.12 0.54
CA VAL B 441 19.63 -41.91 -0.67
C VAL B 441 19.80 -43.38 -0.36
N ASN B 442 18.70 -44.14 -0.35
CA ASN B 442 18.79 -45.59 -0.12
C ASN B 442 18.80 -46.42 -1.40
N ILE B 443 19.87 -47.16 -1.62
CA ILE B 443 19.94 -48.07 -2.78
C ILE B 443 19.22 -49.38 -2.45
N TRP B 444 18.22 -49.72 -3.26
CA TRP B 444 17.46 -50.95 -3.06
C TRP B 444 16.71 -50.99 -1.71
N GLU B 445 16.25 -49.83 -1.27
CA GLU B 445 15.32 -49.75 -0.14
C GLU B 445 14.36 -48.60 -0.33
N VAL B 446 13.30 -48.60 0.45
CA VAL B 446 12.37 -47.47 0.42
C VAL B 446 13.06 -46.26 1.04
N PRO B 447 12.55 -45.05 0.73
CA PRO B 447 13.13 -43.84 1.31
C PRO B 447 13.07 -43.85 2.82
N GLY B 448 12.08 -44.56 3.39
CA GLY B 448 11.86 -44.55 4.83
C GLY B 448 12.86 -45.36 5.62
N TYR B 449 13.70 -46.12 4.94
CA TYR B 449 14.61 -47.00 5.67
C TYR B 449 15.76 -46.27 6.36
N ARG B 450 15.98 -46.63 7.62
CA ARG B 450 17.12 -46.18 8.41
C ARG B 450 17.13 -46.95 9.72
N ILE B 451 18.21 -46.84 10.48
CA ILE B 451 18.18 -47.31 11.85
C ILE B 451 17.79 -46.11 12.73
N GLU B 452 17.28 -46.36 13.94
CA GLU B 452 16.74 -45.27 14.74
C GLU B 452 17.86 -44.35 15.26
N MET B 453 19.11 -44.78 15.08
CA MET B 453 20.23 -43.99 15.56
C MET B 453 21.11 -43.32 14.48
N SER B 454 20.80 -43.53 13.20
CA SER B 454 21.59 -42.93 12.13
C SER B 454 21.13 -41.49 11.85
N PRO B 455 21.98 -40.66 11.20
CA PRO B 455 21.57 -39.26 11.01
C PRO B 455 20.36 -39.15 10.09
N PHE B 456 19.32 -38.46 10.57
CA PHE B 456 18.08 -38.33 9.81
C PHE B 456 17.69 -36.87 9.70
N GLY B 457 17.35 -36.43 8.50
CA GLY B 457 16.89 -35.07 8.28
C GLY B 457 17.08 -34.65 6.83
N GLY B 458 16.29 -33.69 6.40
CA GLY B 458 16.29 -33.26 5.01
C GLY B 458 16.77 -31.83 4.84
N ILE B 459 16.69 -31.34 3.60
CA ILE B 459 17.08 -29.98 3.28
C ILE B 459 15.91 -29.34 2.56
N LYS B 460 16.11 -28.15 1.99
CA LYS B 460 15.02 -27.42 1.37
C LYS B 460 13.85 -27.27 2.35
N ASP B 461 12.63 -27.57 1.92
CA ASP B 461 11.47 -27.44 2.81
C ASP B 461 11.21 -28.64 3.71
N SER B 462 12.09 -29.64 3.67
CA SER B 462 11.92 -30.83 4.50
C SER B 462 12.49 -30.64 5.90
N GLY B 463 13.29 -29.61 6.09
CA GLY B 463 13.83 -29.37 7.42
C GLY B 463 14.76 -28.18 7.45
N ASN B 464 15.00 -27.67 8.67
CA ASN B 464 15.83 -26.49 8.82
C ASN B 464 17.35 -26.74 8.82
N GLY B 465 17.75 -27.95 8.44
CA GLY B 465 19.17 -28.26 8.26
C GLY B 465 19.89 -29.03 9.36
N TYR B 466 19.18 -29.43 10.41
CA TYR B 466 19.81 -30.18 11.49
C TYR B 466 19.37 -31.64 11.46
N LYS B 467 20.31 -32.53 11.79
CA LYS B 467 20.03 -33.96 11.80
C LYS B 467 19.43 -34.43 13.12
N GLU B 468 18.58 -35.45 13.01
CA GLU B 468 17.89 -36.08 14.13
C GLU B 468 18.33 -37.55 14.18
N GLY B 469 17.56 -38.36 14.89
CA GLY B 469 17.96 -39.72 15.17
C GLY B 469 18.59 -39.68 16.55
N VAL B 470 18.69 -40.84 17.18
CA VAL B 470 19.07 -40.90 18.59
C VAL B 470 20.43 -40.22 18.85
N ILE B 471 21.44 -40.58 18.07
CA ILE B 471 22.78 -40.04 18.28
C ILE B 471 22.82 -38.53 18.04
N GLU B 472 22.31 -38.07 16.90
CA GLU B 472 22.36 -36.64 16.62
C GLU B 472 21.45 -35.85 17.57
N ALA B 473 20.36 -36.46 18.01
CA ALA B 473 19.48 -35.78 18.95
C ALA B 473 20.22 -35.56 20.26
N MET B 474 20.92 -36.58 20.75
CA MET B 474 21.68 -36.43 21.99
C MET B 474 22.72 -35.31 21.91
N LYS B 475 23.37 -35.17 20.76
CA LYS B 475 24.30 -34.06 20.58
C LYS B 475 23.60 -32.71 20.58
N SER B 476 22.46 -32.63 19.89
CA SER B 476 21.76 -31.35 19.76
C SER B 476 21.17 -30.90 21.08
N PHE B 477 20.93 -31.85 21.98
CA PHE B 477 20.27 -31.55 23.25
C PHE B 477 21.28 -31.16 24.33
N THR B 478 22.50 -30.83 23.92
CA THR B 478 23.54 -30.45 24.88
C THR B 478 24.28 -29.20 24.39
N ASN B 479 25.03 -28.58 25.30
CA ASN B 479 26.03 -27.56 24.99
C ASN B 479 27.39 -28.19 25.19
N VAL B 480 28.31 -27.97 24.26
CA VAL B 480 29.68 -28.45 24.42
C VAL B 480 30.46 -27.40 25.22
N LYS B 481 31.06 -27.81 26.34
CA LYS B 481 31.95 -26.91 27.07
C LYS B 481 33.38 -27.38 26.88
N THR B 482 34.30 -26.46 26.65
CA THR B 482 35.71 -26.82 26.62
C THR B 482 36.44 -26.30 27.85
N PHE B 483 37.50 -26.98 28.22
CA PHE B 483 38.40 -26.48 29.25
C PHE B 483 39.81 -26.79 28.82
N SER B 484 40.75 -25.96 29.25
CA SER B 484 42.15 -26.16 28.90
C SER B 484 43.03 -26.17 30.14
N LEU B 485 44.05 -27.02 30.11
CA LEU B 485 44.93 -27.21 31.24
C LEU B 485 46.36 -27.03 30.78
N PRO B 486 47.20 -26.42 31.65
CA PRO B 486 48.64 -26.37 31.36
C PRO B 486 49.16 -27.78 31.18
N TRP B 487 50.02 -27.99 30.18
CA TRP B 487 50.58 -29.31 29.91
C TRP B 487 52.04 -29.23 29.48
N HIS C 15 -5.96 36.57 -39.02
CA HIS C 15 -5.97 36.88 -37.59
C HIS C 15 -7.21 36.33 -36.88
N GLU C 16 -7.01 35.40 -35.94
CA GLU C 16 -8.15 34.79 -35.24
C GLU C 16 -8.18 35.15 -33.76
N PRO C 17 -9.30 35.71 -33.30
CA PRO C 17 -9.45 35.96 -31.86
C PRO C 17 -9.69 34.65 -31.10
N MET C 18 -9.59 34.68 -29.78
CA MET C 18 -10.00 33.54 -28.98
C MET C 18 -11.52 33.46 -29.04
N ARG C 19 -12.07 32.30 -28.71
CA ARG C 19 -13.50 32.16 -28.56
C ARG C 19 -13.81 31.86 -27.10
N ILE C 20 -14.28 32.87 -26.38
CA ILE C 20 -14.68 32.69 -24.99
C ILE C 20 -16.22 32.65 -24.92
N ALA C 21 -16.76 31.44 -24.73
CA ALA C 21 -18.19 31.26 -24.68
C ALA C 21 -18.90 32.05 -25.79
N GLY C 22 -18.41 31.89 -27.03
CA GLY C 22 -19.06 32.49 -28.17
C GLY C 22 -18.56 33.89 -28.49
N ARG C 23 -17.93 34.54 -27.52
CA ARG C 23 -17.44 35.89 -27.75
C ARG C 23 -16.06 35.91 -28.38
N LEU C 24 -15.88 36.75 -29.39
CA LEU C 24 -14.57 36.91 -29.99
C LEU C 24 -13.74 37.80 -29.08
N VAL C 25 -12.61 37.30 -28.62
CA VAL C 25 -11.84 38.04 -27.63
C VAL C 25 -10.41 38.20 -28.09
N ASP C 26 -9.97 39.45 -28.17
CA ASP C 26 -8.67 39.82 -28.71
C ASP C 26 -7.71 40.35 -27.65
N THR C 27 -6.41 40.31 -27.96
CA THR C 27 -5.39 40.99 -27.17
C THR C 27 -4.50 41.78 -28.13
N ASP C 28 -3.74 42.74 -27.61
CA ASP C 28 -2.81 43.50 -28.44
C ASP C 28 -1.63 42.64 -28.90
N ASP C 29 -1.01 41.93 -27.97
CA ASP C 29 0.06 41.01 -28.34
C ASP C 29 -0.54 39.81 -29.12
N ARG C 30 0.26 39.24 -30.02
CA ARG C 30 -0.21 38.12 -30.83
C ARG C 30 0.79 36.98 -30.88
N VAL C 31 0.30 35.77 -31.13
CA VAL C 31 1.17 34.64 -31.43
C VAL C 31 1.14 34.35 -32.92
N GLU C 32 2.29 34.32 -33.57
CA GLU C 32 2.37 34.00 -35.00
C GLU C 32 2.36 32.50 -35.26
N VAL C 33 1.49 32.08 -36.19
CA VAL C 33 1.43 30.69 -36.61
C VAL C 33 2.04 30.54 -38.01
N ARG C 34 3.06 29.70 -38.12
CA ARG C 34 3.82 29.54 -39.36
C ARG C 34 3.67 28.18 -40.05
N TYR C 35 3.60 28.24 -41.38
CA TYR C 35 3.54 27.06 -42.25
C TYR C 35 4.91 26.41 -42.28
N PRO C 36 5.02 25.17 -41.79
CA PRO C 36 6.36 24.57 -41.73
C PRO C 36 6.99 24.30 -43.11
N TRP C 37 6.19 24.22 -44.16
CA TRP C 37 6.74 24.03 -45.49
C TRP C 37 7.71 25.14 -45.88
N ASN C 38 7.35 26.39 -45.60
CA ASN C 38 8.18 27.54 -45.99
C ASN C 38 8.37 28.61 -44.90
N ASP C 39 8.04 28.25 -43.66
CA ASP C 39 8.18 29.12 -42.50
C ASP C 39 7.47 30.46 -42.63
N THR C 40 6.52 30.58 -43.55
CA THR C 40 5.79 31.84 -43.66
C THR C 40 4.59 31.91 -42.68
N VAL C 41 4.22 33.12 -42.30
CA VAL C 41 3.12 33.31 -41.35
C VAL C 41 1.77 33.12 -42.03
N VAL C 42 0.99 32.16 -41.57
CA VAL C 42 -0.31 31.91 -42.19
C VAL C 42 -1.43 32.43 -41.31
N GLY C 43 -1.08 32.79 -40.08
CA GLY C 43 -2.07 33.32 -39.18
C GLY C 43 -1.52 33.83 -37.86
N THR C 44 -2.42 34.42 -37.10
CA THR C 44 -2.07 35.02 -35.83
C THR C 44 -3.23 34.81 -34.84
N VAL C 45 -2.92 34.46 -33.59
CA VAL C 45 -3.94 34.36 -32.54
C VAL C 45 -3.51 35.17 -31.32
N PRO C 46 -4.46 35.44 -30.40
CA PRO C 46 -4.04 36.25 -29.25
C PRO C 46 -3.01 35.57 -28.35
N ALA C 47 -2.15 36.40 -27.78
CA ALA C 47 -1.31 35.97 -26.67
C ALA C 47 -2.14 36.11 -25.40
N GLY C 48 -3.03 35.14 -25.18
CA GLY C 48 -3.93 35.18 -24.03
C GLY C 48 -3.22 34.99 -22.70
N ARG C 49 -3.85 35.46 -21.63
CA ARG C 49 -3.26 35.47 -20.31
C ARG C 49 -4.15 34.72 -19.32
N ALA C 50 -3.67 34.58 -18.09
CA ALA C 50 -4.41 33.88 -17.05
C ALA C 50 -5.86 34.36 -16.94
N GLU C 51 -6.05 35.68 -16.99
CA GLU C 51 -7.38 36.26 -16.84
C GLU C 51 -8.39 35.73 -17.87
N HIS C 52 -7.95 35.46 -19.09
CA HIS C 52 -8.85 34.94 -20.12
C HIS C 52 -9.31 33.52 -19.81
N ALA C 53 -8.38 32.67 -19.41
CA ALA C 53 -8.73 31.31 -19.01
C ALA C 53 -9.61 31.36 -17.78
N ARG C 54 -9.31 32.31 -16.89
CA ARG C 54 -10.06 32.43 -15.65
C ARG C 54 -11.51 32.82 -15.91
N GLU C 55 -11.72 33.78 -16.80
CA GLU C 55 -13.05 34.13 -17.24
C GLU C 55 -13.77 32.92 -17.88
N ALA C 56 -13.04 32.18 -18.72
CA ALA C 56 -13.64 31.06 -19.44
C ALA C 56 -14.15 30.01 -18.45
N PHE C 57 -13.32 29.70 -17.47
CA PHE C 57 -13.71 28.74 -16.45
C PHE C 57 -14.88 29.21 -15.59
N ALA C 58 -14.93 30.52 -15.29
CA ALA C 58 -16.02 31.04 -14.46
C ALA C 58 -17.34 30.88 -15.20
N ILE C 59 -17.29 31.14 -16.51
CA ILE C 59 -18.48 30.99 -17.33
C ILE C 59 -18.87 29.51 -17.38
N ALA C 60 -17.90 28.64 -17.56
CA ALA C 60 -18.15 27.19 -17.58
C ALA C 60 -18.83 26.69 -16.31
N ALA C 61 -18.28 27.09 -15.17
CA ALA C 61 -18.76 26.62 -13.87
C ALA C 61 -20.17 27.12 -13.55
N ALA C 62 -20.46 28.37 -13.94
CA ALA C 62 -21.76 28.98 -13.64
C ALA C 62 -22.89 28.42 -14.51
N TYR C 63 -22.52 27.86 -15.65
CA TYR C 63 -23.53 27.39 -16.59
C TYR C 63 -23.86 25.92 -16.37
N GLN C 64 -25.13 25.64 -16.09
CA GLN C 64 -25.60 24.28 -15.87
C GLN C 64 -26.37 23.83 -17.10
N PRO C 65 -25.72 23.03 -17.96
CA PRO C 65 -26.39 22.58 -19.19
C PRO C 65 -27.70 21.83 -18.86
N LYS C 66 -28.76 22.12 -19.61
CA LYS C 66 -30.03 21.45 -19.41
C LYS C 66 -30.42 20.65 -20.66
N LEU C 67 -29.47 20.48 -21.57
CA LEU C 67 -29.71 19.82 -22.85
C LEU C 67 -30.16 18.38 -22.66
N THR C 68 -31.27 18.01 -23.30
CA THR C 68 -31.70 16.63 -23.31
C THR C 68 -30.69 15.80 -24.11
N ARG C 69 -30.73 14.49 -23.96
CA ARG C 69 -29.88 13.62 -24.77
C ARG C 69 -30.14 13.83 -26.26
N TYR C 70 -31.40 14.04 -26.61
CA TYR C 70 -31.77 14.33 -28.00
C TYR C 70 -31.04 15.54 -28.54
N GLU C 71 -31.11 16.64 -27.78
CA GLU C 71 -30.49 17.91 -28.16
C GLU C 71 -28.97 17.78 -28.31
N ARG C 72 -28.34 17.07 -27.38
CA ARG C 72 -26.90 16.86 -27.51
C ARG C 72 -26.60 16.10 -28.80
N GLN C 73 -27.37 15.05 -29.05
CA GLN C 73 -27.16 14.24 -30.24
C GLN C 73 -27.27 15.09 -31.49
N LYS C 74 -28.30 15.93 -31.54
CA LYS C 74 -28.53 16.89 -32.62
C LYS C 74 -27.32 17.78 -32.88
N ILE C 75 -26.78 18.35 -31.81
CA ILE C 75 -25.60 19.21 -31.93
C ILE C 75 -24.40 18.42 -32.48
N LEU C 76 -24.15 17.25 -31.89
CA LEU C 76 -23.00 16.42 -32.24
C LEU C 76 -23.08 15.92 -33.68
N LEU C 77 -24.28 15.52 -34.10
CA LEU C 77 -24.49 15.01 -35.45
C LEU C 77 -24.43 16.16 -36.48
N ALA C 78 -25.01 17.30 -36.14
CA ALA C 78 -24.87 18.48 -36.99
C ALA C 78 -23.40 18.88 -37.15
N THR C 79 -22.61 18.71 -36.09
CA THR C 79 -21.18 19.03 -36.18
C THR C 79 -20.48 18.06 -37.13
N ALA C 80 -20.80 16.77 -37.00
CA ALA C 80 -20.27 15.78 -37.93
C ALA C 80 -20.62 16.14 -39.39
N GLU C 81 -21.89 16.48 -39.64
CA GLU C 81 -22.31 16.82 -41.00
C GLU C 81 -21.53 18.02 -41.51
N ALA C 82 -21.30 18.99 -40.63
CA ALA C 82 -20.56 20.19 -40.99
C ALA C 82 -19.08 19.88 -41.29
N LEU C 83 -18.47 19.00 -40.49
CA LEU C 83 -17.10 18.57 -40.75
C LEU C 83 -16.97 17.91 -42.14
N ALA C 84 -17.94 17.07 -42.48
CA ALA C 84 -17.92 16.41 -43.79
C ALA C 84 -18.14 17.41 -44.90
N ALA C 85 -19.09 18.31 -44.70
CA ALA C 85 -19.38 19.33 -45.70
C ALA C 85 -18.19 20.27 -45.90
N ARG C 86 -17.39 20.45 -44.87
CA ARG C 86 -16.29 21.42 -44.92
C ARG C 86 -14.91 20.78 -44.86
N LYS C 87 -14.83 19.51 -45.20
CA LYS C 87 -13.61 18.76 -44.93
C LYS C 87 -12.38 19.35 -45.63
N GLU C 88 -12.60 19.85 -46.83
CA GLU C 88 -11.52 20.37 -47.65
C GLU C 88 -11.03 21.69 -47.04
N GLU C 89 -11.97 22.56 -46.72
CA GLU C 89 -11.68 23.81 -46.03
C GLU C 89 -10.92 23.56 -44.72
N ILE C 90 -11.41 22.61 -43.92
CA ILE C 90 -10.78 22.34 -42.63
C ILE C 90 -9.39 21.74 -42.82
N SER C 91 -9.29 20.78 -43.73
CA SER C 91 -8.01 20.14 -44.07
C SER C 91 -6.95 21.16 -44.52
N ASP C 92 -7.37 22.19 -45.25
CA ASP C 92 -6.48 23.29 -45.66
C ASP C 92 -5.85 23.96 -44.42
N VAL C 93 -6.70 24.30 -43.45
CA VAL C 93 -6.23 24.94 -42.22
C VAL C 93 -5.25 24.03 -41.50
N ILE C 94 -5.59 22.75 -41.35
CA ILE C 94 -4.66 21.78 -40.73
C ILE C 94 -3.29 21.72 -41.45
N THR C 95 -3.30 21.52 -42.76
CA THR C 95 -2.04 21.43 -43.50
C THR C 95 -1.24 22.73 -43.42
N LEU C 96 -1.92 23.88 -43.46
CA LEU C 96 -1.19 25.14 -43.37
C LEU C 96 -0.49 25.40 -42.04
N GLU C 97 -0.97 24.82 -40.94
CA GLU C 97 -0.28 25.03 -39.65
C GLU C 97 0.62 23.89 -39.18
N LEU C 98 0.32 22.67 -39.61
CA LEU C 98 1.09 21.51 -39.22
C LEU C 98 2.10 21.06 -40.29
N GLY C 99 1.73 21.19 -41.57
CA GLY C 99 2.62 20.79 -42.65
C GLY C 99 2.46 19.37 -43.15
N ILE C 100 1.59 18.59 -42.51
CA ILE C 100 1.30 17.24 -43.00
C ILE C 100 0.61 17.37 -44.36
N SER C 101 0.74 16.34 -45.20
CA SER C 101 0.12 16.36 -46.52
C SER C 101 -1.40 16.46 -46.45
N LYS C 102 -2.01 16.95 -47.53
CA LYS C 102 -3.46 17.01 -47.66
C LYS C 102 -4.07 15.63 -47.52
N ALA C 103 -3.40 14.63 -48.07
CA ALA C 103 -3.85 13.26 -47.88
C ALA C 103 -3.99 12.96 -46.37
N ASP C 104 -2.99 13.32 -45.60
CA ASP C 104 -3.04 13.05 -44.17
C ASP C 104 -4.08 13.92 -43.46
N SER C 105 -4.16 15.21 -43.82
CA SER C 105 -5.10 16.08 -43.12
C SER C 105 -6.56 15.79 -43.47
N LEU C 106 -6.80 15.37 -44.71
CA LEU C 106 -8.16 14.96 -45.07
C LEU C 106 -8.57 13.72 -44.26
N TYR C 107 -7.63 12.79 -44.10
CA TYR C 107 -7.91 11.60 -43.30
C TYR C 107 -8.21 12.01 -41.84
N GLU C 108 -7.48 12.99 -41.33
CA GLU C 108 -7.73 13.45 -39.96
C GLU C 108 -9.15 14.00 -39.82
N VAL C 109 -9.60 14.78 -40.80
CA VAL C 109 -10.97 15.27 -40.76
C VAL C 109 -11.97 14.12 -40.71
N GLY C 110 -11.67 13.06 -41.45
CA GLY C 110 -12.48 11.85 -41.41
C GLY C 110 -12.53 11.22 -40.04
N ARG C 111 -11.39 11.21 -39.34
CA ARG C 111 -11.36 10.70 -37.96
C ARG C 111 -12.25 11.57 -37.04
N ALA C 112 -12.13 12.89 -37.15
CA ALA C 112 -12.95 13.79 -36.32
C ALA C 112 -14.43 13.59 -36.64
N PHE C 113 -14.71 13.26 -37.90
CA PHE C 113 -16.06 12.97 -38.34
C PHE C 113 -16.61 11.77 -37.57
N ASP C 114 -15.79 10.73 -37.43
CA ASP C 114 -16.17 9.55 -36.66
C ASP C 114 -16.34 9.89 -35.17
N VAL C 115 -15.42 10.69 -34.64
CA VAL C 115 -15.51 11.07 -33.23
C VAL C 115 -16.87 11.71 -32.95
N PHE C 116 -17.26 12.68 -33.76
CA PHE C 116 -18.52 13.37 -33.51
C PHE C 116 -19.74 12.48 -33.77
N THR C 117 -19.68 11.68 -34.82
CA THR C 117 -20.75 10.75 -35.14
C THR C 117 -20.98 9.76 -34.01
N LEU C 118 -19.91 9.09 -33.59
CA LEU C 118 -20.06 8.08 -32.56
C LEU C 118 -20.47 8.68 -31.21
N ALA C 119 -19.91 9.83 -30.83
CA ALA C 119 -20.34 10.54 -29.62
C ALA C 119 -21.83 10.88 -29.68
N GLY C 120 -22.30 11.40 -30.80
CA GLY C 120 -23.73 11.70 -30.92
C GLY C 120 -24.61 10.46 -30.75
N GLN C 121 -24.16 9.37 -31.34
CA GLN C 121 -24.91 8.13 -31.30
C GLN C 121 -24.85 7.45 -29.93
N MET C 122 -23.77 7.69 -29.18
CA MET C 122 -23.68 7.15 -27.82
C MET C 122 -24.55 7.91 -26.82
N CYS C 123 -25.11 9.03 -27.24
CA CYS C 123 -26.02 9.81 -26.41
C CYS C 123 -27.25 9.08 -25.97
N ILE C 124 -27.70 8.10 -26.75
CA ILE C 124 -28.89 7.35 -26.37
C ILE C 124 -28.62 6.36 -25.23
N ARG C 125 -27.36 6.04 -25.00
CA ARG C 125 -26.98 4.98 -24.05
C ARG C 125 -26.99 5.42 -22.60
N ASP C 126 -27.74 4.70 -21.77
CA ASP C 126 -27.72 4.93 -20.33
C ASP C 126 -27.11 3.66 -19.73
N ASP C 127 -25.91 3.78 -19.18
CA ASP C 127 -25.24 2.61 -18.64
C ASP C 127 -25.50 2.43 -17.14
N GLY C 128 -26.58 3.02 -16.66
CA GLY C 128 -26.98 2.84 -15.27
C GLY C 128 -27.14 1.38 -14.88
N GLU C 129 -26.81 1.06 -13.62
CA GLU C 129 -26.91 -0.30 -13.08
C GLU C 129 -27.91 -0.38 -11.95
N ILE C 130 -28.34 -1.60 -11.64
CA ILE C 130 -29.25 -1.84 -10.52
C ILE C 130 -28.70 -2.99 -9.68
N PHE C 131 -28.65 -2.81 -8.36
CA PHE C 131 -28.23 -3.87 -7.44
C PHE C 131 -29.38 -4.26 -6.50
N SER C 132 -29.58 -5.56 -6.32
CA SER C 132 -30.47 -6.06 -5.30
C SER C 132 -29.68 -6.16 -4.00
N CYS C 133 -30.29 -5.81 -2.88
CA CYS C 133 -29.55 -5.69 -1.63
C CYS C 133 -29.70 -6.88 -0.69
N ASP C 134 -30.50 -7.87 -1.05
CA ASP C 134 -30.80 -8.98 -0.13
C ASP C 134 -29.87 -10.19 -0.35
N LEU C 135 -28.57 -9.97 -0.19
CA LEU C 135 -27.55 -10.89 -0.73
C LEU C 135 -26.72 -11.64 0.32
N THR C 136 -26.74 -11.13 1.55
CA THR C 136 -25.87 -11.63 2.60
C THR C 136 -26.67 -11.54 3.90
N PRO C 137 -26.08 -11.99 5.03
CA PRO C 137 -26.79 -11.85 6.30
C PRO C 137 -27.06 -10.39 6.64
N HIS C 138 -26.33 -9.46 6.04
CA HIS C 138 -26.54 -8.03 6.29
C HIS C 138 -27.54 -7.44 5.29
N GLY C 139 -28.13 -8.30 4.46
CA GLY C 139 -29.02 -7.84 3.39
C GLY C 139 -30.29 -7.10 3.80
N LYS C 140 -30.83 -6.30 2.91
CA LYS C 140 -32.09 -5.57 3.13
C LYS C 140 -33.00 -5.73 1.91
N ALA C 141 -34.31 -5.50 2.09
CA ALA C 141 -35.25 -5.54 0.99
C ALA C 141 -35.22 -4.16 0.32
N ARG C 142 -34.33 -4.03 -0.66
CA ARG C 142 -33.93 -2.71 -1.14
C ARG C 142 -33.22 -2.85 -2.47
N LYS C 143 -33.26 -1.81 -3.29
CA LYS C 143 -32.53 -1.81 -4.55
C LYS C 143 -31.65 -0.57 -4.58
N ILE C 144 -30.46 -0.72 -5.15
CA ILE C 144 -29.57 0.40 -5.42
C ILE C 144 -29.55 0.68 -6.92
N PHE C 145 -29.61 1.96 -7.27
CA PHE C 145 -29.66 2.38 -8.66
C PHE C 145 -28.51 3.32 -8.90
N THR C 146 -28.06 3.35 -10.15
CA THR C 146 -26.85 4.08 -10.48
C THR C 146 -27.11 5.12 -11.60
N MET C 147 -26.50 6.29 -11.48
CA MET C 147 -26.83 7.46 -12.29
C MET C 147 -25.51 8.20 -12.57
N ARG C 148 -25.40 8.88 -13.72
CA ARG C 148 -24.22 9.72 -13.98
C ARG C 148 -24.56 11.21 -14.04
N GLU C 149 -23.66 12.04 -13.54
CA GLU C 149 -23.84 13.49 -13.54
C GLU C 149 -22.55 14.17 -14.01
N PRO C 150 -22.68 15.34 -14.64
CA PRO C 150 -21.47 16.00 -15.15
C PRO C 150 -20.66 16.71 -14.07
N LEU C 151 -19.47 17.14 -14.45
CA LEU C 151 -18.59 17.88 -13.56
C LEU C 151 -18.84 19.38 -13.71
N THR C 152 -18.13 20.19 -12.93
CA THR C 152 -18.29 21.62 -12.95
C THR C 152 -17.66 22.22 -14.22
N ALA C 153 -16.43 21.84 -14.50
CA ALA C 153 -15.72 22.33 -15.66
C ALA C 153 -14.60 21.38 -16.01
N ILE C 154 -14.30 21.30 -17.30
CA ILE C 154 -13.26 20.43 -17.76
C ILE C 154 -12.18 21.24 -18.49
N SER C 155 -10.93 20.95 -18.18
CA SER C 155 -9.81 21.62 -18.81
C SER C 155 -9.13 20.67 -19.80
N ALA C 156 -8.99 21.12 -21.06
CA ALA C 156 -8.40 20.27 -22.10
C ALA C 156 -7.21 20.93 -22.76
N ILE C 157 -6.10 20.21 -22.79
CA ILE C 157 -4.86 20.72 -23.35
C ILE C 157 -4.41 19.77 -24.46
N THR C 158 -4.21 20.31 -25.66
CA THR C 158 -3.95 19.46 -26.84
C THR C 158 -2.65 19.75 -27.55
N PRO C 159 -2.06 18.73 -28.20
CA PRO C 159 -0.77 18.84 -28.87
C PRO C 159 -0.87 19.19 -30.36
N PHE C 160 0.27 19.26 -31.05
CA PHE C 160 0.26 19.73 -32.43
C PHE C 160 -0.10 18.68 -33.48
N ASN C 161 0.02 17.41 -33.12
CA ASN C 161 0.03 16.35 -34.13
C ASN C 161 -1.34 15.96 -34.74
N HIS C 162 -2.43 16.19 -34.02
CA HIS C 162 -3.78 16.16 -34.63
C HIS C 162 -4.57 17.39 -34.20
N PRO C 163 -4.34 18.56 -34.85
CA PRO C 163 -4.93 19.84 -34.46
C PRO C 163 -6.47 19.81 -34.40
N LEU C 164 -7.07 18.91 -35.16
CA LEU C 164 -8.52 18.76 -35.14
C LEU C 164 -8.94 17.59 -34.26
N ASN C 165 -8.39 16.41 -34.53
CA ASN C 165 -8.88 15.20 -33.87
C ASN C 165 -8.62 15.11 -32.37
N MET C 166 -7.51 15.70 -31.93
CA MET C 166 -7.21 15.70 -30.50
C MET C 166 -8.26 16.54 -29.78
N VAL C 167 -8.65 17.65 -30.40
CA VAL C 167 -9.63 18.55 -29.81
C VAL C 167 -11.01 17.90 -29.83
N ALA C 168 -11.32 17.21 -30.94
CA ALA C 168 -12.59 16.52 -31.08
C ALA C 168 -12.75 15.46 -30.00
N HIS C 169 -11.68 14.71 -29.77
CA HIS C 169 -11.73 13.65 -28.75
C HIS C 169 -11.95 14.19 -27.33
N LYS C 170 -11.55 15.43 -27.07
CA LYS C 170 -11.77 16.00 -25.74
C LYS C 170 -13.12 16.68 -25.65
N VAL C 171 -13.58 17.24 -26.76
CA VAL C 171 -14.79 18.08 -26.74
C VAL C 171 -16.11 17.33 -27.02
N ALA C 172 -16.12 16.41 -27.98
CA ALA C 172 -17.33 15.64 -28.25
C ALA C 172 -17.89 14.91 -27.01
N PRO C 173 -17.03 14.23 -26.24
CA PRO C 173 -17.56 13.52 -25.07
C PRO C 173 -18.02 14.47 -23.97
N ALA C 174 -17.45 15.68 -23.90
CA ALA C 174 -17.87 16.67 -22.90
C ALA C 174 -19.27 17.17 -23.19
N ILE C 175 -19.50 17.51 -24.46
CA ILE C 175 -20.81 17.91 -24.92
C ILE C 175 -21.81 16.76 -24.73
N ALA C 176 -21.38 15.57 -25.07
CA ALA C 176 -22.24 14.40 -24.94
C ALA C 176 -22.73 14.20 -23.49
N THR C 177 -21.95 14.72 -22.54
CA THR C 177 -22.23 14.50 -21.11
C THR C 177 -22.72 15.73 -20.38
N ASN C 178 -23.04 16.80 -21.10
CA ASN C 178 -23.48 18.05 -20.47
C ASN C 178 -22.42 18.69 -19.58
N ASN C 179 -21.16 18.55 -19.97
CA ASN C 179 -20.07 19.26 -19.33
C ASN C 179 -19.78 20.58 -20.04
N CYS C 180 -18.96 21.41 -19.41
CA CYS C 180 -18.51 22.66 -20.04
C CYS C 180 -16.99 22.59 -20.09
N VAL C 181 -16.42 22.70 -21.28
CA VAL C 181 -14.99 22.49 -21.46
C VAL C 181 -14.26 23.75 -21.95
N VAL C 182 -13.04 23.94 -21.49
CA VAL C 182 -12.18 25.03 -21.96
C VAL C 182 -10.94 24.38 -22.57
N VAL C 183 -10.68 24.68 -23.84
CA VAL C 183 -9.58 24.05 -24.55
C VAL C 183 -8.48 25.07 -24.76
N LYS C 184 -7.25 24.69 -24.43
CA LYS C 184 -6.09 25.48 -24.81
C LYS C 184 -5.28 24.65 -25.80
N PRO C 185 -5.43 24.92 -27.10
CA PRO C 185 -4.65 24.16 -28.09
C PRO C 185 -3.21 24.63 -28.05
N THR C 186 -2.31 23.83 -28.60
CA THR C 186 -0.92 24.23 -28.68
C THR C 186 -0.83 25.51 -29.50
N GLU C 187 0.09 26.39 -29.12
CA GLU C 187 0.33 27.62 -29.86
C GLU C 187 0.89 27.36 -31.26
N LEU C 188 1.36 26.14 -31.51
CA LEU C 188 1.85 25.76 -32.85
C LEU C 188 0.74 25.51 -33.87
N THR C 189 -0.42 25.02 -33.42
CA THR C 189 -1.52 24.75 -34.36
C THR C 189 -2.89 25.10 -33.77
N PRO C 190 -3.10 26.37 -33.43
CA PRO C 190 -4.32 26.75 -32.70
C PRO C 190 -5.52 27.01 -33.60
N MET C 191 -5.29 27.31 -34.86
CA MET C 191 -6.34 27.81 -35.74
C MET C 191 -7.40 26.75 -36.05
N THR C 192 -6.98 25.50 -36.17
CA THR C 192 -7.95 24.42 -36.37
C THR C 192 -8.95 24.37 -35.21
N ALA C 193 -8.47 24.55 -33.97
CA ALA C 193 -9.33 24.49 -32.79
C ALA C 193 -10.36 25.62 -32.78
N LEU C 194 -9.94 26.81 -33.18
CA LEU C 194 -10.81 27.97 -33.21
C LEU C 194 -11.91 27.77 -34.27
N LEU C 195 -11.55 27.16 -35.38
CA LEU C 195 -12.54 26.84 -36.42
C LEU C 195 -13.55 25.81 -35.93
N LEU C 196 -13.08 24.76 -35.28
CA LEU C 196 -14.03 23.78 -34.73
C LEU C 196 -15.02 24.44 -33.78
N ALA C 197 -14.54 25.36 -32.95
CA ALA C 197 -15.45 26.08 -32.05
C ALA C 197 -16.56 26.81 -32.81
N ASP C 198 -16.18 27.53 -33.86
CA ASP C 198 -17.16 28.25 -34.68
C ASP C 198 -18.20 27.27 -35.22
N ILE C 199 -17.71 26.12 -35.70
CA ILE C 199 -18.57 25.07 -36.24
C ILE C 199 -19.54 24.57 -35.17
N LEU C 200 -19.04 24.39 -33.95
CA LEU C 200 -19.90 23.95 -32.83
C LEU C 200 -21.00 24.95 -32.48
N TYR C 201 -20.64 26.21 -32.31
CA TYR C 201 -21.63 27.26 -32.03
C TYR C 201 -22.69 27.29 -33.14
N GLU C 202 -22.26 27.16 -34.39
CA GLU C 202 -23.19 27.18 -35.53
C GLU C 202 -24.09 25.96 -35.52
N ALA C 203 -23.60 24.86 -34.97
CA ALA C 203 -24.38 23.64 -34.93
C ALA C 203 -25.38 23.68 -33.80
N GLY C 204 -25.34 24.75 -33.00
CA GLY C 204 -26.31 24.92 -31.94
C GLY C 204 -25.83 24.70 -30.51
N LEU C 205 -24.53 24.56 -30.30
CA LEU C 205 -24.01 24.40 -28.94
C LEU C 205 -24.20 25.69 -28.12
N PRO C 206 -24.85 25.60 -26.96
CA PRO C 206 -24.85 26.77 -26.07
C PRO C 206 -23.41 27.20 -25.85
N PRO C 207 -23.09 28.48 -26.13
CA PRO C 207 -21.72 28.97 -26.16
C PRO C 207 -20.95 28.77 -24.85
N GLU C 208 -21.67 28.81 -23.73
CA GLU C 208 -21.04 28.64 -22.43
C GLU C 208 -20.37 27.28 -22.25
N MET C 209 -20.77 26.29 -23.05
CA MET C 209 -20.22 24.93 -22.95
C MET C 209 -18.84 24.76 -23.59
N LEU C 210 -18.40 25.78 -24.33
CA LEU C 210 -17.09 25.69 -24.97
C LEU C 210 -16.38 27.03 -25.08
N SER C 211 -15.16 27.11 -24.54
CA SER C 211 -14.27 28.19 -24.90
C SER C 211 -12.98 27.62 -25.50
N VAL C 212 -12.36 28.35 -26.41
CA VAL C 212 -11.04 27.98 -26.90
C VAL C 212 -10.12 29.18 -26.70
N VAL C 213 -9.17 29.03 -25.80
CA VAL C 213 -8.27 30.13 -25.49
C VAL C 213 -6.88 29.80 -26.03
N THR C 214 -6.11 30.84 -26.32
CA THR C 214 -4.78 30.64 -26.89
C THR C 214 -3.76 31.51 -26.18
N GLY C 215 -2.49 31.14 -26.29
CA GLY C 215 -1.41 31.90 -25.69
C GLY C 215 -0.18 31.05 -25.43
N TRP C 216 0.90 31.69 -25.00
CA TRP C 216 2.10 30.96 -24.62
C TRP C 216 1.84 30.19 -23.31
N PRO C 217 2.43 28.99 -23.18
CA PRO C 217 2.21 28.23 -21.95
C PRO C 217 2.61 29.01 -20.71
N ALA C 218 3.63 29.84 -20.83
CA ALA C 218 4.12 30.63 -19.70
C ALA C 218 3.11 31.65 -19.19
N ASP C 219 2.18 32.06 -20.05
CA ASP C 219 1.13 33.01 -19.67
C ASP C 219 -0.16 32.33 -19.19
N ILE C 220 -0.58 31.29 -19.88
CA ILE C 220 -1.93 30.82 -19.67
C ILE C 220 -1.99 29.36 -19.20
N GLY C 221 -0.88 28.63 -19.36
CA GLY C 221 -0.86 27.21 -19.08
C GLY C 221 -1.14 26.86 -17.63
N MET C 222 -0.66 27.69 -16.70
CA MET C 222 -0.82 27.38 -15.29
C MET C 222 -2.30 27.48 -14.89
N GLU C 223 -2.98 28.50 -15.39
CA GLU C 223 -4.41 28.66 -15.13
C GLU C 223 -5.24 27.45 -15.61
N MET C 224 -4.86 26.88 -16.75
CA MET C 224 -5.53 25.68 -17.26
C MET C 224 -5.53 24.51 -16.28
N ILE C 225 -4.48 24.39 -15.47
CA ILE C 225 -4.39 23.19 -14.65
C ILE C 225 -4.62 23.46 -13.18
N THR C 226 -4.90 24.71 -12.85
CA THR C 226 -4.87 25.14 -11.46
C THR C 226 -6.18 25.85 -11.06
N ASN C 227 -6.94 26.33 -12.04
CA ASN C 227 -8.23 26.99 -11.78
C ASN C 227 -9.15 26.19 -10.82
N PRO C 228 -9.76 26.86 -9.82
CA PRO C 228 -10.51 26.13 -8.79
C PRO C 228 -11.76 25.40 -9.32
N HIS C 229 -12.33 25.85 -10.42
CA HIS C 229 -13.52 25.19 -10.96
C HIS C 229 -13.19 23.92 -11.72
N VAL C 230 -11.91 23.69 -12.00
CA VAL C 230 -11.53 22.55 -12.82
C VAL C 230 -11.58 21.21 -12.08
N ASP C 231 -12.55 20.37 -12.44
CA ASP C 231 -12.72 19.06 -11.82
C ASP C 231 -11.82 18.01 -12.48
N LEU C 232 -11.41 18.25 -13.72
CA LEU C 232 -10.67 17.27 -14.49
C LEU C 232 -9.83 17.96 -15.54
N VAL C 233 -8.56 17.59 -15.59
CA VAL C 233 -7.65 18.02 -16.64
C VAL C 233 -7.43 16.83 -17.59
N THR C 234 -7.73 17.00 -18.87
CA THR C 234 -7.42 15.98 -19.83
C THR C 234 -6.36 16.51 -20.78
N PHE C 235 -5.20 15.87 -20.76
CA PHE C 235 -4.02 16.37 -21.46
C PHE C 235 -3.46 15.31 -22.37
N THR C 236 -3.08 15.72 -23.57
CA THR C 236 -2.34 14.88 -24.50
C THR C 236 -1.13 15.69 -24.93
N GLY C 237 0.05 15.10 -24.82
CA GLY C 237 1.27 15.81 -25.12
C GLY C 237 2.51 15.04 -24.75
N SER C 238 3.62 15.75 -24.57
CA SER C 238 4.90 15.08 -24.30
C SER C 238 5.02 14.58 -22.87
N VAL C 239 5.96 13.65 -22.65
CA VAL C 239 6.22 13.10 -21.32
C VAL C 239 6.67 14.15 -20.28
N PRO C 240 7.64 15.02 -20.62
CA PRO C 240 8.09 16.03 -19.64
C PRO C 240 6.99 17.01 -19.25
N VAL C 241 6.23 17.48 -20.22
CA VAL C 241 5.13 18.37 -19.91
C VAL C 241 4.08 17.64 -19.08
N GLY C 242 3.78 16.40 -19.45
CA GLY C 242 2.81 15.59 -18.71
C GLY C 242 3.17 15.49 -17.23
N LYS C 243 4.44 15.20 -16.97
CA LYS C 243 4.87 15.00 -15.59
C LYS C 243 4.88 16.31 -14.83
N LEU C 244 5.12 17.40 -15.55
CA LEU C 244 5.04 18.72 -14.95
C LEU C 244 3.60 19.06 -14.60
N ILE C 245 2.68 18.68 -15.47
CA ILE C 245 1.26 18.90 -15.20
C ILE C 245 0.82 18.07 -14.00
N ALA C 246 1.26 16.82 -13.96
CA ALA C 246 0.93 15.93 -12.85
C ALA C 246 1.37 16.53 -11.51
N ALA C 247 2.51 17.19 -11.51
CA ALA C 247 3.05 17.80 -10.29
C ALA C 247 2.37 19.13 -9.90
N ASN C 248 1.95 19.92 -10.88
CA ASN C 248 1.27 21.18 -10.59
C ASN C 248 -0.26 21.06 -10.46
N ALA C 249 -0.82 19.95 -10.91
CA ALA C 249 -2.27 19.75 -10.81
C ALA C 249 -2.61 18.82 -9.67
N HIS C 250 -1.64 18.71 -8.75
CA HIS C 250 -1.82 18.08 -7.43
C HIS C 250 -3.15 17.40 -7.15
N TYR C 251 -4.14 18.24 -6.88
CA TYR C 251 -5.34 17.79 -6.21
C TYR C 251 -6.47 17.52 -7.17
N LYS C 252 -6.18 17.64 -8.46
CA LYS C 252 -7.20 17.42 -9.49
C LYS C 252 -7.12 16.06 -10.18
N ARG C 253 -8.28 15.57 -10.63
CA ARG C 253 -8.34 14.40 -11.50
C ARG C 253 -7.66 14.71 -12.82
N GLN C 254 -6.92 13.73 -13.34
CA GLN C 254 -6.15 13.92 -14.56
C GLN C 254 -6.23 12.69 -15.44
N VAL C 255 -6.41 12.91 -16.73
CA VAL C 255 -6.19 11.86 -17.69
C VAL C 255 -5.05 12.32 -18.56
N LEU C 256 -3.91 11.63 -18.48
CA LEU C 256 -2.74 12.06 -19.26
C LEU C 256 -2.38 11.01 -20.28
N GLU C 257 -2.38 11.40 -21.55
CA GLU C 257 -1.99 10.47 -22.61
C GLU C 257 -0.73 11.01 -23.23
N LEU C 258 0.35 10.25 -23.06
CA LEU C 258 1.66 10.71 -23.43
C LEU C 258 2.19 9.95 -24.67
N GLY C 259 3.50 9.94 -24.84
CA GLY C 259 4.05 9.33 -26.04
C GLY C 259 3.96 7.82 -26.14
N GLY C 260 4.48 7.31 -27.25
CA GLY C 260 4.59 5.89 -27.44
C GLY C 260 5.91 5.59 -28.10
N ASN C 261 6.24 4.30 -28.20
CA ASN C 261 7.41 3.89 -28.93
C ASN C 261 7.06 2.52 -29.49
N ASP C 262 6.04 2.50 -30.33
CA ASP C 262 5.32 1.26 -30.62
C ASP C 262 5.95 0.40 -31.71
N PRO C 263 5.99 -0.93 -31.46
CA PRO C 263 6.65 -1.84 -32.38
C PRO C 263 5.68 -2.44 -33.38
N LEU C 264 6.17 -2.71 -34.58
CA LEU C 264 5.50 -3.62 -35.48
C LEU C 264 6.39 -4.85 -35.54
N ILE C 265 5.87 -5.98 -35.08
CA ILE C 265 6.67 -7.18 -34.92
C ILE C 265 6.42 -8.16 -36.08
N ILE C 266 7.49 -8.57 -36.73
CA ILE C 266 7.38 -9.50 -37.87
C ILE C 266 7.92 -10.87 -37.48
N LEU C 267 7.03 -11.85 -37.37
CA LEU C 267 7.42 -13.19 -36.91
C LEU C 267 7.88 -14.09 -38.05
N ASN C 268 8.74 -15.04 -37.71
CA ASN C 268 9.40 -15.86 -38.73
C ASN C 268 8.55 -17.00 -39.34
N ASP C 269 7.25 -17.05 -39.03
CA ASP C 269 6.37 -18.01 -39.71
C ASP C 269 5.84 -17.49 -41.06
N LEU C 270 6.10 -16.23 -41.37
CA LEU C 270 5.43 -15.63 -42.52
C LEU C 270 5.99 -16.09 -43.87
N SER C 271 5.10 -16.34 -44.82
CA SER C 271 5.50 -16.60 -46.20
C SER C 271 6.03 -15.32 -46.84
N ASP C 272 6.65 -15.45 -48.00
CA ASP C 272 7.11 -14.27 -48.73
C ASP C 272 5.93 -13.36 -49.10
N ASP C 273 4.82 -13.95 -49.52
CA ASP C 273 3.64 -13.17 -49.83
C ASP C 273 3.25 -12.34 -48.58
N ASP C 274 3.24 -12.98 -47.41
CA ASP C 274 2.88 -12.27 -46.18
C ASP C 274 3.93 -11.21 -45.78
N LEU C 275 5.21 -11.49 -46.05
CA LEU C 275 6.24 -10.50 -45.77
C LEU C 275 6.00 -9.18 -46.52
N ALA C 276 5.41 -9.28 -47.71
CA ALA C 276 5.10 -8.10 -48.50
C ALA C 276 3.93 -7.33 -47.88
N ARG C 277 2.92 -8.04 -47.40
CA ARG C 277 1.82 -7.38 -46.71
C ARG C 277 2.32 -6.69 -45.43
N ALA C 278 3.22 -7.36 -44.71
CA ALA C 278 3.84 -6.79 -43.51
C ALA C 278 4.64 -5.52 -43.82
N ALA C 279 5.35 -5.55 -44.93
CA ALA C 279 6.12 -4.38 -45.38
C ALA C 279 5.23 -3.18 -45.66
N ASP C 280 4.07 -3.44 -46.27
CA ASP C 280 3.06 -2.40 -46.50
C ASP C 280 2.66 -1.76 -45.15
N LEU C 281 2.43 -2.59 -44.14
CA LEU C 281 2.05 -2.07 -42.83
C LEU C 281 3.22 -1.31 -42.20
N ALA C 282 4.43 -1.82 -42.38
CA ALA C 282 5.57 -1.16 -41.78
C ALA C 282 5.71 0.25 -42.33
N VAL C 283 5.62 0.40 -43.65
CA VAL C 283 5.83 1.70 -44.25
C VAL C 283 4.69 2.68 -43.95
N ALA C 284 3.45 2.22 -44.04
CA ALA C 284 2.33 3.10 -43.73
C ALA C 284 2.41 3.54 -42.27
N GLY C 285 2.56 2.58 -41.37
CA GLY C 285 2.49 2.87 -39.95
C GLY C 285 3.63 3.76 -39.49
N ALA C 286 4.77 3.67 -40.15
CA ALA C 286 5.90 4.50 -39.74
C ALA C 286 5.86 5.89 -40.34
N THR C 287 5.07 6.10 -41.40
CA THR C 287 5.12 7.38 -42.11
C THR C 287 3.82 8.19 -42.12
N LYS C 288 2.68 7.52 -41.92
CA LYS C 288 1.40 8.22 -41.84
C LYS C 288 1.51 9.40 -40.86
N ASN C 289 0.91 10.54 -41.23
CA ASN C 289 1.00 11.79 -40.47
C ASN C 289 2.44 12.26 -40.25
N SER C 290 3.32 11.96 -41.20
CA SER C 290 4.75 12.21 -41.10
C SER C 290 5.40 11.51 -39.88
N GLY C 291 4.82 10.38 -39.50
CA GLY C 291 5.30 9.65 -38.34
C GLY C 291 4.92 10.30 -37.01
N GLN C 292 4.14 11.38 -37.06
CA GLN C 292 3.79 12.14 -35.86
C GLN C 292 2.54 11.59 -35.17
N ARG C 293 2.68 10.38 -34.62
CA ARG C 293 1.62 9.73 -33.86
C ARG C 293 2.23 9.06 -32.64
N CYS C 294 1.55 9.21 -31.50
CA CYS C 294 1.92 8.48 -30.30
C CYS C 294 2.07 6.98 -30.60
N THR C 295 1.24 6.52 -31.53
CA THR C 295 1.14 5.09 -31.92
C THR C 295 1.79 4.78 -33.29
N ALA C 296 2.58 5.71 -33.82
CA ALA C 296 3.32 5.39 -35.04
C ALA C 296 4.22 4.17 -34.85
N VAL C 297 4.47 3.43 -35.93
CA VAL C 297 5.50 2.39 -35.87
C VAL C 297 6.84 3.12 -35.70
N LYS C 298 7.52 2.86 -34.59
CA LYS C 298 8.81 3.52 -34.34
C LYS C 298 9.93 2.49 -34.24
N ARG C 299 9.54 1.23 -34.23
CA ARG C 299 10.49 0.13 -34.14
C ARG C 299 9.93 -1.02 -34.95
N ILE C 300 10.61 -1.38 -36.04
CA ILE C 300 10.19 -2.55 -36.79
C ILE C 300 11.03 -3.72 -36.31
N LEU C 301 10.43 -4.57 -35.49
CA LEU C 301 11.15 -5.69 -34.91
C LEU C 301 10.99 -6.91 -35.81
N CYS C 302 12.02 -7.17 -36.61
CA CYS C 302 11.98 -8.25 -37.58
C CYS C 302 12.85 -9.42 -37.13
N GLN C 303 12.24 -10.58 -36.96
CA GLN C 303 12.98 -11.77 -36.56
C GLN C 303 14.05 -12.12 -37.60
N GLU C 304 15.25 -12.38 -37.12
CA GLU C 304 16.44 -12.53 -37.97
C GLU C 304 16.24 -13.36 -39.24
N SER C 305 15.57 -14.51 -39.12
CA SER C 305 15.52 -15.46 -40.23
C SER C 305 14.62 -15.06 -41.40
N VAL C 306 13.84 -13.99 -41.26
CA VAL C 306 13.08 -13.47 -42.39
C VAL C 306 13.54 -12.08 -42.81
N ALA C 307 14.50 -11.51 -42.09
CA ALA C 307 14.89 -10.13 -42.30
C ALA C 307 15.50 -9.90 -43.69
N ASP C 308 16.31 -10.83 -44.16
CA ASP C 308 16.92 -10.65 -45.48
C ASP C 308 15.88 -10.60 -46.60
N ARG C 309 14.76 -11.29 -46.41
CA ARG C 309 13.65 -11.23 -47.36
C ARG C 309 12.72 -10.02 -47.13
N PHE C 310 12.55 -9.65 -45.86
CA PHE C 310 11.63 -8.57 -45.49
C PHE C 310 12.17 -7.19 -45.84
N VAL C 311 13.43 -6.93 -45.53
CA VAL C 311 13.98 -5.57 -45.65
C VAL C 311 13.93 -4.97 -47.06
N PRO C 312 14.30 -5.76 -48.10
CA PRO C 312 14.15 -5.26 -49.47
C PRO C 312 12.71 -4.89 -49.80
N LEU C 313 11.73 -5.64 -49.27
CA LEU C 313 10.32 -5.31 -49.51
C LEU C 313 9.93 -3.97 -48.89
N VAL C 314 10.43 -3.71 -47.68
CA VAL C 314 10.26 -2.40 -47.06
C VAL C 314 10.89 -1.30 -47.89
N LEU C 315 12.16 -1.48 -48.26
CA LEU C 315 12.91 -0.51 -49.07
C LEU C 315 12.21 -0.11 -50.36
N GLU C 316 11.66 -1.10 -51.05
CA GLU C 316 10.91 -0.90 -52.29
C GLU C 316 9.68 -0.01 -52.07
N ARG C 317 9.02 -0.22 -50.93
CA ARG C 317 7.80 0.52 -50.61
C ARG C 317 8.09 1.95 -50.17
N ALA C 318 9.17 2.11 -49.41
CA ALA C 318 9.62 3.42 -48.98
C ALA C 318 9.96 4.29 -50.19
N LYS C 319 10.58 3.69 -51.20
CA LYS C 319 11.05 4.48 -52.34
C LYS C 319 9.92 5.01 -53.21
N ARG C 320 8.76 4.37 -53.15
CA ARG C 320 7.59 4.83 -53.90
C ARG C 320 6.92 6.06 -53.30
N LEU C 321 7.12 6.30 -52.01
CA LEU C 321 6.45 7.43 -51.34
C LEU C 321 6.85 8.77 -51.94
N ARG C 322 5.85 9.59 -52.28
CA ARG C 322 6.07 10.96 -52.72
C ARG C 322 6.15 11.91 -51.53
N PHE C 323 7.33 12.48 -51.28
CA PHE C 323 7.47 13.41 -50.17
C PHE C 323 7.81 14.79 -50.69
N GLY C 324 7.10 15.80 -50.20
CA GLY C 324 7.25 17.16 -50.69
C GLY C 324 6.15 18.15 -50.26
N ASP C 325 5.88 19.12 -51.12
CA ASP C 325 4.86 20.14 -50.90
C ASP C 325 3.58 19.50 -50.42
N PRO C 326 3.19 19.80 -49.16
CA PRO C 326 2.02 19.12 -48.59
C PRO C 326 0.69 19.57 -49.22
N MET C 327 0.68 20.70 -49.90
CA MET C 327 -0.53 21.12 -50.58
C MET C 327 -0.73 20.44 -51.94
N ASP C 328 0.33 19.84 -52.48
CA ASP C 328 0.24 19.03 -53.71
C ASP C 328 -0.55 17.76 -53.39
N ARG C 329 -1.61 17.48 -54.14
CA ARG C 329 -2.42 16.30 -53.85
C ARG C 329 -1.74 14.99 -54.21
N SER C 330 -0.65 15.06 -54.97
CA SER C 330 0.15 13.86 -55.20
C SER C 330 1.13 13.53 -54.07
N THR C 331 1.26 14.41 -53.09
CA THR C 331 2.16 14.19 -51.98
C THR C 331 1.58 13.16 -50.99
N ASP C 332 2.38 12.16 -50.64
CA ASP C 332 2.02 11.19 -49.61
C ASP C 332 2.48 11.74 -48.26
N LEU C 333 3.74 12.17 -48.22
CA LEU C 333 4.39 12.60 -46.99
C LEU C 333 4.78 14.07 -47.01
N GLY C 334 4.20 14.84 -46.09
CA GLY C 334 4.57 16.24 -45.93
C GLY C 334 5.74 16.44 -44.98
N THR C 335 5.80 17.61 -44.35
CA THR C 335 6.90 17.92 -43.43
C THR C 335 6.61 17.37 -42.04
N VAL C 336 7.61 17.45 -41.16
CA VAL C 336 7.34 17.37 -39.73
C VAL C 336 7.12 18.80 -39.24
N ILE C 337 6.84 18.93 -37.96
CA ILE C 337 6.37 20.18 -37.37
C ILE C 337 7.32 21.39 -37.51
N HIS C 338 8.63 21.16 -37.48
CA HIS C 338 9.59 22.24 -37.70
C HIS C 338 11.00 21.76 -38.04
N GLU C 339 11.88 22.68 -38.43
CA GLU C 339 13.23 22.29 -38.83
C GLU C 339 13.97 21.61 -37.68
N LYS C 340 13.80 22.13 -36.47
CA LYS C 340 14.50 21.60 -35.30
C LYS C 340 14.17 20.13 -35.07
N ALA C 341 12.89 19.78 -35.20
CA ALA C 341 12.48 18.39 -35.11
C ALA C 341 13.16 17.54 -36.19
N ALA C 342 13.09 18.00 -37.45
CA ALA C 342 13.62 17.20 -38.55
C ALA C 342 15.11 16.93 -38.37
N ALA C 343 15.84 17.96 -37.96
CA ALA C 343 17.29 17.85 -37.81
C ALA C 343 17.63 16.86 -36.71
N LEU C 344 16.87 16.92 -35.62
CA LEU C 344 17.10 16.00 -34.52
C LEU C 344 16.92 14.57 -35.01
N PHE C 345 15.85 14.32 -35.76
CA PHE C 345 15.59 12.96 -36.22
C PHE C 345 16.70 12.46 -37.13
N GLU C 346 17.20 13.33 -38.00
CA GLU C 346 18.25 12.96 -38.94
C GLU C 346 19.53 12.59 -38.18
N GLU C 347 19.85 13.39 -37.18
CA GLU C 347 21.07 13.19 -36.40
C GLU C 347 21.02 11.84 -35.69
N ARG C 348 19.83 11.46 -35.21
CA ARG C 348 19.69 10.15 -34.60
C ARG C 348 19.94 9.03 -35.60
N VAL C 349 19.54 9.27 -36.84
CA VAL C 349 19.75 8.29 -37.89
C VAL C 349 21.27 8.17 -38.11
N MET C 350 21.94 9.31 -38.23
CA MET C 350 23.39 9.32 -38.45
C MET C 350 24.13 8.66 -37.30
N ARG C 351 23.73 8.95 -36.06
CA ARG C 351 24.39 8.31 -34.92
C ARG C 351 24.14 6.82 -34.85
N ALA C 352 22.92 6.41 -35.18
CA ALA C 352 22.62 4.98 -35.30
C ALA C 352 23.59 4.31 -36.28
N ALA C 353 23.87 4.97 -37.40
CA ALA C 353 24.79 4.40 -38.38
C ALA C 353 26.24 4.27 -37.83
N GLU C 354 26.71 5.27 -37.09
CA GLU C 354 28.04 5.17 -36.48
C GLU C 354 28.08 4.09 -35.41
N GLU C 355 26.91 3.57 -35.07
CA GLU C 355 26.81 2.54 -34.04
C GLU C 355 26.51 1.17 -34.64
N GLY C 356 26.44 1.11 -35.97
CA GLY C 356 26.30 -0.16 -36.65
C GLY C 356 25.14 -0.24 -37.63
N ALA C 357 24.22 0.71 -37.54
CA ALA C 357 23.05 0.70 -38.43
C ALA C 357 23.46 0.88 -39.90
N ASP C 358 22.63 0.37 -40.79
CA ASP C 358 22.86 0.49 -42.22
C ASP C 358 21.76 1.34 -42.86
N ILE C 359 22.12 2.54 -43.29
CA ILE C 359 21.17 3.43 -43.94
C ILE C 359 20.99 2.99 -45.40
N LEU C 360 19.75 2.64 -45.75
CA LEU C 360 19.47 2.07 -47.07
C LEU C 360 18.84 3.08 -48.01
N TYR C 361 18.32 4.17 -47.45
CA TYR C 361 17.60 5.15 -48.26
C TYR C 361 17.52 6.46 -47.51
N HIS C 362 18.24 7.47 -48.02
CA HIS C 362 18.25 8.80 -47.42
C HIS C 362 18.54 9.85 -48.48
N PRO C 363 17.51 10.22 -49.24
CA PRO C 363 17.47 11.22 -50.31
C PRO C 363 17.93 12.61 -49.88
N GLY C 364 18.05 12.85 -48.57
CA GLY C 364 18.47 14.14 -48.08
C GLY C 364 17.31 14.94 -47.50
N ARG C 365 17.57 15.67 -46.43
CA ARG C 365 16.56 16.47 -45.75
C ARG C 365 16.57 17.90 -46.25
N SER C 366 15.40 18.51 -46.40
CA SER C 366 15.30 19.93 -46.73
C SER C 366 14.45 20.71 -45.71
N GLY C 367 15.11 21.41 -44.79
CA GLY C 367 14.43 22.10 -43.71
C GLY C 367 13.60 21.16 -42.85
N ALA C 368 12.29 21.38 -42.82
CA ALA C 368 11.40 20.53 -42.03
C ALA C 368 10.91 19.32 -42.81
N LEU C 369 11.35 19.19 -44.06
CA LEU C 369 10.94 18.05 -44.88
C LEU C 369 11.95 16.91 -44.79
N LEU C 370 11.47 15.79 -44.26
CA LEU C 370 12.30 14.60 -44.09
C LEU C 370 11.74 13.55 -45.02
N PRO C 371 12.62 12.89 -45.80
CA PRO C 371 12.15 11.77 -46.64
C PRO C 371 11.88 10.59 -45.73
N PRO C 372 11.25 9.52 -46.24
CA PRO C 372 11.01 8.34 -45.40
C PRO C 372 12.26 7.47 -45.27
N ILE C 373 13.24 7.94 -44.50
CA ILE C 373 14.52 7.25 -44.33
C ILE C 373 14.39 5.81 -43.84
N VAL C 374 15.07 4.90 -44.54
CA VAL C 374 15.07 3.49 -44.17
C VAL C 374 16.43 3.12 -43.62
N VAL C 375 16.46 2.62 -42.40
CA VAL C 375 17.69 2.19 -41.74
C VAL C 375 17.48 0.76 -41.27
N ASP C 376 18.45 -0.10 -41.58
CA ASP C 376 18.36 -1.50 -41.18
C ASP C 376 19.41 -1.73 -40.10
N ARG C 377 19.33 -2.87 -39.41
CA ARG C 377 20.32 -3.26 -38.40
C ARG C 377 20.52 -2.21 -37.32
N VAL C 378 19.43 -1.55 -36.95
CA VAL C 378 19.47 -0.53 -35.91
C VAL C 378 19.68 -1.21 -34.57
N PRO C 379 20.68 -0.76 -33.80
CA PRO C 379 20.91 -1.29 -32.45
C PRO C 379 19.77 -0.85 -31.53
N HIS C 380 19.20 -1.75 -30.75
CA HIS C 380 18.00 -1.42 -29.98
C HIS C 380 18.31 -0.39 -28.90
N GLN C 381 19.59 -0.19 -28.61
CA GLN C 381 19.99 0.80 -27.62
C GLN C 381 20.26 2.20 -28.20
N SER C 382 20.29 2.32 -29.52
CA SER C 382 20.55 3.64 -30.10
C SER C 382 19.39 4.60 -29.84
N ASP C 383 19.70 5.89 -29.71
CA ASP C 383 18.69 6.90 -29.42
C ASP C 383 17.53 6.84 -30.41
N LEU C 384 17.82 6.42 -31.63
CA LEU C 384 16.81 6.36 -32.69
C LEU C 384 15.57 5.59 -32.28
N VAL C 385 15.78 4.44 -31.64
CA VAL C 385 14.66 3.57 -31.27
C VAL C 385 14.44 3.42 -29.75
N LEU C 386 15.43 3.77 -28.95
CA LEU C 386 15.31 3.61 -27.50
C LEU C 386 14.45 4.75 -27.01
N GLU C 387 14.59 5.88 -27.67
CA GLU C 387 13.79 7.04 -27.35
C GLU C 387 12.75 7.24 -28.45
N GLU C 388 11.69 8.00 -28.15
CA GLU C 388 10.64 8.28 -29.13
C GLU C 388 11.12 9.25 -30.22
N THR C 389 11.12 8.77 -31.46
CA THR C 389 11.47 9.58 -32.63
C THR C 389 10.21 9.90 -33.43
N PHE C 390 9.70 11.10 -33.25
CA PHE C 390 8.38 11.50 -33.72
C PHE C 390 8.43 11.96 -35.19
N GLY C 391 9.06 11.15 -36.04
CA GLY C 391 9.25 11.48 -37.44
C GLY C 391 9.11 10.27 -38.35
N PRO C 392 9.11 10.48 -39.67
CA PRO C 392 8.78 9.42 -40.63
C PRO C 392 9.93 8.46 -40.90
N ILE C 393 10.73 8.16 -39.88
CA ILE C 393 11.81 7.20 -40.02
C ILE C 393 11.24 5.77 -40.09
N ILE C 394 11.92 4.92 -40.84
CA ILE C 394 11.54 3.52 -41.01
C ILE C 394 12.67 2.61 -40.53
N PRO C 395 12.75 2.39 -39.20
CA PRO C 395 13.93 1.71 -38.65
C PRO C 395 13.70 0.22 -38.36
N ILE C 396 14.50 -0.65 -38.99
CA ILE C 396 14.38 -2.08 -38.78
C ILE C 396 15.38 -2.58 -37.73
N VAL C 397 14.85 -3.16 -36.65
CA VAL C 397 15.65 -3.76 -35.61
C VAL C 397 15.57 -5.28 -35.78
N ARG C 398 16.71 -5.91 -36.05
CA ARG C 398 16.71 -7.37 -36.18
C ARG C 398 16.77 -7.98 -34.78
N VAL C 399 15.85 -8.90 -34.54
CA VAL C 399 15.72 -9.52 -33.23
C VAL C 399 15.84 -11.04 -33.40
N PRO C 400 16.13 -11.75 -32.30
CA PRO C 400 16.31 -13.20 -32.36
C PRO C 400 15.07 -13.91 -32.88
N ASP C 401 15.26 -15.06 -33.52
CA ASP C 401 14.18 -16.01 -33.75
C ASP C 401 13.86 -16.69 -32.43
N ASP C 402 13.38 -15.90 -31.47
CA ASP C 402 12.96 -16.44 -30.20
C ASP C 402 11.93 -15.47 -29.66
N ASP C 403 10.71 -15.94 -29.50
CA ASP C 403 9.64 -15.04 -29.07
C ASP C 403 9.88 -14.44 -27.68
N ASP C 404 10.32 -15.25 -26.72
CA ASP C 404 10.61 -14.72 -25.38
C ASP C 404 11.59 -13.54 -25.46
N ALA C 405 12.68 -13.74 -26.19
CA ALA C 405 13.65 -12.67 -26.40
C ALA C 405 13.04 -11.45 -27.13
N THR C 406 12.22 -11.72 -28.13
CA THR C 406 11.60 -10.64 -28.90
C THR C 406 10.67 -9.80 -28.01
N ILE C 407 9.90 -10.49 -27.18
CA ILE C 407 8.96 -9.81 -26.28
C ILE C 407 9.71 -9.01 -25.21
N THR C 408 10.79 -9.56 -24.69
CA THR C 408 11.62 -8.82 -23.72
C THR C 408 12.19 -7.56 -24.36
N LEU C 409 12.71 -7.68 -25.59
CA LEU C 409 13.20 -6.54 -26.35
C LEU C 409 12.09 -5.52 -26.59
N SER C 410 10.93 -6.01 -26.99
CA SER C 410 9.81 -5.11 -27.26
C SER C 410 9.43 -4.31 -26.01
N ASN C 411 9.42 -5.00 -24.86
CA ASN C 411 9.01 -4.41 -23.58
C ASN C 411 10.10 -3.59 -22.91
N SER C 412 11.25 -3.44 -23.55
CA SER C 412 12.41 -2.89 -22.85
C SER C 412 12.54 -1.36 -22.89
N THR C 413 11.57 -0.66 -23.47
CA THR C 413 11.61 0.80 -23.46
C THR C 413 10.78 1.36 -22.31
N ALA C 414 10.82 2.68 -22.11
CA ALA C 414 10.02 3.31 -21.05
C ALA C 414 8.54 3.46 -21.44
N PHE C 415 8.21 3.14 -22.69
CA PHE C 415 6.86 3.35 -23.18
C PHE C 415 6.01 2.07 -23.19
N GLY C 416 4.70 2.23 -23.36
CA GLY C 416 3.81 1.08 -23.43
C GLY C 416 2.42 1.51 -23.87
N LEU C 417 2.26 1.72 -25.17
CA LEU C 417 0.99 2.23 -25.66
C LEU C 417 0.32 1.17 -26.55
N SER C 418 0.79 1.02 -27.79
CA SER C 418 0.20 0.04 -28.68
C SER C 418 1.30 -0.80 -29.35
N SER C 419 0.89 -1.69 -30.25
CA SER C 419 1.80 -2.61 -30.87
C SER C 419 1.06 -3.29 -32.02
N GLY C 420 1.81 -3.79 -32.99
CA GLY C 420 1.27 -4.63 -34.03
C GLY C 420 2.13 -5.88 -34.16
N VAL C 421 1.49 -6.99 -34.47
CA VAL C 421 2.18 -8.26 -34.66
C VAL C 421 1.69 -8.97 -35.92
N CYS C 422 2.61 -9.30 -36.80
CA CYS C 422 2.27 -10.00 -38.03
C CYS C 422 2.69 -11.46 -37.93
N THR C 423 1.69 -12.34 -37.90
CA THR C 423 1.93 -13.77 -37.77
C THR C 423 0.64 -14.52 -38.11
N ASN C 424 0.75 -15.79 -38.45
CA ASN C 424 -0.43 -16.59 -38.71
C ASN C 424 -0.55 -17.73 -37.71
N ASP C 425 0.41 -17.80 -36.80
CA ASP C 425 0.49 -18.90 -35.82
C ASP C 425 -0.30 -18.49 -34.58
N TYR C 426 -1.43 -19.14 -34.33
CA TYR C 426 -2.28 -18.70 -33.23
C TYR C 426 -1.60 -18.74 -31.88
N ARG C 427 -0.90 -19.84 -31.61
CA ARG C 427 -0.17 -19.99 -30.36
C ARG C 427 0.73 -18.78 -30.09
N ARG C 428 1.48 -18.38 -31.12
CA ARG C 428 2.38 -17.25 -30.98
C ARG C 428 1.63 -15.94 -30.84
N MET C 429 0.59 -15.77 -31.65
CA MET C 429 -0.30 -14.63 -31.57
C MET C 429 -0.77 -14.41 -30.12
N GLN C 430 -1.30 -15.48 -29.52
CA GLN C 430 -1.78 -15.48 -28.13
C GLN C 430 -0.67 -15.10 -27.17
N LYS C 431 0.49 -15.68 -27.38
CA LYS C 431 1.66 -15.42 -26.55
C LYS C 431 2.04 -13.94 -26.54
N TYR C 432 2.05 -13.31 -27.72
CA TYR C 432 2.32 -11.87 -27.78
C TYR C 432 1.19 -11.02 -27.16
N ILE C 433 -0.05 -11.36 -27.47
CA ILE C 433 -1.17 -10.60 -26.91
C ILE C 433 -1.03 -10.56 -25.39
N ALA C 434 -0.73 -11.70 -24.79
CA ALA C 434 -0.62 -11.77 -23.34
C ALA C 434 0.67 -11.12 -22.80
N GLY C 435 1.73 -11.10 -23.62
CA GLY C 435 3.04 -10.78 -23.10
C GLY C 435 3.56 -9.38 -23.35
N LEU C 436 3.07 -8.72 -24.39
CA LEU C 436 3.47 -7.34 -24.63
C LEU C 436 2.91 -6.40 -23.53
N LYS C 437 3.78 -5.59 -22.94
CA LYS C 437 3.34 -4.67 -21.90
C LYS C 437 2.86 -3.37 -22.51
N VAL C 438 1.63 -3.37 -22.98
CA VAL C 438 1.11 -2.23 -23.72
C VAL C 438 -0.38 -2.19 -23.48
N GLY C 439 -1.01 -1.11 -23.94
CA GLY C 439 -2.46 -0.98 -23.84
C GLY C 439 -3.23 -1.69 -24.94
N THR C 440 -2.60 -1.85 -26.11
CA THR C 440 -3.29 -2.43 -27.28
C THR C 440 -2.33 -3.31 -28.09
N VAL C 441 -2.80 -4.48 -28.51
CA VAL C 441 -2.08 -5.36 -29.42
C VAL C 441 -2.93 -5.63 -30.66
N ASN C 442 -2.51 -5.08 -31.79
CA ASN C 442 -3.21 -5.30 -33.06
C ASN C 442 -2.54 -6.43 -33.86
N ILE C 443 -3.29 -7.48 -34.14
CA ILE C 443 -2.79 -8.57 -34.96
C ILE C 443 -3.00 -8.22 -36.43
N TRP C 444 -1.91 -8.12 -37.18
CA TRP C 444 -1.98 -7.81 -38.60
C TRP C 444 -2.53 -6.41 -38.89
N GLU C 445 -2.22 -5.46 -38.02
CA GLU C 445 -2.53 -4.05 -38.27
C GLU C 445 -1.47 -3.22 -37.63
N VAL C 446 -1.43 -1.92 -37.94
CA VAL C 446 -0.44 -1.06 -37.29
C VAL C 446 -0.85 -0.76 -35.84
N PRO C 447 0.12 -0.37 -35.02
CA PRO C 447 -0.18 -0.10 -33.62
C PRO C 447 -1.24 0.97 -33.54
N GLY C 448 -1.26 1.84 -34.55
CA GLY C 448 -2.17 2.96 -34.57
C GLY C 448 -3.63 2.62 -34.85
N TYR C 449 -3.92 1.40 -35.28
CA TYR C 449 -5.33 1.11 -35.57
C TYR C 449 -6.24 1.06 -34.33
N ARG C 450 -7.39 1.74 -34.41
CA ARG C 450 -8.43 1.66 -33.38
C ARG C 450 -9.73 2.24 -33.98
N ILE C 451 -10.87 1.96 -33.37
CA ILE C 451 -12.05 2.75 -33.73
C ILE C 451 -12.10 3.92 -32.76
N GLU C 452 -12.78 4.99 -33.11
CA GLU C 452 -12.70 6.18 -32.26
C GLU C 452 -13.39 5.97 -30.90
N MET C 453 -14.11 4.86 -30.73
CA MET C 453 -14.83 4.66 -29.47
C MET C 453 -14.38 3.48 -28.61
N SER C 454 -13.31 2.80 -29.03
CA SER C 454 -12.76 1.71 -28.22
C SER C 454 -11.82 2.27 -27.15
N PRO C 455 -11.60 1.51 -26.06
CA PRO C 455 -10.74 2.02 -24.98
C PRO C 455 -9.32 2.24 -25.49
N PHE C 456 -8.78 3.43 -25.27
CA PHE C 456 -7.46 3.78 -25.76
C PHE C 456 -6.65 4.40 -24.64
N GLY C 457 -5.42 3.93 -24.46
CA GLY C 457 -4.55 4.49 -23.43
C GLY C 457 -3.45 3.52 -23.10
N GLY C 458 -2.28 4.05 -22.72
CA GLY C 458 -1.16 3.18 -22.43
C GLY C 458 -0.78 3.13 -20.96
N ILE C 459 0.38 2.53 -20.72
CA ILE C 459 0.89 2.40 -19.37
C ILE C 459 2.33 2.94 -19.33
N LYS C 460 3.00 2.76 -18.18
CA LYS C 460 4.37 3.25 -18.02
C LYS C 460 4.47 4.72 -18.43
N ASP C 461 5.43 5.10 -19.27
CA ASP C 461 5.52 6.53 -19.62
C ASP C 461 4.51 6.98 -20.67
N SER C 462 3.70 6.05 -21.17
CA SER C 462 2.73 6.39 -22.21
C SER C 462 1.47 7.06 -21.68
N GLY C 463 1.28 7.04 -20.37
CA GLY C 463 0.16 7.74 -19.77
C GLY C 463 -0.03 7.38 -18.32
N ASN C 464 -0.90 8.12 -17.64
CA ASN C 464 -1.07 7.86 -16.21
C ASN C 464 -2.06 6.74 -15.86
N GLY C 465 -2.49 5.98 -16.87
CA GLY C 465 -3.23 4.76 -16.61
C GLY C 465 -4.75 4.78 -16.73
N TYR C 466 -5.29 5.82 -17.36
CA TYR C 466 -6.73 5.88 -17.61
C TYR C 466 -6.99 5.79 -19.11
N LYS C 467 -8.12 5.21 -19.47
CA LYS C 467 -8.47 5.04 -20.87
C LYS C 467 -9.27 6.23 -21.38
N GLU C 468 -9.12 6.51 -22.66
CA GLU C 468 -10.02 7.43 -23.33
C GLU C 468 -10.58 6.76 -24.58
N GLY C 469 -10.80 7.55 -25.62
CA GLY C 469 -11.71 7.15 -26.67
C GLY C 469 -13.08 7.63 -26.22
N VAL C 470 -14.01 7.70 -27.16
CA VAL C 470 -15.29 8.34 -26.90
C VAL C 470 -16.06 7.75 -25.69
N ILE C 471 -16.23 6.43 -25.64
CA ILE C 471 -16.97 5.83 -24.53
C ILE C 471 -16.30 6.02 -23.17
N GLU C 472 -15.02 5.69 -23.07
CA GLU C 472 -14.31 5.82 -21.79
C GLU C 472 -14.15 7.28 -21.36
N ALA C 473 -14.00 8.18 -22.33
CA ALA C 473 -13.95 9.61 -22.00
C ALA C 473 -15.29 10.07 -21.43
N MET C 474 -16.39 9.65 -22.07
CA MET C 474 -17.70 9.97 -21.57
C MET C 474 -17.85 9.54 -20.10
N LYS C 475 -17.38 8.34 -19.78
CA LYS C 475 -17.46 7.87 -18.41
C LYS C 475 -16.56 8.69 -17.48
N SER C 476 -15.32 8.96 -17.90
CA SER C 476 -14.41 9.69 -17.03
C SER C 476 -14.89 11.12 -16.77
N PHE C 477 -15.74 11.63 -17.66
CA PHE C 477 -16.17 13.03 -17.61
C PHE C 477 -17.42 13.18 -16.75
N THR C 478 -17.79 12.13 -16.02
CA THR C 478 -18.95 12.18 -15.14
C THR C 478 -18.64 11.69 -13.72
N ASN C 479 -19.52 12.03 -12.80
CA ASN C 479 -19.53 11.41 -11.47
C ASN C 479 -20.70 10.46 -11.44
N VAL C 480 -20.47 9.27 -10.89
CA VAL C 480 -21.54 8.32 -10.69
C VAL C 480 -22.22 8.60 -9.35
N LYS C 481 -23.52 8.85 -9.38
CA LYS C 481 -24.31 8.93 -8.16
C LYS C 481 -25.09 7.64 -7.99
N THR C 482 -25.14 7.11 -6.77
CA THR C 482 -26.06 6.01 -6.53
C THR C 482 -27.23 6.48 -5.66
N PHE C 483 -28.37 5.81 -5.78
CA PHE C 483 -29.44 6.00 -4.81
C PHE C 483 -30.12 4.67 -4.54
N SER C 484 -30.70 4.54 -3.36
CA SER C 484 -31.34 3.29 -2.94
C SER C 484 -32.75 3.57 -2.43
N LEU C 485 -33.66 2.67 -2.75
CA LEU C 485 -35.08 2.79 -2.42
C LEU C 485 -35.55 1.53 -1.71
N PRO C 486 -36.46 1.69 -0.73
CA PRO C 486 -37.15 0.54 -0.13
C PRO C 486 -37.79 -0.34 -1.19
N TRP C 487 -37.64 -1.65 -1.07
CA TRP C 487 -38.23 -2.58 -2.06
C TRP C 487 -38.77 -3.87 -1.44
N HIS D 15 -54.13 2.25 -57.24
CA HIS D 15 -53.80 0.85 -57.52
C HIS D 15 -52.33 0.51 -57.27
N GLU D 16 -52.07 -0.33 -56.28
CA GLU D 16 -50.70 -0.67 -55.90
C GLU D 16 -50.41 -2.16 -56.03
N PRO D 17 -49.39 -2.51 -56.80
CA PRO D 17 -48.94 -3.90 -56.90
C PRO D 17 -48.22 -4.33 -55.62
N MET D 18 -47.98 -5.62 -55.48
CA MET D 18 -47.11 -6.09 -54.41
C MET D 18 -45.66 -5.72 -54.72
N ARG D 19 -44.86 -5.64 -53.67
CA ARG D 19 -43.42 -5.43 -53.80
C ARG D 19 -42.71 -6.71 -53.42
N ILE D 20 -42.30 -7.49 -54.42
CA ILE D 20 -41.59 -8.72 -54.14
C ILE D 20 -40.12 -8.59 -54.52
N ALA D 21 -39.25 -8.50 -53.52
CA ALA D 21 -37.83 -8.28 -53.76
C ALA D 21 -37.58 -7.19 -54.80
N GLY D 22 -38.32 -6.09 -54.68
CA GLY D 22 -38.11 -4.92 -55.51
C GLY D 22 -39.00 -4.87 -56.75
N ARG D 23 -39.60 -6.01 -57.10
CA ARG D 23 -40.41 -6.10 -58.30
C ARG D 23 -41.89 -5.82 -58.01
N LEU D 24 -42.53 -5.03 -58.86
CA LEU D 24 -43.98 -4.83 -58.75
C LEU D 24 -44.71 -6.07 -59.28
N VAL D 25 -45.49 -6.70 -58.42
CA VAL D 25 -46.21 -7.89 -58.82
C VAL D 25 -47.72 -7.74 -58.65
N ASP D 26 -48.46 -8.04 -59.71
CA ASP D 26 -49.91 -7.88 -59.72
C ASP D 26 -50.67 -9.19 -59.86
N THR D 27 -51.96 -9.17 -59.54
CA THR D 27 -52.86 -10.29 -59.77
C THR D 27 -54.13 -9.75 -60.40
N ASP D 28 -54.92 -10.65 -60.98
CA ASP D 28 -56.19 -10.25 -61.58
C ASP D 28 -57.17 -9.69 -60.57
N ASP D 29 -57.44 -10.46 -59.52
CA ASP D 29 -58.35 -10.01 -58.46
C ASP D 29 -57.69 -8.92 -57.63
N ARG D 30 -58.51 -8.03 -57.09
CA ARG D 30 -58.05 -6.91 -56.28
C ARG D 30 -58.68 -6.98 -54.91
N VAL D 31 -58.00 -6.39 -53.93
CA VAL D 31 -58.62 -6.09 -52.66
C VAL D 31 -58.85 -4.60 -52.64
N GLU D 32 -60.09 -4.18 -52.37
CA GLU D 32 -60.42 -2.77 -52.28
C GLU D 32 -60.12 -2.24 -50.89
N VAL D 33 -59.54 -1.04 -50.84
CA VAL D 33 -59.19 -0.41 -49.58
C VAL D 33 -60.04 0.84 -49.41
N ARG D 34 -60.82 0.89 -48.33
CA ARG D 34 -61.77 1.98 -48.14
C ARG D 34 -61.44 2.99 -47.03
N TYR D 35 -61.72 4.25 -47.32
CA TYR D 35 -61.55 5.36 -46.38
C TYR D 35 -62.71 5.33 -45.40
N PRO D 36 -62.43 5.06 -44.13
CA PRO D 36 -63.49 4.88 -43.12
C PRO D 36 -64.38 6.11 -42.87
N TRP D 37 -63.92 7.31 -43.20
CA TRP D 37 -64.72 8.52 -43.04
C TRP D 37 -65.98 8.47 -43.90
N ASN D 38 -65.81 8.16 -45.19
CA ASN D 38 -66.94 8.16 -46.14
C ASN D 38 -67.18 6.84 -46.88
N ASP D 39 -66.42 5.79 -46.56
CA ASP D 39 -66.60 4.47 -47.15
C ASP D 39 -66.29 4.39 -48.63
N THR D 40 -65.57 5.38 -49.16
CA THR D 40 -65.17 5.36 -50.56
C THR D 40 -63.88 4.57 -50.76
N VAL D 41 -63.76 3.91 -51.92
CA VAL D 41 -62.52 3.24 -52.28
C VAL D 41 -61.41 4.26 -52.55
N VAL D 42 -60.28 4.12 -51.87
CA VAL D 42 -59.14 5.02 -52.08
C VAL D 42 -57.98 4.30 -52.79
N GLY D 43 -58.04 2.98 -52.84
CA GLY D 43 -57.01 2.22 -53.52
C GLY D 43 -57.32 0.74 -53.59
N THR D 44 -56.54 0.01 -54.39
CA THR D 44 -56.67 -1.44 -54.44
C THR D 44 -55.28 -2.05 -54.41
N VAL D 45 -55.18 -3.27 -53.86
CA VAL D 45 -53.96 -4.05 -53.90
C VAL D 45 -54.27 -5.47 -54.39
N PRO D 46 -53.23 -6.21 -54.81
CA PRO D 46 -53.47 -7.55 -55.34
C PRO D 46 -54.06 -8.50 -54.31
N ALA D 47 -54.97 -9.36 -54.75
CA ALA D 47 -55.41 -10.47 -53.94
C ALA D 47 -54.35 -11.55 -54.04
N GLY D 48 -53.22 -11.35 -53.36
CA GLY D 48 -52.13 -12.30 -53.42
C GLY D 48 -52.48 -13.70 -52.93
N ARG D 49 -51.75 -14.69 -53.42
CA ARG D 49 -51.98 -16.09 -53.08
C ARG D 49 -50.76 -16.65 -52.39
N ALA D 50 -50.89 -17.85 -51.82
CA ALA D 50 -49.78 -18.51 -51.15
C ALA D 50 -48.51 -18.53 -52.01
N GLU D 51 -48.68 -18.71 -53.32
CA GLU D 51 -47.52 -18.80 -54.22
C GLU D 51 -46.67 -17.53 -54.25
N HIS D 52 -47.30 -16.38 -54.00
CA HIS D 52 -46.59 -15.11 -53.97
C HIS D 52 -45.74 -14.99 -52.69
N ALA D 53 -46.33 -15.34 -51.55
CA ALA D 53 -45.58 -15.43 -50.30
C ALA D 53 -44.46 -16.46 -50.43
N ARG D 54 -44.77 -17.60 -51.04
CA ARG D 54 -43.77 -18.64 -51.24
C ARG D 54 -42.55 -18.17 -52.02
N GLU D 55 -42.77 -17.35 -53.05
CA GLU D 55 -41.63 -16.87 -53.84
C GLU D 55 -40.84 -15.85 -53.05
N ALA D 56 -41.54 -14.97 -52.37
CA ALA D 56 -40.91 -13.99 -51.48
C ALA D 56 -39.92 -14.67 -50.55
N PHE D 57 -40.38 -15.72 -49.85
CA PHE D 57 -39.55 -16.44 -48.88
C PHE D 57 -38.41 -17.20 -49.53
N ALA D 58 -38.66 -17.74 -50.72
CA ALA D 58 -37.61 -18.42 -51.47
C ALA D 58 -36.47 -17.45 -51.78
N ILE D 59 -36.82 -16.25 -52.22
CA ILE D 59 -35.83 -15.21 -52.52
C ILE D 59 -35.11 -14.77 -51.25
N ALA D 60 -35.88 -14.55 -50.19
CA ALA D 60 -35.32 -14.09 -48.93
C ALA D 60 -34.32 -15.10 -48.41
N ALA D 61 -34.67 -16.38 -48.52
CA ALA D 61 -33.85 -17.47 -48.01
C ALA D 61 -32.55 -17.61 -48.78
N ALA D 62 -32.59 -17.39 -50.09
CA ALA D 62 -31.41 -17.57 -50.92
C ALA D 62 -30.42 -16.41 -50.79
N TYR D 63 -30.90 -15.26 -50.36
CA TYR D 63 -30.03 -14.08 -50.30
C TYR D 63 -29.34 -13.98 -48.94
N GLN D 64 -28.01 -13.90 -48.95
CA GLN D 64 -27.25 -13.74 -47.72
C GLN D 64 -26.71 -12.31 -47.62
N PRO D 65 -27.39 -11.45 -46.86
CA PRO D 65 -26.92 -10.07 -46.78
C PRO D 65 -25.49 -9.99 -46.28
N LYS D 66 -24.69 -9.08 -46.82
CA LYS D 66 -23.33 -8.89 -46.29
C LYS D 66 -23.05 -7.41 -46.04
N LEU D 67 -24.12 -6.66 -45.77
CA LEU D 67 -23.99 -5.24 -45.50
C LEU D 67 -23.14 -5.05 -44.27
N THR D 68 -22.20 -4.12 -44.31
CA THR D 68 -21.47 -3.78 -43.09
C THR D 68 -22.43 -3.07 -42.14
N ARG D 69 -22.05 -2.98 -40.87
CA ARG D 69 -22.79 -2.19 -39.88
C ARG D 69 -22.97 -0.75 -40.36
N TYR D 70 -21.92 -0.17 -40.91
CA TYR D 70 -22.01 1.18 -41.48
C TYR D 70 -23.06 1.27 -42.60
N GLU D 71 -23.03 0.30 -43.52
CA GLU D 71 -24.02 0.26 -44.60
C GLU D 71 -25.45 0.14 -44.08
N ARG D 72 -25.66 -0.72 -43.09
CA ARG D 72 -26.98 -0.87 -42.52
C ARG D 72 -27.44 0.45 -41.90
N GLN D 73 -26.54 1.09 -41.16
CA GLN D 73 -26.88 2.33 -40.50
C GLN D 73 -27.25 3.39 -41.53
N LYS D 74 -26.50 3.43 -42.63
CA LYS D 74 -26.72 4.42 -43.67
C LYS D 74 -28.14 4.26 -44.22
N ILE D 75 -28.52 3.01 -44.47
CA ILE D 75 -29.85 2.73 -45.02
C ILE D 75 -30.95 3.13 -44.06
N LEU D 76 -30.82 2.72 -42.80
CA LEU D 76 -31.82 2.99 -41.77
C LEU D 76 -31.98 4.49 -41.53
N LEU D 77 -30.87 5.21 -41.46
CA LEU D 77 -30.94 6.65 -41.24
C LEU D 77 -31.46 7.40 -42.49
N ALA D 78 -31.13 6.92 -43.69
CA ALA D 78 -31.68 7.58 -44.89
C ALA D 78 -33.19 7.38 -44.94
N THR D 79 -33.65 6.25 -44.43
CA THR D 79 -35.08 5.95 -44.37
C THR D 79 -35.77 6.90 -43.41
N ALA D 80 -35.15 7.10 -42.25
CA ALA D 80 -35.68 8.05 -41.27
C ALA D 80 -35.78 9.46 -41.90
N GLU D 81 -34.73 9.88 -42.59
CA GLU D 81 -34.74 11.18 -43.26
C GLU D 81 -35.87 11.27 -44.29
N ALA D 82 -36.13 10.17 -45.00
CA ALA D 82 -37.21 10.15 -45.98
C ALA D 82 -38.60 10.24 -45.33
N LEU D 83 -38.78 9.53 -44.21
CA LEU D 83 -40.05 9.59 -43.49
C LEU D 83 -40.32 11.02 -43.05
N ALA D 84 -39.28 11.69 -42.55
CA ALA D 84 -39.40 13.09 -42.18
C ALA D 84 -39.76 13.97 -43.36
N ALA D 85 -39.01 13.87 -44.46
CA ALA D 85 -39.24 14.73 -45.62
C ALA D 85 -40.62 14.50 -46.23
N ARG D 86 -41.09 13.26 -46.21
CA ARG D 86 -42.37 12.91 -46.80
C ARG D 86 -43.53 12.77 -45.81
N LYS D 87 -43.38 13.27 -44.58
CA LYS D 87 -44.37 13.00 -43.55
C LYS D 87 -45.80 13.38 -43.97
N GLU D 88 -45.94 14.44 -44.76
CA GLU D 88 -47.29 14.87 -45.18
C GLU D 88 -47.92 13.84 -46.10
N GLU D 89 -47.17 13.41 -47.11
CA GLU D 89 -47.62 12.38 -48.04
C GLU D 89 -47.95 11.09 -47.30
N ILE D 90 -47.02 10.64 -46.46
CA ILE D 90 -47.17 9.39 -45.73
C ILE D 90 -48.38 9.43 -44.80
N SER D 91 -48.50 10.47 -43.98
CA SER D 91 -49.65 10.55 -43.08
C SER D 91 -50.99 10.63 -43.84
N ASP D 92 -50.99 11.28 -45.01
CA ASP D 92 -52.20 11.26 -45.86
C ASP D 92 -52.63 9.82 -46.15
N VAL D 93 -51.69 9.02 -46.65
CA VAL D 93 -51.94 7.63 -46.95
C VAL D 93 -52.47 6.88 -45.73
N ILE D 94 -51.86 7.14 -44.57
CA ILE D 94 -52.31 6.50 -43.33
C ILE D 94 -53.74 6.90 -42.97
N THR D 95 -54.00 8.20 -42.97
CA THR D 95 -55.34 8.68 -42.67
C THR D 95 -56.38 8.10 -43.65
N LEU D 96 -56.05 8.08 -44.94
CA LEU D 96 -56.97 7.62 -45.96
C LEU D 96 -57.35 6.14 -45.87
N GLU D 97 -56.46 5.29 -45.34
CA GLU D 97 -56.88 3.90 -45.13
C GLU D 97 -57.37 3.58 -43.71
N LEU D 98 -56.89 4.32 -42.72
CA LEU D 98 -57.22 4.00 -41.34
C LEU D 98 -58.30 4.91 -40.76
N GLY D 99 -58.27 6.18 -41.14
CA GLY D 99 -59.27 7.12 -40.68
C GLY D 99 -58.91 7.92 -39.46
N ILE D 100 -57.76 7.64 -38.84
CA ILE D 100 -57.31 8.48 -37.74
C ILE D 100 -57.03 9.90 -38.22
N SER D 101 -57.16 10.87 -37.32
CA SER D 101 -56.86 12.26 -37.66
C SER D 101 -55.45 12.42 -38.20
N LYS D 102 -55.24 13.49 -38.97
CA LYS D 102 -53.91 13.84 -39.45
C LYS D 102 -53.00 14.11 -38.26
N ALA D 103 -53.58 14.55 -37.15
CA ALA D 103 -52.81 14.74 -35.93
C ALA D 103 -52.19 13.41 -35.48
N ASP D 104 -53.04 12.39 -35.35
CA ASP D 104 -52.60 11.05 -34.98
C ASP D 104 -51.66 10.41 -36.02
N SER D 105 -51.92 10.63 -37.31
CA SER D 105 -51.09 10.01 -38.34
C SER D 105 -49.73 10.69 -38.54
N LEU D 106 -49.68 12.00 -38.33
CA LEU D 106 -48.39 12.69 -38.30
C LEU D 106 -47.57 12.19 -37.10
N TYR D 107 -48.21 12.03 -35.95
CA TYR D 107 -47.57 11.43 -34.79
C TYR D 107 -47.00 10.05 -35.12
N GLU D 108 -47.79 9.21 -35.78
CA GLU D 108 -47.31 7.88 -36.14
C GLU D 108 -46.05 7.91 -37.01
N VAL D 109 -45.98 8.84 -37.96
CA VAL D 109 -44.77 8.98 -38.76
C VAL D 109 -43.57 9.36 -37.87
N GLY D 110 -43.81 10.20 -36.87
CA GLY D 110 -42.78 10.55 -35.91
C GLY D 110 -42.31 9.34 -35.09
N ARG D 111 -43.23 8.43 -34.78
CA ARG D 111 -42.86 7.18 -34.12
C ARG D 111 -41.99 6.31 -35.02
N ALA D 112 -42.34 6.20 -36.30
CA ALA D 112 -41.54 5.38 -37.21
C ALA D 112 -40.18 6.02 -37.48
N PHE D 113 -40.15 7.35 -37.55
CA PHE D 113 -38.90 8.08 -37.65
C PHE D 113 -37.96 7.67 -36.49
N ASP D 114 -38.50 7.63 -35.28
CA ASP D 114 -37.77 7.15 -34.10
C ASP D 114 -37.33 5.70 -34.24
N VAL D 115 -38.22 4.84 -34.73
CA VAL D 115 -37.87 3.45 -34.92
C VAL D 115 -36.66 3.30 -35.84
N PHE D 116 -36.70 3.94 -37.00
CA PHE D 116 -35.59 3.80 -37.92
C PHE D 116 -34.34 4.51 -37.39
N THR D 117 -34.54 5.63 -36.68
CA THR D 117 -33.39 6.38 -36.18
C THR D 117 -32.64 5.54 -35.15
N LEU D 118 -33.37 5.01 -34.18
CA LEU D 118 -32.76 4.19 -33.14
C LEU D 118 -32.19 2.87 -33.68
N ALA D 119 -32.90 2.22 -34.60
CA ALA D 119 -32.35 0.99 -35.18
C ALA D 119 -31.00 1.26 -35.83
N GLY D 120 -30.92 2.34 -36.63
CA GLY D 120 -29.68 2.64 -37.31
C GLY D 120 -28.57 2.90 -36.30
N GLN D 121 -28.89 3.67 -35.26
CA GLN D 121 -27.88 4.02 -34.26
C GLN D 121 -27.42 2.80 -33.45
N MET D 122 -28.32 1.84 -33.26
CA MET D 122 -27.98 0.58 -32.57
C MET D 122 -27.00 -0.28 -33.37
N CYS D 123 -26.82 0.03 -34.66
CA CYS D 123 -25.89 -0.75 -35.50
C CYS D 123 -24.42 -0.71 -35.06
N ILE D 124 -24.03 0.30 -34.30
CA ILE D 124 -22.63 0.39 -33.88
C ILE D 124 -22.39 -0.42 -32.61
N ARG D 125 -23.44 -0.98 -32.04
CA ARG D 125 -23.30 -1.71 -30.78
C ARG D 125 -23.14 -3.20 -30.99
N ASP D 126 -22.14 -3.77 -30.32
CA ASP D 126 -21.83 -5.19 -30.36
C ASP D 126 -21.94 -5.73 -28.94
N ASP D 127 -22.94 -6.57 -28.68
CA ASP D 127 -23.16 -6.99 -27.30
C ASP D 127 -22.45 -8.30 -26.96
N GLY D 128 -21.47 -8.66 -27.77
CA GLY D 128 -20.65 -9.82 -27.52
C GLY D 128 -20.12 -9.90 -26.09
N GLU D 129 -20.04 -11.12 -25.57
CA GLU D 129 -19.55 -11.37 -24.21
C GLU D 129 -18.28 -12.22 -24.24
N ILE D 130 -17.52 -12.15 -23.16
CA ILE D 130 -16.31 -12.97 -23.01
C ILE D 130 -16.38 -13.71 -21.66
N PHE D 131 -16.12 -15.01 -21.67
CA PHE D 131 -16.10 -15.78 -20.42
C PHE D 131 -14.72 -16.35 -20.20
N SER D 132 -14.20 -16.24 -18.99
CA SER D 132 -12.98 -16.95 -18.63
C SER D 132 -13.38 -18.34 -18.19
N CYS D 133 -12.57 -19.34 -18.50
CA CYS D 133 -12.98 -20.73 -18.27
C CYS D 133 -12.27 -21.42 -17.11
N ASP D 134 -11.39 -20.71 -16.42
CA ASP D 134 -10.66 -21.32 -15.31
C ASP D 134 -11.39 -21.08 -13.99
N LEU D 135 -12.66 -21.49 -13.92
CA LEU D 135 -13.56 -21.05 -12.86
C LEU D 135 -13.85 -22.07 -11.77
N THR D 136 -13.70 -23.34 -12.10
CA THR D 136 -14.06 -24.44 -11.17
C THR D 136 -12.99 -25.52 -11.23
N PRO D 137 -13.16 -26.62 -10.46
CA PRO D 137 -12.21 -27.74 -10.57
C PRO D 137 -12.16 -28.32 -11.99
N HIS D 138 -13.20 -28.12 -12.79
CA HIS D 138 -13.23 -28.60 -14.18
C HIS D 138 -12.69 -27.53 -15.15
N GLY D 139 -12.11 -26.46 -14.59
CA GLY D 139 -11.77 -25.29 -15.38
C GLY D 139 -10.60 -25.52 -16.34
N LYS D 140 -10.54 -24.70 -17.39
CA LYS D 140 -9.45 -24.74 -18.36
C LYS D 140 -8.90 -23.33 -18.65
N ALA D 141 -7.66 -23.26 -19.14
CA ALA D 141 -7.03 -21.99 -19.53
C ALA D 141 -7.49 -21.62 -20.94
N ARG D 142 -8.66 -21.00 -21.00
CA ARG D 142 -9.37 -20.86 -22.25
C ARG D 142 -10.35 -19.71 -22.08
N LYS D 143 -10.70 -19.05 -23.18
CA LYS D 143 -11.75 -18.05 -23.16
C LYS D 143 -12.84 -18.41 -24.17
N ILE D 144 -14.08 -18.06 -23.82
CA ILE D 144 -15.22 -18.25 -24.68
C ILE D 144 -15.71 -16.87 -25.10
N PHE D 145 -16.03 -16.72 -26.40
CA PHE D 145 -16.46 -15.45 -26.96
C PHE D 145 -17.83 -15.62 -27.61
N THR D 146 -18.67 -14.58 -27.61
CA THR D 146 -19.99 -14.68 -28.23
C THR D 146 -20.19 -13.67 -29.37
N MET D 147 -21.13 -14.01 -30.24
CA MET D 147 -21.24 -13.38 -31.54
C MET D 147 -22.64 -13.69 -32.09
N ARG D 148 -23.21 -12.77 -32.85
CA ARG D 148 -24.55 -12.95 -33.39
C ARG D 148 -24.53 -13.14 -34.90
N GLU D 149 -25.43 -13.99 -35.40
CA GLU D 149 -25.57 -14.20 -36.84
C GLU D 149 -27.06 -14.12 -37.22
N PRO D 150 -27.38 -13.73 -38.46
CA PRO D 150 -28.79 -13.57 -38.83
C PRO D 150 -29.49 -14.91 -39.11
N LEU D 151 -30.82 -14.85 -39.26
CA LEU D 151 -31.61 -16.03 -39.57
C LEU D 151 -31.77 -16.22 -41.08
N THR D 152 -32.41 -17.30 -41.48
CA THR D 152 -32.66 -17.56 -42.90
C THR D 152 -33.72 -16.63 -43.46
N ALA D 153 -34.85 -16.55 -42.78
CA ALA D 153 -35.94 -15.67 -43.22
C ALA D 153 -36.84 -15.33 -42.05
N ILE D 154 -37.41 -14.14 -42.09
CA ILE D 154 -38.36 -13.72 -41.07
C ILE D 154 -39.69 -13.36 -41.70
N SER D 155 -40.77 -13.79 -41.03
CA SER D 155 -42.13 -13.55 -41.47
C SER D 155 -42.78 -12.54 -40.53
N ALA D 156 -43.22 -11.40 -41.07
CA ALA D 156 -43.85 -10.36 -40.27
C ALA D 156 -45.34 -10.22 -40.64
N ILE D 157 -46.21 -10.23 -39.63
CA ILE D 157 -47.65 -10.04 -39.85
C ILE D 157 -48.18 -8.91 -38.97
N THR D 158 -48.71 -7.86 -39.61
CA THR D 158 -49.07 -6.62 -38.90
C THR D 158 -50.56 -6.29 -38.96
N PRO D 159 -51.06 -5.57 -37.94
CA PRO D 159 -52.47 -5.22 -37.81
C PRO D 159 -52.79 -3.83 -38.41
N PHE D 160 -54.04 -3.40 -38.31
CA PHE D 160 -54.47 -2.14 -38.93
C PHE D 160 -54.09 -0.93 -38.09
N ASN D 161 -53.77 -1.21 -36.83
CA ASN D 161 -53.53 -0.25 -35.77
C ASN D 161 -52.54 0.89 -36.06
N HIS D 162 -51.36 0.49 -36.49
CA HIS D 162 -50.32 1.42 -36.85
C HIS D 162 -49.77 0.91 -38.17
N PRO D 163 -50.43 1.28 -39.28
CA PRO D 163 -50.10 0.75 -40.60
C PRO D 163 -48.65 1.03 -40.97
N LEU D 164 -48.07 2.05 -40.35
CA LEU D 164 -46.67 2.38 -40.59
C LEU D 164 -45.75 1.87 -39.49
N ASN D 165 -46.05 2.24 -38.26
CA ASN D 165 -45.15 1.98 -37.15
C ASN D 165 -45.02 0.50 -36.85
N MET D 166 -46.10 -0.24 -37.05
CA MET D 166 -46.06 -1.67 -36.78
C MET D 166 -45.10 -2.37 -37.75
N VAL D 167 -45.12 -1.94 -39.00
CA VAL D 167 -44.23 -2.47 -39.99
C VAL D 167 -42.78 -2.00 -39.67
N ALA D 168 -42.62 -0.73 -39.33
CA ALA D 168 -41.30 -0.24 -38.96
C ALA D 168 -40.65 -1.09 -37.85
N HIS D 169 -41.43 -1.39 -36.81
CA HIS D 169 -40.91 -2.15 -35.67
C HIS D 169 -40.44 -3.55 -36.05
N LYS D 170 -41.04 -4.09 -37.12
CA LYS D 170 -40.70 -5.43 -37.55
C LYS D 170 -39.63 -5.42 -38.64
N VAL D 171 -39.57 -4.36 -39.44
CA VAL D 171 -38.60 -4.34 -40.54
C VAL D 171 -37.22 -3.73 -40.18
N ALA D 172 -37.21 -2.62 -39.45
CA ALA D 172 -35.95 -1.97 -39.08
C ALA D 172 -34.93 -2.88 -38.37
N PRO D 173 -35.36 -3.62 -37.34
CA PRO D 173 -34.41 -4.50 -36.65
C PRO D 173 -33.92 -5.63 -37.53
N ALA D 174 -34.75 -6.07 -38.50
CA ALA D 174 -34.30 -7.10 -39.44
C ALA D 174 -33.21 -6.55 -40.35
N ILE D 175 -33.40 -5.34 -40.86
CA ILE D 175 -32.38 -4.70 -41.66
C ILE D 175 -31.09 -4.54 -40.85
N ALA D 176 -31.22 -4.08 -39.62
CA ALA D 176 -30.05 -3.82 -38.77
C ALA D 176 -29.23 -5.08 -38.46
N THR D 177 -29.86 -6.24 -38.64
CA THR D 177 -29.25 -7.49 -38.27
C THR D 177 -28.93 -8.38 -39.47
N ASN D 178 -29.00 -7.80 -40.67
CA ASN D 178 -28.73 -8.53 -41.91
C ASN D 178 -29.70 -9.69 -42.19
N ASN D 179 -30.95 -9.50 -41.80
CA ASN D 179 -31.99 -10.49 -42.09
C ASN D 179 -32.76 -10.14 -43.35
N CYS D 180 -33.55 -11.11 -43.81
CA CYS D 180 -34.45 -10.90 -44.92
C CYS D 180 -35.87 -11.14 -44.45
N VAL D 181 -36.72 -10.15 -44.68
CA VAL D 181 -38.05 -10.18 -44.11
C VAL D 181 -39.12 -10.06 -45.18
N VAL D 182 -40.24 -10.75 -44.97
CA VAL D 182 -41.39 -10.68 -45.85
C VAL D 182 -42.56 -10.24 -45.00
N VAL D 183 -43.20 -9.12 -45.38
CA VAL D 183 -44.29 -8.56 -44.58
C VAL D 183 -45.64 -8.77 -45.25
N LYS D 184 -46.63 -9.23 -44.48
CA LYS D 184 -48.02 -9.24 -44.96
C LYS D 184 -48.88 -8.35 -44.05
N PRO D 185 -49.10 -7.11 -44.45
CA PRO D 185 -49.92 -6.22 -43.64
C PRO D 185 -51.38 -6.62 -43.74
N THR D 186 -52.22 -6.14 -42.83
CA THR D 186 -53.65 -6.39 -42.90
C THR D 186 -54.22 -5.88 -44.22
N GLU D 187 -55.28 -6.52 -44.69
CA GLU D 187 -55.89 -6.15 -45.96
C GLU D 187 -56.65 -4.83 -45.80
N LEU D 188 -56.90 -4.46 -44.56
CA LEU D 188 -57.54 -3.19 -44.24
C LEU D 188 -56.65 -1.96 -44.47
N THR D 189 -55.36 -2.08 -44.20
CA THR D 189 -54.48 -0.93 -44.32
C THR D 189 -53.11 -1.30 -44.90
N PRO D 190 -53.09 -1.80 -46.15
CA PRO D 190 -51.88 -2.31 -46.79
C PRO D 190 -51.03 -1.27 -47.51
N MET D 191 -51.65 -0.18 -47.97
CA MET D 191 -50.95 0.80 -48.80
C MET D 191 -49.75 1.45 -48.11
N THR D 192 -49.90 1.78 -46.83
CA THR D 192 -48.79 2.38 -46.10
C THR D 192 -47.54 1.48 -46.13
N ALA D 193 -47.73 0.18 -45.91
CA ALA D 193 -46.63 -0.80 -46.01
C ALA D 193 -45.92 -0.85 -47.37
N LEU D 194 -46.71 -0.77 -48.44
CA LEU D 194 -46.12 -0.78 -49.77
C LEU D 194 -45.31 0.50 -50.03
N LEU D 195 -45.83 1.63 -49.57
CA LEU D 195 -45.10 2.88 -49.66
C LEU D 195 -43.78 2.80 -48.89
N LEU D 196 -43.80 2.21 -47.70
CA LEU D 196 -42.58 2.08 -46.88
C LEU D 196 -41.55 1.24 -47.61
N ALA D 197 -42.01 0.19 -48.27
CA ALA D 197 -41.11 -0.64 -49.07
C ALA D 197 -40.40 0.19 -50.13
N ASP D 198 -41.15 1.03 -50.84
CA ASP D 198 -40.57 1.91 -51.86
C ASP D 198 -39.50 2.82 -51.26
N ILE D 199 -39.81 3.39 -50.11
CA ILE D 199 -38.85 4.27 -49.44
C ILE D 199 -37.57 3.51 -49.08
N LEU D 200 -37.71 2.31 -48.53
CA LEU D 200 -36.53 1.49 -48.19
C LEU D 200 -35.66 1.13 -49.41
N TYR D 201 -36.29 0.71 -50.50
CA TYR D 201 -35.55 0.43 -51.72
C TYR D 201 -34.82 1.70 -52.17
N GLU D 202 -35.50 2.84 -52.08
CA GLU D 202 -34.90 4.10 -52.51
C GLU D 202 -33.75 4.50 -51.60
N ALA D 203 -33.82 4.10 -50.33
CA ALA D 203 -32.75 4.40 -49.38
C ALA D 203 -31.58 3.43 -49.52
N GLY D 204 -31.67 2.49 -50.46
CA GLY D 204 -30.55 1.63 -50.78
C GLY D 204 -30.59 0.23 -50.19
N LEU D 205 -31.72 -0.18 -49.64
CA LEU D 205 -31.83 -1.56 -49.18
C LEU D 205 -31.75 -2.50 -50.35
N PRO D 206 -30.85 -3.50 -50.29
CA PRO D 206 -30.88 -4.57 -51.29
C PRO D 206 -32.28 -5.17 -51.33
N PRO D 207 -32.91 -5.16 -52.52
CA PRO D 207 -34.31 -5.55 -52.64
C PRO D 207 -34.65 -6.90 -52.02
N GLU D 208 -33.72 -7.85 -52.10
CA GLU D 208 -33.94 -9.21 -51.58
C GLU D 208 -34.26 -9.26 -50.09
N MET D 209 -33.92 -8.19 -49.38
CA MET D 209 -34.11 -8.13 -47.95
C MET D 209 -35.53 -7.73 -47.50
N LEU D 210 -36.35 -7.32 -48.44
CA LEU D 210 -37.72 -6.93 -48.12
C LEU D 210 -38.73 -7.24 -49.21
N SER D 211 -39.79 -7.95 -48.84
CA SER D 211 -40.97 -8.07 -49.69
C SER D 211 -42.20 -7.67 -48.89
N VAL D 212 -43.17 -7.09 -49.56
CA VAL D 212 -44.48 -6.82 -48.97
C VAL D 212 -45.54 -7.45 -49.88
N VAL D 213 -46.24 -8.44 -49.36
CA VAL D 213 -47.28 -9.14 -50.09
C VAL D 213 -48.65 -8.87 -49.46
N THR D 214 -49.69 -8.96 -50.27
CA THR D 214 -51.04 -8.60 -49.83
C THR D 214 -52.02 -9.64 -50.34
N GLY D 215 -53.17 -9.74 -49.68
CA GLY D 215 -54.18 -10.70 -50.06
C GLY D 215 -55.08 -11.02 -48.89
N TRP D 216 -56.08 -11.87 -49.11
CA TRP D 216 -56.99 -12.25 -48.06
C TRP D 216 -56.31 -13.26 -47.14
N PRO D 217 -56.59 -13.19 -45.84
CA PRO D 217 -55.98 -14.16 -44.92
C PRO D 217 -56.16 -15.59 -45.43
N ALA D 218 -57.37 -15.90 -45.90
CA ALA D 218 -57.74 -17.25 -46.32
C ALA D 218 -56.85 -17.88 -47.40
N ASP D 219 -56.20 -17.07 -48.23
CA ASP D 219 -55.36 -17.67 -49.28
C ASP D 219 -53.85 -17.43 -49.19
N ILE D 220 -53.42 -16.37 -48.49
CA ILE D 220 -51.99 -16.09 -48.32
C ILE D 220 -51.55 -16.11 -46.84
N GLY D 221 -52.50 -16.06 -45.93
CA GLY D 221 -52.19 -16.03 -44.50
C GLY D 221 -51.39 -17.22 -43.96
N MET D 222 -51.82 -18.43 -44.28
CA MET D 222 -51.19 -19.61 -43.73
C MET D 222 -49.77 -19.78 -44.24
N GLU D 223 -49.49 -19.28 -45.44
CA GLU D 223 -48.14 -19.40 -46.02
C GLU D 223 -47.12 -18.59 -45.20
N MET D 224 -47.54 -17.44 -44.68
CA MET D 224 -46.67 -16.61 -43.85
C MET D 224 -46.24 -17.34 -42.58
N ILE D 225 -47.00 -18.37 -42.22
CA ILE D 225 -46.85 -19.05 -40.94
C ILE D 225 -46.14 -20.40 -41.02
N THR D 226 -46.32 -21.09 -42.15
CA THR D 226 -45.85 -22.46 -42.29
C THR D 226 -44.72 -22.60 -43.29
N ASN D 227 -44.34 -21.51 -43.96
CA ASN D 227 -43.28 -21.60 -44.95
C ASN D 227 -42.01 -22.17 -44.33
N PRO D 228 -41.42 -23.19 -44.97
CA PRO D 228 -40.28 -23.91 -44.42
C PRO D 228 -39.00 -23.07 -44.24
N HIS D 229 -38.86 -21.98 -44.97
CA HIS D 229 -37.68 -21.13 -44.84
C HIS D 229 -37.75 -20.21 -43.63
N VAL D 230 -38.95 -20.05 -43.08
CA VAL D 230 -39.18 -19.09 -42.00
C VAL D 230 -38.62 -19.57 -40.67
N ASP D 231 -37.61 -18.85 -40.16
CA ASP D 231 -37.01 -19.20 -38.87
C ASP D 231 -37.77 -18.56 -37.73
N LEU D 232 -38.42 -17.43 -38.01
CA LEU D 232 -39.11 -16.67 -36.97
C LEU D 232 -40.33 -15.96 -37.53
N VAL D 233 -41.44 -16.01 -36.78
CA VAL D 233 -42.64 -15.27 -37.11
C VAL D 233 -42.88 -14.18 -36.06
N THR D 234 -42.94 -12.93 -36.50
CA THR D 234 -43.27 -11.85 -35.59
C THR D 234 -44.65 -11.29 -35.93
N PHE D 235 -45.54 -11.28 -34.95
CA PHE D 235 -46.95 -10.99 -35.18
C PHE D 235 -47.49 -10.01 -34.15
N THR D 236 -48.29 -9.05 -34.61
CA THR D 236 -49.08 -8.24 -33.71
C THR D 236 -50.54 -8.31 -34.20
N GLY D 237 -51.47 -8.54 -33.28
CA GLY D 237 -52.87 -8.67 -33.64
C GLY D 237 -53.75 -9.17 -32.50
N SER D 238 -54.88 -9.78 -32.86
CA SER D 238 -55.83 -10.29 -31.86
C SER D 238 -55.41 -11.64 -31.27
N VAL D 239 -55.94 -11.96 -30.11
CA VAL D 239 -55.69 -13.25 -29.46
C VAL D 239 -56.05 -14.48 -30.30
N PRO D 240 -57.25 -14.51 -30.92
CA PRO D 240 -57.61 -15.71 -31.69
C PRO D 240 -56.59 -16.00 -32.78
N VAL D 241 -56.14 -14.94 -33.46
CA VAL D 241 -55.23 -15.11 -34.60
C VAL D 241 -53.82 -15.45 -34.12
N GLY D 242 -53.42 -14.88 -33.00
CA GLY D 242 -52.16 -15.24 -32.36
C GLY D 242 -52.11 -16.71 -31.92
N LYS D 243 -53.20 -17.20 -31.34
CA LYS D 243 -53.29 -18.63 -30.99
C LYS D 243 -53.20 -19.55 -32.22
N LEU D 244 -53.88 -19.16 -33.30
CA LEU D 244 -53.78 -19.91 -34.55
C LEU D 244 -52.34 -19.97 -35.07
N ILE D 245 -51.64 -18.86 -35.01
CA ILE D 245 -50.24 -18.82 -35.42
C ILE D 245 -49.37 -19.72 -34.54
N ALA D 246 -49.57 -19.66 -33.23
CA ALA D 246 -48.81 -20.48 -32.29
C ALA D 246 -48.99 -21.96 -32.56
N ALA D 247 -50.22 -22.34 -32.88
CA ALA D 247 -50.57 -23.74 -33.10
C ALA D 247 -50.01 -24.25 -34.42
N ASN D 248 -49.74 -23.33 -35.33
CA ASN D 248 -49.34 -23.72 -36.70
C ASN D 248 -47.89 -23.40 -37.08
N ALA D 249 -47.25 -22.48 -36.35
CA ALA D 249 -45.83 -22.18 -36.58
C ALA D 249 -44.97 -23.18 -35.81
N HIS D 250 -45.12 -24.45 -36.12
CA HIS D 250 -44.73 -25.54 -35.22
C HIS D 250 -43.40 -25.43 -34.48
N TYR D 251 -42.29 -25.45 -35.19
CA TYR D 251 -40.97 -25.46 -34.55
C TYR D 251 -40.23 -24.13 -34.71
N LYS D 252 -40.93 -23.12 -35.21
CA LYS D 252 -40.36 -21.80 -35.49
C LYS D 252 -40.37 -20.93 -34.25
N ARG D 253 -39.48 -19.94 -34.20
CA ARG D 253 -39.51 -18.97 -33.12
C ARG D 253 -40.71 -18.06 -33.39
N GLN D 254 -41.39 -17.65 -32.32
CA GLN D 254 -42.58 -16.81 -32.44
C GLN D 254 -42.47 -15.64 -31.48
N VAL D 255 -42.64 -14.43 -31.98
CA VAL D 255 -42.81 -13.28 -31.09
C VAL D 255 -44.22 -12.75 -31.32
N LEU D 256 -45.10 -12.93 -30.35
CA LEU D 256 -46.52 -12.62 -30.53
C LEU D 256 -46.95 -11.53 -29.57
N GLU D 257 -47.47 -10.43 -30.12
CA GLU D 257 -48.02 -9.39 -29.26
C GLU D 257 -49.51 -9.22 -29.58
N LEU D 258 -50.32 -9.38 -28.54
CA LEU D 258 -51.76 -9.56 -28.68
C LEU D 258 -52.48 -8.43 -27.96
N GLY D 259 -53.70 -8.66 -27.54
CA GLY D 259 -54.40 -7.60 -26.85
C GLY D 259 -53.74 -6.99 -25.62
N GLY D 260 -54.29 -5.87 -25.19
CA GLY D 260 -54.10 -5.39 -23.83
C GLY D 260 -55.47 -5.01 -23.30
N ASN D 261 -55.56 -4.78 -21.99
CA ASN D 261 -56.74 -4.18 -21.41
C ASN D 261 -56.31 -3.30 -20.26
N ASP D 262 -55.62 -2.22 -20.60
CA ASP D 262 -54.77 -1.55 -19.65
C ASP D 262 -55.46 -0.47 -18.83
N PRO D 263 -55.13 -0.42 -17.55
CA PRO D 263 -55.75 0.53 -16.63
C PRO D 263 -54.92 1.79 -16.45
N LEU D 264 -55.61 2.87 -16.13
CA LEU D 264 -54.95 4.01 -15.52
C LEU D 264 -55.57 4.06 -14.15
N ILE D 265 -54.72 4.03 -13.14
CA ILE D 265 -55.19 3.95 -11.77
C ILE D 265 -54.96 5.28 -11.06
N ILE D 266 -56.03 5.76 -10.44
CA ILE D 266 -56.00 7.05 -9.77
C ILE D 266 -56.13 6.80 -8.27
N LEU D 267 -55.07 7.10 -7.50
CA LEU D 267 -55.06 6.81 -6.07
C LEU D 267 -55.59 8.00 -5.24
N ASN D 268 -56.08 7.71 -4.04
CA ASN D 268 -56.79 8.73 -3.28
C ASN D 268 -55.93 9.77 -2.56
N ASP D 269 -54.61 9.73 -2.77
CA ASP D 269 -53.74 10.69 -2.08
C ASP D 269 -53.64 12.01 -2.84
N LEU D 270 -54.15 12.02 -4.07
CA LEU D 270 -53.90 13.14 -4.99
C LEU D 270 -54.65 14.43 -4.62
N SER D 271 -53.95 15.55 -4.78
CA SER D 271 -54.56 16.86 -4.60
C SER D 271 -55.45 17.16 -5.80
N ASP D 272 -56.22 18.23 -5.73
CA ASP D 272 -57.05 18.63 -6.86
C ASP D 272 -56.22 18.93 -8.13
N ASP D 273 -55.09 19.60 -7.98
CA ASP D 273 -54.24 19.90 -9.12
C ASP D 273 -53.72 18.63 -9.79
N ASP D 274 -53.29 17.66 -8.98
CA ASP D 274 -52.86 16.38 -9.51
C ASP D 274 -54.02 15.63 -10.16
N LEU D 275 -55.23 15.79 -9.64
CA LEU D 275 -56.39 15.13 -10.25
C LEU D 275 -56.61 15.71 -11.64
N ALA D 276 -56.36 17.00 -11.79
CA ALA D 276 -56.43 17.64 -13.09
C ALA D 276 -55.39 17.03 -14.06
N ARG D 277 -54.14 16.89 -13.57
CA ARG D 277 -53.08 16.24 -14.33
C ARG D 277 -53.48 14.82 -14.74
N ALA D 278 -53.97 14.02 -13.77
CA ALA D 278 -54.40 12.66 -14.05
C ALA D 278 -55.56 12.63 -15.06
N ALA D 279 -56.44 13.62 -14.94
CA ALA D 279 -57.56 13.75 -15.88
C ALA D 279 -57.01 13.90 -17.28
N ASP D 280 -55.98 14.73 -17.42
CA ASP D 280 -55.29 14.91 -18.70
C ASP D 280 -54.80 13.58 -19.28
N LEU D 281 -54.12 12.78 -18.45
CA LEU D 281 -53.60 11.50 -18.88
C LEU D 281 -54.74 10.55 -19.26
N ALA D 282 -55.80 10.58 -18.47
CA ALA D 282 -56.95 9.73 -18.73
C ALA D 282 -57.52 9.98 -20.12
N VAL D 283 -57.77 11.25 -20.42
CA VAL D 283 -58.42 11.59 -21.68
C VAL D 283 -57.48 11.26 -22.84
N ALA D 284 -56.24 11.72 -22.74
CA ALA D 284 -55.23 11.39 -23.75
C ALA D 284 -55.06 9.87 -23.94
N GLY D 285 -54.85 9.16 -22.85
CA GLY D 285 -54.63 7.72 -22.92
C GLY D 285 -55.80 6.95 -23.51
N ALA D 286 -57.02 7.45 -23.29
CA ALA D 286 -58.23 6.79 -23.81
C ALA D 286 -58.53 7.09 -25.28
N THR D 287 -58.07 8.23 -25.77
CA THR D 287 -58.52 8.70 -27.08
C THR D 287 -57.44 8.75 -28.17
N LYS D 288 -56.16 8.80 -27.80
CA LYS D 288 -55.09 8.88 -28.81
C LYS D 288 -55.21 7.74 -29.83
N ASN D 289 -55.00 8.06 -31.11
CA ASN D 289 -55.13 7.07 -32.18
C ASN D 289 -56.55 6.50 -32.19
N SER D 290 -57.52 7.30 -31.76
CA SER D 290 -58.92 6.86 -31.72
C SER D 290 -59.08 5.68 -30.76
N GLY D 291 -58.22 5.62 -29.74
CA GLY D 291 -58.25 4.55 -28.77
C GLY D 291 -57.81 3.19 -29.31
N GLN D 292 -57.26 3.18 -30.52
CA GLN D 292 -56.83 1.95 -31.15
C GLN D 292 -55.36 1.66 -30.86
N ARG D 293 -55.09 1.34 -29.60
CA ARG D 293 -53.77 0.90 -29.20
C ARG D 293 -53.94 -0.28 -28.27
N CYS D 294 -53.10 -1.29 -28.47
CA CYS D 294 -53.02 -2.40 -27.53
C CYS D 294 -52.89 -1.85 -26.11
N THR D 295 -52.21 -0.73 -25.97
CA THR D 295 -51.93 -0.15 -24.64
C THR D 295 -52.82 1.04 -24.30
N ALA D 296 -53.89 1.23 -25.06
CA ALA D 296 -54.79 2.36 -24.81
C ALA D 296 -55.35 2.22 -23.40
N VAL D 297 -55.71 3.36 -22.79
CA VAL D 297 -56.40 3.31 -21.50
C VAL D 297 -57.81 2.79 -21.75
N LYS D 298 -58.10 1.61 -21.22
CA LYS D 298 -59.40 0.99 -21.46
C LYS D 298 -60.26 0.92 -20.22
N ARG D 299 -59.65 1.25 -19.07
CA ARG D 299 -60.30 1.21 -17.78
C ARG D 299 -59.62 2.26 -16.93
N ILE D 300 -60.39 3.22 -16.45
CA ILE D 300 -59.90 4.22 -15.51
C ILE D 300 -60.38 3.84 -14.11
N LEU D 301 -59.47 3.28 -13.32
CA LEU D 301 -59.79 2.82 -11.99
C LEU D 301 -59.53 3.97 -11.03
N CYS D 302 -60.60 4.63 -10.63
CA CYS D 302 -60.53 5.77 -9.73
C CYS D 302 -61.00 5.36 -8.34
N GLN D 303 -60.15 5.52 -7.33
CA GLN D 303 -60.55 5.16 -5.98
C GLN D 303 -61.71 6.04 -5.51
N GLU D 304 -62.70 5.40 -4.87
CA GLU D 304 -63.98 6.04 -4.55
C GLU D 304 -63.86 7.46 -4.03
N SER D 305 -63.01 7.67 -3.03
CA SER D 305 -62.97 8.95 -2.32
C SER D 305 -62.58 10.18 -3.15
N VAL D 306 -61.95 9.99 -4.31
CA VAL D 306 -61.60 11.14 -5.14
C VAL D 306 -62.41 11.21 -6.42
N ALA D 307 -63.28 10.24 -6.63
CA ALA D 307 -64.00 10.15 -7.90
C ALA D 307 -64.86 11.38 -8.16
N ASP D 308 -65.48 11.93 -7.11
CA ASP D 308 -66.37 13.07 -7.26
C ASP D 308 -65.60 14.30 -7.72
N ARG D 309 -64.32 14.36 -7.36
CA ARG D 309 -63.48 15.47 -7.77
C ARG D 309 -62.84 15.22 -9.13
N PHE D 310 -62.52 13.95 -9.39
CA PHE D 310 -61.81 13.56 -10.61
C PHE D 310 -62.68 13.56 -11.87
N VAL D 311 -63.88 13.01 -11.78
CA VAL D 311 -64.73 12.83 -12.96
C VAL D 311 -65.11 14.13 -13.68
N PRO D 312 -65.48 15.18 -12.94
CA PRO D 312 -65.79 16.45 -13.59
C PRO D 312 -64.61 17.02 -14.37
N LEU D 313 -63.40 16.81 -13.86
CA LEU D 313 -62.19 17.25 -14.57
C LEU D 313 -62.02 16.44 -15.86
N VAL D 314 -62.28 15.14 -15.80
CA VAL D 314 -62.25 14.32 -17.00
C VAL D 314 -63.31 14.77 -18.01
N LEU D 315 -64.51 15.09 -17.51
CA LEU D 315 -65.61 15.52 -18.39
C LEU D 315 -65.24 16.77 -19.17
N GLU D 316 -64.72 17.76 -18.45
CA GLU D 316 -64.35 19.04 -19.04
C GLU D 316 -63.31 18.87 -20.15
N ARG D 317 -62.35 17.97 -19.96
CA ARG D 317 -61.30 17.74 -20.95
C ARG D 317 -61.79 17.02 -22.20
N ALA D 318 -62.62 15.98 -22.01
CA ALA D 318 -63.18 15.26 -23.15
C ALA D 318 -63.95 16.19 -24.07
N LYS D 319 -64.68 17.13 -23.46
CA LYS D 319 -65.51 18.06 -24.20
C LYS D 319 -64.71 19.05 -25.06
N ARG D 320 -63.42 19.18 -24.79
CA ARG D 320 -62.58 20.07 -25.58
C ARG D 320 -62.17 19.40 -26.89
N LEU D 321 -62.24 18.08 -26.94
CA LEU D 321 -61.70 17.36 -28.10
C LEU D 321 -62.53 17.62 -29.34
N ARG D 322 -61.86 18.00 -30.42
CA ARG D 322 -62.50 18.14 -31.70
C ARG D 322 -62.49 16.81 -32.43
N PHE D 323 -63.67 16.24 -32.66
CA PHE D 323 -63.78 14.99 -33.41
C PHE D 323 -64.50 15.26 -34.72
N GLY D 324 -64.01 14.67 -35.80
CA GLY D 324 -64.61 14.90 -37.10
C GLY D 324 -63.73 14.50 -38.26
N ASP D 325 -63.81 15.27 -39.33
CA ASP D 325 -63.08 14.99 -40.56
C ASP D 325 -61.60 14.78 -40.27
N PRO D 326 -61.10 13.55 -40.47
CA PRO D 326 -59.71 13.23 -40.14
C PRO D 326 -58.75 14.12 -40.93
N MET D 327 -59.13 14.51 -42.14
CA MET D 327 -58.23 15.32 -42.96
C MET D 327 -58.20 16.81 -42.58
N ASP D 328 -59.13 17.22 -41.73
CA ASP D 328 -59.11 18.58 -41.20
C ASP D 328 -57.99 18.71 -40.15
N ARG D 329 -57.06 19.62 -40.37
CA ARG D 329 -55.92 19.76 -39.47
C ARG D 329 -56.27 20.20 -38.04
N SER D 330 -57.46 20.73 -37.83
CA SER D 330 -57.87 21.10 -36.46
C SER D 330 -58.56 19.94 -35.74
N THR D 331 -58.77 18.83 -36.46
CA THR D 331 -59.34 17.63 -35.87
C THR D 331 -58.36 16.93 -34.93
N ASP D 332 -58.78 16.72 -33.67
CA ASP D 332 -58.04 15.91 -32.71
C ASP D 332 -58.33 14.44 -32.96
N LEU D 333 -59.61 14.09 -32.98
CA LEU D 333 -60.04 12.70 -33.01
C LEU D 333 -60.77 12.38 -34.31
N GLY D 334 -60.20 11.46 -35.08
CA GLY D 334 -60.84 10.96 -36.29
C GLY D 334 -61.65 9.70 -36.02
N THR D 335 -61.80 8.84 -37.01
CA THR D 335 -62.70 7.70 -36.90
C THR D 335 -62.02 6.47 -36.30
N VAL D 336 -62.82 5.44 -35.99
CA VAL D 336 -62.27 4.11 -35.78
C VAL D 336 -62.20 3.37 -37.12
N ILE D 337 -61.71 2.13 -37.09
CA ILE D 337 -61.39 1.38 -38.32
C ILE D 337 -62.60 1.13 -39.24
N HIS D 338 -63.80 1.04 -38.68
CA HIS D 338 -64.99 0.93 -39.53
C HIS D 338 -66.29 1.11 -38.77
N GLU D 339 -67.41 1.21 -39.49
CA GLU D 339 -68.68 1.50 -38.82
C GLU D 339 -69.10 0.37 -37.89
N LYS D 340 -68.77 -0.87 -38.26
CA LYS D 340 -69.13 -2.02 -37.44
C LYS D 340 -68.44 -1.93 -36.07
N ALA D 341 -67.13 -1.70 -36.07
CA ALA D 341 -66.42 -1.44 -34.83
C ALA D 341 -67.12 -0.34 -34.04
N ALA D 342 -67.37 0.80 -34.67
CA ALA D 342 -67.96 1.93 -33.94
C ALA D 342 -69.28 1.56 -33.30
N ALA D 343 -70.20 1.02 -34.10
CA ALA D 343 -71.50 0.61 -33.58
C ALA D 343 -71.35 -0.34 -32.39
N LEU D 344 -70.46 -1.31 -32.54
CA LEU D 344 -70.21 -2.28 -31.46
C LEU D 344 -69.81 -1.57 -30.17
N PHE D 345 -68.91 -0.60 -30.26
CA PHE D 345 -68.48 0.11 -29.05
C PHE D 345 -69.62 0.91 -28.44
N GLU D 346 -70.38 1.58 -29.30
CA GLU D 346 -71.50 2.37 -28.82
C GLU D 346 -72.52 1.46 -28.12
N GLU D 347 -72.76 0.29 -28.71
CA GLU D 347 -73.64 -0.68 -28.08
C GLU D 347 -73.15 -1.05 -26.68
N ARG D 348 -71.85 -1.30 -26.54
CA ARG D 348 -71.31 -1.69 -25.23
C ARG D 348 -71.51 -0.59 -24.20
N VAL D 349 -71.43 0.68 -24.63
CA VAL D 349 -71.65 1.80 -23.73
C VAL D 349 -73.09 1.81 -23.23
N MET D 350 -74.04 1.58 -24.14
CA MET D 350 -75.46 1.59 -23.78
C MET D 350 -75.75 0.51 -22.77
N ARG D 351 -75.23 -0.70 -23.03
CA ARG D 351 -75.44 -1.82 -22.11
C ARG D 351 -74.85 -1.52 -20.73
N ALA D 352 -73.68 -0.91 -20.69
CA ALA D 352 -73.08 -0.55 -19.41
C ALA D 352 -74.02 0.35 -18.63
N ALA D 353 -74.67 1.25 -19.35
CA ALA D 353 -75.56 2.22 -18.76
C ALA D 353 -76.81 1.53 -18.21
N GLU D 354 -77.32 0.57 -18.97
CA GLU D 354 -78.46 -0.23 -18.52
C GLU D 354 -78.12 -0.98 -17.23
N GLU D 355 -76.86 -1.34 -17.07
CA GLU D 355 -76.41 -2.07 -15.89
C GLU D 355 -76.02 -1.13 -14.76
N GLY D 356 -76.24 0.17 -14.98
CA GLY D 356 -76.09 1.16 -13.94
C GLY D 356 -74.97 2.17 -14.12
N ALA D 357 -74.29 2.14 -15.27
CA ALA D 357 -73.28 3.17 -15.56
C ALA D 357 -73.96 4.52 -15.87
N ASP D 358 -73.20 5.58 -15.67
CA ASP D 358 -73.69 6.93 -15.88
C ASP D 358 -73.01 7.59 -17.08
N ILE D 359 -73.71 7.65 -18.21
CA ILE D 359 -73.21 8.38 -19.38
C ILE D 359 -73.22 9.88 -19.14
N LEU D 360 -72.06 10.52 -19.25
CA LEU D 360 -71.93 11.96 -18.96
C LEU D 360 -71.76 12.84 -20.19
N TYR D 361 -71.25 12.26 -21.27
CA TYR D 361 -71.03 12.99 -22.51
C TYR D 361 -71.08 12.01 -23.66
N HIS D 362 -72.07 12.16 -24.53
CA HIS D 362 -72.16 11.30 -25.71
C HIS D 362 -72.92 12.05 -26.79
N PRO D 363 -72.21 12.86 -27.58
CA PRO D 363 -72.87 13.69 -28.60
C PRO D 363 -73.28 12.91 -29.87
N GLY D 364 -73.20 11.58 -29.83
CA GLY D 364 -73.70 10.77 -30.93
C GLY D 364 -72.64 10.28 -31.92
N ARG D 365 -72.84 9.06 -32.41
CA ARG D 365 -71.98 8.46 -33.42
C ARG D 365 -72.42 8.87 -34.82
N SER D 366 -71.45 9.07 -35.72
CA SER D 366 -71.78 9.24 -37.13
C SER D 366 -70.94 8.29 -37.96
N GLY D 367 -71.53 7.20 -38.40
CA GLY D 367 -70.81 6.19 -39.17
C GLY D 367 -69.67 5.63 -38.33
N ALA D 368 -68.44 5.74 -38.83
CA ALA D 368 -67.28 5.24 -38.10
C ALA D 368 -66.71 6.30 -37.17
N LEU D 369 -67.33 7.49 -37.15
CA LEU D 369 -66.89 8.55 -36.25
C LEU D 369 -67.52 8.39 -34.88
N LEU D 370 -66.69 8.19 -33.88
CA LEU D 370 -67.15 8.05 -32.52
C LEU D 370 -66.63 9.26 -31.74
N PRO D 371 -67.50 9.90 -30.94
CA PRO D 371 -67.01 10.96 -30.05
C PRO D 371 -66.28 10.34 -28.87
N PRO D 372 -65.56 11.17 -28.10
CA PRO D 372 -64.86 10.70 -26.90
C PRO D 372 -65.85 10.52 -25.74
N ILE D 373 -66.63 9.46 -25.81
CA ILE D 373 -67.71 9.25 -24.86
C ILE D 373 -67.23 9.08 -23.42
N VAL D 374 -67.79 9.88 -22.52
CA VAL D 374 -67.44 9.75 -21.10
C VAL D 374 -68.52 8.99 -20.35
N VAL D 375 -68.11 7.89 -19.69
CA VAL D 375 -69.03 7.07 -18.89
C VAL D 375 -68.47 6.89 -17.49
N ASP D 376 -69.28 7.19 -16.47
CA ASP D 376 -68.85 7.09 -15.08
C ASP D 376 -69.50 5.87 -14.44
N ARG D 377 -69.04 5.46 -13.26
CA ARG D 377 -69.66 4.35 -12.56
C ARG D 377 -69.84 3.12 -13.45
N VAL D 378 -68.84 2.80 -14.26
CA VAL D 378 -68.89 1.62 -15.12
C VAL D 378 -68.67 0.34 -14.32
N PRO D 379 -69.58 -0.64 -14.46
CA PRO D 379 -69.38 -1.94 -13.80
C PRO D 379 -68.16 -2.66 -14.37
N HIS D 380 -67.19 -2.97 -13.51
CA HIS D 380 -65.99 -3.69 -13.95
C HIS D 380 -66.33 -4.95 -14.77
N GLN D 381 -67.47 -5.57 -14.47
CA GLN D 381 -67.90 -6.77 -15.18
C GLN D 381 -68.56 -6.53 -16.55
N SER D 382 -68.84 -5.28 -16.87
CA SER D 382 -69.53 -4.98 -18.13
C SER D 382 -68.67 -5.31 -19.36
N ASP D 383 -69.33 -5.60 -20.47
CA ASP D 383 -68.62 -5.89 -21.71
C ASP D 383 -67.74 -4.72 -22.13
N LEU D 384 -68.18 -3.50 -21.78
CA LEU D 384 -67.41 -2.30 -22.10
C LEU D 384 -65.96 -2.43 -21.63
N VAL D 385 -65.76 -2.82 -20.38
CA VAL D 385 -64.41 -2.85 -19.80
C VAL D 385 -63.77 -4.23 -19.78
N LEU D 386 -64.59 -5.26 -19.94
CA LEU D 386 -64.12 -6.64 -19.86
C LEU D 386 -63.78 -7.20 -21.25
N GLU D 387 -64.57 -6.82 -22.25
CA GLU D 387 -64.16 -7.05 -23.63
C GLU D 387 -63.02 -6.07 -23.87
N GLU D 388 -62.31 -6.20 -24.98
CA GLU D 388 -61.35 -5.15 -25.33
C GLU D 388 -62.09 -4.17 -26.22
N THR D 389 -62.32 -2.97 -25.72
CA THR D 389 -63.06 -1.97 -26.47
C THR D 389 -62.05 -1.02 -27.13
N PHE D 390 -61.77 -1.30 -28.41
CA PHE D 390 -60.70 -0.68 -29.16
C PHE D 390 -61.16 0.63 -29.81
N GLY D 391 -61.67 1.54 -28.99
CA GLY D 391 -62.17 2.82 -29.46
C GLY D 391 -62.06 3.90 -28.39
N PRO D 392 -62.43 5.13 -28.72
CA PRO D 392 -62.14 6.28 -27.85
C PRO D 392 -63.13 6.44 -26.67
N ILE D 393 -63.52 5.33 -26.04
CA ILE D 393 -64.42 5.44 -24.89
C ILE D 393 -63.59 5.83 -23.66
N ILE D 394 -64.15 6.69 -22.83
CA ILE D 394 -63.48 7.11 -21.62
C ILE D 394 -64.29 6.58 -20.42
N PRO D 395 -63.95 5.37 -19.95
CA PRO D 395 -64.76 4.66 -18.96
C PRO D 395 -64.16 4.70 -17.55
N ILE D 396 -64.85 5.36 -16.63
CA ILE D 396 -64.38 5.43 -15.25
C ILE D 396 -65.01 4.32 -14.40
N VAL D 397 -64.16 3.45 -13.87
CA VAL D 397 -64.64 2.44 -12.94
C VAL D 397 -64.29 2.89 -11.55
N ARG D 398 -65.30 3.06 -10.70
CA ARG D 398 -65.05 3.40 -9.30
C ARG D 398 -64.62 2.16 -8.51
N VAL D 399 -63.49 2.28 -7.82
CA VAL D 399 -62.94 1.15 -7.08
C VAL D 399 -62.77 1.53 -5.60
N PRO D 400 -62.64 0.52 -4.72
CA PRO D 400 -62.54 0.88 -3.30
C PRO D 400 -61.29 1.68 -2.97
N ASP D 401 -61.31 2.33 -1.82
CA ASP D 401 -60.14 3.00 -1.27
C ASP D 401 -59.34 1.95 -0.53
N ASP D 402 -58.87 0.96 -1.29
CA ASP D 402 -58.09 -0.16 -0.76
C ASP D 402 -57.23 -0.68 -1.91
N ASP D 403 -55.92 -0.65 -1.73
CA ASP D 403 -54.98 -0.98 -2.78
C ASP D 403 -54.97 -2.47 -3.12
N ASP D 404 -55.05 -3.33 -2.10
CA ASP D 404 -55.14 -4.76 -2.35
C ASP D 404 -56.34 -5.05 -3.27
N ALA D 405 -57.49 -4.49 -2.93
CA ALA D 405 -58.67 -4.69 -3.77
C ALA D 405 -58.49 -4.10 -5.17
N THR D 406 -57.86 -2.93 -5.26
CA THR D 406 -57.67 -2.27 -6.55
C THR D 406 -56.79 -3.12 -7.46
N ILE D 407 -55.71 -3.62 -6.89
CA ILE D 407 -54.75 -4.43 -7.64
C ILE D 407 -55.38 -5.76 -8.08
N THR D 408 -56.15 -6.39 -7.19
CA THR D 408 -56.88 -7.59 -7.59
C THR D 408 -57.80 -7.28 -8.76
N LEU D 409 -58.48 -6.14 -8.69
CA LEU D 409 -59.39 -5.74 -9.74
C LEU D 409 -58.61 -5.50 -11.02
N SER D 410 -57.52 -4.74 -10.90
CA SER D 410 -56.69 -4.48 -12.06
C SER D 410 -56.24 -5.78 -12.72
N ASN D 411 -55.85 -6.76 -11.90
CA ASN D 411 -55.29 -8.02 -12.39
C ASN D 411 -56.33 -9.04 -12.85
N SER D 412 -57.61 -8.70 -12.75
CA SER D 412 -58.67 -9.70 -12.90
C SER D 412 -59.02 -10.06 -14.35
N THR D 413 -58.40 -9.40 -15.32
CA THR D 413 -58.72 -9.70 -16.72
C THR D 413 -57.76 -10.76 -17.28
N ALA D 414 -57.99 -11.17 -18.52
CA ALA D 414 -57.12 -12.17 -19.14
C ALA D 414 -55.85 -11.55 -19.72
N PHE D 415 -55.76 -10.23 -19.65
CA PHE D 415 -54.62 -9.51 -20.22
C PHE D 415 -53.64 -9.03 -19.18
N GLY D 416 -52.42 -8.73 -19.62
CA GLY D 416 -51.42 -8.14 -18.75
C GLY D 416 -50.32 -7.49 -19.56
N LEU D 417 -50.63 -6.35 -20.16
CA LEU D 417 -49.70 -5.68 -21.03
C LEU D 417 -49.03 -4.51 -20.32
N SER D 418 -49.73 -3.39 -20.25
CA SER D 418 -49.19 -2.22 -19.58
C SER D 418 -50.18 -1.63 -18.58
N SER D 419 -49.76 -0.54 -17.95
CA SER D 419 -50.53 0.12 -16.91
C SER D 419 -49.96 1.49 -16.62
N GLY D 420 -50.81 2.35 -16.05
CA GLY D 420 -50.38 3.64 -15.55
C GLY D 420 -50.91 3.82 -14.15
N VAL D 421 -50.12 4.41 -13.28
CA VAL D 421 -50.55 4.67 -11.92
C VAL D 421 -50.26 6.11 -11.48
N CYS D 422 -51.29 6.82 -11.06
CA CYS D 422 -51.12 8.20 -10.60
C CYS D 422 -51.19 8.30 -9.09
N THR D 423 -50.05 8.62 -8.47
CA THR D 423 -49.97 8.77 -7.03
C THR D 423 -48.64 9.44 -6.72
N ASN D 424 -48.53 10.00 -5.52
CA ASN D 424 -47.30 10.63 -5.05
C ASN D 424 -46.73 9.91 -3.84
N ASP D 425 -47.38 8.83 -3.44
CA ASP D 425 -47.03 8.09 -2.23
C ASP D 425 -46.04 6.99 -2.63
N TYR D 426 -44.78 7.13 -2.22
CA TYR D 426 -43.78 6.16 -2.66
C TYR D 426 -44.13 4.73 -2.28
N ARG D 427 -44.52 4.52 -1.03
CA ARG D 427 -44.86 3.19 -0.53
C ARG D 427 -45.88 2.52 -1.44
N ARG D 428 -46.88 3.27 -1.88
CA ARG D 428 -47.94 2.72 -2.70
C ARG D 428 -47.51 2.52 -4.14
N MET D 429 -46.71 3.46 -4.62
CA MET D 429 -46.09 3.37 -5.92
C MET D 429 -45.37 2.04 -6.06
N GLN D 430 -44.53 1.73 -5.09
CA GLN D 430 -43.76 0.50 -5.11
C GLN D 430 -44.67 -0.72 -5.09
N LYS D 431 -45.74 -0.63 -4.28
CA LYS D 431 -46.68 -1.74 -4.16
C LYS D 431 -47.35 -2.09 -5.50
N TYR D 432 -47.81 -1.06 -6.21
CA TYR D 432 -48.39 -1.28 -7.54
C TYR D 432 -47.36 -1.81 -8.55
N ILE D 433 -46.15 -1.25 -8.54
CA ILE D 433 -45.13 -1.76 -9.45
C ILE D 433 -44.90 -3.25 -9.24
N ALA D 434 -44.83 -3.66 -7.98
CA ALA D 434 -44.57 -5.06 -7.68
C ALA D 434 -45.79 -5.95 -7.88
N GLY D 435 -46.98 -5.39 -7.66
CA GLY D 435 -48.20 -6.19 -7.58
C GLY D 435 -49.00 -6.35 -8.87
N LEU D 436 -48.91 -5.38 -9.77
CA LEU D 436 -49.65 -5.47 -11.03
C LEU D 436 -49.04 -6.56 -11.90
N LYS D 437 -49.90 -7.42 -12.44
CA LYS D 437 -49.49 -8.47 -13.34
C LYS D 437 -49.45 -8.01 -14.78
N VAL D 438 -48.37 -7.32 -15.13
CA VAL D 438 -48.26 -6.67 -16.42
C VAL D 438 -46.78 -6.65 -16.83
N GLY D 439 -46.54 -6.30 -18.09
CA GLY D 439 -45.19 -6.17 -18.61
C GLY D 439 -44.58 -4.83 -18.23
N THR D 440 -45.42 -3.81 -18.09
CA THR D 440 -44.97 -2.44 -17.83
C THR D 440 -45.86 -1.71 -16.83
N VAL D 441 -45.23 -1.01 -15.89
CA VAL D 441 -45.97 -0.12 -15.00
C VAL D 441 -45.42 1.31 -15.10
N ASN D 442 -46.24 2.22 -15.63
CA ASN D 442 -45.82 3.61 -15.74
C ASN D 442 -46.40 4.46 -14.63
N ILE D 443 -45.53 5.04 -13.80
CA ILE D 443 -45.98 5.98 -12.77
C ILE D 443 -46.18 7.35 -13.41
N TRP D 444 -47.33 7.97 -13.19
CA TRP D 444 -47.65 9.27 -13.80
C TRP D 444 -47.51 9.36 -15.33
N GLU D 445 -47.79 8.26 -16.02
CA GLU D 445 -47.96 8.31 -17.47
C GLU D 445 -48.99 7.28 -17.89
N VAL D 446 -49.48 7.40 -19.13
CA VAL D 446 -50.39 6.41 -19.70
C VAL D 446 -49.69 5.08 -19.93
N PRO D 447 -50.46 3.97 -19.97
CA PRO D 447 -49.84 2.65 -20.15
C PRO D 447 -49.09 2.63 -21.46
N GLY D 448 -49.51 3.46 -22.41
CA GLY D 448 -48.93 3.46 -23.74
C GLY D 448 -47.51 4.01 -23.81
N TYR D 449 -47.08 4.72 -22.77
CA TYR D 449 -45.79 5.36 -22.84
C TYR D 449 -44.61 4.40 -22.85
N ARG D 450 -43.69 4.61 -23.79
CA ARG D 450 -42.41 3.87 -23.86
C ARG D 450 -41.50 4.60 -24.84
N ILE D 451 -40.20 4.26 -24.84
CA ILE D 451 -39.35 4.64 -25.95
C ILE D 451 -39.35 3.49 -26.95
N GLU D 452 -39.01 3.76 -28.21
CA GLU D 452 -39.20 2.75 -29.25
C GLU D 452 -38.17 1.62 -29.11
N MET D 453 -37.19 1.81 -28.23
CA MET D 453 -36.15 0.80 -28.07
C MET D 453 -36.16 0.11 -26.70
N SER D 454 -37.06 0.51 -25.80
CA SER D 454 -37.13 -0.15 -24.50
C SER D 454 -37.90 -1.49 -24.58
N PRO D 455 -37.69 -2.39 -23.61
CA PRO D 455 -38.32 -3.71 -23.69
C PRO D 455 -39.84 -3.62 -23.58
N PHE D 456 -40.52 -4.15 -24.59
CA PHE D 456 -41.97 -4.07 -24.68
C PHE D 456 -42.59 -5.46 -24.86
N GLY D 457 -43.55 -5.78 -24.00
CA GLY D 457 -44.27 -7.04 -24.14
C GLY D 457 -45.02 -7.35 -22.88
N GLY D 458 -46.08 -8.16 -23.00
CA GLY D 458 -46.87 -8.50 -21.85
C GLY D 458 -46.85 -9.99 -21.52
N ILE D 459 -47.71 -10.35 -20.57
CA ILE D 459 -47.85 -11.73 -20.12
C ILE D 459 -49.33 -12.11 -20.20
N LYS D 460 -49.67 -13.31 -19.75
CA LYS D 460 -51.04 -13.82 -19.88
C LYS D 460 -51.44 -13.83 -21.36
N ASP D 461 -52.64 -13.38 -21.70
CA ASP D 461 -53.03 -13.38 -23.11
C ASP D 461 -52.47 -12.22 -23.95
N SER D 462 -51.67 -11.35 -23.33
CA SER D 462 -51.10 -10.22 -24.06
C SER D 462 -49.91 -10.55 -24.96
N GLY D 463 -49.27 -11.68 -24.72
CA GLY D 463 -48.14 -12.06 -25.55
C GLY D 463 -47.66 -13.44 -25.19
N ASN D 464 -46.78 -14.02 -26.00
CA ASN D 464 -46.28 -15.36 -25.72
C ASN D 464 -45.01 -15.34 -24.89
N GLY D 465 -44.68 -14.18 -24.32
CA GLY D 465 -43.63 -14.12 -23.30
C GLY D 465 -42.26 -13.64 -23.76
N TYR D 466 -42.19 -13.03 -24.94
CA TYR D 466 -40.92 -12.47 -25.41
C TYR D 466 -41.07 -10.97 -25.65
N LYS D 467 -40.04 -10.23 -25.27
CA LYS D 467 -40.06 -8.77 -25.42
C LYS D 467 -39.80 -8.34 -26.86
N GLU D 468 -40.33 -7.17 -27.19
CA GLU D 468 -40.14 -6.53 -28.47
C GLU D 468 -39.51 -5.16 -28.19
N GLY D 469 -39.60 -4.25 -29.17
CA GLY D 469 -38.88 -2.98 -29.11
C GLY D 469 -37.59 -3.18 -29.89
N VAL D 470 -37.00 -2.09 -30.37
CA VAL D 470 -35.87 -2.20 -31.30
C VAL D 470 -34.74 -3.07 -30.77
N ILE D 471 -34.34 -2.87 -29.51
CA ILE D 471 -33.22 -3.62 -28.95
C ILE D 471 -33.52 -5.11 -28.79
N GLU D 472 -34.68 -5.44 -28.21
CA GLU D 472 -34.97 -6.86 -27.97
C GLU D 472 -35.30 -7.58 -29.28
N ALA D 473 -35.83 -6.82 -30.24
CA ALA D 473 -36.12 -7.41 -31.57
C ALA D 473 -34.82 -7.77 -32.31
N MET D 474 -33.84 -6.88 -32.25
CA MET D 474 -32.54 -7.14 -32.88
C MET D 474 -31.88 -8.38 -32.28
N LYS D 475 -32.09 -8.61 -30.99
CA LYS D 475 -31.55 -9.79 -30.33
C LYS D 475 -32.35 -11.03 -30.75
N SER D 476 -33.66 -10.86 -30.86
CA SER D 476 -34.54 -11.96 -31.26
C SER D 476 -34.25 -12.43 -32.66
N PHE D 477 -33.85 -11.51 -33.53
CA PHE D 477 -33.67 -11.82 -34.95
C PHE D 477 -32.27 -12.36 -35.25
N THR D 478 -31.61 -12.93 -34.25
CA THR D 478 -30.28 -13.49 -34.45
C THR D 478 -30.09 -14.80 -33.70
N ASN D 479 -29.11 -15.58 -34.13
CA ASN D 479 -28.62 -16.69 -33.33
C ASN D 479 -27.30 -16.26 -32.70
N VAL D 480 -27.11 -16.62 -31.45
CA VAL D 480 -25.82 -16.42 -30.79
C VAL D 480 -24.95 -17.65 -31.03
N LYS D 481 -23.78 -17.42 -31.62
CA LYS D 481 -22.77 -18.46 -31.75
C LYS D 481 -21.63 -18.20 -30.76
N THR D 482 -21.20 -19.22 -30.03
CA THR D 482 -20.01 -19.05 -29.20
C THR D 482 -18.78 -19.66 -29.86
N PHE D 483 -17.60 -19.16 -29.53
CA PHE D 483 -16.40 -19.89 -29.87
C PHE D 483 -15.40 -19.79 -28.74
N SER D 484 -14.53 -20.80 -28.62
CA SER D 484 -13.54 -20.79 -27.55
C SER D 484 -12.12 -20.98 -28.08
N LEU D 485 -11.18 -20.35 -27.39
CA LEU D 485 -9.78 -20.34 -27.81
C LEU D 485 -8.91 -20.70 -26.64
N PRO D 486 -7.85 -21.46 -26.89
CA PRO D 486 -6.84 -21.72 -25.86
C PRO D 486 -6.34 -20.38 -25.30
N TRP D 487 -6.17 -20.26 -23.99
CA TRP D 487 -5.67 -19.00 -23.43
C TRP D 487 -4.69 -19.24 -22.29
N HIS E 15 -36.94 -49.60 -4.58
CA HIS E 15 -38.33 -49.15 -4.45
C HIS E 15 -38.46 -47.68 -4.01
N GLU E 16 -38.71 -46.79 -4.96
CA GLU E 16 -38.69 -45.35 -4.71
C GLU E 16 -40.00 -44.69 -5.14
N PRO E 17 -40.75 -44.11 -4.18
CA PRO E 17 -41.97 -43.39 -4.59
C PRO E 17 -41.65 -42.06 -5.26
N MET E 18 -42.65 -41.46 -5.90
CA MET E 18 -42.48 -40.11 -6.44
C MET E 18 -42.26 -39.12 -5.32
N ARG E 19 -41.64 -37.99 -5.66
CA ARG E 19 -41.49 -36.89 -4.72
C ARG E 19 -42.40 -35.75 -5.15
N ILE E 20 -43.55 -35.63 -4.48
CA ILE E 20 -44.48 -34.55 -4.81
C ILE E 20 -44.46 -33.50 -3.70
N ALA E 21 -43.77 -32.40 -3.99
CA ALA E 21 -43.65 -31.30 -3.04
C ALA E 21 -43.33 -31.80 -1.64
N GLY E 22 -42.31 -32.64 -1.54
CA GLY E 22 -41.87 -33.13 -0.25
C GLY E 22 -42.53 -34.42 0.19
N ARG E 23 -43.63 -34.79 -0.48
CA ARG E 23 -44.38 -35.98 -0.09
C ARG E 23 -44.08 -37.20 -0.95
N LEU E 24 -43.85 -38.34 -0.31
CA LEU E 24 -43.69 -39.60 -1.02
C LEU E 24 -45.03 -40.09 -1.52
N VAL E 25 -45.15 -40.23 -2.84
CA VAL E 25 -46.40 -40.65 -3.44
C VAL E 25 -46.18 -41.92 -4.27
N ASP E 26 -46.94 -42.95 -3.93
CA ASP E 26 -46.77 -44.27 -4.51
C ASP E 26 -47.97 -44.62 -5.35
N THR E 27 -47.79 -45.64 -6.18
CA THR E 27 -48.83 -46.14 -7.05
C THR E 27 -48.78 -47.66 -6.98
N ASP E 28 -49.80 -48.34 -7.47
CA ASP E 28 -49.79 -49.80 -7.40
C ASP E 28 -48.88 -50.40 -8.47
N ASP E 29 -49.12 -50.02 -9.71
CA ASP E 29 -48.28 -50.46 -10.82
C ASP E 29 -46.89 -49.88 -10.64
N ARG E 30 -45.87 -50.55 -11.18
CA ARG E 30 -44.49 -50.10 -11.02
C ARG E 30 -43.80 -50.05 -12.37
N VAL E 31 -42.81 -49.18 -12.49
CA VAL E 31 -41.90 -49.25 -13.63
C VAL E 31 -40.58 -49.82 -13.12
N GLU E 32 -40.10 -50.87 -13.77
CA GLU E 32 -38.85 -51.50 -13.37
C GLU E 32 -37.67 -50.78 -14.00
N VAL E 33 -36.63 -50.52 -13.21
CA VAL E 33 -35.41 -49.94 -13.73
C VAL E 33 -34.31 -50.99 -13.75
N ARG E 34 -33.76 -51.25 -14.93
CA ARG E 34 -32.75 -52.28 -15.12
C ARG E 34 -31.33 -51.71 -15.25
N TYR E 35 -30.36 -52.46 -14.73
CA TYR E 35 -28.93 -52.21 -14.89
C TYR E 35 -28.49 -52.78 -16.24
N PRO E 36 -28.06 -51.93 -17.17
CA PRO E 36 -27.78 -52.43 -18.52
C PRO E 36 -26.62 -53.42 -18.60
N TRP E 37 -25.77 -53.48 -17.57
CA TRP E 37 -24.65 -54.42 -17.56
C TRP E 37 -25.10 -55.88 -17.60
N ASN E 38 -26.04 -56.24 -16.73
CA ASN E 38 -26.51 -57.61 -16.61
C ASN E 38 -28.02 -57.71 -16.67
N ASP E 39 -28.65 -56.57 -16.98
CA ASP E 39 -30.10 -56.50 -17.22
C ASP E 39 -30.94 -56.90 -16.02
N THR E 40 -30.37 -56.83 -14.83
CA THR E 40 -31.15 -57.09 -13.62
C THR E 40 -31.90 -55.84 -13.15
N VAL E 41 -33.02 -56.06 -12.48
CA VAL E 41 -33.79 -54.98 -11.89
C VAL E 41 -33.07 -54.42 -10.67
N VAL E 42 -32.75 -53.13 -10.69
CA VAL E 42 -32.07 -52.50 -9.55
C VAL E 42 -33.00 -51.60 -8.74
N GLY E 43 -34.20 -51.39 -9.24
CA GLY E 43 -35.18 -50.58 -8.52
C GLY E 43 -36.47 -50.45 -9.29
N THR E 44 -37.49 -49.95 -8.60
CA THR E 44 -38.74 -49.62 -9.26
C THR E 44 -39.19 -48.22 -8.83
N VAL E 45 -39.95 -47.56 -9.70
CA VAL E 45 -40.59 -46.30 -9.38
C VAL E 45 -42.04 -46.40 -9.82
N PRO E 46 -42.89 -45.48 -9.33
CA PRO E 46 -44.33 -45.54 -9.64
C PRO E 46 -44.62 -45.36 -11.12
N ALA E 47 -45.67 -46.02 -11.59
CA ALA E 47 -46.23 -45.72 -12.90
C ALA E 47 -47.22 -44.55 -12.72
N GLY E 48 -46.69 -43.34 -12.54
CA GLY E 48 -47.52 -42.18 -12.28
C GLY E 48 -48.47 -41.83 -13.42
N ARG E 49 -49.56 -41.16 -13.09
CA ARG E 49 -50.58 -40.84 -14.08
C ARG E 49 -50.81 -39.35 -14.17
N ALA E 50 -51.65 -38.93 -15.12
CA ALA E 50 -51.89 -37.51 -15.34
C ALA E 50 -52.22 -36.83 -14.02
N GLU E 51 -53.01 -37.54 -13.20
CA GLU E 51 -53.44 -37.08 -11.88
C GLU E 51 -52.30 -36.51 -11.05
N HIS E 52 -51.18 -37.24 -11.03
CA HIS E 52 -50.07 -36.90 -10.14
C HIS E 52 -49.36 -35.63 -10.58
N ALA E 53 -49.08 -35.56 -11.87
CA ALA E 53 -48.52 -34.35 -12.46
C ALA E 53 -49.44 -33.17 -12.16
N ARG E 54 -50.72 -33.35 -12.43
CA ARG E 54 -51.70 -32.30 -12.25
C ARG E 54 -51.63 -31.76 -10.82
N GLU E 55 -51.50 -32.67 -9.87
CA GLU E 55 -51.41 -32.28 -8.46
C GLU E 55 -50.13 -31.49 -8.20
N ALA E 56 -49.04 -31.94 -8.79
CA ALA E 56 -47.74 -31.30 -8.58
C ALA E 56 -47.78 -29.87 -9.13
N PHE E 57 -48.39 -29.72 -10.31
CA PHE E 57 -48.51 -28.41 -10.95
C PHE E 57 -49.41 -27.44 -10.21
N ALA E 58 -50.46 -27.94 -9.55
CA ALA E 58 -51.35 -27.07 -8.80
C ALA E 58 -50.65 -26.57 -7.53
N ILE E 59 -49.86 -27.43 -6.91
CA ILE E 59 -49.08 -27.03 -5.75
C ILE E 59 -48.06 -25.97 -6.13
N ALA E 60 -47.38 -26.20 -7.25
CA ALA E 60 -46.41 -25.27 -7.82
C ALA E 60 -47.02 -23.88 -8.05
N ALA E 61 -48.20 -23.87 -8.66
CA ALA E 61 -48.85 -22.64 -9.06
C ALA E 61 -49.33 -21.81 -7.88
N ALA E 62 -49.76 -22.51 -6.82
CA ALA E 62 -50.35 -21.85 -5.67
C ALA E 62 -49.29 -21.35 -4.69
N TYR E 63 -48.08 -21.88 -4.80
CA TYR E 63 -47.00 -21.43 -3.93
C TYR E 63 -46.19 -20.29 -4.57
N GLN E 64 -46.05 -19.19 -3.84
CA GLN E 64 -45.26 -18.07 -4.32
C GLN E 64 -43.96 -17.99 -3.54
N PRO E 65 -42.86 -18.46 -4.12
CA PRO E 65 -41.62 -18.43 -3.34
C PRO E 65 -41.26 -17.00 -2.95
N LYS E 66 -40.78 -16.84 -1.72
CA LYS E 66 -40.42 -15.54 -1.18
C LYS E 66 -38.97 -15.53 -0.74
N LEU E 67 -38.20 -16.53 -1.15
CA LEU E 67 -36.79 -16.63 -0.73
C LEU E 67 -35.99 -15.40 -1.18
N THR E 68 -35.17 -14.86 -0.29
CA THR E 68 -34.23 -13.81 -0.66
C THR E 68 -33.14 -14.43 -1.55
N ARG E 69 -32.36 -13.59 -2.21
CA ARG E 69 -31.22 -14.06 -2.99
C ARG E 69 -30.21 -14.81 -2.12
N TYR E 70 -30.00 -14.32 -0.91
CA TYR E 70 -29.14 -15.00 0.05
C TYR E 70 -29.66 -16.41 0.39
N GLU E 71 -30.94 -16.54 0.66
CA GLU E 71 -31.52 -17.85 0.98
C GLU E 71 -31.40 -18.79 -0.20
N ARG E 72 -31.68 -18.28 -1.39
CA ARG E 72 -31.48 -19.08 -2.59
C ARG E 72 -30.02 -19.51 -2.72
N GLN E 73 -29.09 -18.58 -2.51
CA GLN E 73 -27.69 -18.94 -2.59
C GLN E 73 -27.38 -20.04 -1.57
N LYS E 74 -27.85 -19.88 -0.35
CA LYS E 74 -27.58 -20.85 0.70
C LYS E 74 -28.05 -22.27 0.35
N ILE E 75 -29.27 -22.39 -0.17
CA ILE E 75 -29.79 -23.70 -0.57
C ILE E 75 -28.98 -24.35 -1.70
N LEU E 76 -28.61 -23.54 -2.70
CA LEU E 76 -27.91 -24.05 -3.87
C LEU E 76 -26.48 -24.45 -3.54
N LEU E 77 -25.83 -23.65 -2.70
CA LEU E 77 -24.48 -23.95 -2.27
C LEU E 77 -24.46 -25.14 -1.29
N ALA E 78 -25.50 -25.26 -0.45
CA ALA E 78 -25.58 -26.44 0.43
C ALA E 78 -25.80 -27.71 -0.40
N THR E 79 -26.58 -27.59 -1.47
CA THR E 79 -26.76 -28.68 -2.43
C THR E 79 -25.46 -29.14 -3.11
N ALA E 80 -24.68 -28.20 -3.63
CA ALA E 80 -23.36 -28.54 -4.17
C ALA E 80 -22.49 -29.28 -3.14
N GLU E 81 -22.50 -28.82 -1.90
CA GLU E 81 -21.72 -29.48 -0.85
C GLU E 81 -22.17 -30.92 -0.63
N ALA E 82 -23.49 -31.13 -0.58
CA ALA E 82 -24.01 -32.46 -0.39
C ALA E 82 -23.70 -33.34 -1.58
N LEU E 83 -23.75 -32.78 -2.79
CA LEU E 83 -23.37 -33.54 -3.98
C LEU E 83 -21.94 -34.05 -3.85
N ALA E 84 -21.02 -33.15 -3.53
CA ALA E 84 -19.62 -33.55 -3.34
C ALA E 84 -19.48 -34.59 -2.24
N ALA E 85 -20.17 -34.37 -1.11
CA ALA E 85 -20.03 -35.26 0.02
C ALA E 85 -20.59 -36.66 -0.27
N ARG E 86 -21.58 -36.71 -1.16
CA ARG E 86 -22.28 -37.96 -1.42
C ARG E 86 -21.97 -38.47 -2.80
N LYS E 87 -20.84 -38.05 -3.34
CA LYS E 87 -20.53 -38.32 -4.74
C LYS E 87 -20.50 -39.82 -5.07
N GLU E 88 -20.05 -40.62 -4.11
CA GLU E 88 -19.94 -42.07 -4.33
C GLU E 88 -21.30 -42.73 -4.42
N GLU E 89 -22.16 -42.43 -3.46
CA GLU E 89 -23.54 -42.91 -3.45
C GLU E 89 -24.28 -42.53 -4.72
N ILE E 90 -24.15 -41.26 -5.09
CA ILE E 90 -24.86 -40.73 -6.25
C ILE E 90 -24.37 -41.33 -7.56
N SER E 91 -23.04 -41.40 -7.74
CA SER E 91 -22.47 -42.02 -8.95
C SER E 91 -22.83 -43.49 -9.07
N ASP E 92 -22.92 -44.18 -7.93
CA ASP E 92 -23.41 -45.56 -7.89
C ASP E 92 -24.83 -45.65 -8.45
N VAL E 93 -25.72 -44.79 -7.97
CA VAL E 93 -27.09 -44.77 -8.48
C VAL E 93 -27.10 -44.55 -10.00
N ILE E 94 -26.39 -43.52 -10.46
CA ILE E 94 -26.27 -43.24 -11.89
C ILE E 94 -25.78 -44.43 -12.72
N THR E 95 -24.68 -45.03 -12.30
CA THR E 95 -24.09 -46.14 -13.06
C THR E 95 -25.02 -47.36 -13.11
N LEU E 96 -25.71 -47.59 -12.01
CA LEU E 96 -26.60 -48.74 -11.89
C LEU E 96 -27.82 -48.64 -12.81
N GLU E 97 -28.27 -47.42 -13.11
CA GLU E 97 -29.44 -47.29 -13.99
C GLU E 97 -29.08 -46.95 -15.45
N LEU E 98 -27.93 -46.33 -15.65
CA LEU E 98 -27.50 -45.92 -16.99
C LEU E 98 -26.45 -46.86 -17.56
N GLY E 99 -25.55 -47.33 -16.71
CA GLY E 99 -24.55 -48.28 -17.15
C GLY E 99 -23.22 -47.67 -17.57
N ILE E 100 -23.13 -46.35 -17.53
CA ILE E 100 -21.84 -45.71 -17.78
C ILE E 100 -20.84 -46.04 -16.67
N SER E 101 -19.55 -45.97 -16.98
CA SER E 101 -18.52 -46.30 -16.01
C SER E 101 -18.55 -45.36 -14.79
N LYS E 102 -18.11 -45.85 -13.64
CA LYS E 102 -17.99 -45.00 -12.47
C LYS E 102 -17.11 -43.76 -12.76
N ALA E 103 -16.12 -43.93 -13.62
CA ALA E 103 -15.28 -42.78 -13.99
C ALA E 103 -16.17 -41.69 -14.59
N ASP E 104 -17.06 -42.11 -15.48
CA ASP E 104 -18.00 -41.19 -16.14
C ASP E 104 -19.07 -40.60 -15.20
N SER E 105 -19.63 -41.43 -14.32
CA SER E 105 -20.68 -40.95 -13.43
C SER E 105 -20.14 -40.07 -12.30
N LEU E 106 -18.91 -40.34 -11.84
CA LEU E 106 -18.26 -39.46 -10.88
C LEU E 106 -18.03 -38.07 -11.50
N TYR E 107 -17.63 -38.06 -12.78
CA TYR E 107 -17.43 -36.81 -13.49
C TYR E 107 -18.76 -36.05 -13.59
N GLU E 108 -19.85 -36.77 -13.81
CA GLU E 108 -21.15 -36.12 -13.90
C GLU E 108 -21.54 -35.44 -12.58
N VAL E 109 -21.26 -36.08 -11.45
CA VAL E 109 -21.54 -35.43 -10.16
C VAL E 109 -20.70 -34.14 -10.06
N GLY E 110 -19.48 -34.19 -10.60
CA GLY E 110 -18.64 -33.00 -10.66
C GLY E 110 -19.25 -31.91 -11.53
N ARG E 111 -19.89 -32.32 -12.62
CA ARG E 111 -20.61 -31.34 -13.46
C ARG E 111 -21.75 -30.71 -12.67
N ALA E 112 -22.58 -31.56 -12.05
CA ALA E 112 -23.70 -31.10 -11.22
C ALA E 112 -23.24 -30.19 -10.08
N PHE E 113 -22.08 -30.50 -9.51
CA PHE E 113 -21.47 -29.67 -8.49
C PHE E 113 -21.26 -28.25 -9.00
N ASP E 114 -20.73 -28.14 -10.22
CA ASP E 114 -20.51 -26.86 -10.90
C ASP E 114 -21.83 -26.12 -11.15
N VAL E 115 -22.82 -26.83 -11.71
CA VAL E 115 -24.12 -26.22 -11.95
C VAL E 115 -24.68 -25.53 -10.69
N PHE E 116 -24.71 -26.27 -9.59
CA PHE E 116 -25.28 -25.70 -8.38
C PHE E 116 -24.42 -24.58 -7.78
N THR E 117 -23.10 -24.73 -7.88
CA THR E 117 -22.21 -23.70 -7.39
C THR E 117 -22.41 -22.41 -8.17
N LEU E 118 -22.33 -22.50 -9.49
CA LEU E 118 -22.45 -21.31 -10.33
C LEU E 118 -23.85 -20.69 -10.24
N ALA E 119 -24.90 -21.51 -10.21
CA ALA E 119 -26.25 -20.99 -10.00
C ALA E 119 -26.33 -20.23 -8.66
N GLY E 120 -25.76 -20.82 -7.61
CA GLY E 120 -25.73 -20.15 -6.31
C GLY E 120 -25.03 -18.80 -6.34
N GLN E 121 -23.88 -18.75 -7.02
CA GLN E 121 -23.09 -17.52 -7.12
C GLN E 121 -23.75 -16.46 -8.01
N MET E 122 -24.45 -16.90 -9.05
CA MET E 122 -25.19 -15.99 -9.92
C MET E 122 -26.35 -15.26 -9.23
N CYS E 123 -26.77 -15.76 -8.06
CA CYS E 123 -27.84 -15.13 -7.28
C CYS E 123 -27.55 -13.72 -6.79
N ILE E 124 -26.28 -13.35 -6.68
CA ILE E 124 -25.93 -12.00 -6.24
C ILE E 124 -25.99 -11.00 -7.40
N ARG E 125 -26.23 -11.48 -8.62
CA ARG E 125 -26.19 -10.60 -9.78
C ARG E 125 -27.60 -10.19 -10.21
N ASP E 126 -27.77 -8.88 -10.37
CA ASP E 126 -29.02 -8.29 -10.80
C ASP E 126 -28.72 -7.63 -12.16
N ASP E 127 -29.31 -8.15 -13.24
CA ASP E 127 -29.01 -7.66 -14.58
C ASP E 127 -30.01 -6.58 -15.02
N GLY E 128 -30.66 -5.95 -14.06
CA GLY E 128 -31.55 -4.84 -14.35
C GLY E 128 -30.88 -3.73 -15.15
N GLU E 129 -31.64 -3.13 -16.05
CA GLU E 129 -31.19 -2.01 -16.89
C GLU E 129 -31.94 -0.70 -16.58
N ILE E 130 -31.34 0.42 -16.99
CA ILE E 130 -31.98 1.71 -16.88
C ILE E 130 -31.91 2.42 -18.22
N PHE E 131 -33.02 2.98 -18.65
CA PHE E 131 -33.06 3.81 -19.86
C PHE E 131 -33.44 5.24 -19.50
N SER E 132 -32.77 6.20 -20.12
CA SER E 132 -33.21 7.61 -20.11
C SER E 132 -34.17 7.82 -21.27
N CYS E 133 -35.21 8.63 -21.06
CA CYS E 133 -36.26 8.75 -22.06
C CYS E 133 -36.24 10.03 -22.91
N ASP E 134 -35.29 10.93 -22.65
CA ASP E 134 -35.25 12.21 -23.40
C ASP E 134 -34.39 12.09 -24.67
N LEU E 135 -34.77 11.15 -25.53
CA LEU E 135 -33.87 10.62 -26.56
C LEU E 135 -34.19 11.09 -27.97
N THR E 136 -35.43 11.53 -28.17
CA THR E 136 -35.92 11.84 -29.51
C THR E 136 -36.91 12.99 -29.37
N PRO E 137 -37.46 13.46 -30.50
CA PRO E 137 -38.48 14.51 -30.45
C PRO E 137 -39.68 14.10 -29.58
N HIS E 138 -39.89 12.80 -29.41
CA HIS E 138 -41.00 12.33 -28.58
C HIS E 138 -40.57 12.07 -27.13
N GLY E 139 -39.38 12.54 -26.76
CA GLY E 139 -38.81 12.24 -25.44
C GLY E 139 -39.49 12.91 -24.25
N LYS E 140 -39.29 12.31 -23.08
CA LYS E 140 -39.83 12.82 -21.83
C LYS E 140 -38.74 12.81 -20.76
N ALA E 141 -38.94 13.61 -19.72
CA ALA E 141 -38.02 13.67 -18.57
C ALA E 141 -38.41 12.55 -17.60
N ARG E 142 -37.87 11.36 -17.86
CA ARG E 142 -38.39 10.14 -17.28
C ARG E 142 -37.29 9.10 -17.38
N LYS E 143 -37.36 8.08 -16.51
CA LYS E 143 -36.44 6.95 -16.58
C LYS E 143 -37.24 5.64 -16.54
N ILE E 144 -36.83 4.68 -17.36
CA ILE E 144 -37.38 3.33 -17.36
C ILE E 144 -36.39 2.38 -16.66
N PHE E 145 -36.90 1.51 -15.79
CA PHE E 145 -36.09 0.54 -15.06
C PHE E 145 -36.66 -0.85 -15.34
N THR E 146 -35.81 -1.87 -15.33
CA THR E 146 -36.26 -3.23 -15.61
C THR E 146 -35.99 -4.15 -14.40
N MET E 147 -36.76 -5.23 -14.34
CA MET E 147 -36.84 -6.08 -13.18
C MET E 147 -37.23 -7.45 -13.71
N ARG E 148 -36.88 -8.52 -13.00
CA ARG E 148 -37.34 -9.86 -13.39
C ARG E 148 -38.25 -10.48 -12.35
N GLU E 149 -39.23 -11.26 -12.80
CA GLU E 149 -40.12 -11.98 -11.90
C GLU E 149 -40.28 -13.44 -12.34
N PRO E 150 -40.54 -14.33 -11.38
CA PRO E 150 -40.69 -15.76 -11.70
C PRO E 150 -41.95 -16.07 -12.50
N LEU E 151 -42.06 -17.32 -12.94
CA LEU E 151 -43.23 -17.76 -13.70
C LEU E 151 -44.17 -18.49 -12.76
N THR E 152 -45.31 -18.95 -13.29
CA THR E 152 -46.25 -19.72 -12.49
C THR E 152 -45.68 -21.11 -12.16
N ALA E 153 -45.35 -21.86 -13.20
CA ALA E 153 -44.77 -23.19 -12.99
C ALA E 153 -43.90 -23.54 -14.17
N ILE E 154 -42.85 -24.31 -13.91
CA ILE E 154 -42.00 -24.80 -14.99
C ILE E 154 -42.07 -26.31 -15.04
N SER E 155 -42.20 -26.82 -16.26
CA SER E 155 -42.21 -28.26 -16.52
C SER E 155 -40.88 -28.68 -17.13
N ALA E 156 -40.23 -29.65 -16.50
CA ALA E 156 -38.92 -30.14 -16.94
C ALA E 156 -38.96 -31.62 -17.31
N ILE E 157 -38.55 -31.91 -18.54
CA ILE E 157 -38.51 -33.29 -19.05
C ILE E 157 -37.08 -33.65 -19.48
N THR E 158 -36.49 -34.67 -18.85
CA THR E 158 -35.08 -34.99 -19.04
C THR E 158 -34.82 -36.38 -19.66
N PRO E 159 -33.68 -36.53 -20.39
CA PRO E 159 -33.32 -37.77 -21.07
C PRO E 159 -32.44 -38.63 -20.17
N PHE E 160 -31.97 -39.75 -20.70
CA PHE E 160 -31.25 -40.72 -19.89
C PHE E 160 -29.73 -40.46 -19.77
N ASN E 161 -29.17 -39.64 -20.65
CA ASN E 161 -27.71 -39.61 -20.81
C ASN E 161 -26.91 -38.92 -19.69
N HIS E 162 -27.55 -38.00 -18.99
CA HIS E 162 -27.01 -37.45 -17.75
C HIS E 162 -28.14 -37.41 -16.73
N PRO E 163 -28.41 -38.53 -16.05
CA PRO E 163 -29.56 -38.60 -15.14
C PRO E 163 -29.47 -37.60 -14.00
N LEU E 164 -28.27 -37.15 -13.67
CA LEU E 164 -28.09 -36.08 -12.68
C LEU E 164 -27.99 -34.71 -13.37
N ASN E 165 -27.02 -34.55 -14.27
CA ASN E 165 -26.68 -33.20 -14.76
C ASN E 165 -27.80 -32.52 -15.55
N MET E 166 -28.52 -33.30 -16.35
CA MET E 166 -29.68 -32.79 -17.08
C MET E 166 -30.72 -32.21 -16.12
N VAL E 167 -30.94 -32.88 -15.00
CA VAL E 167 -31.90 -32.40 -14.02
C VAL E 167 -31.37 -31.17 -13.29
N ALA E 168 -30.07 -31.19 -12.95
CA ALA E 168 -29.45 -30.05 -12.29
C ALA E 168 -29.56 -28.80 -13.15
N HIS E 169 -29.29 -28.94 -14.45
CA HIS E 169 -29.35 -27.78 -15.34
C HIS E 169 -30.75 -27.18 -15.46
N LYS E 170 -31.77 -28.00 -15.22
CA LYS E 170 -33.14 -27.52 -15.30
C LYS E 170 -33.69 -27.04 -13.96
N VAL E 171 -33.24 -27.66 -12.87
CA VAL E 171 -33.73 -27.33 -11.53
C VAL E 171 -32.97 -26.20 -10.81
N ALA E 172 -31.66 -26.15 -10.94
CA ALA E 172 -30.90 -25.10 -10.22
C ALA E 172 -31.26 -23.65 -10.64
N PRO E 173 -31.43 -23.40 -11.95
CA PRO E 173 -31.84 -22.06 -12.38
C PRO E 173 -33.26 -21.68 -11.96
N ALA E 174 -34.15 -22.66 -11.85
CA ALA E 174 -35.50 -22.40 -11.37
C ALA E 174 -35.49 -21.96 -9.91
N ILE E 175 -34.69 -22.65 -9.10
CA ILE E 175 -34.58 -22.30 -7.69
C ILE E 175 -33.95 -20.92 -7.56
N ALA E 176 -32.93 -20.67 -8.36
CA ALA E 176 -32.20 -19.41 -8.30
C ALA E 176 -33.08 -18.18 -8.64
N THR E 177 -34.23 -18.43 -9.26
CA THR E 177 -35.10 -17.35 -9.71
C THR E 177 -36.50 -17.41 -9.05
N ASN E 178 -36.62 -18.18 -7.96
CA ASN E 178 -37.90 -18.33 -7.25
C ASN E 178 -39.03 -18.93 -8.11
N ASN E 179 -38.70 -19.90 -8.94
CA ASN E 179 -39.72 -20.63 -9.68
C ASN E 179 -40.08 -21.90 -8.96
N CYS E 180 -41.15 -22.56 -9.41
CA CYS E 180 -41.53 -23.87 -8.88
C CYS E 180 -41.51 -24.83 -10.05
N VAL E 181 -40.72 -25.89 -9.94
CA VAL E 181 -40.51 -26.77 -11.07
C VAL E 181 -41.04 -28.19 -10.77
N VAL E 182 -41.59 -28.81 -11.81
CA VAL E 182 -42.02 -30.21 -11.74
C VAL E 182 -41.22 -30.95 -12.79
N VAL E 183 -40.48 -31.98 -12.37
CA VAL E 183 -39.60 -32.72 -13.26
C VAL E 183 -40.14 -34.13 -13.53
N LYS E 184 -40.16 -34.53 -14.80
CA LYS E 184 -40.43 -35.91 -15.17
C LYS E 184 -39.22 -36.50 -15.89
N PRO E 185 -38.38 -37.23 -15.16
CA PRO E 185 -37.22 -37.82 -15.84
C PRO E 185 -37.66 -39.00 -16.70
N THR E 186 -36.76 -39.44 -17.56
CA THR E 186 -37.05 -40.61 -18.38
C THR E 186 -37.31 -41.79 -17.45
N GLU E 187 -38.21 -42.68 -17.85
CA GLU E 187 -38.46 -43.87 -17.06
C GLU E 187 -37.25 -44.82 -17.07
N LEU E 188 -36.32 -44.62 -18.00
CA LEU E 188 -35.09 -45.41 -18.03
C LEU E 188 -34.11 -45.10 -16.89
N THR E 189 -34.06 -43.84 -16.44
CA THR E 189 -33.13 -43.46 -15.38
C THR E 189 -33.73 -42.45 -14.39
N PRO E 190 -34.83 -42.84 -13.73
CA PRO E 190 -35.58 -41.95 -12.85
C PRO E 190 -34.97 -41.80 -11.45
N MET E 191 -34.18 -42.78 -11.02
CA MET E 191 -33.78 -42.85 -9.63
C MET E 191 -32.85 -41.72 -9.19
N THR E 192 -31.91 -41.37 -10.04
CA THR E 192 -31.01 -40.26 -9.78
C THR E 192 -31.77 -38.96 -9.50
N ALA E 193 -32.82 -38.71 -10.30
CA ALA E 193 -33.63 -37.51 -10.14
C ALA E 193 -34.37 -37.51 -8.80
N LEU E 194 -34.86 -38.68 -8.38
CA LEU E 194 -35.55 -38.84 -7.10
C LEU E 194 -34.61 -38.53 -5.93
N LEU E 195 -33.37 -38.98 -6.05
CA LEU E 195 -32.34 -38.72 -5.03
C LEU E 195 -31.99 -37.22 -4.97
N LEU E 196 -31.85 -36.58 -6.13
CA LEU E 196 -31.57 -35.15 -6.14
C LEU E 196 -32.65 -34.36 -5.41
N ALA E 197 -33.91 -34.79 -5.55
CA ALA E 197 -35.00 -34.11 -4.87
C ALA E 197 -34.83 -34.23 -3.35
N ASP E 198 -34.52 -35.43 -2.87
CA ASP E 198 -34.27 -35.62 -1.44
C ASP E 198 -33.16 -34.71 -0.97
N ILE E 199 -32.10 -34.62 -1.76
CA ILE E 199 -30.96 -33.78 -1.41
C ILE E 199 -31.41 -32.31 -1.28
N LEU E 200 -32.15 -31.83 -2.29
CA LEU E 200 -32.67 -30.46 -2.28
C LEU E 200 -33.55 -30.14 -1.07
N TYR E 201 -34.49 -31.02 -0.74
CA TYR E 201 -35.33 -30.81 0.45
C TYR E 201 -34.46 -30.77 1.71
N GLU E 202 -33.45 -31.63 1.75
CA GLU E 202 -32.53 -31.65 2.89
C GLU E 202 -31.72 -30.37 2.99
N ALA E 203 -31.39 -29.78 1.85
CA ALA E 203 -30.61 -28.54 1.80
C ALA E 203 -31.46 -27.30 2.14
N GLY E 204 -32.74 -27.49 2.41
CA GLY E 204 -33.61 -26.39 2.82
C GLY E 204 -34.54 -25.80 1.77
N LEU E 205 -34.70 -26.49 0.64
CA LEU E 205 -35.64 -26.03 -0.38
C LEU E 205 -37.09 -26.17 0.10
N PRO E 206 -37.87 -25.07 0.06
CA PRO E 206 -39.31 -25.23 0.31
C PRO E 206 -39.88 -26.27 -0.65
N PRO E 207 -40.48 -27.33 -0.11
CA PRO E 207 -40.88 -28.50 -0.89
C PRO E 207 -41.73 -28.13 -2.07
N GLU E 208 -42.58 -27.12 -1.92
CA GLU E 208 -43.53 -26.76 -2.98
C GLU E 208 -42.79 -26.39 -4.26
N MET E 209 -41.54 -25.96 -4.11
CA MET E 209 -40.77 -25.52 -5.28
C MET E 209 -40.26 -26.65 -6.16
N LEU E 210 -40.41 -27.90 -5.73
CA LEU E 210 -39.93 -29.00 -6.56
C LEU E 210 -40.71 -30.30 -6.40
N SER E 211 -41.17 -30.86 -7.52
CA SER E 211 -41.66 -32.24 -7.52
C SER E 211 -40.97 -33.04 -8.60
N VAL E 212 -40.79 -34.32 -8.35
CA VAL E 212 -40.31 -35.24 -9.36
C VAL E 212 -41.32 -36.37 -9.47
N VAL E 213 -41.96 -36.47 -10.63
CA VAL E 213 -42.94 -37.52 -10.88
C VAL E 213 -42.39 -38.47 -11.93
N THR E 214 -42.91 -39.70 -11.96
CA THR E 214 -42.43 -40.72 -12.89
C THR E 214 -43.60 -41.50 -13.47
N GLY E 215 -43.34 -42.20 -14.57
CA GLY E 215 -44.36 -43.01 -15.21
C GLY E 215 -44.13 -43.13 -16.69
N TRP E 216 -45.04 -43.80 -17.40
CA TRP E 216 -44.91 -43.97 -18.83
C TRP E 216 -45.36 -42.72 -19.59
N PRO E 217 -44.68 -42.41 -20.70
CA PRO E 217 -45.05 -41.26 -21.54
C PRO E 217 -46.55 -41.23 -21.81
N ALA E 218 -47.13 -42.38 -22.14
CA ALA E 218 -48.55 -42.46 -22.47
C ALA E 218 -49.46 -42.06 -21.31
N ASP E 219 -48.97 -42.25 -20.11
CA ASP E 219 -49.76 -41.94 -18.94
C ASP E 219 -49.61 -40.50 -18.44
N ILE E 220 -48.37 -40.01 -18.41
CA ILE E 220 -48.09 -38.77 -17.70
C ILE E 220 -47.43 -37.70 -18.58
N GLY E 221 -46.92 -38.10 -19.74
CA GLY E 221 -46.16 -37.18 -20.59
C GLY E 221 -46.97 -36.01 -21.12
N MET E 222 -48.22 -36.27 -21.50
CA MET E 222 -49.06 -35.22 -22.07
C MET E 222 -49.32 -34.12 -21.04
N GLU E 223 -49.62 -34.50 -19.81
CA GLU E 223 -49.90 -33.52 -18.76
C GLU E 223 -48.69 -32.62 -18.51
N MET E 224 -47.49 -33.15 -18.71
CA MET E 224 -46.27 -32.38 -18.49
C MET E 224 -46.17 -31.20 -19.45
N ILE E 225 -46.78 -31.33 -20.62
CA ILE E 225 -46.64 -30.28 -21.61
C ILE E 225 -47.91 -29.46 -21.86
N THR E 226 -49.05 -29.89 -21.31
CA THR E 226 -50.31 -29.19 -21.56
C THR E 226 -51.00 -28.63 -20.32
N ASN E 227 -50.49 -28.94 -19.14
CA ASN E 227 -51.07 -28.39 -17.92
C ASN E 227 -51.20 -26.87 -17.98
N PRO E 228 -52.36 -26.34 -17.57
CA PRO E 228 -52.70 -24.93 -17.69
C PRO E 228 -51.78 -24.01 -16.89
N HIS E 229 -51.26 -24.49 -15.76
CA HIS E 229 -50.36 -23.70 -14.91
C HIS E 229 -48.93 -23.58 -15.48
N VAL E 230 -48.64 -24.33 -16.54
CA VAL E 230 -47.28 -24.37 -17.10
C VAL E 230 -46.97 -23.20 -18.05
N ASP E 231 -46.05 -22.34 -17.63
CA ASP E 231 -45.66 -21.20 -18.47
C ASP E 231 -44.54 -21.56 -19.43
N LEU E 232 -43.74 -22.56 -19.05
CA LEU E 232 -42.55 -22.88 -19.83
C LEU E 232 -42.25 -24.38 -19.79
N VAL E 233 -41.94 -24.93 -20.95
CA VAL E 233 -41.50 -26.31 -21.06
C VAL E 233 -40.03 -26.34 -21.46
N THR E 234 -39.20 -26.92 -20.60
CA THR E 234 -37.81 -27.13 -20.95
C THR E 234 -37.54 -28.62 -21.10
N PHE E 235 -37.10 -28.99 -22.28
CA PHE E 235 -36.96 -30.39 -22.67
C PHE E 235 -35.62 -30.65 -23.31
N THR E 236 -34.99 -31.75 -22.92
CA THR E 236 -33.83 -32.25 -23.64
C THR E 236 -34.12 -33.68 -24.06
N GLY E 237 -33.84 -34.01 -25.32
CA GLY E 237 -34.11 -35.35 -25.79
C GLY E 237 -33.95 -35.51 -27.29
N SER E 238 -34.64 -36.49 -27.84
CA SER E 238 -34.50 -36.83 -29.26
C SER E 238 -35.25 -35.83 -30.14
N VAL E 239 -34.84 -35.76 -31.41
CA VAL E 239 -35.53 -34.93 -32.39
C VAL E 239 -37.03 -35.23 -32.52
N PRO E 240 -37.39 -36.50 -32.78
CA PRO E 240 -38.82 -36.79 -32.99
C PRO E 240 -39.68 -36.46 -31.78
N VAL E 241 -39.20 -36.72 -30.58
CA VAL E 241 -40.01 -36.44 -29.40
C VAL E 241 -40.09 -34.92 -29.20
N GLY E 242 -38.97 -34.25 -29.41
CA GLY E 242 -38.90 -32.80 -29.26
C GLY E 242 -39.83 -32.09 -30.23
N LYS E 243 -39.80 -32.50 -31.49
CA LYS E 243 -40.68 -31.88 -32.48
C LYS E 243 -42.15 -32.15 -32.20
N LEU E 244 -42.44 -33.30 -31.59
CA LEU E 244 -43.81 -33.59 -31.17
C LEU E 244 -44.20 -32.73 -29.96
N ILE E 245 -43.24 -32.43 -29.08
CA ILE E 245 -43.54 -31.58 -27.93
C ILE E 245 -43.81 -30.14 -28.39
N ALA E 246 -43.08 -29.72 -29.41
CA ALA E 246 -43.16 -28.36 -29.91
C ALA E 246 -44.57 -28.08 -30.43
N ALA E 247 -45.10 -29.01 -31.21
CA ALA E 247 -46.47 -28.93 -31.70
C ALA E 247 -47.50 -28.97 -30.55
N ASN E 248 -47.37 -29.97 -29.68
CA ASN E 248 -48.38 -30.17 -28.63
C ASN E 248 -48.29 -29.17 -27.48
N ALA E 249 -47.11 -28.56 -27.28
CA ALA E 249 -46.94 -27.55 -26.23
C ALA E 249 -47.19 -26.13 -26.78
N HIS E 250 -47.89 -26.09 -27.92
CA HIS E 250 -48.67 -24.93 -28.33
C HIS E 250 -48.24 -23.57 -27.86
N TYR E 251 -49.10 -23.01 -27.01
CA TYR E 251 -49.01 -21.61 -26.62
C TYR E 251 -48.29 -21.47 -25.28
N LYS E 252 -47.21 -22.22 -25.12
CA LYS E 252 -46.34 -22.09 -23.95
C LYS E 252 -44.95 -21.80 -24.47
N ARG E 253 -44.14 -21.10 -23.69
CA ARG E 253 -42.73 -20.96 -24.06
C ARG E 253 -42.06 -22.32 -23.99
N GLN E 254 -41.08 -22.55 -24.85
CA GLN E 254 -40.40 -23.84 -24.93
C GLN E 254 -38.90 -23.62 -25.09
N VAL E 255 -38.10 -24.40 -24.38
CA VAL E 255 -36.67 -24.46 -24.62
C VAL E 255 -36.32 -25.90 -24.93
N LEU E 256 -35.96 -26.18 -26.18
CA LEU E 256 -35.77 -27.55 -26.60
C LEU E 256 -34.33 -27.78 -27.05
N GLU E 257 -33.64 -28.69 -26.37
CA GLU E 257 -32.29 -29.02 -26.80
C GLU E 257 -32.34 -30.46 -27.31
N LEU E 258 -32.15 -30.61 -28.61
CA LEU E 258 -32.36 -31.87 -29.27
C LEU E 258 -30.97 -32.48 -29.48
N GLY E 259 -30.82 -33.36 -30.47
CA GLY E 259 -29.54 -34.02 -30.59
C GLY E 259 -28.44 -33.16 -31.20
N GLY E 260 -27.28 -33.77 -31.40
CA GLY E 260 -26.21 -33.17 -32.17
C GLY E 260 -25.55 -34.25 -33.03
N ASN E 261 -24.77 -33.82 -34.01
CA ASN E 261 -23.98 -34.74 -34.81
C ASN E 261 -22.63 -34.09 -35.07
N ASP E 262 -21.84 -33.96 -34.00
CA ASP E 262 -20.78 -32.97 -33.98
C ASP E 262 -19.43 -33.46 -34.48
N PRO E 263 -18.77 -32.64 -35.32
CA PRO E 263 -17.48 -32.97 -35.90
C PRO E 263 -16.31 -32.55 -35.02
N LEU E 264 -15.24 -33.34 -35.07
CA LEU E 264 -13.90 -32.88 -34.71
C LEU E 264 -13.13 -32.82 -36.02
N ILE E 265 -12.66 -31.63 -36.35
CA ILE E 265 -12.01 -31.39 -37.62
C ILE E 265 -10.50 -31.25 -37.45
N ILE E 266 -9.77 -32.11 -38.15
CA ILE E 266 -8.31 -32.13 -38.07
C ILE E 266 -7.75 -31.50 -39.35
N LEU E 267 -7.16 -30.32 -39.23
CA LEU E 267 -6.67 -29.61 -40.40
C LEU E 267 -5.25 -30.04 -40.75
N ASN E 268 -4.88 -29.88 -42.02
CA ASN E 268 -3.62 -30.41 -42.55
C ASN E 268 -2.37 -29.59 -42.24
N ASP E 269 -2.48 -28.65 -41.32
CA ASP E 269 -1.32 -27.86 -40.92
C ASP E 269 -0.60 -28.45 -39.71
N LEU E 270 -1.21 -29.47 -39.11
CA LEU E 270 -0.71 -30.03 -37.86
C LEU E 270 0.57 -30.85 -37.97
N SER E 271 1.49 -30.61 -37.06
CA SER E 271 2.69 -31.43 -36.95
C SER E 271 2.31 -32.77 -36.38
N ASP E 272 3.24 -33.72 -36.42
CA ASP E 272 3.00 -35.04 -35.84
C ASP E 272 2.66 -34.97 -34.35
N ASP E 273 3.37 -34.13 -33.59
CA ASP E 273 3.07 -33.95 -32.17
C ASP E 273 1.63 -33.49 -31.94
N ASP E 274 1.19 -32.53 -32.75
CA ASP E 274 -0.17 -31.99 -32.64
C ASP E 274 -1.21 -33.00 -33.12
N LEU E 275 -0.84 -33.83 -34.09
CA LEU E 275 -1.75 -34.88 -34.54
C LEU E 275 -2.02 -35.86 -33.42
N ALA E 276 -1.00 -36.12 -32.60
CA ALA E 276 -1.18 -37.01 -31.46
C ALA E 276 -2.14 -36.40 -30.44
N ARG E 277 -1.99 -35.10 -30.19
CA ARG E 277 -2.89 -34.39 -29.29
C ARG E 277 -4.31 -34.35 -29.85
N ALA E 278 -4.47 -34.18 -31.16
CA ALA E 278 -5.80 -34.21 -31.77
C ALA E 278 -6.44 -35.59 -31.59
N ALA E 279 -5.60 -36.61 -31.72
CA ALA E 279 -6.07 -37.98 -31.58
C ALA E 279 -6.57 -38.24 -30.16
N ASP E 280 -5.87 -37.65 -29.17
CA ASP E 280 -6.33 -37.74 -27.78
C ASP E 280 -7.77 -37.18 -27.68
N LEU E 281 -7.99 -36.03 -28.30
CA LEU E 281 -9.29 -35.37 -28.26
C LEU E 281 -10.33 -36.17 -29.03
N ALA E 282 -9.94 -36.74 -30.15
CA ALA E 282 -10.87 -37.54 -30.95
C ALA E 282 -11.38 -38.73 -30.15
N VAL E 283 -10.45 -39.45 -29.52
CA VAL E 283 -10.83 -40.64 -28.77
C VAL E 283 -11.68 -40.30 -27.55
N ALA E 284 -11.21 -39.35 -26.75
CA ALA E 284 -11.97 -38.89 -25.59
C ALA E 284 -13.37 -38.41 -26.00
N GLY E 285 -13.42 -37.55 -27.00
CA GLY E 285 -14.66 -36.93 -27.40
C GLY E 285 -15.65 -37.93 -27.96
N ALA E 286 -15.13 -38.99 -28.58
CA ALA E 286 -15.99 -39.98 -29.18
C ALA E 286 -16.53 -40.97 -28.16
N THR E 287 -15.82 -41.15 -27.05
CA THR E 287 -16.13 -42.26 -26.15
C THR E 287 -16.59 -41.85 -24.73
N LYS E 288 -16.30 -40.62 -24.32
CA LYS E 288 -16.67 -40.22 -22.97
C LYS E 288 -18.19 -40.33 -22.77
N ASN E 289 -18.60 -40.81 -21.60
CA ASN E 289 -20.01 -41.10 -21.33
C ASN E 289 -20.55 -42.18 -22.27
N SER E 290 -19.66 -43.06 -22.73
CA SER E 290 -20.02 -44.08 -23.71
C SER E 290 -20.56 -43.46 -25.00
N GLY E 291 -20.06 -42.28 -25.34
CA GLY E 291 -20.46 -41.60 -26.55
C GLY E 291 -21.87 -41.01 -26.51
N GLN E 292 -22.50 -41.10 -25.34
CA GLN E 292 -23.89 -40.67 -25.19
C GLN E 292 -23.97 -39.20 -24.75
N ARG E 293 -23.62 -38.31 -25.67
CA ARG E 293 -23.71 -36.87 -25.46
C ARG E 293 -24.29 -36.24 -26.71
N CYS E 294 -25.13 -35.24 -26.55
CA CYS E 294 -25.59 -34.46 -27.69
C CYS E 294 -24.37 -33.91 -28.42
N THR E 295 -23.31 -33.60 -27.67
CA THR E 295 -22.09 -32.99 -28.24
C THR E 295 -20.89 -33.95 -28.36
N ALA E 296 -21.12 -35.26 -28.31
CA ALA E 296 -20.06 -36.24 -28.52
C ALA E 296 -19.43 -35.99 -29.88
N VAL E 297 -18.15 -36.35 -30.03
CA VAL E 297 -17.57 -36.38 -31.37
C VAL E 297 -18.18 -37.57 -32.11
N LYS E 298 -18.97 -37.30 -33.15
CA LYS E 298 -19.64 -38.37 -33.90
C LYS E 298 -19.11 -38.49 -35.32
N ARG E 299 -18.29 -37.52 -35.72
CA ARG E 299 -17.66 -37.51 -37.03
C ARG E 299 -16.28 -36.92 -36.84
N ILE E 300 -15.25 -37.70 -37.13
CA ILE E 300 -13.92 -37.15 -37.10
C ILE E 300 -13.56 -36.86 -38.54
N LEU E 301 -13.61 -35.57 -38.88
CA LEU E 301 -13.33 -35.12 -40.25
C LEU E 301 -11.84 -34.82 -40.41
N CYS E 302 -11.11 -35.75 -41.00
CA CYS E 302 -9.67 -35.60 -41.17
C CYS E 302 -9.31 -35.23 -42.60
N GLN E 303 -8.57 -34.13 -42.77
CA GLN E 303 -8.15 -33.75 -44.13
C GLN E 303 -7.16 -34.79 -44.68
N GLU E 304 -7.33 -35.09 -45.97
CA GLU E 304 -6.68 -36.25 -46.60
C GLU E 304 -5.19 -36.40 -46.32
N SER E 305 -4.47 -35.30 -46.43
CA SER E 305 -3.01 -35.31 -46.41
C SER E 305 -2.40 -35.70 -45.06
N VAL E 306 -3.19 -35.69 -43.99
CA VAL E 306 -2.65 -36.02 -42.67
C VAL E 306 -3.26 -37.31 -42.11
N ALA E 307 -4.16 -37.91 -42.86
CA ALA E 307 -4.88 -39.09 -42.38
C ALA E 307 -3.98 -40.30 -42.14
N ASP E 308 -3.02 -40.53 -43.04
CA ASP E 308 -2.12 -41.66 -42.88
C ASP E 308 -1.33 -41.58 -41.58
N ARG E 309 -1.04 -40.35 -41.14
CA ARG E 309 -0.34 -40.14 -39.88
C ARG E 309 -1.32 -40.13 -38.69
N PHE E 310 -2.50 -39.57 -38.91
CA PHE E 310 -3.47 -39.38 -37.83
C PHE E 310 -4.13 -40.70 -37.37
N VAL E 311 -4.58 -41.50 -38.33
CA VAL E 311 -5.37 -42.68 -38.00
C VAL E 311 -4.62 -43.67 -37.11
N PRO E 312 -3.34 -43.92 -37.39
CA PRO E 312 -2.61 -44.85 -36.52
C PRO E 312 -2.61 -44.37 -35.07
N LEU E 313 -2.52 -43.06 -34.87
CA LEU E 313 -2.48 -42.50 -33.52
C LEU E 313 -3.81 -42.71 -32.81
N VAL E 314 -4.90 -42.50 -33.52
CA VAL E 314 -6.21 -42.78 -32.95
C VAL E 314 -6.36 -44.26 -32.56
N LEU E 315 -5.95 -45.15 -33.45
CA LEU E 315 -6.06 -46.59 -33.20
C LEU E 315 -5.32 -47.01 -31.95
N GLU E 316 -4.09 -46.50 -31.81
CA GLU E 316 -3.25 -46.78 -30.65
C GLU E 316 -3.94 -46.38 -29.34
N ARG E 317 -4.54 -45.19 -29.32
CA ARG E 317 -5.21 -44.70 -28.13
C ARG E 317 -6.51 -45.45 -27.84
N ALA E 318 -7.25 -45.77 -28.90
CA ALA E 318 -8.49 -46.52 -28.72
C ALA E 318 -8.23 -47.91 -28.10
N LYS E 319 -7.13 -48.54 -28.50
CA LYS E 319 -6.83 -49.88 -27.99
C LYS E 319 -6.44 -49.86 -26.50
N ARG E 320 -6.01 -48.71 -26.00
CA ARG E 320 -5.63 -48.60 -24.59
C ARG E 320 -6.84 -48.56 -23.64
N LEU E 321 -8.00 -48.17 -24.15
CA LEU E 321 -9.19 -48.09 -23.32
C LEU E 321 -9.64 -49.43 -22.77
N ARG E 322 -9.95 -49.48 -21.49
CA ARG E 322 -10.55 -50.67 -20.92
C ARG E 322 -12.07 -50.52 -20.85
N PHE E 323 -12.75 -51.38 -21.58
CA PHE E 323 -14.21 -51.39 -21.58
C PHE E 323 -14.68 -52.63 -20.84
N GLY E 324 -15.61 -52.44 -19.90
CA GLY E 324 -16.07 -53.55 -19.08
C GLY E 324 -16.98 -53.13 -17.94
N ASP E 325 -16.89 -53.89 -16.85
CA ASP E 325 -17.71 -53.71 -15.66
C ASP E 325 -17.69 -52.25 -15.21
N PRO E 326 -18.82 -51.55 -15.40
CA PRO E 326 -18.89 -50.12 -15.10
C PRO E 326 -18.68 -49.77 -13.63
N MET E 327 -18.97 -50.70 -12.72
CA MET E 327 -18.79 -50.44 -11.29
C MET E 327 -17.33 -50.53 -10.85
N ASP E 328 -16.45 -51.02 -11.72
CA ASP E 328 -15.02 -51.10 -11.40
C ASP E 328 -14.37 -49.77 -11.77
N ARG E 329 -13.87 -49.05 -10.76
CA ARG E 329 -13.28 -47.73 -10.95
C ARG E 329 -12.10 -47.66 -11.93
N SER E 330 -11.50 -48.80 -12.24
CA SER E 330 -10.44 -48.85 -13.25
C SER E 330 -10.98 -48.89 -14.68
N THR E 331 -12.28 -49.14 -14.82
CA THR E 331 -12.88 -49.18 -16.16
C THR E 331 -12.95 -47.76 -16.75
N ASP E 332 -12.59 -47.63 -18.03
CA ASP E 332 -12.71 -46.38 -18.78
C ASP E 332 -14.10 -46.24 -19.36
N LEU E 333 -14.54 -47.28 -20.06
CA LEU E 333 -15.75 -47.26 -20.88
C LEU E 333 -16.75 -48.31 -20.43
N GLY E 334 -17.93 -47.87 -20.00
CA GLY E 334 -19.00 -48.77 -19.61
C GLY E 334 -19.92 -49.10 -20.78
N THR E 335 -21.15 -49.49 -20.48
CA THR E 335 -22.09 -49.90 -21.53
C THR E 335 -22.81 -48.68 -22.13
N VAL E 336 -23.54 -48.90 -23.22
CA VAL E 336 -24.57 -47.94 -23.63
C VAL E 336 -25.87 -48.27 -22.93
N ILE E 337 -26.91 -47.48 -23.17
CA ILE E 337 -28.15 -47.57 -22.40
C ILE E 337 -28.85 -48.93 -22.46
N HIS E 338 -28.74 -49.63 -23.60
CA HIS E 338 -29.25 -51.00 -23.68
C HIS E 338 -28.76 -51.79 -24.90
N GLU E 339 -29.08 -53.07 -24.91
CA GLU E 339 -28.61 -53.97 -25.95
C GLU E 339 -29.07 -53.54 -27.34
N LYS E 340 -30.33 -53.12 -27.42
CA LYS E 340 -30.93 -52.70 -28.68
C LYS E 340 -30.13 -51.57 -29.32
N ALA E 341 -29.72 -50.60 -28.51
CA ALA E 341 -28.92 -49.50 -29.01
C ALA E 341 -27.54 -49.98 -29.48
N ALA E 342 -26.87 -50.75 -28.63
CA ALA E 342 -25.57 -51.31 -28.97
C ALA E 342 -25.65 -52.09 -30.29
N ALA E 343 -26.74 -52.81 -30.47
CA ALA E 343 -26.92 -53.64 -31.65
C ALA E 343 -27.03 -52.77 -32.90
N LEU E 344 -27.83 -51.71 -32.82
CA LEU E 344 -28.00 -50.78 -33.93
C LEU E 344 -26.68 -50.10 -34.30
N PHE E 345 -25.96 -49.61 -33.30
CA PHE E 345 -24.67 -48.97 -33.57
C PHE E 345 -23.72 -49.91 -34.32
N GLU E 346 -23.65 -51.17 -33.89
CA GLU E 346 -22.78 -52.15 -34.55
C GLU E 346 -23.25 -52.42 -36.00
N GLU E 347 -24.55 -52.61 -36.19
CA GLU E 347 -25.12 -52.72 -37.52
C GLU E 347 -24.63 -51.59 -38.44
N ARG E 348 -24.68 -50.35 -37.94
CA ARG E 348 -24.27 -49.20 -38.71
C ARG E 348 -22.80 -49.28 -39.09
N VAL E 349 -22.00 -49.80 -38.16
CA VAL E 349 -20.59 -50.02 -38.42
C VAL E 349 -20.43 -51.01 -39.57
N MET E 350 -21.19 -52.10 -39.49
CA MET E 350 -21.06 -53.15 -40.50
C MET E 350 -21.55 -52.68 -41.87
N ARG E 351 -22.62 -51.88 -41.89
CA ARG E 351 -23.13 -51.33 -43.15
C ARG E 351 -22.11 -50.40 -43.78
N ALA E 352 -21.49 -49.55 -42.97
CA ALA E 352 -20.48 -48.62 -43.47
C ALA E 352 -19.30 -49.40 -44.06
N ALA E 353 -18.96 -50.51 -43.41
CA ALA E 353 -17.90 -51.37 -43.90
C ALA E 353 -18.28 -51.96 -45.26
N GLU E 354 -19.54 -52.38 -45.38
CA GLU E 354 -20.04 -52.90 -46.65
C GLU E 354 -19.97 -51.82 -47.73
N GLU E 355 -20.02 -50.56 -47.31
CA GLU E 355 -20.12 -49.46 -48.26
C GLU E 355 -18.78 -48.80 -48.53
N GLY E 356 -17.70 -49.44 -48.06
CA GLY E 356 -16.36 -48.96 -48.31
C GLY E 356 -15.55 -48.64 -47.07
N ALA E 357 -16.21 -48.56 -45.91
CA ALA E 357 -15.49 -48.25 -44.68
C ALA E 357 -14.52 -49.36 -44.32
N ASP E 358 -13.53 -49.02 -43.50
CA ASP E 358 -12.46 -49.93 -43.13
C ASP E 358 -12.36 -50.04 -41.62
N ILE E 359 -12.86 -51.14 -41.06
CA ILE E 359 -12.85 -51.37 -39.62
C ILE E 359 -11.44 -51.75 -39.14
N LEU E 360 -10.95 -51.04 -38.13
CA LEU E 360 -9.56 -51.20 -37.72
C LEU E 360 -9.44 -51.83 -36.34
N TYR E 361 -10.53 -51.75 -35.58
CA TYR E 361 -10.56 -52.28 -34.24
C TYR E 361 -12.00 -52.57 -33.84
N HIS E 362 -12.32 -53.86 -33.75
CA HIS E 362 -13.62 -54.30 -33.28
C HIS E 362 -13.50 -55.64 -32.55
N PRO E 363 -13.17 -55.60 -31.26
CA PRO E 363 -12.94 -56.82 -30.47
C PRO E 363 -14.24 -57.53 -30.12
N GLY E 364 -15.38 -56.99 -30.56
CA GLY E 364 -16.63 -57.68 -30.38
C GLY E 364 -17.54 -57.10 -29.31
N ARG E 365 -18.84 -57.21 -29.57
CA ARG E 365 -19.85 -56.67 -28.68
C ARG E 365 -20.37 -57.74 -27.71
N SER E 366 -20.67 -57.30 -26.49
CA SER E 366 -21.26 -58.20 -25.50
C SER E 366 -22.47 -57.56 -24.85
N GLY E 367 -23.63 -57.73 -25.48
CA GLY E 367 -24.86 -57.15 -24.98
C GLY E 367 -24.88 -55.64 -25.20
N ALA E 368 -25.12 -54.90 -24.13
CA ALA E 368 -25.08 -53.45 -24.19
C ALA E 368 -23.64 -52.92 -24.16
N LEU E 369 -22.68 -53.82 -23.93
CA LEU E 369 -21.28 -53.41 -23.87
C LEU E 369 -20.62 -53.36 -25.25
N LEU E 370 -20.37 -52.14 -25.73
CA LEU E 370 -19.75 -51.93 -27.03
C LEU E 370 -18.31 -51.46 -26.84
N PRO E 371 -17.37 -51.97 -27.65
CA PRO E 371 -15.99 -51.48 -27.51
C PRO E 371 -15.81 -50.16 -28.25
N PRO E 372 -14.70 -49.47 -28.00
CA PRO E 372 -14.46 -48.22 -28.72
C PRO E 372 -14.02 -48.54 -30.15
N ILE E 373 -15.00 -48.92 -30.97
CA ILE E 373 -14.74 -49.34 -32.33
C ILE E 373 -14.13 -48.25 -33.20
N VAL E 374 -13.01 -48.56 -33.87
CA VAL E 374 -12.36 -47.60 -34.76
C VAL E 374 -12.67 -47.90 -36.22
N VAL E 375 -13.21 -46.91 -36.92
CA VAL E 375 -13.56 -47.08 -38.34
C VAL E 375 -12.96 -45.96 -39.17
N ASP E 376 -12.17 -46.32 -40.17
CA ASP E 376 -11.54 -45.35 -41.06
C ASP E 376 -12.25 -45.35 -42.41
N ARG E 377 -12.05 -44.29 -43.18
CA ARG E 377 -12.62 -44.18 -44.52
C ARG E 377 -14.15 -44.30 -44.53
N VAL E 378 -14.80 -43.74 -43.53
CA VAL E 378 -16.26 -43.77 -43.49
C VAL E 378 -16.86 -42.87 -44.57
N PRO E 379 -17.75 -43.42 -45.41
CA PRO E 379 -18.46 -42.60 -46.39
C PRO E 379 -19.33 -41.60 -45.65
N HIS E 380 -19.28 -40.33 -46.03
CA HIS E 380 -20.01 -39.32 -45.27
C HIS E 380 -21.52 -39.55 -45.34
N GLN E 381 -21.95 -40.43 -46.24
CA GLN E 381 -23.38 -40.70 -46.42
C GLN E 381 -23.87 -41.97 -45.71
N SER E 382 -22.95 -42.79 -45.21
CA SER E 382 -23.36 -43.97 -44.44
C SER E 382 -24.15 -43.57 -43.20
N ASP E 383 -25.07 -44.42 -42.77
CA ASP E 383 -25.92 -44.13 -41.62
C ASP E 383 -25.13 -43.91 -40.35
N LEU E 384 -23.93 -44.49 -40.30
CA LEU E 384 -23.07 -44.36 -39.13
C LEU E 384 -22.88 -42.89 -38.77
N VAL E 385 -22.60 -42.06 -39.77
CA VAL E 385 -22.31 -40.65 -39.52
C VAL E 385 -23.37 -39.68 -40.07
N LEU E 386 -24.22 -40.15 -40.98
CA LEU E 386 -25.26 -39.28 -41.52
C LEU E 386 -26.32 -39.07 -40.46
N GLU E 387 -26.68 -40.16 -39.80
CA GLU E 387 -27.55 -40.09 -38.64
C GLU E 387 -26.74 -39.94 -37.34
N GLU E 388 -27.40 -39.48 -36.30
CA GLU E 388 -26.79 -39.40 -34.97
C GLU E 388 -26.61 -40.81 -34.42
N THR E 389 -25.36 -41.21 -34.21
CA THR E 389 -25.07 -42.49 -33.60
C THR E 389 -24.55 -42.29 -32.17
N PHE E 390 -25.41 -42.65 -31.22
CA PHE E 390 -25.26 -42.27 -29.81
C PHE E 390 -24.45 -43.31 -29.02
N GLY E 391 -23.30 -43.71 -29.55
CA GLY E 391 -22.45 -44.68 -28.87
C GLY E 391 -20.97 -44.42 -29.08
N PRO E 392 -20.11 -45.22 -28.43
CA PRO E 392 -18.66 -44.93 -28.40
C PRO E 392 -17.94 -45.33 -29.68
N ILE E 393 -18.53 -45.08 -30.84
CA ILE E 393 -17.86 -45.34 -32.11
C ILE E 393 -16.85 -44.23 -32.43
N ILE E 394 -15.74 -44.61 -33.07
CA ILE E 394 -14.70 -43.68 -33.45
C ILE E 394 -14.58 -43.69 -34.97
N PRO E 395 -15.39 -42.88 -35.64
CA PRO E 395 -15.48 -42.96 -37.09
C PRO E 395 -14.71 -41.82 -37.74
N ILE E 396 -13.73 -42.16 -38.57
CA ILE E 396 -12.95 -41.17 -39.29
C ILE E 396 -13.45 -41.04 -40.72
N VAL E 397 -13.95 -39.86 -41.06
CA VAL E 397 -14.31 -39.53 -42.43
C VAL E 397 -13.16 -38.75 -43.01
N ARG E 398 -12.65 -39.21 -44.15
CA ARG E 398 -11.57 -38.52 -44.82
C ARG E 398 -12.15 -37.42 -45.70
N VAL E 399 -11.66 -36.20 -45.51
CA VAL E 399 -12.18 -35.05 -46.24
C VAL E 399 -11.09 -34.37 -47.06
N PRO E 400 -11.49 -33.61 -48.08
CA PRO E 400 -10.51 -33.00 -48.98
C PRO E 400 -9.59 -32.01 -48.26
N ASP E 401 -8.45 -31.73 -48.87
CA ASP E 401 -7.56 -30.70 -48.38
C ASP E 401 -7.99 -29.34 -48.90
N ASP E 402 -9.28 -29.05 -48.73
CA ASP E 402 -9.85 -27.77 -49.07
C ASP E 402 -10.84 -27.44 -47.96
N ASP E 403 -10.69 -26.27 -47.36
CA ASP E 403 -11.53 -25.88 -46.22
C ASP E 403 -13.00 -25.65 -46.61
N ASP E 404 -13.21 -25.02 -47.77
CA ASP E 404 -14.57 -24.80 -48.23
C ASP E 404 -15.36 -26.10 -48.40
N ALA E 405 -14.72 -27.12 -48.99
CA ALA E 405 -15.35 -28.43 -49.09
C ALA E 405 -15.55 -29.07 -47.72
N THR E 406 -14.56 -28.91 -46.84
CA THR E 406 -14.63 -29.48 -45.49
C THR E 406 -15.78 -28.83 -44.74
N ILE E 407 -15.85 -27.51 -44.81
CA ILE E 407 -16.92 -26.75 -44.18
C ILE E 407 -18.29 -27.18 -44.76
N THR E 408 -18.34 -27.45 -46.06
CA THR E 408 -19.60 -27.89 -46.64
C THR E 408 -20.03 -29.23 -46.08
N LEU E 409 -19.09 -30.14 -45.95
CA LEU E 409 -19.37 -31.50 -45.48
C LEU E 409 -19.78 -31.46 -44.02
N SER E 410 -19.09 -30.64 -43.25
CA SER E 410 -19.43 -30.49 -41.84
C SER E 410 -20.87 -30.01 -41.66
N ASN E 411 -21.28 -29.04 -42.48
CA ASN E 411 -22.63 -28.47 -42.39
C ASN E 411 -23.74 -29.27 -43.06
N SER E 412 -23.41 -30.41 -43.66
CA SER E 412 -24.38 -31.13 -44.52
C SER E 412 -25.42 -31.98 -43.78
N THR E 413 -25.33 -32.09 -42.46
CA THR E 413 -26.29 -32.89 -41.71
C THR E 413 -27.48 -32.06 -41.26
N ALA E 414 -28.43 -32.71 -40.59
CA ALA E 414 -29.63 -32.02 -40.13
C ALA E 414 -29.33 -31.28 -38.84
N PHE E 415 -28.17 -31.55 -38.26
CA PHE E 415 -27.83 -31.05 -36.93
C PHE E 415 -26.91 -29.82 -36.96
N GLY E 416 -26.91 -29.05 -35.86
CA GLY E 416 -26.06 -27.88 -35.78
C GLY E 416 -25.89 -27.45 -34.35
N LEU E 417 -25.17 -28.25 -33.57
CA LEU E 417 -25.03 -28.02 -32.14
C LEU E 417 -23.63 -27.46 -31.83
N SER E 418 -22.63 -28.34 -31.81
CA SER E 418 -21.28 -27.88 -31.50
C SER E 418 -20.22 -28.48 -32.44
N SER E 419 -18.97 -28.14 -32.20
CA SER E 419 -17.86 -28.59 -33.05
C SER E 419 -16.52 -28.28 -32.42
N GLY E 420 -15.48 -28.91 -32.95
CA GLY E 420 -14.12 -28.68 -32.50
C GLY E 420 -13.23 -28.66 -33.73
N VAL E 421 -12.22 -27.80 -33.71
CA VAL E 421 -11.32 -27.66 -34.83
C VAL E 421 -9.89 -27.63 -34.31
N CYS E 422 -9.06 -28.55 -34.82
CA CYS E 422 -7.66 -28.60 -34.44
C CYS E 422 -6.80 -28.07 -35.55
N THR E 423 -6.20 -26.90 -35.31
CA THR E 423 -5.34 -26.22 -36.26
C THR E 423 -4.54 -25.14 -35.52
N ASN E 424 -3.44 -24.71 -36.09
CA ASN E 424 -2.66 -23.64 -35.52
C ASN E 424 -2.65 -22.40 -36.40
N ASP E 425 -3.38 -22.47 -37.50
CA ASP E 425 -3.42 -21.39 -38.48
C ASP E 425 -4.58 -20.48 -38.13
N TYR E 426 -4.29 -19.27 -37.64
CA TYR E 426 -5.37 -18.35 -37.26
C TYR E 426 -6.34 -18.04 -38.40
N ARG E 427 -5.83 -17.81 -39.60
CA ARG E 427 -6.68 -17.49 -40.74
C ARG E 427 -7.74 -18.59 -40.95
N ARG E 428 -7.35 -19.85 -40.76
CA ARG E 428 -8.29 -20.94 -40.94
C ARG E 428 -9.25 -21.10 -39.75
N MET E 429 -8.73 -20.94 -38.53
CA MET E 429 -9.59 -20.89 -37.35
C MET E 429 -10.78 -19.97 -37.55
N GLN E 430 -10.52 -18.74 -37.98
CA GLN E 430 -11.58 -17.75 -38.14
C GLN E 430 -12.56 -18.19 -39.22
N LYS E 431 -12.02 -18.73 -40.31
CA LYS E 431 -12.85 -19.24 -41.40
C LYS E 431 -13.83 -20.30 -40.90
N TYR E 432 -13.34 -21.24 -40.11
CA TYR E 432 -14.22 -22.27 -39.54
C TYR E 432 -15.18 -21.70 -38.50
N ILE E 433 -14.70 -20.79 -37.67
CA ILE E 433 -15.59 -20.17 -36.69
C ILE E 433 -16.74 -19.45 -37.39
N ALA E 434 -16.43 -18.69 -38.42
CA ALA E 434 -17.46 -17.97 -39.17
C ALA E 434 -18.33 -18.92 -40.01
N GLY E 435 -17.72 -19.99 -40.51
CA GLY E 435 -18.36 -20.83 -41.52
C GLY E 435 -19.23 -21.98 -41.06
N LEU E 436 -18.97 -22.50 -39.87
CA LEU E 436 -19.71 -23.66 -39.39
C LEU E 436 -21.08 -23.27 -38.85
N LYS E 437 -22.10 -23.97 -39.32
CA LYS E 437 -23.46 -23.67 -38.93
C LYS E 437 -23.81 -24.46 -37.68
N VAL E 438 -23.33 -23.95 -36.55
CA VAL E 438 -23.47 -24.59 -35.26
C VAL E 438 -23.64 -23.53 -34.18
N GLY E 439 -24.00 -23.95 -32.97
CA GLY E 439 -24.13 -23.04 -31.85
C GLY E 439 -22.76 -22.66 -31.25
N THR E 440 -21.80 -23.56 -31.41
CA THR E 440 -20.48 -23.42 -30.76
C THR E 440 -19.36 -24.01 -31.61
N VAL E 441 -18.23 -23.29 -31.66
CA VAL E 441 -17.02 -23.77 -32.34
C VAL E 441 -15.87 -23.74 -31.33
N ASN E 442 -15.37 -24.91 -30.93
CA ASN E 442 -14.26 -24.97 -29.99
C ASN E 442 -12.94 -25.19 -30.71
N ILE E 443 -11.99 -24.27 -30.52
CA ILE E 443 -10.68 -24.42 -31.15
C ILE E 443 -9.79 -25.25 -30.23
N TRP E 444 -9.30 -26.37 -30.74
CA TRP E 444 -8.45 -27.26 -29.93
C TRP E 444 -9.13 -27.85 -28.68
N GLU E 445 -10.42 -28.15 -28.79
CA GLU E 445 -11.15 -28.89 -27.76
C GLU E 445 -12.27 -29.68 -28.41
N VAL E 446 -12.88 -30.59 -27.65
CA VAL E 446 -13.98 -31.39 -28.19
C VAL E 446 -15.23 -30.53 -28.29
N PRO E 447 -16.17 -30.92 -29.15
CA PRO E 447 -17.44 -30.20 -29.29
C PRO E 447 -18.13 -30.05 -27.94
N GLY E 448 -17.91 -31.01 -27.06
CA GLY E 448 -18.58 -31.03 -25.78
C GLY E 448 -18.07 -30.05 -24.75
N TYR E 449 -16.94 -29.41 -25.02
CA TYR E 449 -16.41 -28.49 -24.00
C TYR E 449 -17.25 -27.23 -23.84
N ARG E 450 -17.50 -26.87 -22.58
CA ARG E 450 -18.23 -25.65 -22.23
C ARG E 450 -18.05 -25.44 -20.73
N ILE E 451 -18.34 -24.24 -20.24
CA ILE E 451 -18.54 -24.08 -18.79
C ILE E 451 -20.04 -24.17 -18.49
N GLU E 452 -20.41 -24.54 -17.27
CA GLU E 452 -21.82 -24.82 -17.01
C GLU E 452 -22.71 -23.56 -17.15
N MET E 453 -22.10 -22.39 -17.25
CA MET E 453 -22.87 -21.14 -17.30
C MET E 453 -22.78 -20.35 -18.62
N SER E 454 -22.01 -20.84 -19.59
CA SER E 454 -21.90 -20.14 -20.86
C SER E 454 -23.08 -20.52 -21.77
N PRO E 455 -23.40 -19.67 -22.77
CA PRO E 455 -24.56 -19.97 -23.63
C PRO E 455 -24.43 -21.28 -24.39
N PHE E 456 -25.44 -22.13 -24.25
CA PHE E 456 -25.41 -23.44 -24.87
C PHE E 456 -26.72 -23.73 -25.61
N GLY E 457 -26.62 -24.24 -26.83
CA GLY E 457 -27.80 -24.56 -27.62
C GLY E 457 -27.48 -24.55 -29.10
N GLY E 458 -28.26 -25.28 -29.89
CA GLY E 458 -27.95 -25.43 -31.30
C GLY E 458 -28.93 -24.75 -32.25
N ILE E 459 -28.74 -24.98 -33.54
CA ILE E 459 -29.69 -24.53 -34.55
C ILE E 459 -30.18 -25.73 -35.35
N LYS E 460 -30.85 -25.50 -36.48
CA LYS E 460 -31.37 -26.60 -37.30
C LYS E 460 -32.09 -27.59 -36.40
N ASP E 461 -31.83 -28.88 -36.56
CA ASP E 461 -32.54 -29.89 -35.77
C ASP E 461 -32.03 -30.05 -34.33
N SER E 462 -30.98 -29.33 -33.96
CA SER E 462 -30.40 -29.44 -32.62
C SER E 462 -31.14 -28.65 -31.55
N GLY E 463 -31.98 -27.71 -31.95
CA GLY E 463 -32.70 -26.90 -30.99
C GLY E 463 -33.61 -25.87 -31.63
N ASN E 464 -34.61 -25.43 -30.87
CA ASN E 464 -35.58 -24.48 -31.40
C ASN E 464 -35.08 -23.03 -31.40
N GLY E 465 -33.81 -22.83 -31.05
CA GLY E 465 -33.19 -21.51 -31.19
C GLY E 465 -32.88 -20.75 -29.92
N TYR E 466 -33.23 -21.30 -28.76
CA TYR E 466 -32.97 -20.60 -27.52
C TYR E 466 -31.77 -21.20 -26.78
N LYS E 467 -31.04 -20.36 -26.07
CA LYS E 467 -29.85 -20.81 -25.35
C LYS E 467 -30.16 -21.32 -23.95
N GLU E 468 -29.30 -22.20 -23.47
CA GLU E 468 -29.39 -22.82 -22.16
C GLU E 468 -28.08 -22.47 -21.43
N GLY E 469 -27.75 -23.25 -20.40
CA GLY E 469 -26.64 -22.93 -19.52
C GLY E 469 -27.23 -22.14 -18.37
N VAL E 470 -26.53 -22.09 -17.25
CA VAL E 470 -27.08 -21.49 -16.03
C VAL E 470 -27.57 -20.05 -16.21
N ILE E 471 -26.79 -19.23 -16.90
CA ILE E 471 -27.17 -17.82 -17.06
C ILE E 471 -28.37 -17.62 -18.00
N GLU E 472 -28.31 -18.22 -19.17
CA GLU E 472 -29.43 -18.06 -20.10
C GLU E 472 -30.68 -18.73 -19.56
N ALA E 473 -30.51 -19.81 -18.81
CA ALA E 473 -31.67 -20.49 -18.22
C ALA E 473 -32.34 -19.57 -17.22
N MET E 474 -31.55 -18.94 -16.35
CA MET E 474 -32.12 -18.02 -15.36
C MET E 474 -32.90 -16.87 -16.03
N LYS E 475 -32.40 -16.38 -17.16
CA LYS E 475 -33.12 -15.35 -17.89
C LYS E 475 -34.42 -15.89 -18.49
N SER E 476 -34.34 -17.05 -19.13
CA SER E 476 -35.50 -17.69 -19.77
C SER E 476 -36.62 -17.99 -18.79
N PHE E 477 -36.25 -18.18 -17.53
CA PHE E 477 -37.18 -18.67 -16.52
C PHE E 477 -37.91 -17.51 -15.82
N THR E 478 -37.75 -16.30 -16.34
CA THR E 478 -38.38 -15.12 -15.73
C THR E 478 -39.13 -14.26 -16.74
N ASN E 479 -39.98 -13.36 -16.25
CA ASN E 479 -40.53 -12.31 -17.09
C ASN E 479 -39.84 -11.02 -16.71
N VAL E 480 -39.45 -10.24 -17.71
CA VAL E 480 -38.98 -8.88 -17.48
C VAL E 480 -40.16 -7.93 -17.31
N LYS E 481 -40.19 -7.25 -16.18
CA LYS E 481 -41.16 -6.18 -15.98
C LYS E 481 -40.41 -4.85 -16.01
N THR E 482 -40.95 -3.88 -16.74
CA THR E 482 -40.38 -2.54 -16.72
C THR E 482 -41.28 -1.60 -15.91
N PHE E 483 -40.68 -0.57 -15.35
CA PHE E 483 -41.45 0.50 -14.71
C PHE E 483 -40.78 1.84 -15.00
N SER E 484 -41.59 2.90 -15.13
CA SER E 484 -41.03 4.21 -15.38
C SER E 484 -41.44 5.23 -14.33
N LEU E 485 -40.51 6.13 -14.02
CA LEU E 485 -40.71 7.14 -13.00
C LEU E 485 -40.44 8.52 -13.60
N PRO E 486 -41.24 9.51 -13.21
CA PRO E 486 -40.92 10.89 -13.56
C PRO E 486 -39.51 11.23 -13.08
N TRP E 487 -38.75 11.95 -13.91
CA TRP E 487 -37.39 12.30 -13.54
C TRP E 487 -37.04 13.71 -14.02
N HIS F 15 40.02 4.95 -2.21
CA HIS F 15 38.77 4.60 -2.87
C HIS F 15 38.74 3.14 -3.34
N GLU F 16 38.02 2.30 -2.62
CA GLU F 16 37.94 0.86 -2.92
C GLU F 16 36.53 0.42 -3.29
N PRO F 17 36.34 -0.04 -4.53
CA PRO F 17 35.02 -0.57 -4.89
C PRO F 17 34.72 -1.88 -4.17
N MET F 18 33.47 -2.32 -4.26
CA MET F 18 33.07 -3.64 -3.80
C MET F 18 33.68 -4.68 -4.72
N ARG F 19 33.97 -5.85 -4.18
CA ARG F 19 34.42 -6.98 -4.99
C ARG F 19 33.27 -7.97 -5.18
N ILE F 20 32.64 -7.96 -6.34
CA ILE F 20 31.54 -8.89 -6.61
C ILE F 20 31.96 -9.96 -7.61
N ALA F 21 32.24 -11.15 -7.05
CA ALA F 21 32.81 -12.25 -7.81
C ALA F 21 33.94 -11.77 -8.71
N GLY F 22 34.87 -11.03 -8.12
CA GLY F 22 36.08 -10.64 -8.84
C GLY F 22 35.94 -9.33 -9.61
N ARG F 23 34.72 -8.86 -9.78
CA ARG F 23 34.48 -7.60 -10.49
C ARG F 23 34.45 -6.43 -9.52
N LEU F 24 35.10 -5.33 -9.89
CA LEU F 24 35.04 -4.13 -9.07
C LEU F 24 33.74 -3.42 -9.37
N VAL F 25 32.94 -3.19 -8.34
CA VAL F 25 31.64 -2.56 -8.52
C VAL F 25 31.52 -1.33 -7.64
N ASP F 26 31.18 -0.20 -8.26
CA ASP F 26 31.12 1.06 -7.54
C ASP F 26 29.73 1.67 -7.50
N THR F 27 29.54 2.64 -6.60
CA THR F 27 28.29 3.38 -6.55
C THR F 27 28.61 4.86 -6.53
N ASP F 28 27.58 5.69 -6.65
CA ASP F 28 27.78 7.14 -6.63
C ASP F 28 28.05 7.63 -5.22
N ASP F 29 27.19 7.25 -4.29
CA ASP F 29 27.40 7.60 -2.90
C ASP F 29 28.55 6.78 -2.31
N ARG F 30 29.16 7.31 -1.27
CA ARG F 30 30.33 6.68 -0.67
C ARG F 30 30.17 6.62 0.83
N VAL F 31 30.82 5.64 1.43
CA VAL F 31 30.97 5.62 2.88
C VAL F 31 32.41 5.99 3.20
N GLU F 32 32.58 6.97 4.08
CA GLU F 32 33.91 7.38 4.52
C GLU F 32 34.44 6.52 5.67
N VAL F 33 35.68 6.06 5.52
CA VAL F 33 36.36 5.32 6.57
C VAL F 33 37.38 6.25 7.24
N ARG F 34 37.27 6.38 8.57
CA ARG F 34 38.07 7.34 9.33
C ARG F 34 39.09 6.64 10.23
N TYR F 35 40.26 7.26 10.35
CA TYR F 35 41.30 6.81 11.25
C TYR F 35 40.97 7.34 12.65
N PRO F 36 40.68 6.45 13.61
CA PRO F 36 40.26 6.90 14.93
C PRO F 36 41.35 7.67 15.69
N TRP F 37 42.61 7.57 15.28
CA TRP F 37 43.69 8.29 15.95
C TRP F 37 43.54 9.81 15.81
N ASN F 38 43.15 10.26 14.63
CA ASN F 38 43.04 11.68 14.35
C ASN F 38 41.81 12.04 13.54
N ASP F 39 40.87 11.10 13.48
CA ASP F 39 39.58 11.29 12.83
C ASP F 39 39.68 11.75 11.38
N THR F 40 40.80 11.49 10.72
CA THR F 40 40.92 11.83 9.32
C THR F 40 40.34 10.74 8.42
N VAL F 41 39.87 11.15 7.25
CA VAL F 41 39.33 10.19 6.29
C VAL F 41 40.47 9.48 5.61
N VAL F 42 40.54 8.16 5.77
CA VAL F 42 41.64 7.39 5.18
C VAL F 42 41.19 6.53 4.00
N GLY F 43 39.90 6.41 3.80
CA GLY F 43 39.44 5.64 2.67
C GLY F 43 37.96 5.81 2.43
N THR F 44 37.51 5.23 1.33
CA THR F 44 36.13 5.36 0.95
C THR F 44 35.70 4.06 0.24
N VAL F 45 34.51 3.56 0.54
CA VAL F 45 33.97 2.39 -0.15
C VAL F 45 32.52 2.68 -0.62
N PRO F 46 31.99 1.84 -1.52
CA PRO F 46 30.63 2.14 -2.00
C PRO F 46 29.54 2.07 -0.92
N ALA F 47 28.56 2.96 -1.04
CA ALA F 47 27.32 2.84 -0.29
C ALA F 47 26.40 1.86 -1.01
N GLY F 48 26.74 0.58 -0.94
CA GLY F 48 26.00 -0.46 -1.67
C GLY F 48 24.54 -0.62 -1.23
N ARG F 49 23.74 -1.20 -2.13
CA ARG F 49 22.31 -1.30 -1.89
C ARG F 49 21.86 -2.77 -2.01
N ALA F 50 20.60 -3.04 -1.73
CA ALA F 50 20.08 -4.41 -1.77
C ALA F 50 20.44 -5.12 -3.06
N GLU F 51 20.38 -4.38 -4.17
CA GLU F 51 20.62 -4.94 -5.48
C GLU F 51 22.04 -5.50 -5.61
N HIS F 52 23.00 -4.93 -4.90
CA HIS F 52 24.37 -5.43 -5.00
C HIS F 52 24.55 -6.77 -4.26
N ALA F 53 23.98 -6.88 -3.07
CA ALA F 53 24.00 -8.16 -2.36
C ALA F 53 23.19 -9.20 -3.13
N ARG F 54 22.07 -8.77 -3.69
CA ARG F 54 21.20 -9.65 -4.46
C ARG F 54 21.94 -10.23 -5.68
N GLU F 55 22.71 -9.40 -6.37
CA GLU F 55 23.54 -9.88 -7.48
C GLU F 55 24.59 -10.87 -6.96
N ALA F 56 25.24 -10.52 -5.85
CA ALA F 56 26.32 -11.36 -5.29
C ALA F 56 25.76 -12.73 -4.92
N PHE F 57 24.60 -12.75 -4.26
CA PHE F 57 23.98 -14.01 -3.89
C PHE F 57 23.55 -14.83 -5.10
N ALA F 58 23.12 -14.15 -6.18
CA ALA F 58 22.66 -14.87 -7.37
C ALA F 58 23.81 -15.59 -8.05
N ILE F 59 24.97 -14.95 -8.04
CA ILE F 59 26.17 -15.54 -8.62
C ILE F 59 26.64 -16.69 -7.74
N ALA F 60 26.62 -16.47 -6.43
CA ALA F 60 26.99 -17.52 -5.48
C ALA F 60 26.16 -18.77 -5.70
N ALA F 61 24.85 -18.60 -5.79
CA ALA F 61 23.94 -19.74 -5.89
C ALA F 61 24.12 -20.50 -7.19
N ALA F 62 24.43 -19.78 -8.27
CA ALA F 62 24.50 -20.40 -9.59
C ALA F 62 25.81 -21.15 -9.83
N TYR F 63 26.83 -20.82 -9.05
CA TYR F 63 28.13 -21.48 -9.23
C TYR F 63 28.27 -22.70 -8.32
N GLN F 64 28.61 -23.84 -8.92
CA GLN F 64 28.82 -25.07 -8.17
C GLN F 64 30.29 -25.37 -8.15
N PRO F 65 30.96 -25.08 -7.02
CA PRO F 65 32.40 -25.31 -6.99
C PRO F 65 32.70 -26.79 -7.18
N LYS F 66 33.74 -27.11 -7.93
CA LYS F 66 34.14 -28.50 -8.08
C LYS F 66 35.62 -28.68 -7.76
N LEU F 67 36.16 -27.78 -6.93
CA LEU F 67 37.56 -27.89 -6.50
C LEU F 67 37.82 -29.21 -5.77
N THR F 68 38.92 -29.87 -6.10
CA THR F 68 39.31 -31.06 -5.36
C THR F 68 39.77 -30.56 -4.02
N ARG F 69 39.86 -31.47 -3.06
CA ARG F 69 40.43 -31.14 -1.77
C ARG F 69 41.85 -30.61 -1.95
N TYR F 70 42.61 -31.20 -2.86
CA TYR F 70 43.94 -30.71 -3.16
C TYR F 70 43.92 -29.24 -3.61
N GLU F 71 43.04 -28.92 -4.56
CA GLU F 71 42.94 -27.54 -5.05
C GLU F 71 42.54 -26.54 -3.96
N ARG F 72 41.60 -26.92 -3.10
CA ARG F 72 41.22 -26.04 -1.99
C ARG F 72 42.42 -25.78 -1.10
N GLN F 73 43.15 -26.83 -0.77
CA GLN F 73 44.32 -26.69 0.10
C GLN F 73 45.39 -25.76 -0.50
N LYS F 74 45.68 -25.92 -1.79
CA LYS F 74 46.64 -25.03 -2.45
C LYS F 74 46.22 -23.56 -2.32
N ILE F 75 44.96 -23.29 -2.63
CA ILE F 75 44.41 -21.93 -2.51
C ILE F 75 44.54 -21.39 -1.09
N LEU F 76 44.16 -22.19 -0.10
CA LEU F 76 44.22 -21.76 1.30
C LEU F 76 45.65 -21.55 1.80
N LEU F 77 46.58 -22.44 1.42
CA LEU F 77 47.96 -22.28 1.87
C LEU F 77 48.68 -21.14 1.14
N ALA F 78 48.37 -20.96 -0.14
CA ALA F 78 48.84 -19.78 -0.87
C ALA F 78 48.36 -18.48 -0.21
N THR F 79 47.11 -18.48 0.28
CA THR F 79 46.58 -17.30 0.95
C THR F 79 47.36 -17.03 2.24
N ALA F 80 47.58 -18.07 3.03
CA ALA F 80 48.42 -17.94 4.22
C ALA F 80 49.79 -17.36 3.88
N GLU F 81 50.42 -17.88 2.83
CA GLU F 81 51.73 -17.41 2.43
C GLU F 81 51.69 -15.94 2.01
N ALA F 82 50.59 -15.53 1.39
CA ALA F 82 50.42 -14.12 1.03
C ALA F 82 50.27 -13.24 2.28
N LEU F 83 49.42 -13.64 3.21
CA LEU F 83 49.26 -12.85 4.43
C LEU F 83 50.60 -12.61 5.14
N ALA F 84 51.42 -13.65 5.23
CA ALA F 84 52.72 -13.53 5.90
C ALA F 84 53.64 -12.58 5.13
N ALA F 85 53.63 -12.74 3.81
CA ALA F 85 54.48 -11.98 2.90
C ALA F 85 54.03 -10.54 2.79
N ARG F 86 52.75 -10.30 3.08
CA ARG F 86 52.21 -8.96 2.95
C ARG F 86 51.79 -8.36 4.27
N LYS F 87 52.31 -8.91 5.37
CA LYS F 87 51.75 -8.57 6.67
C LYS F 87 51.87 -7.10 7.08
N GLU F 88 52.98 -6.46 6.73
CA GLU F 88 53.17 -5.06 7.08
C GLU F 88 52.10 -4.21 6.40
N GLU F 89 51.90 -4.45 5.12
CA GLU F 89 50.83 -3.78 4.36
C GLU F 89 49.46 -4.00 5.01
N ILE F 90 49.12 -5.26 5.24
CA ILE F 90 47.80 -5.60 5.78
C ILE F 90 47.56 -4.95 7.16
N SER F 91 48.54 -5.03 8.05
CA SER F 91 48.40 -4.46 9.38
C SER F 91 48.32 -2.93 9.37
N ASP F 92 48.95 -2.30 8.37
CA ASP F 92 48.77 -0.86 8.17
C ASP F 92 47.29 -0.54 7.92
N VAL F 93 46.70 -1.23 6.95
CA VAL F 93 45.28 -1.02 6.63
C VAL F 93 44.39 -1.23 7.85
N ILE F 94 44.64 -2.32 8.56
CA ILE F 94 43.89 -2.59 9.79
C ILE F 94 44.05 -1.41 10.76
N THR F 95 45.29 -1.05 11.07
CA THR F 95 45.52 0.00 12.06
C THR F 95 44.90 1.34 11.63
N LEU F 96 44.99 1.65 10.34
CA LEU F 96 44.45 2.92 9.85
C LEU F 96 42.91 3.01 9.91
N GLU F 97 42.20 1.89 9.85
CA GLU F 97 40.75 1.97 9.99
C GLU F 97 40.22 1.64 11.39
N LEU F 98 40.97 0.84 12.13
CA LEU F 98 40.53 0.39 13.46
C LEU F 98 41.16 1.22 14.57
N GLY F 99 42.44 1.53 14.44
CA GLY F 99 43.11 2.34 15.44
C GLY F 99 43.92 1.56 16.47
N ILE F 100 43.83 0.22 16.43
CA ILE F 100 44.67 -0.61 17.29
C ILE F 100 46.14 -0.45 16.92
N SER F 101 47.02 -0.70 17.86
CA SER F 101 48.44 -0.57 17.62
C SER F 101 48.92 -1.55 16.56
N LYS F 102 50.03 -1.21 15.90
CA LYS F 102 50.67 -2.11 14.97
C LYS F 102 51.06 -3.45 15.62
N ALA F 103 51.42 -3.42 16.90
CA ALA F 103 51.70 -4.67 17.61
C ALA F 103 50.47 -5.57 17.55
N ASP F 104 49.31 -4.99 17.87
CA ASP F 104 48.04 -5.72 17.81
C ASP F 104 47.60 -6.10 16.40
N SER F 105 47.81 -5.22 15.42
CA SER F 105 47.36 -5.53 14.07
C SER F 105 48.28 -6.53 13.37
N LEU F 106 49.56 -6.53 13.74
CA LEU F 106 50.50 -7.53 13.22
C LEU F 106 50.15 -8.91 13.77
N TYR F 107 49.80 -8.94 15.04
CA TYR F 107 49.42 -10.18 15.69
C TYR F 107 48.14 -10.71 15.04
N GLU F 108 47.16 -9.84 14.79
CA GLU F 108 45.98 -10.27 14.04
C GLU F 108 46.34 -10.97 12.72
N VAL F 109 47.28 -10.42 11.95
CA VAL F 109 47.67 -11.05 10.69
C VAL F 109 48.19 -12.47 10.95
N GLY F 110 48.93 -12.63 12.05
CA GLY F 110 49.41 -13.96 12.44
C GLY F 110 48.29 -14.92 12.78
N ARG F 111 47.22 -14.40 13.39
CA ARG F 111 46.06 -15.24 13.66
C ARG F 111 45.41 -15.68 12.35
N ALA F 112 45.23 -14.74 11.42
CA ALA F 112 44.66 -15.06 10.12
C ALA F 112 45.49 -16.10 9.38
N PHE F 113 46.81 -16.01 9.53
CA PHE F 113 47.71 -16.97 8.91
C PHE F 113 47.43 -18.37 9.46
N ASP F 114 47.23 -18.48 10.78
CA ASP F 114 46.84 -19.74 11.40
C ASP F 114 45.47 -20.22 10.89
N VAL F 115 44.50 -19.31 10.85
CA VAL F 115 43.18 -19.68 10.34
C VAL F 115 43.28 -20.30 8.94
N PHE F 116 43.97 -19.63 8.03
CA PHE F 116 44.11 -20.15 6.66
C PHE F 116 44.95 -21.42 6.52
N THR F 117 46.03 -21.52 7.29
CA THR F 117 46.84 -22.72 7.30
C THR F 117 46.05 -23.92 7.82
N LEU F 118 45.40 -23.76 8.97
CA LEU F 118 44.68 -24.87 9.57
C LEU F 118 43.46 -25.31 8.74
N ALA F 119 42.78 -24.37 8.09
CA ALA F 119 41.70 -24.74 7.17
C ALA F 119 42.25 -25.51 5.97
N GLY F 120 43.41 -25.08 5.50
CA GLY F 120 44.05 -25.77 4.40
C GLY F 120 44.40 -27.21 4.75
N GLN F 121 44.92 -27.39 5.96
CA GLN F 121 45.34 -28.72 6.40
C GLN F 121 44.15 -29.63 6.75
N MET F 122 43.02 -29.03 7.15
CA MET F 122 41.81 -29.80 7.43
C MET F 122 41.17 -30.37 6.15
N CYS F 123 41.55 -29.84 5.00
CA CYS F 123 41.06 -30.37 3.73
C CYS F 123 41.33 -31.86 3.47
N ILE F 124 42.36 -32.43 4.08
CA ILE F 124 42.62 -33.84 3.83
C ILE F 124 41.77 -34.76 4.72
N ARG F 125 40.96 -34.19 5.59
CA ARG F 125 40.21 -35.00 6.56
C ARG F 125 38.77 -35.23 6.13
N ASP F 126 38.36 -36.49 6.18
CA ASP F 126 36.99 -36.89 5.87
C ASP F 126 36.43 -37.53 7.14
N ASP F 127 35.43 -36.90 7.74
CA ASP F 127 34.86 -37.42 8.98
C ASP F 127 33.62 -38.28 8.72
N GLY F 128 33.51 -38.81 7.50
CA GLY F 128 32.47 -39.76 7.17
C GLY F 128 32.40 -40.90 8.19
N GLU F 129 31.18 -41.38 8.42
CA GLU F 129 30.93 -42.49 9.33
C GLU F 129 30.27 -43.65 8.58
N ILE F 130 30.35 -44.84 9.16
CA ILE F 130 29.69 -46.02 8.62
C ILE F 130 28.90 -46.71 9.73
N PHE F 131 27.64 -47.04 9.46
CA PHE F 131 26.83 -47.78 10.42
C PHE F 131 26.49 -49.14 9.84
N SER F 132 26.55 -50.18 10.67
CA SER F 132 25.97 -51.49 10.33
C SER F 132 24.49 -51.51 10.69
N CYS F 133 23.68 -52.19 9.89
CA CYS F 133 22.24 -52.08 10.09
C CYS F 133 21.58 -53.32 10.71
N ASP F 134 22.36 -54.36 11.00
CA ASP F 134 21.79 -55.59 11.54
C ASP F 134 21.76 -55.56 13.08
N LEU F 135 21.17 -54.51 13.64
CA LEU F 135 21.34 -54.17 15.06
C LEU F 135 20.20 -54.52 16.02
N THR F 136 18.98 -54.58 15.51
CA THR F 136 17.79 -54.77 16.32
C THR F 136 16.88 -55.79 15.64
N PRO F 137 15.72 -56.09 16.24
CA PRO F 137 14.83 -57.02 15.51
C PRO F 137 14.35 -56.44 14.18
N HIS F 138 14.50 -55.12 13.97
CA HIS F 138 14.11 -54.51 12.69
C HIS F 138 15.31 -54.42 11.72
N GLY F 139 16.41 -55.08 12.08
CA GLY F 139 17.69 -54.92 11.37
C GLY F 139 17.74 -55.46 9.96
N LYS F 140 18.67 -54.95 9.19
CA LYS F 140 18.86 -55.43 7.81
C LYS F 140 20.33 -55.62 7.48
N ALA F 141 20.60 -56.46 6.48
CA ALA F 141 21.98 -56.68 6.00
C ALA F 141 22.36 -55.54 5.06
N ARG F 142 22.90 -54.48 5.64
CA ARG F 142 23.00 -53.20 4.95
C ARG F 142 23.98 -52.31 5.70
N LYS F 143 24.60 -51.39 4.97
CA LYS F 143 25.45 -50.37 5.57
C LYS F 143 24.98 -48.98 5.19
N ILE F 144 25.05 -48.06 6.15
CA ILE F 144 24.77 -46.67 5.90
C ILE F 144 26.08 -45.91 5.95
N PHE F 145 26.29 -45.03 4.99
CA PHE F 145 27.51 -44.23 4.89
C PHE F 145 27.10 -42.76 4.92
N THR F 146 28.05 -41.93 5.29
CA THR F 146 27.78 -40.55 5.57
C THR F 146 28.77 -39.69 4.77
N MET F 147 28.33 -38.56 4.25
CA MET F 147 29.23 -37.63 3.54
C MET F 147 28.70 -36.20 3.62
N ARG F 148 29.56 -35.23 3.32
CA ARG F 148 29.19 -33.81 3.47
C ARG F 148 29.11 -33.09 2.13
N GLU F 149 28.11 -32.23 1.98
CA GLU F 149 27.95 -31.43 0.77
C GLU F 149 27.80 -29.95 1.12
N PRO F 150 28.25 -29.05 0.22
CA PRO F 150 28.17 -27.62 0.53
C PRO F 150 26.74 -27.10 0.39
N LEU F 151 26.54 -25.86 0.85
CA LEU F 151 25.25 -25.20 0.80
C LEU F 151 25.12 -24.40 -0.49
N THR F 152 23.96 -23.78 -0.68
CA THR F 152 23.74 -22.92 -1.83
C THR F 152 24.57 -21.63 -1.73
N ALA F 153 24.42 -20.91 -0.62
CA ALA F 153 25.24 -19.72 -0.40
C ALA F 153 25.30 -19.41 1.09
N ILE F 154 26.38 -18.78 1.50
CA ILE F 154 26.55 -18.37 2.89
C ILE F 154 26.67 -16.86 2.99
N SER F 155 25.96 -16.29 3.96
CA SER F 155 26.04 -14.88 4.27
C SER F 155 26.90 -14.66 5.52
N ALA F 156 27.93 -13.83 5.40
CA ALA F 156 28.86 -13.57 6.49
C ALA F 156 28.83 -12.10 6.85
N ILE F 157 28.54 -11.81 8.11
CA ILE F 157 28.45 -10.44 8.58
C ILE F 157 29.43 -10.26 9.75
N THR F 158 30.35 -9.31 9.61
CA THR F 158 31.49 -9.17 10.52
C THR F 158 31.58 -7.79 11.21
N PRO F 159 32.17 -7.77 12.42
CA PRO F 159 32.29 -6.55 13.22
C PRO F 159 33.64 -5.88 13.05
N PHE F 160 33.90 -4.83 13.83
CA PHE F 160 35.08 -4.01 13.65
C PHE F 160 36.31 -4.50 14.42
N ASN F 161 36.11 -5.32 15.44
CA ASN F 161 37.25 -5.60 16.34
C ASN F 161 38.37 -6.46 15.76
N HIS F 162 38.07 -7.28 14.75
CA HIS F 162 39.11 -8.00 14.01
C HIS F 162 38.83 -7.93 12.51
N PRO F 163 39.15 -6.78 11.87
CA PRO F 163 38.80 -6.51 10.48
C PRO F 163 39.32 -7.58 9.52
N LEU F 164 40.39 -8.27 9.91
CA LEU F 164 40.93 -9.35 9.10
C LEU F 164 40.51 -10.74 9.59
N ASN F 165 40.68 -11.00 10.89
CA ASN F 165 40.51 -12.37 11.40
C ASN F 165 39.06 -12.86 11.50
N MET F 166 38.14 -11.94 11.77
CA MET F 166 36.71 -12.26 11.70
C MET F 166 36.33 -12.73 10.31
N VAL F 167 36.86 -12.04 9.29
CA VAL F 167 36.53 -12.42 7.93
C VAL F 167 37.17 -13.75 7.56
N ALA F 168 38.43 -13.93 7.94
CA ALA F 168 39.13 -15.18 7.70
C ALA F 168 38.38 -16.36 8.31
N HIS F 169 37.91 -16.22 9.54
CA HIS F 169 37.22 -17.31 10.22
C HIS F 169 35.94 -17.72 9.49
N LYS F 170 35.34 -16.79 8.76
CA LYS F 170 34.08 -17.13 8.07
C LYS F 170 34.35 -17.61 6.64
N VAL F 171 35.39 -17.07 6.02
CA VAL F 171 35.67 -17.34 4.63
C VAL F 171 36.55 -18.57 4.39
N ALA F 172 37.61 -18.76 5.17
CA ALA F 172 38.45 -19.96 4.99
C ALA F 172 37.68 -21.29 5.04
N PRO F 173 36.80 -21.47 6.05
CA PRO F 173 36.05 -22.75 6.15
C PRO F 173 35.05 -22.92 4.99
N ALA F 174 34.52 -21.82 4.47
CA ALA F 174 33.62 -21.89 3.32
C ALA F 174 34.38 -22.39 2.09
N ILE F 175 35.55 -21.80 1.86
CA ILE F 175 36.42 -22.21 0.78
C ILE F 175 36.76 -23.70 0.92
N ALA F 176 37.18 -24.09 2.12
CA ALA F 176 37.54 -25.47 2.43
C ALA F 176 36.43 -26.48 2.15
N THR F 177 35.21 -26.01 2.06
CA THR F 177 34.05 -26.92 1.91
C THR F 177 33.28 -26.69 0.62
N ASN F 178 33.89 -25.94 -0.29
CA ASN F 178 33.31 -25.67 -1.61
C ASN F 178 31.98 -24.89 -1.51
N ASN F 179 31.92 -23.97 -0.56
CA ASN F 179 30.80 -23.04 -0.47
C ASN F 179 31.09 -21.73 -1.22
N CYS F 180 30.04 -20.94 -1.43
CA CYS F 180 30.18 -19.62 -2.00
C CYS F 180 29.69 -18.64 -0.96
N VAL F 181 30.53 -17.69 -0.59
CA VAL F 181 30.22 -16.80 0.50
C VAL F 181 30.17 -15.34 0.06
N VAL F 182 29.29 -14.59 0.69
CA VAL F 182 29.20 -13.16 0.46
C VAL F 182 29.39 -12.47 1.81
N VAL F 183 30.36 -11.58 1.89
CA VAL F 183 30.70 -10.94 3.15
C VAL F 183 30.27 -9.47 3.15
N LYS F 184 29.64 -9.04 4.23
CA LYS F 184 29.43 -7.61 4.44
C LYS F 184 30.14 -7.15 5.71
N PRO F 185 31.38 -6.66 5.56
CA PRO F 185 32.08 -6.20 6.76
C PRO F 185 31.39 -4.97 7.31
N THR F 186 31.68 -4.63 8.56
CA THR F 186 31.16 -3.38 9.07
C THR F 186 31.65 -2.19 8.26
N GLU F 187 30.80 -1.15 8.17
CA GLU F 187 31.17 0.05 7.43
C GLU F 187 32.24 0.87 8.16
N LEU F 188 32.50 0.53 9.42
CA LEU F 188 33.60 1.12 10.19
C LEU F 188 34.99 0.60 9.76
N THR F 189 35.06 -0.67 9.33
CA THR F 189 36.35 -1.25 8.96
C THR F 189 36.29 -2.18 7.74
N PRO F 190 35.87 -1.65 6.59
CA PRO F 190 35.59 -2.49 5.42
C PRO F 190 36.81 -2.72 4.53
N MET F 191 37.82 -1.87 4.64
CA MET F 191 38.94 -1.92 3.70
C MET F 191 39.78 -3.20 3.82
N THR F 192 39.90 -3.71 5.04
CA THR F 192 40.65 -4.92 5.26
C THR F 192 40.00 -6.09 4.55
N ALA F 193 38.66 -6.17 4.62
CA ALA F 193 37.95 -7.25 3.95
C ALA F 193 38.12 -7.22 2.44
N LEU F 194 38.13 -6.02 1.86
CA LEU F 194 38.28 -5.87 0.40
C LEU F 194 39.69 -6.29 -0.05
N LEU F 195 40.70 -6.01 0.77
CA LEU F 195 42.06 -6.44 0.49
C LEU F 195 42.18 -7.97 0.52
N LEU F 196 41.62 -8.58 1.54
CA LEU F 196 41.60 -10.04 1.65
C LEU F 196 41.00 -10.68 0.41
N ALA F 197 39.90 -10.10 -0.07
CA ALA F 197 39.27 -10.59 -1.29
C ALA F 197 40.25 -10.66 -2.47
N ASP F 198 41.00 -9.56 -2.66
CA ASP F 198 41.98 -9.48 -3.73
C ASP F 198 43.03 -10.56 -3.54
N ILE F 199 43.50 -10.71 -2.30
CA ILE F 199 44.49 -11.75 -1.99
C ILE F 199 43.97 -13.14 -2.37
N LEU F 200 42.73 -13.44 -2.00
CA LEU F 200 42.13 -14.73 -2.36
C LEU F 200 42.01 -14.94 -3.87
N TYR F 201 41.55 -13.92 -4.59
CA TYR F 201 41.47 -14.02 -6.04
C TYR F 201 42.86 -14.34 -6.61
N GLU F 202 43.86 -13.60 -6.15
CA GLU F 202 45.23 -13.80 -6.61
C GLU F 202 45.78 -15.19 -6.22
N ALA F 203 45.27 -15.73 -5.12
CA ALA F 203 45.67 -17.06 -4.64
C ALA F 203 45.01 -18.18 -5.43
N GLY F 204 44.21 -17.81 -6.43
CA GLY F 204 43.58 -18.78 -7.30
C GLY F 204 42.14 -19.17 -6.98
N LEU F 205 41.49 -18.45 -6.07
CA LEU F 205 40.08 -18.74 -5.77
C LEU F 205 39.18 -18.40 -6.96
N PRO F 206 38.39 -19.38 -7.45
CA PRO F 206 37.37 -19.02 -8.44
C PRO F 206 36.54 -17.86 -7.91
N PRO F 207 36.45 -16.79 -8.69
CA PRO F 207 35.91 -15.57 -8.08
C PRO F 207 34.44 -15.68 -7.68
N GLU F 208 33.66 -16.56 -8.30
CA GLU F 208 32.28 -16.75 -7.90
C GLU F 208 32.15 -17.21 -6.43
N MET F 209 33.23 -17.68 -5.83
CA MET F 209 33.12 -18.23 -4.49
C MET F 209 33.17 -17.13 -3.42
N LEU F 210 33.45 -15.90 -3.83
CA LEU F 210 33.58 -14.83 -2.84
C LEU F 210 33.22 -13.44 -3.35
N SER F 211 32.30 -12.77 -2.65
CA SER F 211 32.09 -11.37 -2.87
C SER F 211 32.23 -10.67 -1.53
N VAL F 212 32.63 -9.41 -1.58
CA VAL F 212 32.62 -8.56 -0.40
C VAL F 212 31.88 -7.30 -0.81
N VAL F 213 30.73 -7.07 -0.19
CA VAL F 213 29.96 -5.88 -0.49
C VAL F 213 29.94 -4.98 0.74
N THR F 214 29.71 -3.69 0.51
CA THR F 214 29.74 -2.69 1.55
C THR F 214 28.53 -1.79 1.46
N GLY F 215 28.20 -1.12 2.56
CA GLY F 215 27.09 -0.18 2.56
C GLY F 215 26.55 0.06 3.96
N TRP F 216 25.59 0.97 4.07
CA TRP F 216 24.91 1.18 5.34
C TRP F 216 23.97 0.02 5.60
N PRO F 217 23.87 -0.41 6.86
CA PRO F 217 22.98 -1.49 7.28
C PRO F 217 21.55 -1.26 6.78
N ALA F 218 21.09 0.00 6.84
CA ALA F 218 19.74 0.33 6.42
C ALA F 218 19.46 0.01 4.95
N ASP F 219 20.46 0.02 4.09
CA ASP F 219 20.17 -0.33 2.70
C ASP F 219 20.64 -1.68 2.19
N ILE F 220 21.60 -2.31 2.85
CA ILE F 220 22.08 -3.60 2.37
C ILE F 220 22.01 -4.69 3.45
N GLY F 221 21.83 -4.27 4.70
CA GLY F 221 21.74 -5.18 5.83
C GLY F 221 20.68 -6.27 5.73
N MET F 222 19.47 -5.89 5.36
CA MET F 222 18.36 -6.85 5.33
C MET F 222 18.57 -7.89 4.25
N GLU F 223 19.07 -7.47 3.09
CA GLU F 223 19.32 -8.41 2.00
C GLU F 223 20.30 -9.52 2.42
N MET F 224 21.26 -9.16 3.25
CA MET F 224 22.26 -10.14 3.71
C MET F 224 21.62 -11.25 4.52
N ILE F 225 20.51 -10.96 5.19
CA ILE F 225 19.93 -11.96 6.07
C ILE F 225 18.57 -12.52 5.60
N THR F 226 18.00 -11.96 4.54
CA THR F 226 16.72 -12.47 4.03
C THR F 226 16.79 -13.01 2.60
N ASN F 227 17.90 -12.77 1.90
CA ASN F 227 18.02 -13.26 0.53
C ASN F 227 17.65 -14.74 0.44
N PRO F 228 16.83 -15.10 -0.56
CA PRO F 228 16.31 -16.47 -0.69
C PRO F 228 17.36 -17.53 -0.98
N HIS F 229 18.51 -17.14 -1.51
CA HIS F 229 19.56 -18.10 -1.78
C HIS F 229 20.40 -18.46 -0.56
N VAL F 230 20.28 -17.65 0.49
CA VAL F 230 21.10 -17.80 1.69
C VAL F 230 20.65 -19.00 2.51
N ASP F 231 21.53 -19.99 2.66
CA ASP F 231 21.22 -21.17 3.46
C ASP F 231 21.66 -20.99 4.91
N LEU F 232 22.68 -20.17 5.11
CA LEU F 232 23.23 -19.96 6.45
C LEU F 232 23.72 -18.52 6.62
N VAL F 233 23.35 -17.91 7.74
CA VAL F 233 23.90 -16.64 8.14
C VAL F 233 24.92 -16.85 9.27
N THR F 234 26.15 -16.40 9.07
CA THR F 234 27.11 -16.39 10.16
C THR F 234 27.45 -14.94 10.55
N PHE F 235 27.13 -14.60 11.79
CA PHE F 235 27.21 -13.24 12.29
C PHE F 235 28.06 -13.21 13.55
N THR F 236 28.97 -12.25 13.63
CA THR F 236 29.61 -11.90 14.90
C THR F 236 29.37 -10.43 15.18
N GLY F 237 28.99 -10.08 16.40
CA GLY F 237 28.75 -8.69 16.72
C GLY F 237 28.02 -8.49 18.05
N SER F 238 27.29 -7.39 18.16
CA SER F 238 26.64 -7.03 19.42
C SER F 238 25.41 -7.88 19.70
N VAL F 239 24.99 -7.90 20.97
CA VAL F 239 23.80 -8.62 21.37
C VAL F 239 22.49 -8.10 20.74
N PRO F 240 22.23 -6.79 20.82
CA PRO F 240 20.99 -6.28 20.22
C PRO F 240 20.91 -6.56 18.71
N VAL F 241 22.00 -6.33 17.98
CA VAL F 241 21.97 -6.59 16.55
C VAL F 241 21.80 -8.09 16.27
N GLY F 242 22.54 -8.90 17.03
CA GLY F 242 22.45 -10.34 16.88
C GLY F 242 21.06 -10.89 17.12
N LYS F 243 20.39 -10.37 18.14
CA LYS F 243 19.05 -10.86 18.47
C LYS F 243 18.04 -10.43 17.42
N LEU F 244 18.26 -9.27 16.83
CA LEU F 244 17.41 -8.81 15.74
C LEU F 244 17.58 -9.71 14.52
N ILE F 245 18.84 -10.07 14.23
CA ILE F 245 19.14 -10.99 13.14
C ILE F 245 18.51 -12.36 13.38
N ALA F 246 18.59 -12.81 14.63
CA ALA F 246 18.02 -14.09 14.98
C ALA F 246 16.55 -14.11 14.58
N ALA F 247 15.86 -13.00 14.86
CA ALA F 247 14.43 -12.92 14.61
C ALA F 247 14.15 -12.76 13.12
N ASN F 248 14.93 -11.90 12.46
CA ASN F 248 14.65 -11.55 11.08
C ASN F 248 15.12 -12.59 10.07
N ALA F 249 16.03 -13.46 10.49
CA ALA F 249 16.57 -14.51 9.63
C ALA F 249 15.92 -15.89 9.89
N HIS F 250 14.72 -15.87 10.46
CA HIS F 250 13.77 -17.00 10.48
C HIS F 250 14.28 -18.40 10.21
N TYR F 251 14.01 -18.82 8.98
CA TYR F 251 14.17 -20.21 8.56
C TYR F 251 15.48 -20.37 7.80
N LYS F 252 16.54 -19.83 8.38
CA LYS F 252 17.88 -20.02 7.85
C LYS F 252 18.70 -20.55 8.99
N ARG F 253 19.68 -21.42 8.72
CA ARG F 253 20.60 -21.81 9.79
C ARG F 253 21.36 -20.56 10.20
N GLN F 254 21.62 -20.42 11.49
CA GLN F 254 22.27 -19.23 12.01
C GLN F 254 23.40 -19.61 12.95
N VAL F 255 24.55 -18.96 12.80
CA VAL F 255 25.62 -19.11 13.76
C VAL F 255 25.96 -17.73 14.28
N LEU F 256 25.60 -17.48 15.54
CA LEU F 256 25.59 -16.15 16.12
C LEU F 256 26.55 -16.10 17.25
N GLU F 257 27.55 -15.25 17.12
CA GLU F 257 28.48 -15.08 18.22
C GLU F 257 28.52 -13.62 18.63
N LEU F 258 28.05 -13.40 19.84
CA LEU F 258 27.65 -12.11 20.34
C LEU F 258 28.65 -11.68 21.43
N GLY F 259 28.26 -10.80 22.31
CA GLY F 259 29.24 -10.37 23.29
C GLY F 259 29.81 -11.43 24.23
N GLY F 260 30.85 -11.04 24.96
CA GLY F 260 31.23 -11.74 26.17
C GLY F 260 31.33 -10.75 27.33
N ASN F 261 31.47 -11.27 28.54
CA ASN F 261 31.78 -10.44 29.69
C ASN F 261 32.65 -11.28 30.61
N ASP F 262 33.85 -11.58 30.15
CA ASP F 262 34.57 -12.73 30.69
C ASP F 262 35.47 -12.43 31.87
N PRO F 263 35.40 -13.28 32.90
CA PRO F 263 36.17 -13.05 34.13
C PRO F 263 37.55 -13.71 34.09
N LEU F 264 38.53 -13.07 34.72
CA LEU F 264 39.75 -13.75 35.10
C LEU F 264 39.66 -13.94 36.61
N ILE F 265 39.67 -15.19 37.07
CA ILE F 265 39.45 -15.47 38.48
C ILE F 265 40.75 -15.84 39.20
N ILE F 266 41.06 -15.09 40.25
CA ILE F 266 42.30 -15.25 41.01
C ILE F 266 41.96 -15.87 42.36
N LEU F 267 42.35 -17.13 42.58
CA LEU F 267 41.95 -17.86 43.79
C LEU F 267 42.96 -17.65 44.93
N ASN F 268 42.47 -17.75 46.17
CA ASN F 268 43.26 -17.41 47.35
C ASN F 268 44.35 -18.39 47.73
N ASP F 269 44.71 -19.30 46.82
CA ASP F 269 45.71 -20.32 47.11
C ASP F 269 47.07 -19.96 46.53
N LEU F 270 47.11 -18.95 45.67
CA LEU F 270 48.33 -18.62 44.95
C LEU F 270 49.45 -18.03 45.81
N SER F 271 50.68 -18.38 45.45
CA SER F 271 51.87 -17.80 46.06
C SER F 271 52.14 -16.42 45.43
N ASP F 272 53.15 -15.71 45.94
CA ASP F 272 53.44 -14.39 45.41
C ASP F 272 53.97 -14.43 43.99
N ASP F 273 54.85 -15.39 43.69
CA ASP F 273 55.32 -15.55 42.33
C ASP F 273 54.13 -15.83 41.40
N ASP F 274 53.14 -16.55 41.92
CA ASP F 274 51.97 -16.91 41.12
C ASP F 274 51.03 -15.71 40.93
N LEU F 275 50.89 -14.89 41.95
CA LEU F 275 50.13 -13.66 41.82
C LEU F 275 50.73 -12.72 40.78
N ALA F 276 52.05 -12.79 40.62
CA ALA F 276 52.75 -12.00 39.63
C ALA F 276 52.44 -12.50 38.22
N ARG F 277 52.45 -13.83 38.06
CA ARG F 277 52.06 -14.45 36.81
C ARG F 277 50.58 -14.16 36.51
N ALA F 278 49.75 -14.17 37.55
CA ALA F 278 48.32 -13.90 37.37
C ALA F 278 48.10 -12.44 36.98
N ALA F 279 48.97 -11.58 37.48
CA ALA F 279 48.89 -10.16 37.17
C ALA F 279 49.23 -9.90 35.70
N ASP F 280 50.25 -10.59 35.20
CA ASP F 280 50.58 -10.53 33.77
C ASP F 280 49.38 -10.90 32.90
N LEU F 281 48.65 -11.93 33.31
CA LEU F 281 47.49 -12.37 32.52
C LEU F 281 46.37 -11.35 32.58
N ALA F 282 46.12 -10.79 33.76
CA ALA F 282 45.05 -9.82 33.93
C ALA F 282 45.27 -8.60 33.03
N VAL F 283 46.48 -8.04 33.09
CA VAL F 283 46.78 -6.85 32.32
C VAL F 283 46.71 -7.18 30.83
N ALA F 284 47.42 -8.22 30.41
CA ALA F 284 47.42 -8.61 28.99
C ALA F 284 46.00 -8.85 28.47
N GLY F 285 45.22 -9.62 29.23
CA GLY F 285 43.88 -10.02 28.83
C GLY F 285 42.87 -8.88 28.78
N ALA F 286 43.06 -7.88 29.64
CA ALA F 286 42.14 -6.74 29.67
C ALA F 286 42.51 -5.71 28.61
N THR F 287 43.70 -5.88 28.05
CA THR F 287 44.36 -4.79 27.34
C THR F 287 44.63 -5.07 25.86
N LYS F 288 44.86 -6.33 25.50
CA LYS F 288 45.20 -6.65 24.11
C LYS F 288 44.08 -6.22 23.16
N ASN F 289 44.46 -5.81 21.95
CA ASN F 289 43.51 -5.26 20.98
C ASN F 289 42.71 -4.10 21.57
N SER F 290 43.35 -3.32 22.42
CA SER F 290 42.66 -2.22 23.12
C SER F 290 41.44 -2.71 23.89
N GLY F 291 41.49 -3.96 24.34
CA GLY F 291 40.38 -4.56 25.06
C GLY F 291 39.16 -4.88 24.21
N GLN F 292 39.30 -4.77 22.89
CA GLN F 292 38.18 -5.00 21.97
C GLN F 292 38.10 -6.46 21.50
N ARG F 293 37.85 -7.35 22.45
CA ARG F 293 37.60 -8.75 22.16
C ARG F 293 36.36 -9.22 22.91
N CYS F 294 35.58 -10.08 22.27
CA CYS F 294 34.45 -10.72 22.92
C CYS F 294 34.94 -11.48 24.16
N THR F 295 36.19 -11.95 24.11
CA THR F 295 36.77 -12.77 25.19
C THR F 295 37.79 -12.00 26.03
N ALA F 296 37.76 -10.68 25.95
CA ALA F 296 38.66 -9.86 26.77
C ALA F 296 38.36 -10.04 28.26
N VAL F 297 39.39 -9.94 29.10
CA VAL F 297 39.12 -9.90 30.52
C VAL F 297 38.38 -8.59 30.81
N LYS F 298 37.11 -8.71 31.19
CA LYS F 298 36.33 -7.51 31.48
C LYS F 298 36.02 -7.39 32.98
N ARG F 299 36.32 -8.46 33.71
CA ARG F 299 36.09 -8.53 35.14
C ARG F 299 37.20 -9.36 35.77
N ILE F 300 38.02 -8.74 36.61
CA ILE F 300 39.04 -9.48 37.33
C ILE F 300 38.53 -9.78 38.72
N LEU F 301 38.15 -11.04 38.94
CA LEU F 301 37.50 -11.42 40.19
C LEU F 301 38.54 -11.93 41.19
N CYS F 302 38.91 -11.08 42.14
CA CYS F 302 39.98 -11.41 43.07
C CYS F 302 39.46 -11.70 44.47
N GLN F 303 39.71 -12.91 44.96
CA GLN F 303 39.28 -13.27 46.31
C GLN F 303 40.01 -12.38 47.34
N GLU F 304 39.27 -11.88 48.31
CA GLU F 304 39.77 -10.91 49.29
C GLU F 304 41.21 -11.13 49.75
N SER F 305 41.48 -12.32 50.29
CA SER F 305 42.73 -12.61 50.98
C SER F 305 44.00 -12.29 50.21
N VAL F 306 43.92 -12.25 48.89
CA VAL F 306 45.13 -12.05 48.08
C VAL F 306 45.16 -10.73 47.33
N ALA F 307 44.06 -9.97 47.39
CA ALA F 307 43.97 -8.70 46.65
C ALA F 307 45.11 -7.74 46.99
N ASP F 308 45.30 -7.45 48.27
CA ASP F 308 46.34 -6.53 48.72
C ASP F 308 47.73 -6.89 48.19
N ARG F 309 47.97 -8.18 47.97
CA ARG F 309 49.21 -8.60 47.32
C ARG F 309 49.08 -8.51 45.81
N PHE F 310 47.87 -8.78 45.32
CA PHE F 310 47.63 -8.90 43.87
C PHE F 310 47.56 -7.57 43.11
N VAL F 311 46.76 -6.63 43.60
CA VAL F 311 46.54 -5.37 42.91
C VAL F 311 47.83 -4.58 42.58
N PRO F 312 48.71 -4.39 43.57
CA PRO F 312 49.96 -3.67 43.32
C PRO F 312 50.77 -4.28 42.18
N LEU F 313 50.67 -5.60 42.03
CA LEU F 313 51.35 -6.28 40.93
C LEU F 313 50.72 -5.84 39.61
N VAL F 314 49.39 -5.74 39.60
CA VAL F 314 48.65 -5.25 38.46
C VAL F 314 49.07 -3.82 38.09
N LEU F 315 49.07 -2.93 39.08
CA LEU F 315 49.43 -1.53 38.84
C LEU F 315 50.79 -1.42 38.14
N GLU F 316 51.80 -2.07 38.71
CA GLU F 316 53.14 -2.01 38.16
C GLU F 316 53.18 -2.35 36.66
N ARG F 317 52.47 -3.42 36.29
CA ARG F 317 52.48 -3.90 34.91
C ARG F 317 51.73 -2.94 33.98
N ALA F 318 50.61 -2.41 34.44
CA ALA F 318 49.83 -1.48 33.63
C ALA F 318 50.63 -0.22 33.29
N LYS F 319 51.28 0.36 34.28
CA LYS F 319 52.06 1.57 34.09
C LYS F 319 53.15 1.37 33.06
N ARG F 320 53.50 0.11 32.81
CA ARG F 320 54.55 -0.19 31.86
C ARG F 320 54.13 -0.05 30.40
N LEU F 321 52.81 -0.02 30.15
CA LEU F 321 52.33 -0.01 28.76
C LEU F 321 52.43 1.36 28.11
N ARG F 322 53.00 1.39 26.91
CA ARG F 322 53.08 2.61 26.15
C ARG F 322 51.85 2.79 25.25
N PHE F 323 50.94 3.67 25.67
CA PHE F 323 49.74 3.95 24.89
C PHE F 323 49.90 5.24 24.09
N GLY F 324 49.49 5.19 22.83
CA GLY F 324 49.69 6.32 21.94
C GLY F 324 49.59 5.97 20.47
N ASP F 325 50.35 6.71 19.65
CA ASP F 325 50.26 6.62 18.21
C ASP F 325 50.29 5.17 17.72
N PRO F 326 49.13 4.66 17.28
CA PRO F 326 49.11 3.23 16.93
C PRO F 326 50.01 2.88 15.76
N MET F 327 50.33 3.83 14.88
CA MET F 327 51.23 3.52 13.79
C MET F 327 52.70 3.43 14.25
N ASP F 328 52.95 3.80 15.50
CA ASP F 328 54.32 3.69 16.02
C ASP F 328 54.60 2.25 16.47
N ARG F 329 55.47 1.57 15.73
CA ARG F 329 55.81 0.18 16.03
C ARG F 329 56.35 -0.01 17.45
N SER F 330 56.43 1.08 18.21
CA SER F 330 56.86 1.00 19.59
C SER F 330 55.71 1.20 20.59
N THR F 331 54.53 1.53 20.08
CA THR F 331 53.34 1.61 20.93
C THR F 331 52.83 0.21 21.33
N ASP F 332 52.29 0.08 22.54
CA ASP F 332 51.66 -1.17 22.95
C ASP F 332 50.17 -1.10 22.69
N LEU F 333 49.56 -0.02 23.16
CA LEU F 333 48.11 0.14 23.19
C LEU F 333 47.66 1.34 22.37
N GLY F 334 46.90 1.07 21.30
CA GLY F 334 46.37 2.10 20.44
C GLY F 334 45.01 2.61 20.92
N THR F 335 44.23 3.17 20.01
CA THR F 335 42.91 3.71 20.39
C THR F 335 41.86 2.61 20.44
N VAL F 336 40.66 2.98 20.90
CA VAL F 336 39.50 2.16 20.67
C VAL F 336 38.82 2.64 19.40
N ILE F 337 37.72 2.03 19.00
CA ILE F 337 37.10 2.28 17.69
C ILE F 337 36.75 3.75 17.38
N HIS F 338 36.30 4.51 18.39
CA HIS F 338 36.06 5.94 18.19
C HIS F 338 35.93 6.69 19.50
N GLU F 339 35.90 8.01 19.39
CA GLU F 339 35.84 8.88 20.56
C GLU F 339 34.63 8.60 21.44
N LYS F 340 33.48 8.36 20.83
CA LYS F 340 32.29 8.09 21.62
C LYS F 340 32.51 6.90 22.55
N ALA F 341 32.99 5.80 21.99
CA ALA F 341 33.26 4.60 22.77
C ALA F 341 34.20 4.91 23.94
N ALA F 342 35.32 5.58 23.64
CA ALA F 342 36.31 5.92 24.66
C ALA F 342 35.69 6.77 25.76
N ALA F 343 34.78 7.66 25.35
CA ALA F 343 34.12 8.55 26.30
C ALA F 343 33.24 7.74 27.25
N LEU F 344 32.45 6.83 26.69
CA LEU F 344 31.55 6.01 27.49
C LEU F 344 32.28 5.15 28.51
N PHE F 345 33.40 4.54 28.10
CA PHE F 345 34.18 3.69 29.00
C PHE F 345 34.80 4.51 30.13
N GLU F 346 35.42 5.63 29.80
CA GLU F 346 35.97 6.51 30.83
C GLU F 346 34.88 6.88 31.83
N GLU F 347 33.69 7.18 31.31
CA GLU F 347 32.56 7.54 32.16
C GLU F 347 32.17 6.42 33.13
N ARG F 348 32.07 5.19 32.65
CA ARG F 348 31.68 4.08 33.52
C ARG F 348 32.73 3.91 34.62
N VAL F 349 33.99 4.19 34.28
CA VAL F 349 35.08 4.17 35.25
C VAL F 349 34.88 5.28 36.30
N MET F 350 34.70 6.51 35.83
CA MET F 350 34.52 7.65 36.74
C MET F 350 33.34 7.43 37.68
N ARG F 351 32.25 6.87 37.14
CA ARG F 351 31.07 6.66 37.95
C ARG F 351 31.17 5.46 38.90
N ALA F 352 31.95 4.45 38.53
CA ALA F 352 32.21 3.34 39.45
C ALA F 352 32.99 3.89 40.65
N ALA F 353 33.87 4.85 40.36
CA ALA F 353 34.63 5.55 41.39
C ALA F 353 33.69 6.15 42.42
N GLU F 354 32.64 6.80 41.92
CA GLU F 354 31.64 7.45 42.76
C GLU F 354 30.93 6.43 43.64
N GLU F 355 30.89 5.19 43.16
CA GLU F 355 30.16 4.15 43.88
C GLU F 355 31.03 3.36 44.85
N GLY F 356 32.30 3.76 44.97
CA GLY F 356 33.19 3.14 45.93
C GLY F 356 34.52 2.71 45.35
N ALA F 357 34.56 2.56 44.03
CA ALA F 357 35.76 2.08 43.34
C ALA F 357 36.93 3.03 43.56
N ASP F 358 38.13 2.57 43.23
CA ASP F 358 39.33 3.30 43.55
C ASP F 358 40.29 3.32 42.36
N ILE F 359 40.31 4.44 41.65
CA ILE F 359 41.15 4.59 40.48
C ILE F 359 42.62 4.71 40.89
N LEU F 360 43.45 3.83 40.37
CA LEU F 360 44.83 3.76 40.79
C LEU F 360 45.74 4.31 39.71
N TYR F 361 45.25 4.26 38.48
CA TYR F 361 46.02 4.72 37.35
C TYR F 361 45.07 5.24 36.29
N HIS F 362 45.32 6.47 35.85
CA HIS F 362 44.48 7.11 34.86
C HIS F 362 45.14 8.42 34.46
N PRO F 363 46.14 8.32 33.57
CA PRO F 363 46.93 9.48 33.12
C PRO F 363 46.12 10.37 32.18
N GLY F 364 44.87 10.01 31.93
CA GLY F 364 43.99 10.87 31.16
C GLY F 364 43.76 10.46 29.72
N ARG F 365 42.50 10.54 29.31
CA ARG F 365 42.08 10.20 27.96
C ARG F 365 42.31 11.33 26.96
N SER F 366 42.63 10.96 25.72
CA SER F 366 42.75 11.92 24.62
C SER F 366 42.02 11.42 23.38
N GLY F 367 40.79 11.90 23.18
CA GLY F 367 39.99 11.49 22.04
C GLY F 367 39.57 10.03 22.16
N ALA F 368 40.04 9.23 21.21
CA ALA F 368 39.73 7.80 21.19
C ALA F 368 40.81 7.00 21.92
N LEU F 369 41.88 7.68 22.33
CA LEU F 369 42.98 7.02 23.04
C LEU F 369 42.72 6.92 24.53
N LEU F 370 42.53 5.69 25.00
CA LEU F 370 42.28 5.42 26.41
C LEU F 370 43.56 4.80 27.00
N PRO F 371 43.98 5.27 28.18
CA PRO F 371 45.10 4.60 28.81
C PRO F 371 44.58 3.32 29.48
N PRO F 372 45.49 2.39 29.80
CA PRO F 372 45.04 1.15 30.47
C PRO F 372 44.63 1.45 31.89
N ILE F 373 43.49 2.11 32.05
CA ILE F 373 43.02 2.52 33.36
C ILE F 373 42.95 1.35 34.34
N VAL F 374 43.57 1.52 35.50
CA VAL F 374 43.54 0.52 36.54
C VAL F 374 42.59 0.94 37.64
N VAL F 375 41.53 0.16 37.83
CA VAL F 375 40.53 0.43 38.87
C VAL F 375 40.43 -0.72 39.87
N ASP F 376 40.52 -0.40 41.15
CA ASP F 376 40.38 -1.40 42.21
C ASP F 376 39.01 -1.31 42.89
N ARG F 377 38.70 -2.32 43.70
CA ARG F 377 37.48 -2.35 44.51
C ARG F 377 36.16 -2.06 43.79
N VAL F 378 36.07 -2.41 42.51
CA VAL F 378 34.84 -2.19 41.74
C VAL F 378 33.64 -3.00 42.26
N PRO F 379 32.51 -2.32 42.49
CA PRO F 379 31.27 -3.04 42.82
C PRO F 379 30.89 -3.93 41.64
N HIS F 380 30.32 -5.11 41.90
CA HIS F 380 30.01 -6.04 40.81
C HIS F 380 28.76 -5.63 40.02
N GLN F 381 27.97 -4.71 40.57
CA GLN F 381 26.74 -4.29 39.91
C GLN F 381 26.88 -3.00 39.10
N SER F 382 28.01 -2.31 39.23
CA SER F 382 28.22 -1.09 38.45
C SER F 382 28.14 -1.42 36.97
N ASP F 383 28.00 -0.37 36.16
CA ASP F 383 27.92 -0.56 34.72
C ASP F 383 29.24 -1.07 34.17
N LEU F 384 30.34 -0.53 34.67
CA LEU F 384 31.67 -0.93 34.25
C LEU F 384 31.78 -2.44 34.01
N VAL F 385 31.29 -3.24 34.96
CA VAL F 385 31.43 -4.70 34.89
C VAL F 385 30.14 -5.50 34.66
N LEU F 386 28.97 -4.94 34.94
CA LEU F 386 27.74 -5.67 34.68
C LEU F 386 27.41 -5.59 33.20
N GLU F 387 27.69 -4.43 32.61
CA GLU F 387 27.63 -4.23 31.17
C GLU F 387 28.93 -4.75 30.55
N GLU F 388 28.89 -5.11 29.27
CA GLU F 388 30.10 -5.37 28.51
C GLU F 388 30.78 -4.04 28.20
N THR F 389 31.96 -3.81 28.78
CA THR F 389 32.78 -2.63 28.48
C THR F 389 33.92 -2.98 27.53
N PHE F 390 33.77 -2.60 26.26
CA PHE F 390 34.67 -3.01 25.17
C PHE F 390 35.91 -2.12 25.05
N GLY F 391 36.61 -1.91 26.16
CA GLY F 391 37.80 -1.07 26.16
C GLY F 391 38.89 -1.55 27.12
N PRO F 392 40.06 -0.89 27.11
CA PRO F 392 41.22 -1.37 27.87
C PRO F 392 41.18 -1.04 29.37
N ILE F 393 40.03 -1.19 29.98
CA ILE F 393 39.91 -1.03 31.42
C ILE F 393 40.39 -2.28 32.17
N ILE F 394 41.12 -2.04 33.25
CA ILE F 394 41.58 -3.12 34.11
C ILE F 394 40.87 -3.00 35.45
N PRO F 395 39.68 -3.61 35.54
CA PRO F 395 38.78 -3.52 36.70
C PRO F 395 38.90 -4.73 37.61
N ILE F 396 39.49 -4.51 38.78
CA ILE F 396 39.57 -5.56 39.78
C ILE F 396 38.35 -5.52 40.67
N VAL F 397 37.59 -6.62 40.65
CA VAL F 397 36.46 -6.80 41.55
C VAL F 397 36.89 -7.73 42.67
N ARG F 398 36.68 -7.32 43.92
CA ARG F 398 37.04 -8.15 45.06
C ARG F 398 35.85 -9.03 45.47
N VAL F 399 36.11 -10.32 45.63
CA VAL F 399 35.05 -11.30 45.85
C VAL F 399 35.38 -12.15 47.08
N PRO F 400 34.36 -12.81 47.66
CA PRO F 400 34.56 -13.58 48.89
C PRO F 400 35.55 -14.74 48.74
N ASP F 401 36.29 -15.05 49.80
CA ASP F 401 37.12 -16.25 49.83
C ASP F 401 36.24 -17.49 49.96
N ASP F 402 35.27 -17.61 49.08
CA ASP F 402 34.36 -18.74 49.06
C ASP F 402 34.03 -19.01 47.58
N ASP F 403 34.32 -20.21 47.10
CA ASP F 403 34.19 -20.48 45.67
C ASP F 403 32.73 -20.44 45.20
N ASP F 404 31.81 -20.89 46.04
CA ASP F 404 30.41 -20.94 45.67
C ASP F 404 29.90 -19.54 45.40
N ALA F 405 30.25 -18.62 46.29
CA ALA F 405 29.90 -17.21 46.12
C ALA F 405 30.64 -16.64 44.91
N THR F 406 31.90 -17.03 44.73
CA THR F 406 32.68 -16.52 43.60
C THR F 406 32.07 -16.98 42.27
N ILE F 407 31.66 -18.24 42.21
CA ILE F 407 31.04 -18.79 41.01
C ILE F 407 29.69 -18.13 40.72
N THR F 408 28.88 -17.97 41.76
CA THR F 408 27.58 -17.31 41.60
C THR F 408 27.75 -15.91 41.03
N LEU F 409 28.75 -15.19 41.52
CA LEU F 409 29.03 -13.84 41.05
C LEU F 409 29.49 -13.89 39.59
N SER F 410 30.35 -14.85 39.28
CA SER F 410 30.87 -14.97 37.92
C SER F 410 29.74 -15.20 36.92
N ASN F 411 28.79 -16.06 37.30
CA ASN F 411 27.65 -16.43 36.47
C ASN F 411 26.51 -15.41 36.46
N SER F 412 26.70 -14.26 37.11
CA SER F 412 25.58 -13.34 37.34
C SER F 412 25.30 -12.34 36.22
N THR F 413 26.08 -12.36 35.15
CA THR F 413 25.79 -11.51 34.00
C THR F 413 24.93 -12.24 32.96
N ALA F 414 24.55 -11.52 31.91
CA ALA F 414 23.72 -12.10 30.86
C ALA F 414 24.59 -12.88 29.88
N PHE F 415 25.90 -12.79 30.07
CA PHE F 415 26.84 -13.43 29.16
C PHE F 415 27.34 -14.78 29.67
N GLY F 416 27.96 -15.54 28.77
CA GLY F 416 28.56 -16.81 29.09
C GLY F 416 29.38 -17.31 27.91
N LEU F 417 30.54 -16.69 27.72
CA LEU F 417 31.38 -17.01 26.58
C LEU F 417 32.60 -17.81 27.05
N SER F 418 33.59 -17.10 27.59
CA SER F 418 34.79 -17.78 28.07
C SER F 418 35.14 -17.35 29.51
N SER F 419 36.26 -17.85 30.01
CA SER F 419 36.69 -17.52 31.37
C SER F 419 38.13 -17.95 31.58
N GLY F 420 38.74 -17.41 32.64
CA GLY F 420 40.07 -17.83 33.07
C GLY F 420 40.10 -17.97 34.57
N VAL F 421 40.84 -18.98 35.05
CA VAL F 421 40.92 -19.26 36.47
C VAL F 421 42.36 -19.58 36.85
N CYS F 422 42.90 -18.84 37.82
CA CYS F 422 44.27 -19.10 38.26
C CYS F 422 44.27 -19.70 39.65
N THR F 423 44.69 -20.96 39.74
CA THR F 423 44.79 -21.70 41.00
C THR F 423 45.69 -22.89 40.74
N ASN F 424 46.19 -23.54 41.78
CA ASN F 424 46.96 -24.77 41.62
C ASN F 424 46.32 -25.93 42.35
N ASP F 425 45.10 -25.71 42.83
CA ASP F 425 44.34 -26.71 43.57
C ASP F 425 43.38 -27.41 42.59
N TYR F 426 43.65 -28.69 42.31
CA TYR F 426 42.83 -29.41 41.32
C TYR F 426 41.35 -29.47 41.71
N ARG F 427 41.09 -29.75 42.98
CA ARG F 427 39.71 -29.87 43.41
C ARG F 427 38.97 -28.57 43.04
N ARG F 428 39.65 -27.44 43.21
CA ARG F 428 39.01 -26.18 42.88
C ARG F 428 38.93 -25.93 41.38
N MET F 429 39.95 -26.36 40.63
CA MET F 429 39.90 -26.30 39.18
C MET F 429 38.65 -26.99 38.63
N GLN F 430 38.40 -28.22 39.08
CA GLN F 430 37.25 -28.99 38.57
C GLN F 430 35.94 -28.35 38.98
N LYS F 431 35.93 -27.78 40.18
CA LYS F 431 34.72 -27.14 40.65
C LYS F 431 34.34 -25.96 39.75
N TYR F 432 35.33 -25.16 39.35
CA TYR F 432 35.07 -24.04 38.45
C TYR F 432 34.82 -24.50 37.00
N ILE F 433 35.59 -25.47 36.53
CA ILE F 433 35.30 -26.03 35.19
C ILE F 433 33.85 -26.45 35.11
N ALA F 434 33.39 -27.22 36.09
CA ALA F 434 32.02 -27.71 36.09
C ALA F 434 31.00 -26.59 36.33
N GLY F 435 31.37 -25.61 37.14
CA GLY F 435 30.40 -24.65 37.66
C GLY F 435 30.16 -23.38 36.87
N LEU F 436 31.17 -22.92 36.14
CA LEU F 436 31.02 -21.67 35.39
C LEU F 436 30.09 -21.91 34.20
N LYS F 437 29.09 -21.05 34.04
CA LYS F 437 28.16 -21.18 32.93
C LYS F 437 28.67 -20.43 31.71
N VAL F 438 29.60 -21.08 30.99
CA VAL F 438 30.32 -20.47 29.89
C VAL F 438 30.65 -21.54 28.85
N GLY F 439 31.16 -21.12 27.70
CA GLY F 439 31.51 -22.06 26.64
C GLY F 439 32.90 -22.65 26.82
N THR F 440 33.75 -21.89 27.51
CA THR F 440 35.17 -22.25 27.69
C THR F 440 35.66 -21.83 29.09
N VAL F 441 36.44 -22.71 29.72
CA VAL F 441 37.11 -22.40 30.98
C VAL F 441 38.59 -22.70 30.84
N ASN F 442 39.40 -21.66 30.80
CA ASN F 442 40.85 -21.84 30.69
C ASN F 442 41.51 -21.78 32.06
N ILE F 443 42.25 -22.84 32.39
CA ILE F 443 43.00 -22.85 33.63
C ILE F 443 44.39 -22.21 33.41
N TRP F 444 44.65 -21.12 34.14
CA TRP F 444 45.92 -20.42 34.00
C TRP F 444 46.16 -19.85 32.59
N GLU F 445 45.10 -19.34 31.97
CA GLU F 445 45.22 -18.57 30.75
C GLU F 445 44.10 -17.54 30.75
N VAL F 446 44.18 -16.55 29.86
CA VAL F 446 43.08 -15.60 29.71
C VAL F 446 41.90 -16.27 28.99
N PRO F 447 40.68 -15.76 29.23
CA PRO F 447 39.46 -16.29 28.60
C PRO F 447 39.68 -16.37 27.10
N GLY F 448 40.45 -15.41 26.58
CA GLY F 448 40.67 -15.30 25.16
C GLY F 448 41.53 -16.37 24.52
N TYR F 449 42.18 -17.22 25.33
CA TYR F 449 43.00 -18.25 24.71
C TYR F 449 42.17 -19.38 24.06
N ARG F 450 42.53 -19.72 22.83
CA ARG F 450 42.02 -20.87 22.10
C ARG F 450 42.98 -21.14 20.94
N ILE F 451 42.89 -22.30 20.30
CA ILE F 451 43.52 -22.47 19.01
C ILE F 451 42.48 -22.17 17.92
N GLU F 452 42.93 -21.88 16.71
CA GLU F 452 41.99 -21.36 15.71
C GLU F 452 41.02 -22.46 15.24
N MET F 453 41.31 -23.70 15.61
CA MET F 453 40.47 -24.82 15.18
C MET F 453 39.68 -25.54 16.29
N SER F 454 39.83 -25.11 17.54
CA SER F 454 39.09 -25.72 18.65
C SER F 454 37.69 -25.10 18.76
N PRO F 455 36.73 -25.86 19.32
CA PRO F 455 35.33 -25.42 19.33
C PRO F 455 35.18 -24.12 20.11
N PHE F 456 34.60 -23.10 19.47
CA PHE F 456 34.44 -21.79 20.06
C PHE F 456 32.99 -21.31 19.99
N GLY F 457 32.46 -20.82 21.11
CA GLY F 457 31.12 -20.27 21.16
C GLY F 457 30.58 -20.28 22.58
N GLY F 458 29.64 -19.38 22.86
CA GLY F 458 29.11 -19.26 24.20
C GLY F 458 27.65 -19.63 24.29
N ILE F 459 27.06 -19.37 25.46
CA ILE F 459 25.64 -19.59 25.74
C ILE F 459 25.03 -18.30 26.28
N LYS F 460 23.80 -18.38 26.76
CA LYS F 460 23.10 -17.19 27.21
C LYS F 460 23.10 -16.11 26.12
N ASP F 461 23.39 -14.85 26.47
CA ASP F 461 23.43 -13.75 25.49
C ASP F 461 24.71 -13.77 24.60
N SER F 462 25.64 -14.66 24.89
CA SER F 462 26.90 -14.74 24.13
C SER F 462 26.77 -15.51 22.82
N GLY F 463 25.75 -16.35 22.71
CA GLY F 463 25.57 -17.09 21.48
C GLY F 463 24.37 -18.01 21.51
N ASN F 464 23.90 -18.38 20.32
CA ASN F 464 22.72 -19.22 20.19
C ASN F 464 23.01 -20.71 20.36
N GLY F 465 24.23 -21.03 20.79
CA GLY F 465 24.58 -22.39 21.18
C GLY F 465 25.30 -23.25 20.14
N TYR F 466 25.70 -22.66 19.02
CA TYR F 466 26.48 -23.41 18.03
C TYR F 466 27.94 -23.01 18.11
N LYS F 467 28.83 -23.98 17.89
CA LYS F 467 30.25 -23.75 17.98
C LYS F 467 30.85 -23.28 16.66
N GLU F 468 31.95 -22.55 16.78
CA GLU F 468 32.73 -22.00 15.69
C GLU F 468 34.16 -22.51 15.82
N GLY F 469 35.08 -21.78 15.18
CA GLY F 469 36.46 -22.23 15.02
C GLY F 469 36.49 -23.05 13.72
N VAL F 470 37.69 -23.23 13.16
CA VAL F 470 37.80 -23.80 11.81
C VAL F 470 37.04 -25.13 11.64
N ILE F 471 37.23 -26.06 12.55
CA ILE F 471 36.66 -27.40 12.37
C ILE F 471 35.13 -27.37 12.48
N GLU F 472 34.59 -26.76 13.53
CA GLU F 472 33.15 -26.75 13.68
C GLU F 472 32.47 -25.89 12.59
N ALA F 473 33.16 -24.85 12.13
CA ALA F 473 32.63 -23.99 11.08
C ALA F 473 32.49 -24.79 9.80
N MET F 474 33.51 -25.59 9.49
CA MET F 474 33.47 -26.47 8.32
C MET F 474 32.31 -27.47 8.38
N LYS F 475 32.02 -27.99 9.57
CA LYS F 475 30.87 -28.88 9.70
C LYS F 475 29.55 -28.13 9.55
N SER F 476 29.46 -26.96 10.15
CA SER F 476 28.21 -26.18 10.10
C SER F 476 27.93 -25.68 8.68
N PHE F 477 28.99 -25.48 7.90
CA PHE F 477 28.86 -25.00 6.53
C PHE F 477 28.50 -26.10 5.54
N THR F 478 28.10 -27.27 6.05
CA THR F 478 27.76 -28.37 5.15
C THR F 478 26.45 -29.05 5.53
N ASN F 479 25.86 -29.75 4.56
CA ASN F 479 24.81 -30.73 4.82
C ASN F 479 25.40 -32.14 4.80
N VAL F 480 25.05 -32.93 5.80
CA VAL F 480 25.42 -34.34 5.82
C VAL F 480 24.40 -35.12 5.00
N LYS F 481 24.87 -35.83 3.98
CA LYS F 481 24.00 -36.72 3.23
C LYS F 481 24.33 -38.17 3.60
N THR F 482 23.32 -38.99 3.84
CA THR F 482 23.58 -40.40 4.09
C THR F 482 23.22 -41.24 2.86
N PHE F 483 23.90 -42.35 2.66
CA PHE F 483 23.44 -43.29 1.65
C PHE F 483 23.61 -44.70 2.14
N SER F 484 22.73 -45.61 1.72
CA SER F 484 22.85 -46.98 2.21
C SER F 484 22.89 -47.98 1.07
N LEU F 485 23.67 -49.04 1.26
CA LEU F 485 23.88 -50.05 0.23
C LEU F 485 23.56 -51.41 0.78
N PRO F 486 23.03 -52.30 -0.07
CA PRO F 486 22.87 -53.71 0.32
C PRO F 486 24.22 -54.28 0.76
N TRP F 487 24.25 -55.02 1.86
CA TRP F 487 25.51 -55.62 2.29
C TRP F 487 25.31 -57.04 2.80
N HIS G 15 55.35 46.87 4.92
CA HIS G 15 56.13 47.90 5.61
C HIS G 15 55.32 48.63 6.67
N GLU G 16 54.41 47.91 7.31
CA GLU G 16 53.51 48.48 8.32
C GLU G 16 53.57 47.72 9.64
N PRO G 17 54.15 48.33 10.67
CA PRO G 17 54.22 47.72 11.99
C PRO G 17 52.84 47.60 12.62
N MET G 18 52.71 46.78 13.65
CA MET G 18 51.49 46.74 14.44
C MET G 18 51.21 48.13 15.03
N ARG G 19 49.92 48.46 15.18
CA ARG G 19 49.56 49.63 15.95
C ARG G 19 49.10 49.16 17.31
N ILE G 20 49.96 49.36 18.30
CA ILE G 20 49.61 48.99 19.65
C ILE G 20 49.38 50.24 20.49
N ALA G 21 48.11 50.55 20.75
CA ALA G 21 47.75 51.73 21.53
C ALA G 21 48.48 52.96 21.01
N GLY G 22 48.56 53.09 19.69
CA GLY G 22 49.01 54.31 19.07
C GLY G 22 50.50 54.37 18.81
N ARG G 23 51.22 53.38 19.31
CA ARG G 23 52.65 53.24 19.09
C ARG G 23 52.87 52.22 17.96
N LEU G 24 53.92 52.43 17.16
CA LEU G 24 54.30 51.43 16.17
C LEU G 24 55.16 50.36 16.81
N VAL G 25 54.78 49.10 16.63
CA VAL G 25 55.49 48.00 17.25
C VAL G 25 55.89 46.97 16.20
N ASP G 26 57.18 46.63 16.19
CA ASP G 26 57.75 45.85 15.10
C ASP G 26 58.43 44.59 15.60
N THR G 27 58.77 43.73 14.66
CA THR G 27 59.31 42.44 14.99
C THR G 27 60.39 42.11 13.95
N ASP G 28 61.29 41.19 14.26
CA ASP G 28 62.32 40.79 13.29
C ASP G 28 61.70 40.14 12.05
N ASP G 29 61.04 39.00 12.24
CA ASP G 29 60.39 38.33 11.12
C ASP G 29 59.26 39.17 10.50
N ARG G 30 58.98 38.95 9.23
CA ARG G 30 57.94 39.69 8.54
C ARG G 30 56.94 38.73 7.92
N VAL G 31 55.68 39.15 7.85
CA VAL G 31 54.68 38.44 7.07
C VAL G 31 54.42 39.21 5.77
N GLU G 32 54.62 38.54 4.63
CA GLU G 32 54.43 39.18 3.35
C GLU G 32 52.96 39.19 2.95
N VAL G 33 52.54 40.28 2.30
CA VAL G 33 51.17 40.41 1.81
C VAL G 33 51.20 40.49 0.30
N ARG G 34 50.57 39.54 -0.37
CA ARG G 34 50.60 39.50 -1.83
C ARG G 34 49.30 39.93 -2.51
N TYR G 35 49.46 40.67 -3.60
CA TYR G 35 48.36 41.15 -4.43
C TYR G 35 47.90 40.01 -5.33
N PRO G 36 46.68 39.46 -5.10
CA PRO G 36 46.23 38.28 -5.84
C PRO G 36 46.20 38.43 -7.37
N TRP G 37 46.13 39.65 -7.87
CA TRP G 37 46.14 39.87 -9.31
C TRP G 37 47.45 39.44 -9.98
N ASN G 38 48.58 39.70 -9.31
CA ASN G 38 49.90 39.35 -9.86
C ASN G 38 50.79 38.63 -8.86
N ASP G 39 50.22 38.24 -7.72
CA ASP G 39 50.93 37.45 -6.72
C ASP G 39 52.23 38.11 -6.24
N THR G 40 52.34 39.42 -6.40
CA THR G 40 53.54 40.12 -5.96
C THR G 40 53.37 40.71 -4.57
N VAL G 41 54.50 40.88 -3.87
CA VAL G 41 54.48 41.44 -2.53
C VAL G 41 54.17 42.92 -2.57
N VAL G 42 53.04 43.30 -1.99
CA VAL G 42 52.65 44.71 -1.94
C VAL G 42 52.87 45.28 -0.55
N GLY G 43 53.16 44.42 0.41
CA GLY G 43 53.32 44.93 1.75
C GLY G 43 53.81 43.86 2.68
N THR G 44 54.25 44.29 3.84
CA THR G 44 54.80 43.37 4.80
C THR G 44 54.38 43.88 6.18
N VAL G 45 54.03 42.95 7.08
CA VAL G 45 53.69 43.31 8.44
C VAL G 45 54.43 42.38 9.39
N PRO G 46 54.53 42.76 10.66
CA PRO G 46 55.23 41.98 11.69
C PRO G 46 54.65 40.59 11.92
N ALA G 47 55.53 39.62 12.09
CA ALA G 47 55.12 38.30 12.57
C ALA G 47 54.96 38.37 14.08
N GLY G 48 53.88 39.00 14.53
CA GLY G 48 53.64 39.16 15.96
C GLY G 48 53.46 37.84 16.69
N ARG G 49 53.63 37.89 18.00
CA ARG G 49 53.58 36.70 18.84
C ARG G 49 52.70 36.94 20.08
N ALA G 50 52.50 35.90 20.88
CA ALA G 50 51.68 36.00 22.10
C ALA G 50 51.99 37.25 22.93
N GLU G 51 53.28 37.53 23.14
CA GLU G 51 53.69 38.68 23.96
C GLU G 51 53.06 39.99 23.49
N HIS G 52 52.89 40.13 22.18
CA HIS G 52 52.40 41.38 21.62
C HIS G 52 50.92 41.57 21.90
N ALA G 53 50.14 40.50 21.79
CA ALA G 53 48.72 40.56 22.12
C ALA G 53 48.57 40.81 23.60
N ARG G 54 49.44 40.17 24.38
CA ARG G 54 49.42 40.34 25.83
C ARG G 54 49.63 41.80 26.20
N GLU G 55 50.62 42.44 25.57
CA GLU G 55 50.87 43.87 25.79
C GLU G 55 49.63 44.70 25.43
N ALA G 56 49.09 44.46 24.25
CA ALA G 56 47.86 45.14 23.84
C ALA G 56 46.75 45.00 24.88
N PHE G 57 46.47 43.77 25.32
CA PHE G 57 45.38 43.55 26.29
C PHE G 57 45.65 44.18 27.66
N ALA G 58 46.91 44.23 28.06
CA ALA G 58 47.26 44.82 29.35
C ALA G 58 46.93 46.31 29.34
N ILE G 59 47.32 46.97 28.26
CA ILE G 59 46.98 48.37 28.08
C ILE G 59 45.46 48.55 28.07
N ALA G 60 44.77 47.72 27.30
CA ALA G 60 43.33 47.86 27.14
C ALA G 60 42.62 47.77 28.47
N ALA G 61 42.96 46.74 29.24
CA ALA G 61 42.35 46.50 30.55
C ALA G 61 42.64 47.60 31.58
N ALA G 62 43.82 48.20 31.50
CA ALA G 62 44.21 49.22 32.48
C ALA G 62 43.59 50.60 32.23
N TYR G 63 43.24 50.88 30.97
CA TYR G 63 42.66 52.18 30.62
C TYR G 63 41.14 52.20 30.74
N GLN G 64 40.63 53.19 31.47
CA GLN G 64 39.19 53.34 31.68
C GLN G 64 38.65 54.53 30.87
N PRO G 65 38.07 54.26 29.68
CA PRO G 65 37.57 55.36 28.85
C PRO G 65 36.56 56.22 29.60
N LYS G 66 36.69 57.53 29.45
CA LYS G 66 35.75 58.47 30.06
C LYS G 66 35.11 59.42 29.02
N LEU G 67 35.23 59.09 27.74
CA LEU G 67 34.62 59.93 26.71
C LEU G 67 33.11 60.12 26.94
N THR G 68 32.64 61.34 26.72
CA THR G 68 31.20 61.57 26.76
C THR G 68 30.63 60.97 25.50
N ARG G 69 29.31 60.84 25.45
CA ARG G 69 28.66 60.36 24.24
C ARG G 69 28.94 61.33 23.08
N TYR G 70 28.93 62.63 23.38
CA TYR G 70 29.26 63.62 22.34
C TYR G 70 30.66 63.37 21.77
N GLU G 71 31.65 63.20 22.65
CA GLU G 71 33.03 62.97 22.21
C GLU G 71 33.13 61.71 21.37
N ARG G 72 32.49 60.62 21.81
CA ARG G 72 32.45 59.41 21.00
C ARG G 72 31.80 59.68 19.63
N GLN G 73 30.70 60.41 19.60
CA GLN G 73 30.07 60.73 18.32
C GLN G 73 31.03 61.46 17.40
N LYS G 74 31.74 62.45 17.96
CA LYS G 74 32.65 63.27 17.20
C LYS G 74 33.76 62.44 16.54
N ILE G 75 34.31 61.49 17.28
CA ILE G 75 35.36 60.60 16.76
C ILE G 75 34.81 59.70 15.64
N LEU G 76 33.67 59.06 15.91
CA LEU G 76 33.04 58.18 14.92
C LEU G 76 32.67 58.94 13.65
N LEU G 77 32.13 60.15 13.81
CA LEU G 77 31.72 60.94 12.64
C LEU G 77 32.91 61.54 11.89
N ALA G 78 33.93 61.93 12.63
CA ALA G 78 35.17 62.40 11.99
C ALA G 78 35.78 61.27 11.16
N THR G 79 35.71 60.05 11.69
CA THR G 79 36.25 58.88 11.01
C THR G 79 35.49 58.60 9.72
N ALA G 80 34.16 58.66 9.80
CA ALA G 80 33.34 58.54 8.59
C ALA G 80 33.81 59.55 7.54
N GLU G 81 33.94 60.81 7.95
CA GLU G 81 34.36 61.87 7.03
C GLU G 81 35.74 61.58 6.43
N ALA G 82 36.63 60.99 7.22
CA ALA G 82 37.96 60.67 6.72
C ALA G 82 37.90 59.54 5.68
N LEU G 83 37.05 58.54 5.94
CA LEU G 83 36.89 57.42 5.00
C LEU G 83 36.43 57.94 3.65
N ALA G 84 35.49 58.89 3.67
CA ALA G 84 34.95 59.44 2.43
C ALA G 84 36.01 60.27 1.70
N ALA G 85 36.71 61.13 2.43
CA ALA G 85 37.77 61.94 1.83
C ALA G 85 38.91 61.07 1.27
N ARG G 86 39.24 59.99 1.97
CA ARG G 86 40.36 59.15 1.57
C ARG G 86 39.91 57.90 0.83
N LYS G 87 38.70 57.89 0.30
CA LYS G 87 38.13 56.64 -0.22
C LYS G 87 38.95 56.05 -1.35
N GLU G 88 39.61 56.89 -2.12
CA GLU G 88 40.39 56.42 -3.25
C GLU G 88 41.62 55.68 -2.74
N GLU G 89 42.34 56.33 -1.85
CA GLU G 89 43.52 55.74 -1.22
C GLU G 89 43.16 54.44 -0.50
N ILE G 90 42.09 54.46 0.30
CA ILE G 90 41.71 53.28 1.08
C ILE G 90 41.31 52.10 0.18
N SER G 91 40.53 52.37 -0.86
CA SER G 91 40.08 51.30 -1.74
C SER G 91 41.23 50.72 -2.57
N ASP G 92 42.24 51.54 -2.89
CA ASP G 92 43.46 51.02 -3.50
C ASP G 92 44.08 49.93 -2.60
N VAL G 93 44.26 50.25 -1.31
CA VAL G 93 44.84 49.31 -0.35
C VAL G 93 44.03 48.01 -0.22
N ILE G 94 42.71 48.11 -0.15
CA ILE G 94 41.84 46.93 -0.11
C ILE G 94 42.05 46.08 -1.34
N THR G 95 41.95 46.71 -2.50
CA THR G 95 42.14 45.99 -3.75
C THR G 95 43.53 45.30 -3.81
N LEU G 96 44.57 46.01 -3.37
CA LEU G 96 45.93 45.48 -3.46
C LEU G 96 46.18 44.28 -2.57
N GLU G 97 45.48 44.17 -1.45
CA GLU G 97 45.63 42.95 -0.66
C GLU G 97 44.56 41.87 -0.88
N LEU G 98 43.38 42.27 -1.32
CA LEU G 98 42.30 41.29 -1.52
C LEU G 98 42.12 40.92 -3.00
N GLY G 99 42.27 41.87 -3.92
CA GLY G 99 42.16 41.55 -5.33
C GLY G 99 40.76 41.80 -5.91
N ILE G 100 39.83 42.27 -5.08
CA ILE G 100 38.53 42.67 -5.61
C ILE G 100 38.65 43.94 -6.43
N SER G 101 37.73 44.14 -7.37
CA SER G 101 37.71 45.31 -8.22
C SER G 101 37.62 46.62 -7.44
N LYS G 102 38.10 47.70 -8.05
CA LYS G 102 37.99 49.01 -7.44
C LYS G 102 36.52 49.32 -7.26
N ALA G 103 35.69 48.85 -8.19
CA ALA G 103 34.26 49.02 -8.04
C ALA G 103 33.79 48.47 -6.68
N ASP G 104 34.15 47.21 -6.38
CA ASP G 104 33.80 46.58 -5.10
C ASP G 104 34.47 47.18 -3.86
N SER G 105 35.74 47.54 -3.97
CA SER G 105 36.46 48.04 -2.80
C SER G 105 35.97 49.44 -2.43
N LEU G 106 35.63 50.25 -3.44
CA LEU G 106 35.02 51.55 -3.20
C LEU G 106 33.67 51.41 -2.50
N TYR G 107 32.90 50.41 -2.92
CA TYR G 107 31.60 50.16 -2.30
C TYR G 107 31.83 49.75 -0.86
N GLU G 108 32.88 48.95 -0.64
CA GLU G 108 33.20 48.58 0.74
C GLU G 108 33.52 49.80 1.61
N VAL G 109 34.22 50.77 1.07
CA VAL G 109 34.46 52.02 1.81
C VAL G 109 33.13 52.73 2.14
N GLY G 110 32.21 52.73 1.17
CA GLY G 110 30.85 53.18 1.39
C GLY G 110 30.18 52.49 2.57
N ARG G 111 30.32 51.17 2.67
CA ARG G 111 29.72 50.43 3.78
C ARG G 111 30.34 50.83 5.11
N ALA G 112 31.67 50.90 5.16
CA ALA G 112 32.33 51.33 6.39
C ALA G 112 31.96 52.77 6.78
N PHE G 113 31.75 53.61 5.77
CA PHE G 113 31.20 54.97 5.96
C PHE G 113 29.87 54.89 6.73
N ASP G 114 28.99 53.98 6.31
CA ASP G 114 27.70 53.77 6.97
C ASP G 114 27.86 53.25 8.41
N VAL G 115 28.76 52.28 8.58
CA VAL G 115 29.00 51.73 9.91
C VAL G 115 29.37 52.86 10.86
N PHE G 116 30.34 53.68 10.47
CA PHE G 116 30.79 54.71 11.41
C PHE G 116 29.75 55.81 11.60
N THR G 117 29.04 56.14 10.53
CA THR G 117 28.00 57.15 10.60
C THR G 117 26.87 56.73 11.54
N LEU G 118 26.37 55.51 11.37
CA LEU G 118 25.25 55.05 12.18
C LEU G 118 25.67 54.80 13.63
N ALA G 119 26.88 54.29 13.81
CA ALA G 119 27.44 54.12 15.15
C ALA G 119 27.53 55.46 15.86
N GLY G 120 28.03 56.48 15.17
CA GLY G 120 28.16 57.80 15.76
C GLY G 120 26.80 58.42 16.07
N GLN G 121 25.83 58.19 15.20
CA GLN G 121 24.49 58.71 15.44
C GLN G 121 23.76 57.97 16.56
N MET G 122 24.01 56.68 16.71
CA MET G 122 23.43 55.90 17.81
C MET G 122 23.98 56.22 19.22
N CYS G 123 25.09 56.97 19.30
CA CYS G 123 25.66 57.39 20.61
C CYS G 123 24.70 58.14 21.49
N ILE G 124 23.85 58.96 20.88
CA ILE G 124 22.93 59.78 21.63
C ILE G 124 21.85 58.93 22.31
N ARG G 125 21.69 57.68 21.87
CA ARG G 125 20.56 56.85 22.33
C ARG G 125 20.87 56.14 23.66
N ASP G 126 20.01 56.35 24.65
CA ASP G 126 20.09 55.62 25.93
C ASP G 126 18.90 54.63 25.98
N ASP G 127 19.20 53.33 25.95
CA ASP G 127 18.11 52.35 25.98
C ASP G 127 17.69 51.90 27.39
N GLY G 128 18.07 52.68 28.41
CA GLY G 128 17.71 52.36 29.77
C GLY G 128 16.22 52.13 29.95
N GLU G 129 15.87 51.21 30.85
CA GLU G 129 14.48 50.93 31.17
C GLU G 129 14.15 51.28 32.62
N ILE G 130 12.86 51.42 32.90
CA ILE G 130 12.40 51.66 34.26
C ILE G 130 11.32 50.65 34.59
N PHE G 131 11.47 49.94 35.71
CA PHE G 131 10.44 49.02 36.20
C PHE G 131 9.77 49.56 37.46
N SER G 132 8.45 49.46 37.56
CA SER G 132 7.73 49.72 38.81
C SER G 132 7.62 48.44 39.62
N CYS G 133 7.75 48.54 40.94
CA CYS G 133 7.86 47.33 41.76
C CYS G 133 6.61 46.92 42.56
N ASP G 134 5.54 47.71 42.48
CA ASP G 134 4.33 47.40 43.25
C ASP G 134 3.39 46.51 42.43
N LEU G 135 3.91 45.40 41.92
CA LEU G 135 3.25 44.61 40.87
C LEU G 135 2.49 43.35 41.32
N THR G 136 2.87 42.82 42.47
CA THR G 136 2.36 41.54 42.94
C THR G 136 2.18 41.58 44.45
N PRO G 137 1.72 40.47 45.05
CA PRO G 137 1.66 40.48 46.52
C PRO G 137 3.02 40.72 47.20
N HIS G 138 4.13 40.43 46.53
CA HIS G 138 5.48 40.70 47.05
C HIS G 138 6.00 42.09 46.69
N GLY G 139 5.11 42.96 46.21
CA GLY G 139 5.48 44.26 45.69
C GLY G 139 5.99 45.25 46.71
N LYS G 140 6.81 46.18 46.24
CA LYS G 140 7.34 47.23 47.09
C LYS G 140 7.17 48.58 46.41
N ALA G 141 7.18 49.65 47.21
CA ALA G 141 7.09 50.99 46.64
C ALA G 141 8.51 51.43 46.25
N ARG G 142 8.95 51.02 45.06
CA ARG G 142 10.23 51.44 44.55
C ARG G 142 10.31 51.27 43.04
N LYS G 143 11.36 51.82 42.46
CA LYS G 143 11.58 51.74 41.01
C LYS G 143 12.93 51.12 40.75
N ILE G 144 13.00 50.30 39.70
CA ILE G 144 14.26 49.75 39.22
C ILE G 144 14.66 50.46 37.93
N PHE G 145 15.94 50.84 37.82
CA PHE G 145 16.43 51.55 36.64
C PHE G 145 17.55 50.71 36.04
N THR G 146 17.73 50.81 34.72
CA THR G 146 18.82 50.07 34.08
C THR G 146 19.79 50.99 33.34
N MET G 147 21.06 50.56 33.28
CA MET G 147 22.05 51.30 32.51
C MET G 147 23.15 50.37 32.01
N ARG G 148 23.96 50.84 31.09
CA ARG G 148 24.99 49.98 30.50
C ARG G 148 26.39 50.44 30.86
N GLU G 149 27.28 49.49 31.08
CA GLU G 149 28.68 49.78 31.34
C GLU G 149 29.57 48.94 30.43
N PRO G 150 30.75 49.48 30.06
CA PRO G 150 31.65 48.73 29.18
C PRO G 150 32.35 47.55 29.88
N LEU G 151 33.01 46.71 29.09
CA LEU G 151 33.77 45.56 29.58
C LEU G 151 35.24 45.92 29.79
N THR G 152 36.03 44.95 30.23
CA THR G 152 37.45 45.20 30.47
C THR G 152 38.24 45.32 29.18
N ALA G 153 38.07 44.35 28.30
CA ALA G 153 38.70 44.43 26.99
C ALA G 153 37.97 43.49 26.07
N ILE G 154 37.99 43.80 24.78
CA ILE G 154 37.36 42.99 23.79
C ILE G 154 38.42 42.55 22.79
N SER G 155 38.32 41.29 22.40
CA SER G 155 39.19 40.66 21.43
C SER G 155 38.43 40.48 20.12
N ALA G 156 38.93 41.09 19.06
CA ALA G 156 38.29 41.00 17.74
C ALA G 156 39.19 40.31 16.72
N ILE G 157 38.62 39.34 16.00
CA ILE G 157 39.33 38.55 15.00
C ILE G 157 38.55 38.56 13.70
N THR G 158 39.19 39.05 12.64
CA THR G 158 38.50 39.31 11.37
C THR G 158 39.08 38.53 10.19
N PRO G 159 38.24 38.27 9.17
CA PRO G 159 38.60 37.49 7.98
C PRO G 159 38.99 38.39 6.82
N PHE G 160 39.30 37.80 5.67
CA PHE G 160 39.86 38.53 4.54
C PHE G 160 38.82 39.17 3.63
N ASN G 161 37.57 38.75 3.73
CA ASN G 161 36.58 39.18 2.72
C ASN G 161 36.12 40.64 2.73
N HIS G 162 36.10 41.28 3.90
CA HIS G 162 35.89 42.73 4.00
C HIS G 162 36.98 43.30 4.93
N PRO G 163 38.20 43.49 4.40
CA PRO G 163 39.36 43.94 5.18
C PRO G 163 39.08 45.23 5.96
N LEU G 164 38.18 46.08 5.43
CA LEU G 164 37.84 47.31 6.12
C LEU G 164 36.53 47.17 6.89
N ASN G 165 35.47 46.77 6.19
CA ASN G 165 34.13 46.79 6.80
C ASN G 165 34.00 45.82 7.97
N MET G 166 34.67 44.67 7.85
CA MET G 166 34.66 43.70 8.93
C MET G 166 35.29 44.27 10.20
N VAL G 167 36.37 45.04 10.03
CA VAL G 167 37.02 45.64 11.18
C VAL G 167 36.15 46.78 11.74
N ALA G 168 35.57 47.56 10.84
CA ALA G 168 34.65 48.63 11.22
C ALA G 168 33.52 48.11 12.12
N HIS G 169 32.91 46.99 11.75
CA HIS G 169 31.76 46.49 12.48
C HIS G 169 32.15 46.07 13.89
N LYS G 170 33.42 45.71 14.08
CA LYS G 170 33.88 45.30 15.41
C LYS G 170 34.35 46.47 16.25
N VAL G 171 34.96 47.45 15.58
CA VAL G 171 35.59 48.57 16.29
C VAL G 171 34.62 49.71 16.61
N ALA G 172 33.84 50.13 15.62
CA ALA G 172 32.90 51.24 15.81
C ALA G 172 32.00 51.08 17.01
N PRO G 173 31.36 49.91 17.17
CA PRO G 173 30.51 49.73 18.35
C PRO G 173 31.32 49.73 19.66
N ALA G 174 32.57 49.28 19.62
CA ALA G 174 33.40 49.29 20.84
C ALA G 174 33.67 50.73 21.25
N ILE G 175 34.04 51.55 20.29
CA ILE G 175 34.26 52.95 20.57
C ILE G 175 32.99 53.65 21.10
N ALA G 176 31.86 53.40 20.44
CA ALA G 176 30.57 53.98 20.83
C ALA G 176 30.19 53.65 22.26
N THR G 177 30.75 52.56 22.79
CA THR G 177 30.39 52.11 24.13
C THR G 177 31.54 52.20 25.16
N ASN G 178 32.56 52.98 24.83
CA ASN G 178 33.71 53.16 25.73
C ASN G 178 34.43 51.86 26.13
N ASN G 179 34.56 50.94 25.17
CA ASN G 179 35.33 49.73 25.38
C ASN G 179 36.74 49.91 24.83
N CYS G 180 37.63 48.98 25.16
CA CYS G 180 38.96 48.97 24.55
C CYS G 180 39.10 47.70 23.77
N VAL G 181 39.36 47.83 22.47
CA VAL G 181 39.37 46.66 21.63
C VAL G 181 40.78 46.37 21.07
N VAL G 182 41.11 45.09 20.95
CA VAL G 182 42.32 44.66 20.27
C VAL G 182 41.92 43.77 19.09
N VAL G 183 42.35 44.16 17.90
CA VAL G 183 41.98 43.47 16.68
C VAL G 183 43.18 42.70 16.12
N LYS G 184 42.97 41.45 15.74
CA LYS G 184 43.94 40.73 14.90
C LYS G 184 43.29 40.39 13.58
N PRO G 185 43.58 41.17 12.54
CA PRO G 185 43.04 40.86 11.23
C PRO G 185 43.73 39.61 10.69
N THR G 186 43.20 39.05 9.60
CA THR G 186 43.84 37.92 8.93
C THR G 186 45.20 38.35 8.35
N GLU G 187 46.17 37.44 8.36
CA GLU G 187 47.47 37.76 7.80
C GLU G 187 47.38 38.06 6.31
N LEU G 188 46.23 37.74 5.70
CA LEU G 188 46.07 37.89 4.25
C LEU G 188 45.75 39.31 3.83
N THR G 189 45.12 40.05 4.75
CA THR G 189 44.67 41.41 4.46
C THR G 189 44.70 42.28 5.72
N PRO G 190 45.91 42.49 6.30
CA PRO G 190 46.07 43.25 7.55
C PRO G 190 46.28 44.75 7.36
N MET G 191 46.73 45.15 6.18
CA MET G 191 47.11 46.54 5.98
C MET G 191 45.93 47.52 6.04
N THR G 192 44.76 47.07 5.59
CA THR G 192 43.57 47.90 5.68
C THR G 192 43.25 48.19 7.15
N ALA G 193 43.39 47.17 8.00
CA ALA G 193 43.14 47.30 9.43
C ALA G 193 44.10 48.29 10.10
N LEU G 194 45.37 48.20 9.77
CA LEU G 194 46.38 49.11 10.31
C LEU G 194 46.11 50.55 9.85
N LEU G 195 45.74 50.71 8.58
CA LEU G 195 45.37 52.02 8.07
C LEU G 195 44.14 52.58 8.78
N LEU G 196 43.17 51.71 9.10
CA LEU G 196 41.96 52.18 9.77
C LEU G 196 42.32 52.67 11.17
N ALA G 197 43.27 51.98 11.82
CA ALA G 197 43.71 52.39 13.14
C ALA G 197 44.31 53.81 13.09
N ASP G 198 45.13 54.06 12.06
CA ASP G 198 45.75 55.38 11.91
C ASP G 198 44.68 56.47 11.76
N ILE G 199 43.63 56.15 11.01
CA ILE G 199 42.55 57.11 10.79
C ILE G 199 41.83 57.40 12.10
N LEU G 200 41.54 56.36 12.88
CA LEU G 200 40.87 56.55 14.16
C LEU G 200 41.70 57.39 15.14
N TYR G 201 43.01 57.16 15.18
CA TYR G 201 43.87 57.92 16.08
C TYR G 201 43.83 59.37 15.67
N GLU G 202 43.87 59.59 14.37
CA GLU G 202 43.90 60.95 13.84
C GLU G 202 42.56 61.63 14.07
N ALA G 203 41.53 60.81 14.32
CA ALA G 203 40.17 61.32 14.43
C ALA G 203 39.88 61.65 15.87
N GLY G 204 40.83 61.35 16.75
CA GLY G 204 40.74 61.74 18.14
C GLY G 204 40.51 60.62 19.13
N LEU G 205 40.54 59.38 18.68
CA LEU G 205 40.37 58.24 19.58
C LEU G 205 41.57 58.18 20.52
N PRO G 206 41.31 58.17 21.84
CA PRO G 206 42.41 57.91 22.78
C PRO G 206 43.05 56.58 22.39
N PRO G 207 44.37 56.56 22.22
CA PRO G 207 45.09 55.42 21.64
C PRO G 207 44.90 54.09 22.36
N GLU G 208 44.77 54.12 23.69
CA GLU G 208 44.59 52.90 24.48
C GLU G 208 43.34 52.11 24.08
N MET G 209 42.41 52.74 23.36
CA MET G 209 41.13 52.10 23.03
C MET G 209 41.20 51.18 21.81
N LEU G 210 42.31 51.21 21.10
CA LEU G 210 42.48 50.43 19.89
C LEU G 210 43.91 49.96 19.68
N SER G 211 44.09 48.64 19.59
CA SER G 211 45.32 48.10 19.00
C SER G 211 44.97 47.17 17.86
N VAL G 212 45.85 47.14 16.85
CA VAL G 212 45.76 46.18 15.77
C VAL G 212 47.07 45.40 15.72
N VAL G 213 47.01 44.11 15.99
CA VAL G 213 48.22 43.29 15.95
C VAL G 213 48.15 42.29 14.81
N THR G 214 49.31 41.85 14.35
CA THR G 214 49.43 40.91 13.23
C THR G 214 50.36 39.75 13.56
N GLY G 215 50.24 38.68 12.78
CA GLY G 215 51.08 37.52 12.96
C GLY G 215 50.38 36.28 12.46
N TRP G 216 51.12 35.18 12.44
CA TRP G 216 50.57 33.90 12.06
C TRP G 216 49.65 33.43 13.17
N PRO G 217 48.55 32.78 12.80
CA PRO G 217 47.64 32.19 13.79
C PRO G 217 48.37 31.19 14.71
N ALA G 218 49.40 30.52 14.21
CA ALA G 218 50.16 29.55 15.02
C ALA G 218 50.75 30.07 16.35
N ASP G 219 50.82 31.39 16.53
CA ASP G 219 51.32 31.93 17.80
C ASP G 219 50.36 32.92 18.47
N ILE G 220 50.10 34.03 17.79
CA ILE G 220 49.35 35.11 18.39
C ILE G 220 47.85 34.80 18.49
N GLY G 221 47.37 33.84 17.72
CA GLY G 221 45.95 33.53 17.69
C GLY G 221 45.39 33.06 19.02
N MET G 222 46.14 32.18 19.69
CA MET G 222 45.69 31.61 20.95
C MET G 222 45.61 32.65 22.07
N GLU G 223 46.53 33.62 22.06
CA GLU G 223 46.51 34.65 23.08
C GLU G 223 45.27 35.55 22.92
N MET G 224 44.91 35.84 21.68
CA MET G 224 43.68 36.58 21.37
C MET G 224 42.46 36.00 22.08
N ILE G 225 42.42 34.68 22.22
CA ILE G 225 41.25 34.03 22.77
C ILE G 225 41.38 33.58 24.23
N THR G 226 42.60 33.53 24.76
CA THR G 226 42.81 33.06 26.13
C THR G 226 43.28 34.13 27.12
N ASN G 227 43.69 35.30 26.63
CA ASN G 227 44.17 36.36 27.53
C ASN G 227 43.19 36.59 28.66
N PRO G 228 43.67 36.59 29.92
CA PRO G 228 42.79 36.72 31.10
C PRO G 228 42.00 38.02 31.14
N HIS G 229 42.41 39.05 30.40
CA HIS G 229 41.73 40.36 30.45
C HIS G 229 40.53 40.40 29.51
N VAL G 230 40.46 39.46 28.59
CA VAL G 230 39.40 39.44 27.60
C VAL G 230 38.03 39.03 28.14
N ASP G 231 37.06 39.93 28.05
CA ASP G 231 35.70 39.61 28.49
C ASP G 231 34.85 39.06 27.35
N LEU G 232 35.24 39.37 26.12
CA LEU G 232 34.44 38.98 24.96
C LEU G 232 35.32 38.80 23.74
N VAL G 233 35.05 37.74 22.99
CA VAL G 233 35.73 37.45 21.74
C VAL G 233 34.67 37.60 20.66
N THR G 234 34.88 38.54 19.75
CA THR G 234 33.99 38.66 18.60
C THR G 234 34.76 38.19 17.37
N PHE G 235 34.27 37.12 16.73
CA PHE G 235 35.00 36.45 15.65
C PHE G 235 34.14 36.31 14.40
N THR G 236 34.70 36.68 13.26
CA THR G 236 34.04 36.36 11.99
C THR G 236 34.98 35.50 11.15
N GLY G 237 34.47 34.40 10.60
CA GLY G 237 35.31 33.50 9.85
C GLY G 237 34.66 32.16 9.56
N SER G 238 35.50 31.15 9.40
CA SER G 238 35.04 29.84 8.95
C SER G 238 34.58 28.98 10.11
N VAL G 239 33.82 27.94 9.80
CA VAL G 239 33.30 27.00 10.78
C VAL G 239 34.41 26.29 11.57
N PRO G 240 35.40 25.73 10.87
CA PRO G 240 36.48 25.03 11.57
C PRO G 240 37.20 25.91 12.58
N VAL G 241 37.57 27.12 12.17
CA VAL G 241 38.22 28.04 13.09
C VAL G 241 37.27 28.47 14.21
N GLY G 242 36.00 28.68 13.87
CA GLY G 242 35.01 29.02 14.86
C GLY G 242 34.91 27.96 15.95
N LYS G 243 34.93 26.70 15.54
CA LYS G 243 34.88 25.59 16.49
C LYS G 243 36.15 25.53 17.34
N LEU G 244 37.27 25.88 16.72
CA LEU G 244 38.54 25.94 17.44
C LEU G 244 38.49 27.03 18.51
N ILE G 245 37.85 28.15 18.16
CA ILE G 245 37.72 29.27 19.09
C ILE G 245 36.80 28.95 20.25
N ALA G 246 35.64 28.35 19.99
CA ALA G 246 34.71 28.07 21.07
C ALA G 246 35.25 27.03 22.04
N ALA G 247 36.11 26.14 21.55
CA ALA G 247 36.70 25.12 22.40
C ALA G 247 37.79 25.70 23.31
N ASN G 248 38.48 26.73 22.84
CA ASN G 248 39.59 27.30 23.60
C ASN G 248 39.25 28.51 24.46
N ALA G 249 38.20 29.23 24.10
CA ALA G 249 37.77 30.39 24.88
C ALA G 249 36.63 30.00 25.81
N HIS G 250 36.59 28.72 26.16
CA HIS G 250 35.69 28.17 27.17
C HIS G 250 34.83 29.21 27.90
N TYR G 251 35.47 29.89 28.85
CA TYR G 251 34.74 30.65 29.86
C TYR G 251 34.50 32.09 29.45
N LYS G 252 34.85 32.44 28.22
CA LYS G 252 34.65 33.79 27.73
C LYS G 252 33.37 33.90 26.89
N ARG G 253 32.70 35.04 26.98
CA ARG G 253 31.61 35.35 26.07
C ARG G 253 32.13 35.39 24.65
N GLN G 254 31.33 34.87 23.72
CA GLN G 254 31.73 34.82 22.32
C GLN G 254 30.57 35.21 21.42
N VAL G 255 30.88 35.96 20.37
CA VAL G 255 29.95 36.20 19.29
C VAL G 255 30.66 35.67 18.06
N LEU G 256 30.17 34.56 17.52
CA LEU G 256 30.79 33.92 16.38
C LEU G 256 29.88 34.00 15.16
N GLU G 257 30.36 34.62 14.09
CA GLU G 257 29.61 34.64 12.84
C GLU G 257 30.40 33.86 11.81
N LEU G 258 29.84 32.73 11.41
CA LEU G 258 30.53 31.78 10.59
C LEU G 258 29.96 31.94 9.18
N GLY G 259 30.09 30.93 8.34
CA GLY G 259 29.67 31.15 6.96
C GLY G 259 28.18 31.06 6.69
N GLY G 260 27.83 31.11 5.43
CA GLY G 260 26.47 30.87 5.00
C GLY G 260 26.52 30.06 3.73
N ASN G 261 25.35 29.66 3.25
CA ASN G 261 25.23 28.98 1.97
C ASN G 261 23.85 29.39 1.48
N ASP G 262 23.74 30.66 1.10
CA ASP G 262 22.45 31.34 1.09
C ASP G 262 21.77 31.28 -0.27
N PRO G 263 20.46 31.00 -0.26
CA PRO G 263 19.73 30.87 -1.53
C PRO G 263 19.10 32.16 -2.03
N LEU G 264 19.06 32.32 -3.35
CA LEU G 264 18.11 33.21 -3.99
C LEU G 264 17.03 32.35 -4.64
N ILE G 265 15.81 32.45 -4.15
CA ILE G 265 14.73 31.57 -4.60
C ILE G 265 13.81 32.28 -5.62
N ILE G 266 13.62 31.64 -6.78
CA ILE G 266 12.83 32.23 -7.84
C ILE G 266 11.52 31.46 -7.99
N LEU G 267 10.41 32.07 -7.60
CA LEU G 267 9.11 31.38 -7.60
C LEU G 267 8.41 31.51 -8.92
N ASN G 268 7.51 30.60 -9.20
CA ASN G 268 6.92 30.48 -10.52
C ASN G 268 5.80 31.49 -10.89
N ASP G 269 5.48 32.43 -10.00
CA ASP G 269 4.44 33.40 -10.32
C ASP G 269 4.94 34.58 -11.14
N LEU G 270 6.26 34.66 -11.32
CA LEU G 270 6.88 35.85 -11.90
C LEU G 270 6.64 36.02 -13.41
N SER G 271 6.33 37.25 -13.82
CA SER G 271 6.30 37.64 -15.23
C SER G 271 7.71 37.62 -15.86
N ASP G 272 7.77 37.78 -17.19
CA ASP G 272 9.06 37.87 -17.88
C ASP G 272 9.87 39.08 -17.43
N ASP G 273 9.22 40.22 -17.28
CA ASP G 273 9.90 41.43 -16.79
C ASP G 273 10.46 41.20 -15.38
N ASP G 274 9.71 40.47 -14.56
CA ASP G 274 10.15 40.18 -13.21
C ASP G 274 11.26 39.12 -13.20
N LEU G 275 11.24 38.19 -14.15
CA LEU G 275 12.31 37.20 -14.23
C LEU G 275 13.61 37.93 -14.56
N ALA G 276 13.51 38.95 -15.42
CA ALA G 276 14.66 39.80 -15.76
C ALA G 276 15.22 40.52 -14.52
N ARG G 277 14.34 41.09 -13.70
CA ARG G 277 14.77 41.72 -12.45
C ARG G 277 15.40 40.71 -11.49
N ALA G 278 14.82 39.51 -11.40
CA ALA G 278 15.38 38.47 -10.54
C ALA G 278 16.76 37.99 -11.03
N ALA G 279 16.96 38.02 -12.35
CA ALA G 279 18.22 37.58 -12.94
C ALA G 279 19.33 38.57 -12.60
N ASP G 280 18.98 39.85 -12.61
CA ASP G 280 19.88 40.91 -12.16
C ASP G 280 20.33 40.63 -10.72
N LEU G 281 19.35 40.33 -9.86
CA LEU G 281 19.63 40.03 -8.47
C LEU G 281 20.51 38.80 -8.39
N ALA G 282 20.17 37.77 -9.16
CA ALA G 282 20.95 36.54 -9.13
C ALA G 282 22.42 36.78 -9.47
N VAL G 283 22.66 37.54 -10.53
CA VAL G 283 24.04 37.73 -10.95
C VAL G 283 24.82 38.59 -9.97
N ALA G 284 24.22 39.70 -9.56
CA ALA G 284 24.84 40.58 -8.57
C ALA G 284 25.12 39.83 -7.24
N GLY G 285 24.12 39.10 -6.77
CA GLY G 285 24.26 38.37 -5.52
C GLY G 285 25.39 37.37 -5.57
N ALA G 286 25.54 36.73 -6.72
CA ALA G 286 26.51 35.65 -6.91
C ALA G 286 27.93 36.16 -7.10
N THR G 287 28.06 37.38 -7.62
CA THR G 287 29.37 37.82 -8.10
C THR G 287 29.97 39.01 -7.36
N LYS G 288 29.15 39.77 -6.65
CA LYS G 288 29.69 40.94 -5.97
C LYS G 288 30.75 40.54 -4.95
N ASN G 289 31.76 41.39 -4.78
CA ASN G 289 32.91 41.04 -3.94
C ASN G 289 33.52 39.71 -4.39
N SER G 290 33.45 39.43 -5.69
CA SER G 290 33.91 38.15 -6.22
C SER G 290 33.28 36.95 -5.50
N GLY G 291 32.06 37.12 -4.99
CA GLY G 291 31.35 36.02 -4.36
C GLY G 291 31.77 35.74 -2.94
N GLN G 292 32.67 36.57 -2.42
CA GLN G 292 33.25 36.33 -1.11
C GLN G 292 32.46 37.04 -0.02
N ARG G 293 31.22 36.61 0.17
CA ARG G 293 30.38 37.11 1.26
C ARG G 293 29.79 35.91 1.95
N CYS G 294 29.73 35.95 3.28
CA CYS G 294 29.03 34.94 4.05
C CYS G 294 27.61 34.86 3.52
N THR G 295 27.11 35.97 3.00
CA THR G 295 25.73 36.04 2.50
C THR G 295 25.62 36.07 0.98
N ALA G 296 26.68 35.71 0.27
CA ALA G 296 26.60 35.68 -1.20
C ALA G 296 25.52 34.68 -1.64
N VAL G 297 24.93 34.93 -2.81
CA VAL G 297 24.07 33.93 -3.43
C VAL G 297 24.90 32.73 -3.87
N LYS G 298 24.76 31.61 -3.17
CA LYS G 298 25.57 30.44 -3.51
C LYS G 298 24.74 29.33 -4.14
N ARG G 299 23.42 29.50 -4.13
CA ARG G 299 22.52 28.56 -4.79
C ARG G 299 21.35 29.36 -5.30
N ILE G 300 21.10 29.30 -6.60
CA ILE G 300 19.92 29.95 -7.15
C ILE G 300 18.85 28.87 -7.34
N LEU G 301 17.82 28.91 -6.50
CA LEU G 301 16.82 27.86 -6.50
C LEU G 301 15.65 28.30 -7.35
N CYS G 302 15.65 27.87 -8.61
CA CYS G 302 14.66 28.32 -9.56
C CYS G 302 13.58 27.26 -9.75
N GLN G 303 12.33 27.62 -9.52
CA GLN G 303 11.25 26.63 -9.67
C GLN G 303 11.13 26.21 -11.14
N GLU G 304 10.87 24.94 -11.36
CA GLU G 304 11.01 24.37 -12.71
C GLU G 304 10.22 25.10 -13.80
N SER G 305 9.03 25.57 -13.49
CA SER G 305 8.16 26.14 -14.51
C SER G 305 8.66 27.45 -15.10
N VAL G 306 9.52 28.17 -14.39
CA VAL G 306 10.06 29.39 -14.97
C VAL G 306 11.53 29.25 -15.35
N ALA G 307 12.12 28.11 -15.01
CA ALA G 307 13.55 27.91 -15.24
C ALA G 307 13.97 28.13 -16.70
N ASP G 308 13.10 27.74 -17.63
CA ASP G 308 13.44 27.86 -19.06
C ASP G 308 13.44 29.31 -19.56
N ARG G 309 12.66 30.16 -18.91
CA ARG G 309 12.67 31.58 -19.26
C ARG G 309 13.77 32.31 -18.49
N PHE G 310 14.06 31.84 -17.29
CA PHE G 310 14.95 32.54 -16.36
C PHE G 310 16.43 32.36 -16.68
N VAL G 311 16.84 31.12 -16.91
CA VAL G 311 18.24 30.79 -17.17
C VAL G 311 18.91 31.66 -18.26
N PRO G 312 18.29 31.76 -19.45
CA PRO G 312 18.83 32.63 -20.51
C PRO G 312 18.99 34.08 -20.08
N LEU G 313 18.10 34.56 -19.21
CA LEU G 313 18.23 35.92 -18.69
C LEU G 313 19.50 36.02 -17.83
N VAL G 314 19.76 35.00 -17.03
CA VAL G 314 20.97 34.98 -16.20
C VAL G 314 22.22 34.93 -17.08
N LEU G 315 22.23 34.00 -18.02
CA LEU G 315 23.37 33.83 -18.92
C LEU G 315 23.76 35.14 -19.60
N GLU G 316 22.76 35.84 -20.12
CA GLU G 316 22.99 37.10 -20.79
C GLU G 316 23.64 38.14 -19.88
N ARG G 317 23.15 38.23 -18.65
CA ARG G 317 23.69 39.21 -17.72
C ARG G 317 25.11 38.86 -17.30
N ALA G 318 25.35 37.58 -17.10
CA ALA G 318 26.67 37.11 -16.70
C ALA G 318 27.68 37.44 -17.80
N LYS G 319 27.24 37.32 -19.05
CA LYS G 319 28.12 37.59 -20.19
C LYS G 319 28.52 39.06 -20.29
N ARG G 320 27.74 39.94 -19.67
CA ARG G 320 28.03 41.37 -19.77
C ARG G 320 29.14 41.79 -18.80
N LEU G 321 29.43 40.94 -17.83
CA LEU G 321 30.37 41.30 -16.76
C LEU G 321 31.83 41.40 -17.24
N ARG G 322 32.41 42.58 -17.04
CA ARG G 322 33.84 42.79 -17.27
C ARG G 322 34.62 42.16 -16.13
N PHE G 323 35.35 41.07 -16.41
CA PHE G 323 36.22 40.50 -15.38
C PHE G 323 37.70 40.61 -15.78
N GLY G 324 38.54 40.92 -14.80
CA GLY G 324 39.96 41.13 -15.04
C GLY G 324 40.68 42.03 -14.03
N ASP G 325 41.50 42.94 -14.55
CA ASP G 325 42.37 43.78 -13.72
C ASP G 325 41.58 44.58 -12.71
N PRO G 326 41.76 44.28 -11.41
CA PRO G 326 41.05 44.92 -10.31
C PRO G 326 41.19 46.44 -10.32
N MET G 327 42.35 46.94 -10.71
CA MET G 327 42.61 48.38 -10.65
C MET G 327 42.05 49.12 -11.85
N ASP G 328 41.62 48.37 -12.86
CA ASP G 328 40.93 48.99 -13.99
C ASP G 328 39.52 49.41 -13.56
N ARG G 329 39.21 50.70 -13.68
CA ARG G 329 37.95 51.23 -13.17
C ARG G 329 36.69 50.77 -13.91
N SER G 330 36.86 49.98 -14.97
CA SER G 330 35.69 49.45 -15.68
C SER G 330 35.57 47.94 -15.48
N THR G 331 36.42 47.40 -14.63
CA THR G 331 36.32 46.00 -14.24
C THR G 331 35.20 45.83 -13.21
N ASP G 332 34.29 44.89 -13.44
CA ASP G 332 33.22 44.62 -12.47
C ASP G 332 33.70 43.62 -11.43
N LEU G 333 34.36 42.58 -11.93
CA LEU G 333 34.74 41.44 -11.13
C LEU G 333 36.27 41.26 -11.13
N GLY G 334 36.87 41.42 -9.95
CA GLY G 334 38.30 41.18 -9.78
C GLY G 334 38.55 39.71 -9.49
N THR G 335 39.69 39.39 -8.87
CA THR G 335 40.03 38.02 -8.50
C THR G 335 39.33 37.56 -7.23
N VAL G 336 39.49 36.27 -6.92
CA VAL G 336 39.25 35.75 -5.59
C VAL G 336 40.55 35.81 -4.76
N ILE G 337 40.49 35.36 -3.51
CA ILE G 337 41.58 35.56 -2.55
C ILE G 337 42.92 34.93 -2.98
N HIS G 338 42.86 33.75 -3.60
CA HIS G 338 44.07 33.18 -4.22
C HIS G 338 43.80 32.16 -5.31
N GLU G 339 44.88 31.70 -5.94
CA GLU G 339 44.79 30.75 -7.05
C GLU G 339 44.31 29.37 -6.60
N LYS G 340 44.71 28.97 -5.39
CA LYS G 340 44.25 27.69 -4.87
C LYS G 340 42.73 27.69 -4.71
N ALA G 341 42.19 28.76 -4.14
CA ALA G 341 40.75 28.91 -3.99
C ALA G 341 40.05 28.84 -5.35
N ALA G 342 40.50 29.67 -6.29
CA ALA G 342 39.95 29.66 -7.63
C ALA G 342 39.96 28.27 -8.27
N ALA G 343 41.08 27.57 -8.11
CA ALA G 343 41.20 26.23 -8.69
C ALA G 343 40.19 25.27 -8.07
N LEU G 344 40.03 25.34 -6.75
CA LEU G 344 39.07 24.48 -6.05
C LEU G 344 37.64 24.76 -6.49
N PHE G 345 37.31 26.02 -6.74
CA PHE G 345 35.96 26.37 -7.15
C PHE G 345 35.68 25.86 -8.57
N GLU G 346 36.65 26.03 -9.46
CA GLU G 346 36.52 25.51 -10.81
C GLU G 346 36.36 24.00 -10.78
N GLU G 347 37.21 23.34 -10.01
CA GLU G 347 37.09 21.90 -9.85
C GLU G 347 35.64 21.52 -9.51
N ARG G 348 35.10 22.06 -8.42
CA ARG G 348 33.72 21.79 -8.02
C ARG G 348 32.72 21.97 -9.17
N VAL G 349 32.96 22.95 -10.03
CA VAL G 349 32.10 23.15 -11.19
C VAL G 349 32.22 22.00 -12.20
N MET G 350 33.41 21.43 -12.31
CA MET G 350 33.61 20.32 -13.24
C MET G 350 33.01 19.01 -12.68
N ARG G 351 33.15 18.77 -11.38
CA ARG G 351 32.56 17.58 -10.76
C ARG G 351 31.04 17.63 -10.87
N ALA G 352 30.49 18.82 -10.93
CA ALA G 352 29.04 18.97 -10.97
C ALA G 352 28.51 18.61 -12.35
N ALA G 353 29.21 19.07 -13.39
CA ALA G 353 28.86 18.76 -14.76
C ALA G 353 28.96 17.26 -15.01
N GLU G 354 29.90 16.62 -14.32
CA GLU G 354 30.06 15.17 -14.42
C GLU G 354 28.96 14.47 -13.67
N GLU G 355 28.17 15.23 -12.92
CA GLU G 355 27.06 14.65 -12.19
C GLU G 355 25.72 15.05 -12.79
N GLY G 356 25.77 15.76 -13.91
CA GLY G 356 24.56 16.13 -14.62
C GLY G 356 24.40 17.62 -14.89
N ALA G 357 25.24 18.45 -14.28
CA ALA G 357 25.12 19.89 -14.49
C ALA G 357 25.48 20.28 -15.92
N ASP G 358 24.96 21.42 -16.35
CA ASP G 358 25.18 21.94 -17.69
C ASP G 358 25.93 23.28 -17.62
N ILE G 359 27.21 23.27 -17.97
CA ILE G 359 28.01 24.50 -17.96
C ILE G 359 27.62 25.36 -19.16
N LEU G 360 27.13 26.55 -18.89
CA LEU G 360 26.60 27.42 -19.94
C LEU G 360 27.57 28.52 -20.32
N TYR G 361 28.53 28.80 -19.44
CA TYR G 361 29.49 29.87 -19.67
C TYR G 361 30.71 29.66 -18.79
N HIS G 362 31.84 29.41 -19.41
CA HIS G 362 33.08 29.23 -18.67
C HIS G 362 34.26 29.67 -19.52
N PRO G 363 34.50 30.99 -19.55
CA PRO G 363 35.51 31.62 -20.40
C PRO G 363 36.93 31.15 -20.08
N GLY G 364 37.12 30.49 -18.94
CA GLY G 364 38.43 29.97 -18.60
C GLY G 364 39.11 30.72 -17.47
N ARG G 365 39.71 29.97 -16.55
CA ARG G 365 40.34 30.54 -15.36
C ARG G 365 41.81 30.93 -15.58
N SER G 366 42.18 32.10 -15.05
CA SER G 366 43.58 32.53 -15.08
C SER G 366 44.10 32.79 -13.67
N GLY G 367 44.69 31.76 -13.07
CA GLY G 367 45.18 31.86 -11.71
C GLY G 367 44.05 32.13 -10.73
N ALA G 368 44.11 33.29 -10.07
CA ALA G 368 43.09 33.66 -9.10
C ALA G 368 41.92 34.42 -9.74
N LEU G 369 42.02 34.69 -11.04
CA LEU G 369 40.93 35.33 -11.75
C LEU G 369 39.92 34.30 -12.25
N LEU G 370 38.75 34.27 -11.62
CA LEU G 370 37.71 33.34 -11.98
C LEU G 370 36.59 34.12 -12.69
N PRO G 371 36.20 33.66 -13.89
CA PRO G 371 35.12 34.34 -14.61
C PRO G 371 33.79 34.05 -13.91
N PRO G 372 32.73 34.80 -14.23
CA PRO G 372 31.44 34.54 -13.59
C PRO G 372 30.75 33.33 -14.21
N ILE G 373 31.23 32.14 -13.86
CA ILE G 373 30.79 30.90 -14.50
C ILE G 373 29.31 30.60 -14.27
N VAL G 374 28.60 30.23 -15.33
CA VAL G 374 27.18 29.92 -15.21
C VAL G 374 26.91 28.43 -15.41
N VAL G 375 26.38 27.79 -14.37
CA VAL G 375 26.02 26.38 -14.45
C VAL G 375 24.53 26.17 -14.16
N ASP G 376 23.88 25.38 -15.01
CA ASP G 376 22.44 25.13 -14.92
C ASP G 376 22.27 23.66 -14.55
N ARG G 377 21.10 23.29 -14.03
CA ARG G 377 20.83 21.91 -13.63
C ARG G 377 21.85 21.36 -12.63
N VAL G 378 22.29 22.21 -11.70
CA VAL G 378 23.21 21.78 -10.67
C VAL G 378 22.48 20.87 -9.68
N PRO G 379 22.99 19.65 -9.48
CA PRO G 379 22.42 18.75 -8.47
C PRO G 379 22.59 19.36 -7.09
N HIS G 380 21.52 19.41 -6.29
CA HIS G 380 21.56 20.12 -5.02
C HIS G 380 22.63 19.54 -4.10
N GLN G 381 22.84 18.22 -4.19
CA GLN G 381 23.77 17.53 -3.30
C GLN G 381 25.26 17.57 -3.74
N SER G 382 25.53 18.18 -4.89
CA SER G 382 26.91 18.27 -5.39
C SER G 382 27.78 19.23 -4.56
N ASP G 383 29.08 18.97 -4.55
CA ASP G 383 29.99 19.78 -3.74
C ASP G 383 29.83 21.28 -4.00
N LEU G 384 29.53 21.63 -5.24
CA LEU G 384 29.42 23.01 -5.64
C LEU G 384 28.44 23.82 -4.76
N VAL G 385 27.29 23.21 -4.48
CA VAL G 385 26.23 23.91 -3.74
C VAL G 385 25.94 23.33 -2.35
N LEU G 386 26.38 22.10 -2.10
CA LEU G 386 26.15 21.53 -0.80
C LEU G 386 27.12 22.14 0.20
N GLU G 387 28.37 22.28 -0.23
CA GLU G 387 29.36 23.02 0.51
C GLU G 387 29.21 24.52 0.25
N GLU G 388 29.79 25.35 1.11
CA GLU G 388 29.95 26.78 0.82
C GLU G 388 31.08 26.99 -0.20
N THR G 389 30.73 27.54 -1.36
CA THR G 389 31.70 27.81 -2.42
C THR G 389 31.90 29.33 -2.56
N PHE G 390 33.02 29.82 -2.01
CA PHE G 390 33.26 31.25 -1.76
C PHE G 390 33.79 32.01 -2.97
N GLY G 391 33.17 31.81 -4.12
CA GLY G 391 33.59 32.48 -5.33
C GLY G 391 32.41 32.85 -6.20
N PRO G 392 32.68 33.53 -7.32
CA PRO G 392 31.68 34.16 -8.19
C PRO G 392 31.02 33.19 -9.17
N ILE G 393 30.74 31.97 -8.72
CA ILE G 393 30.00 31.05 -9.56
C ILE G 393 28.53 31.45 -9.52
N ILE G 394 27.86 31.30 -10.66
CA ILE G 394 26.43 31.54 -10.77
C ILE G 394 25.74 30.19 -11.00
N PRO G 395 25.34 29.51 -9.92
CA PRO G 395 24.86 28.12 -9.98
C PRO G 395 23.35 27.99 -9.85
N ILE G 396 22.70 27.54 -10.90
CA ILE G 396 21.25 27.39 -10.90
C ILE G 396 20.80 25.97 -10.65
N VAL G 397 20.10 25.79 -9.53
CA VAL G 397 19.46 24.54 -9.16
C VAL G 397 17.96 24.60 -9.51
N ARG G 398 17.52 23.64 -10.30
CA ARG G 398 16.12 23.56 -10.69
C ARG G 398 15.40 22.84 -9.57
N VAL G 399 14.38 23.48 -9.00
CA VAL G 399 13.66 22.90 -7.87
C VAL G 399 12.19 22.78 -8.22
N PRO G 400 11.44 21.96 -7.47
CA PRO G 400 10.03 21.73 -7.78
C PRO G 400 9.17 22.99 -7.65
N ASP G 401 8.04 23.01 -8.35
CA ASP G 401 7.11 24.10 -8.26
C ASP G 401 6.44 24.14 -6.89
N ASP G 402 6.46 23.01 -6.19
CA ASP G 402 5.92 22.88 -4.83
C ASP G 402 6.74 23.67 -3.77
N ASP G 403 6.09 24.59 -3.05
CA ASP G 403 6.82 25.41 -2.08
C ASP G 403 7.39 24.60 -0.92
N ASP G 404 6.60 23.64 -0.43
CA ASP G 404 7.07 22.83 0.67
C ASP G 404 8.37 22.11 0.33
N ALA G 405 8.44 21.53 -0.86
CA ALA G 405 9.65 20.84 -1.31
C ALA G 405 10.82 21.80 -1.48
N THR G 406 10.52 23.00 -1.96
CA THR G 406 11.54 24.03 -2.17
C THR G 406 12.11 24.52 -0.83
N ILE G 407 11.22 24.71 0.14
CA ILE G 407 11.63 25.12 1.48
C ILE G 407 12.52 24.04 2.14
N THR G 408 12.10 22.78 2.05
CA THR G 408 12.89 21.66 2.57
C THR G 408 14.28 21.64 1.96
N LEU G 409 14.32 21.69 0.64
CA LEU G 409 15.57 21.74 -0.08
C LEU G 409 16.41 22.92 0.43
N SER G 410 15.77 24.08 0.60
CA SER G 410 16.50 25.27 1.00
C SER G 410 17.10 25.07 2.39
N ASN G 411 16.36 24.41 3.26
CA ASN G 411 16.82 24.16 4.63
C ASN G 411 17.76 22.97 4.79
N SER G 412 18.09 22.28 3.70
CA SER G 412 18.77 20.99 3.85
C SER G 412 20.29 21.09 4.09
N THR G 413 20.83 22.30 4.16
CA THR G 413 22.27 22.46 4.37
C THR G 413 22.58 22.67 5.84
N ALA G 414 23.86 22.69 6.18
CA ALA G 414 24.28 22.87 7.55
C ALA G 414 24.14 24.35 7.97
N PHE G 415 23.98 25.21 6.98
CA PHE G 415 24.00 26.66 7.21
C PHE G 415 22.60 27.24 7.35
N GLY G 416 22.51 28.44 7.91
CA GLY G 416 21.23 29.12 8.05
C GLY G 416 21.46 30.58 8.41
N LEU G 417 21.84 31.36 7.41
CA LEU G 417 22.23 32.74 7.64
C LEU G 417 21.19 33.71 7.04
N SER G 418 21.22 33.90 5.74
CA SER G 418 20.26 34.77 5.07
C SER G 418 19.67 34.08 3.84
N SER G 419 18.82 34.79 3.12
CA SER G 419 18.10 34.25 1.97
C SER G 419 17.44 35.39 1.21
N GLY G 420 17.08 35.15 -0.04
CA GLY G 420 16.32 36.11 -0.82
C GLY G 420 15.26 35.32 -1.55
N VAL G 421 14.05 35.88 -1.66
CA VAL G 421 12.95 35.21 -2.33
C VAL G 421 12.30 36.21 -3.27
N CYS G 422 12.13 35.81 -4.53
CA CYS G 422 11.54 36.70 -5.53
C CYS G 422 10.16 36.19 -5.91
N THR G 423 9.14 36.95 -5.55
CA THR G 423 7.77 36.56 -5.80
C THR G 423 6.89 37.79 -5.56
N ASN G 424 5.68 37.75 -6.11
CA ASN G 424 4.74 38.83 -5.89
C ASN G 424 3.49 38.31 -5.16
N ASP G 425 3.52 37.06 -4.72
CA ASP G 425 2.36 36.43 -4.10
C ASP G 425 2.51 36.54 -2.59
N TYR G 426 1.63 37.29 -1.94
CA TYR G 426 1.80 37.51 -0.51
C TYR G 426 1.77 36.23 0.32
N ARG G 427 0.80 35.35 0.05
CA ARG G 427 0.68 34.11 0.79
C ARG G 427 1.98 33.28 0.75
N ARG G 428 2.60 33.23 -0.42
CA ARG G 428 3.86 32.51 -0.55
C ARG G 428 5.01 33.23 0.16
N MET G 429 5.04 34.56 0.04
CA MET G 429 6.03 35.38 0.78
C MET G 429 6.06 35.01 2.25
N GLN G 430 4.89 35.06 2.87
CA GLN G 430 4.73 34.73 4.29
C GLN G 430 5.19 33.30 4.59
N LYS G 431 4.78 32.37 3.74
CA LYS G 431 5.16 30.98 3.94
C LYS G 431 6.69 30.82 3.95
N TYR G 432 7.37 31.49 3.01
CA TYR G 432 8.85 31.43 2.97
C TYR G 432 9.50 32.11 4.17
N ILE G 433 8.98 33.28 4.53
CA ILE G 433 9.47 34.00 5.71
C ILE G 433 9.37 33.13 6.96
N ALA G 434 8.20 32.51 7.18
CA ALA G 434 7.99 31.65 8.34
C ALA G 434 8.82 30.39 8.29
N GLY G 435 8.99 29.84 7.08
CA GLY G 435 9.51 28.49 6.93
C GLY G 435 11.01 28.33 6.67
N LEU G 436 11.67 29.35 6.14
CA LEU G 436 13.10 29.22 5.92
C LEU G 436 13.81 29.27 7.27
N LYS G 437 14.72 28.34 7.53
CA LYS G 437 15.44 28.31 8.80
C LYS G 437 16.73 29.12 8.67
N VAL G 438 16.58 30.43 8.83
CA VAL G 438 17.67 31.36 8.61
C VAL G 438 17.53 32.51 9.58
N GLY G 439 18.52 33.40 9.59
CA GLY G 439 18.45 34.62 10.38
C GLY G 439 17.70 35.76 9.69
N THR G 440 17.73 35.78 8.36
CA THR G 440 17.13 36.86 7.55
C THR G 440 16.47 36.33 6.27
N VAL G 441 15.26 36.79 5.97
CA VAL G 441 14.60 36.54 4.69
C VAL G 441 14.30 37.87 3.97
N ASN G 442 15.01 38.11 2.88
CA ASN G 442 14.77 39.30 2.09
C ASN G 442 13.87 39.05 0.89
N ILE G 443 12.76 39.77 0.81
CA ILE G 443 11.88 39.63 -0.34
C ILE G 443 12.33 40.61 -1.42
N TRP G 444 12.60 40.06 -2.61
CA TRP G 444 13.04 40.87 -3.74
C TRP G 444 14.36 41.61 -3.48
N GLU G 445 15.23 41.01 -2.68
CA GLU G 445 16.61 41.47 -2.56
C GLU G 445 17.51 40.27 -2.39
N VAL G 446 18.82 40.48 -2.50
CA VAL G 446 19.77 39.41 -2.28
C VAL G 446 19.84 39.10 -0.79
N PRO G 447 20.29 37.89 -0.45
CA PRO G 447 20.42 37.51 0.96
C PRO G 447 21.35 38.49 1.68
N GLY G 448 22.31 39.07 0.96
CA GLY G 448 23.28 39.97 1.54
C GLY G 448 22.73 41.34 1.93
N TYR G 449 21.51 41.65 1.53
CA TYR G 449 20.99 42.98 1.83
C TYR G 449 20.66 43.21 3.30
N ARG G 450 21.13 44.33 3.83
CA ARG G 450 20.84 44.73 5.21
C ARG G 450 21.24 46.19 5.32
N ILE G 451 20.80 46.86 6.37
CA ILE G 451 21.44 48.13 6.74
C ILE G 451 22.50 47.81 7.79
N GLU G 452 23.47 48.69 7.98
CA GLU G 452 24.61 48.32 8.82
C GLU G 452 24.23 48.26 10.30
N MET G 453 23.01 48.67 10.64
CA MET G 453 22.62 48.64 12.05
C MET G 453 21.44 47.70 12.40
N SER G 454 20.97 46.93 11.44
CA SER G 454 19.88 46.00 11.71
C SER G 454 20.47 44.70 12.27
N PRO G 455 19.64 43.91 12.99
CA PRO G 455 20.19 42.69 13.60
C PRO G 455 20.69 41.72 12.54
N PHE G 456 21.92 41.23 12.70
CA PHE G 456 22.52 40.37 11.70
C PHE G 456 23.14 39.15 12.38
N GLY G 457 22.86 37.97 11.85
CA GLY G 457 23.37 36.74 12.43
C GLY G 457 22.55 35.54 12.03
N GLY G 458 23.18 34.39 11.94
CA GLY G 458 22.48 33.19 11.53
C GLY G 458 22.24 32.21 12.65
N ILE G 459 21.76 31.02 12.27
CA ILE G 459 21.58 29.92 13.21
C ILE G 459 22.27 28.70 12.60
N LYS G 460 22.08 27.53 13.20
CA LYS G 460 22.73 26.30 12.74
C LYS G 460 24.25 26.51 12.72
N ASP G 461 24.94 26.08 11.66
CA ASP G 461 26.39 26.30 11.58
C ASP G 461 26.80 27.73 11.22
N SER G 462 25.83 28.63 11.06
CA SER G 462 26.16 30.00 10.66
C SER G 462 26.65 30.92 11.78
N GLY G 463 26.52 30.48 13.02
CA GLY G 463 26.99 31.26 14.15
C GLY G 463 26.60 30.59 15.45
N ASN G 464 27.01 31.17 16.57
CA ASN G 464 26.67 30.57 17.86
C ASN G 464 25.40 31.16 18.44
N GLY G 465 24.65 31.90 17.62
CA GLY G 465 23.31 32.32 17.99
C GLY G 465 23.14 33.71 18.58
N TYR G 466 24.14 34.56 18.40
CA TYR G 466 24.04 35.95 18.85
C TYR G 466 24.03 36.91 17.66
N LYS G 467 23.30 38.01 17.79
CA LYS G 467 23.16 38.97 16.70
C LYS G 467 24.26 40.00 16.71
N GLU G 468 24.54 40.49 15.51
CA GLU G 468 25.57 41.47 15.25
C GLU G 468 24.93 42.68 14.56
N GLY G 469 25.74 43.52 13.92
CA GLY G 469 25.28 44.78 13.39
C GLY G 469 25.45 45.85 14.48
N VAL G 470 25.50 47.11 14.07
CA VAL G 470 25.94 48.16 14.98
C VAL G 470 25.15 48.21 16.29
N ILE G 471 23.83 48.14 16.20
CA ILE G 471 23.00 48.23 17.40
C ILE G 471 23.17 47.01 18.32
N GLU G 472 23.07 45.80 17.77
CA GLU G 472 23.19 44.62 18.64
C GLU G 472 24.64 44.44 19.15
N ALA G 473 25.59 44.83 18.33
CA ALA G 473 26.99 44.79 18.75
C ALA G 473 27.20 45.68 19.97
N MET G 474 26.67 46.91 19.89
CA MET G 474 26.72 47.83 21.03
C MET G 474 26.14 47.21 22.30
N LYS G 475 25.00 46.52 22.17
CA LYS G 475 24.41 45.91 23.34
C LYS G 475 25.28 44.79 23.89
N SER G 476 25.81 43.96 22.99
CA SER G 476 26.59 42.80 23.40
C SER G 476 27.93 43.21 24.00
N PHE G 477 28.38 44.43 23.66
CA PHE G 477 29.67 44.92 24.12
C PHE G 477 29.55 45.60 25.49
N THR G 478 28.41 45.43 26.16
CA THR G 478 28.22 46.05 27.47
C THR G 478 27.65 45.08 28.51
N ASN G 479 27.72 45.49 29.76
CA ASN G 479 27.03 44.81 30.83
C ASN G 479 25.91 45.73 31.27
N VAL G 480 24.71 45.19 31.38
CA VAL G 480 23.63 45.93 31.99
C VAL G 480 23.75 45.89 33.52
N LYS G 481 23.72 47.06 34.15
CA LYS G 481 23.61 47.16 35.59
C LYS G 481 22.25 47.73 35.96
N THR G 482 21.59 47.15 36.95
CA THR G 482 20.35 47.73 37.45
C THR G 482 20.60 48.38 38.80
N PHE G 483 19.76 49.34 39.15
CA PHE G 483 19.75 49.89 40.50
C PHE G 483 18.33 50.21 40.87
N SER G 484 18.00 50.08 42.15
CA SER G 484 16.66 50.41 42.61
C SER G 484 16.67 51.48 43.71
N LEU G 485 15.63 52.31 43.72
CA LEU G 485 15.50 53.39 44.69
C LEU G 485 14.15 53.35 45.39
N PRO G 486 14.14 53.60 46.70
CA PRO G 486 12.86 53.74 47.38
C PRO G 486 11.99 54.76 46.64
N TRP G 487 10.70 54.48 46.52
CA TRP G 487 9.80 55.40 45.81
C TRP G 487 8.43 55.45 46.45
N HIS H 15 8.04 8.17 47.27
CA HIS H 15 8.36 7.37 46.07
C HIS H 15 7.73 7.91 44.79
N GLU H 16 8.51 8.66 44.03
CA GLU H 16 8.03 9.36 42.84
C GLU H 16 8.88 9.00 41.63
N PRO H 17 8.23 8.66 40.50
CA PRO H 17 8.99 8.39 39.28
C PRO H 17 9.27 9.67 38.53
N MET H 18 10.18 9.59 37.57
CA MET H 18 10.39 10.67 36.60
C MET H 18 9.12 10.98 35.84
N ARG H 19 9.01 12.23 35.42
CA ARG H 19 7.98 12.65 34.49
C ARG H 19 8.63 12.90 33.13
N ILE H 20 8.50 11.95 32.22
CA ILE H 20 9.01 12.12 30.87
C ILE H 20 7.84 12.29 29.91
N ALA H 21 7.69 13.51 29.39
CA ALA H 21 6.56 13.83 28.51
C ALA H 21 5.23 13.31 29.06
N GLY H 22 4.98 13.53 30.34
CA GLY H 22 3.68 13.22 30.91
C GLY H 22 3.54 11.78 31.37
N ARG H 23 4.54 10.96 31.04
CA ARG H 23 4.53 9.56 31.46
C ARG H 23 5.40 9.33 32.70
N LEU H 24 4.92 8.48 33.61
CA LEU H 24 5.67 8.13 34.79
C LEU H 24 6.72 7.06 34.46
N VAL H 25 7.98 7.43 34.53
CA VAL H 25 9.04 6.45 34.27
C VAL H 25 9.82 6.15 35.57
N ASP H 26 9.93 4.86 35.88
CA ASP H 26 10.56 4.40 37.11
C ASP H 26 11.87 3.68 36.83
N THR H 27 12.71 3.54 37.85
CA THR H 27 13.83 2.60 37.79
C THR H 27 13.89 1.81 39.09
N ASP H 28 14.70 0.75 39.14
CA ASP H 28 14.82 -0.06 40.35
C ASP H 28 15.67 0.62 41.40
N ASP H 29 16.83 1.12 40.99
CA ASP H 29 17.67 1.94 41.86
C ASP H 29 16.98 3.26 42.19
N ARG H 30 17.16 3.73 43.42
CA ARG H 30 16.57 4.98 43.87
C ARG H 30 17.61 5.96 44.37
N VAL H 31 17.23 7.23 44.36
CA VAL H 31 17.96 8.27 45.06
C VAL H 31 17.07 8.61 46.25
N GLU H 32 17.62 8.44 47.46
CA GLU H 32 16.89 8.74 48.67
C GLU H 32 16.90 10.25 48.92
N VAL H 33 15.79 10.79 49.39
CA VAL H 33 15.68 12.20 49.70
C VAL H 33 15.40 12.38 51.18
N ARG H 34 16.31 13.06 51.87
CA ARG H 34 16.24 13.19 53.32
C ARG H 34 15.84 14.56 53.81
N TYR H 35 15.08 14.56 54.90
CA TYR H 35 14.61 15.74 55.58
C TYR H 35 15.74 16.18 56.48
N PRO H 36 16.40 17.29 56.13
CA PRO H 36 17.61 17.73 56.87
C PRO H 36 17.35 17.91 58.35
N TRP H 37 16.09 18.15 58.71
CA TRP H 37 15.72 18.46 60.09
C TRP H 37 16.02 17.30 61.03
N ASN H 38 15.86 16.08 60.54
CA ASN H 38 16.07 14.87 61.36
C ASN H 38 16.71 13.73 60.56
N ASP H 39 17.21 14.06 59.39
CA ASP H 39 17.94 13.13 58.51
C ASP H 39 17.18 11.87 58.07
N THR H 40 15.87 11.86 58.25
CA THR H 40 15.09 10.70 57.81
C THR H 40 14.71 10.82 56.34
N VAL H 41 14.54 9.67 55.69
CA VAL H 41 14.13 9.63 54.30
C VAL H 41 12.64 9.94 54.19
N VAL H 42 12.32 10.97 53.40
CA VAL H 42 10.93 11.39 53.21
C VAL H 42 10.46 11.02 51.82
N GLY H 43 11.40 10.63 50.97
CA GLY H 43 11.09 10.37 49.59
C GLY H 43 12.22 9.69 48.85
N THR H 44 11.89 9.19 47.66
CA THR H 44 12.81 8.46 46.81
C THR H 44 12.42 8.76 45.36
N VAL H 45 13.41 9.00 44.50
CA VAL H 45 13.13 9.22 43.08
C VAL H 45 14.08 8.35 42.29
N PRO H 46 13.74 8.11 41.01
CA PRO H 46 14.58 7.26 40.15
C PRO H 46 16.02 7.71 40.08
N ALA H 47 16.93 6.75 40.06
CA ALA H 47 18.32 7.04 39.75
C ALA H 47 18.47 6.90 38.25
N GLY H 48 17.97 7.90 37.53
CA GLY H 48 17.94 7.83 36.07
C GLY H 48 19.31 7.79 35.45
N ARG H 49 19.38 7.41 34.17
CA ARG H 49 20.64 7.28 33.45
C ARG H 49 20.60 8.12 32.18
N ALA H 50 21.69 8.08 31.41
CA ALA H 50 21.80 8.87 30.21
C ALA H 50 20.62 8.63 29.27
N GLU H 51 20.11 7.41 29.26
CA GLU H 51 19.05 7.03 28.33
C GLU H 51 17.73 7.76 28.62
N HIS H 52 17.45 8.04 29.89
CA HIS H 52 16.20 8.75 30.20
C HIS H 52 16.24 10.19 29.71
N ALA H 53 17.32 10.89 30.00
CA ALA H 53 17.53 12.24 29.46
C ALA H 53 17.49 12.23 27.94
N ARG H 54 18.14 11.24 27.33
CA ARG H 54 18.19 11.18 25.87
C ARG H 54 16.80 11.02 25.22
N GLU H 55 15.95 10.16 25.77
CA GLU H 55 14.60 10.00 25.24
C GLU H 55 13.79 11.28 25.47
N ALA H 56 14.02 11.92 26.62
CA ALA H 56 13.30 13.16 26.94
C ALA H 56 13.59 14.22 25.88
N PHE H 57 14.86 14.27 25.47
CA PHE H 57 15.32 15.26 24.50
C PHE H 57 14.85 14.93 23.09
N ALA H 58 14.71 13.64 22.78
CA ALA H 58 14.20 13.22 21.50
C ALA H 58 12.75 13.64 21.36
N ILE H 59 11.97 13.39 22.42
CA ILE H 59 10.58 13.84 22.46
C ILE H 59 10.51 15.36 22.27
N ALA H 60 11.45 16.07 22.90
CA ALA H 60 11.46 17.53 22.87
C ALA H 60 11.75 18.10 21.49
N ALA H 61 12.79 17.56 20.85
CA ALA H 61 13.24 18.07 19.56
C ALA H 61 12.26 17.77 18.42
N ALA H 62 11.55 16.66 18.56
CA ALA H 62 10.63 16.23 17.52
C ALA H 62 9.31 17.00 17.58
N TYR H 63 8.96 17.48 18.76
CA TYR H 63 7.70 18.18 18.98
C TYR H 63 7.80 19.68 18.67
N GLN H 64 6.95 20.14 17.75
CA GLN H 64 6.89 21.55 17.41
C GLN H 64 5.67 22.18 18.02
N PRO H 65 5.85 22.90 19.14
CA PRO H 65 4.66 23.44 19.79
C PRO H 65 3.92 24.40 18.86
N LYS H 66 2.59 24.37 18.89
CA LYS H 66 1.80 25.30 18.08
C LYS H 66 0.88 26.16 18.93
N LEU H 67 1.14 26.21 20.23
CA LEU H 67 0.29 26.99 21.13
C LEU H 67 0.21 28.46 20.71
N THR H 68 -0.99 29.01 20.71
CA THR H 68 -1.17 30.45 20.54
C THR H 68 -0.68 31.14 21.80
N ARG H 69 -0.45 32.44 21.73
CA ARG H 69 -0.03 33.18 22.91
C ARG H 69 -1.12 33.09 23.96
N TYR H 70 -2.38 33.07 23.52
CA TYR H 70 -3.49 32.91 24.44
C TYR H 70 -3.42 31.58 25.18
N GLU H 71 -3.06 30.52 24.47
CA GLU H 71 -2.98 29.19 25.04
C GLU H 71 -1.84 29.07 26.04
N ARG H 72 -0.69 29.65 25.68
CA ARG H 72 0.42 29.70 26.63
C ARG H 72 0.01 30.42 27.90
N GLN H 73 -0.67 31.54 27.74
CA GLN H 73 -1.09 32.33 28.90
C GLN H 73 -2.05 31.57 29.81
N LYS H 74 -3.03 30.89 29.21
CA LYS H 74 -4.00 30.09 29.96
C LYS H 74 -3.29 29.09 30.85
N ILE H 75 -2.35 28.38 30.25
CA ILE H 75 -1.58 27.39 30.99
C ILE H 75 -0.81 28.02 32.15
N LEU H 76 -0.01 29.04 31.83
CA LEU H 76 0.84 29.69 32.82
C LEU H 76 0.05 30.25 34.00
N LEU H 77 -1.08 30.89 33.71
CA LEU H 77 -1.89 31.50 34.73
C LEU H 77 -2.67 30.43 35.52
N ALA H 78 -3.01 29.33 34.86
CA ALA H 78 -3.71 28.24 35.52
C ALA H 78 -2.77 27.57 36.51
N THR H 79 -1.49 27.49 36.14
CA THR H 79 -0.45 27.00 37.03
C THR H 79 -0.31 27.88 38.27
N ALA H 80 -0.18 29.19 38.06
CA ALA H 80 -0.15 30.13 39.18
C ALA H 80 -1.33 29.92 40.15
N GLU H 81 -2.55 29.84 39.61
CA GLU H 81 -3.73 29.61 40.43
C GLU H 81 -3.58 28.33 41.25
N ALA H 82 -2.93 27.33 40.65
CA ALA H 82 -2.76 26.04 41.32
C ALA H 82 -1.75 26.14 42.44
N LEU H 83 -0.66 26.87 42.19
CA LEU H 83 0.34 27.07 43.26
C LEU H 83 -0.32 27.75 44.46
N ALA H 84 -1.14 28.76 44.20
CA ALA H 84 -1.83 29.46 45.28
C ALA H 84 -2.77 28.52 46.03
N ALA H 85 -3.59 27.79 45.29
CA ALA H 85 -4.59 26.90 45.90
C ALA H 85 -3.92 25.73 46.63
N ARG H 86 -2.77 25.28 46.15
CA ARG H 86 -2.07 24.17 46.78
C ARG H 86 -0.80 24.60 47.53
N LYS H 87 -0.76 25.82 48.05
CA LYS H 87 0.47 26.31 48.68
C LYS H 87 0.92 25.48 49.90
N GLU H 88 0.01 25.21 50.84
CA GLU H 88 0.35 24.42 52.02
C GLU H 88 1.00 23.10 51.64
N GLU H 89 0.33 22.35 50.77
CA GLU H 89 0.85 21.12 50.20
C GLU H 89 2.24 21.26 49.59
N ILE H 90 2.40 22.25 48.71
CA ILE H 90 3.68 22.46 48.01
C ILE H 90 4.78 22.94 48.98
N SER H 91 4.44 23.89 49.85
CA SER H 91 5.41 24.34 50.86
C SER H 91 5.84 23.20 51.79
N ASP H 92 4.91 22.31 52.14
CA ASP H 92 5.25 21.12 52.92
C ASP H 92 6.33 20.31 52.20
N VAL H 93 6.16 20.16 50.89
CA VAL H 93 7.09 19.35 50.11
C VAL H 93 8.48 19.98 50.07
N ILE H 94 8.52 21.28 49.85
CA ILE H 94 9.80 21.99 49.86
C ILE H 94 10.49 21.86 51.21
N THR H 95 9.75 22.15 52.27
CA THR H 95 10.32 22.16 53.61
C THR H 95 10.90 20.80 53.98
N LEU H 96 10.25 19.74 53.51
CA LEU H 96 10.65 18.37 53.83
C LEU H 96 11.87 17.85 53.07
N GLU H 97 12.24 18.49 51.97
CA GLU H 97 13.47 18.06 51.28
C GLU H 97 14.57 19.11 51.39
N LEU H 98 14.17 20.35 51.65
CA LEU H 98 15.16 21.41 51.83
C LEU H 98 15.41 21.73 53.32
N GLY H 99 14.36 21.82 54.12
CA GLY H 99 14.51 22.05 55.55
C GLY H 99 14.30 23.48 56.02
N ILE H 100 14.10 24.41 55.09
CA ILE H 100 13.78 25.79 55.44
C ILE H 100 12.42 25.85 56.12
N SER H 101 12.23 26.84 56.98
CA SER H 101 10.95 27.01 57.67
C SER H 101 9.77 27.08 56.69
N LYS H 102 8.60 26.63 57.13
CA LYS H 102 7.39 26.82 56.35
C LYS H 102 7.17 28.30 56.03
N ALA H 103 7.74 29.17 56.86
CA ALA H 103 7.67 30.60 56.61
C ALA H 103 8.32 30.92 55.28
N ASP H 104 9.53 30.41 55.09
CA ASP H 104 10.30 30.63 53.89
C ASP H 104 9.72 29.87 52.70
N SER H 105 9.23 28.66 52.94
CA SER H 105 8.74 27.83 51.84
C SER H 105 7.42 28.38 51.33
N LEU H 106 6.58 28.88 52.24
CA LEU H 106 5.37 29.57 51.80
C LEU H 106 5.69 30.83 51.00
N TYR H 107 6.74 31.53 51.39
CA TYR H 107 7.21 32.69 50.63
C TYR H 107 7.70 32.28 49.24
N GLU H 108 8.43 31.18 49.17
CA GLU H 108 8.95 30.73 47.88
C GLU H 108 7.83 30.37 46.89
N VAL H 109 6.76 29.76 47.40
CA VAL H 109 5.61 29.47 46.55
C VAL H 109 5.03 30.79 46.03
N GLY H 110 5.06 31.82 46.88
CA GLY H 110 4.66 33.15 46.45
C GLY H 110 5.53 33.65 45.30
N ARG H 111 6.82 33.34 45.36
CA ARG H 111 7.74 33.71 44.29
C ARG H 111 7.44 32.97 42.98
N ALA H 112 7.20 31.67 43.05
CA ALA H 112 6.82 30.89 41.87
C ALA H 112 5.48 31.38 41.32
N PHE H 113 4.56 31.74 42.20
CA PHE H 113 3.29 32.32 41.83
C PHE H 113 3.47 33.61 41.00
N ASP H 114 4.44 34.44 41.40
CA ASP H 114 4.78 35.65 40.67
C ASP H 114 5.42 35.30 39.33
N VAL H 115 6.34 34.36 39.37
CA VAL H 115 7.06 33.95 38.17
C VAL H 115 6.08 33.49 37.09
N PHE H 116 5.14 32.61 37.46
CA PHE H 116 4.17 32.13 36.49
C PHE H 116 3.16 33.20 36.06
N THR H 117 2.75 34.05 36.99
CA THR H 117 1.83 35.14 36.69
C THR H 117 2.45 36.11 35.69
N LEU H 118 3.68 36.52 35.96
CA LEU H 118 4.35 37.50 35.09
C LEU H 118 4.70 36.89 33.72
N ALA H 119 5.12 35.63 33.70
CA ALA H 119 5.39 34.97 32.45
C ALA H 119 4.11 34.86 31.62
N GLY H 120 3.03 34.45 32.27
CA GLY H 120 1.72 34.44 31.64
C GLY H 120 1.34 35.79 31.04
N GLN H 121 1.57 36.86 31.80
CA GLN H 121 1.15 38.18 31.37
C GLN H 121 2.05 38.73 30.26
N MET H 122 3.30 38.29 30.22
CA MET H 122 4.23 38.75 29.20
C MET H 122 3.96 38.10 27.85
N CYS H 123 3.16 37.04 27.84
CA CYS H 123 2.74 36.39 26.60
C CYS H 123 2.04 37.29 25.60
N ILE H 124 1.39 38.35 26.06
CA ILE H 124 0.68 39.23 25.13
C ILE H 124 1.60 40.23 24.45
N ARG H 125 2.89 40.20 24.80
CA ARG H 125 3.82 41.21 24.33
C ARG H 125 4.70 40.74 23.18
N ASP H 126 4.73 41.52 22.10
CA ASP H 126 5.58 41.23 20.96
C ASP H 126 6.60 42.36 20.90
N ASP H 127 7.88 42.04 21.08
CA ASP H 127 8.92 43.09 21.06
C ASP H 127 9.57 43.25 19.68
N GLY H 128 8.85 42.87 18.64
CA GLY H 128 9.33 43.07 17.28
C GLY H 128 9.64 44.54 16.97
N GLU H 129 10.62 44.77 16.11
CA GLU H 129 10.97 46.12 15.68
C GLU H 129 10.81 46.29 14.19
N ILE H 130 10.85 47.55 13.77
CA ILE H 130 10.78 47.89 12.37
C ILE H 130 11.89 48.90 12.06
N PHE H 131 12.64 48.66 11.00
CA PHE H 131 13.63 49.60 10.52
C PHE H 131 13.26 50.13 9.14
N SER H 132 13.50 51.40 8.91
CA SER H 132 13.40 51.95 7.57
C SER H 132 14.78 51.91 6.93
N CYS H 133 14.83 51.63 5.63
CA CYS H 133 16.11 51.38 4.99
C CYS H 133 16.65 52.50 4.13
N ASP H 134 15.93 53.62 4.05
CA ASP H 134 16.38 54.75 3.22
C ASP H 134 17.22 55.74 4.02
N LEU H 135 18.29 55.23 4.62
CA LEU H 135 18.99 55.93 5.70
C LEU H 135 20.31 56.58 5.28
N THR H 136 20.94 56.03 4.25
CA THR H 136 22.28 56.44 3.86
C THR H 136 22.39 56.50 2.34
N PRO H 137 23.59 56.81 1.81
CA PRO H 137 23.77 56.74 0.35
C PRO H 137 23.51 55.34 -0.22
N HIS H 138 23.69 54.30 0.59
CA HIS H 138 23.37 52.94 0.15
C HIS H 138 21.92 52.56 0.46
N GLY H 139 21.11 53.55 0.83
CA GLY H 139 19.74 53.31 1.29
C GLY H 139 18.81 52.71 0.23
N LYS H 140 17.81 51.97 0.69
CA LYS H 140 16.76 51.43 -0.17
C LYS H 140 15.36 51.73 0.37
N ALA H 141 14.38 51.79 -0.53
CA ALA H 141 12.98 51.97 -0.15
C ALA H 141 12.41 50.63 0.31
N ARG H 142 12.64 50.34 1.59
CA ARG H 142 12.40 49.02 2.18
C ARG H 142 12.20 49.15 3.65
N LYS H 143 11.55 48.16 4.21
CA LYS H 143 11.43 48.06 5.66
C LYS H 143 11.97 46.71 6.07
N ILE H 144 12.56 46.67 7.26
CA ILE H 144 13.02 45.43 7.88
C ILE H 144 12.16 45.22 9.12
N PHE H 145 11.69 43.99 9.31
CA PHE H 145 10.86 43.65 10.47
C PHE H 145 11.54 42.55 11.27
N THR H 146 11.27 42.47 12.57
CA THR H 146 11.87 41.35 13.32
C THR H 146 10.79 40.54 14.02
N MET H 147 11.10 39.28 14.29
CA MET H 147 10.19 38.43 15.02
C MET H 147 11.02 37.37 15.74
N ARG H 148 10.41 36.66 16.66
CA ARG H 148 11.10 35.62 17.40
C ARG H 148 10.59 34.21 17.07
N GLU H 149 11.48 33.24 17.10
CA GLU H 149 11.12 31.83 16.96
C GLU H 149 11.83 31.04 18.07
N PRO H 150 11.20 29.94 18.54
CA PRO H 150 11.76 29.05 19.58
C PRO H 150 12.93 28.18 19.11
N LEU H 151 13.58 27.52 20.05
CA LEU H 151 14.72 26.65 19.74
C LEU H 151 14.26 25.19 19.65
N THR H 152 15.20 24.29 19.40
CA THR H 152 14.88 22.87 19.28
C THR H 152 14.55 22.22 20.63
N ALA H 153 15.45 22.41 21.58
CA ALA H 153 15.26 21.90 22.94
C ALA H 153 16.09 22.71 23.93
N ILE H 154 15.55 22.89 25.12
CA ILE H 154 16.33 23.53 26.16
C ILE H 154 16.61 22.56 27.31
N SER H 155 17.80 22.67 27.88
CA SER H 155 18.18 21.84 29.02
C SER H 155 18.33 22.71 30.25
N ALA H 156 17.58 22.39 31.31
CA ALA H 156 17.59 23.17 32.55
C ALA H 156 18.12 22.35 33.73
N ILE H 157 19.09 22.91 34.44
CA ILE H 157 19.74 22.24 35.56
C ILE H 157 19.67 23.15 36.78
N THR H 158 18.93 22.69 37.80
CA THR H 158 18.63 23.54 38.94
C THR H 158 19.28 23.04 40.23
N PRO H 159 19.57 23.96 41.16
CA PRO H 159 20.19 23.74 42.45
C PRO H 159 19.17 23.59 43.58
N PHE H 160 19.63 23.39 44.82
CA PHE H 160 18.74 23.08 45.94
C PHE H 160 18.14 24.31 46.60
N ASN H 161 18.67 25.49 46.25
CA ASN H 161 18.23 26.80 46.77
C ASN H 161 16.75 27.00 46.90
N HIS H 162 16.09 26.89 45.74
CA HIS H 162 14.67 27.15 45.61
C HIS H 162 14.16 26.03 44.73
N PRO H 163 13.82 24.90 45.35
CA PRO H 163 13.37 23.70 44.62
C PRO H 163 12.20 24.03 43.70
N LEU H 164 11.39 25.01 44.08
CA LEU H 164 10.28 25.42 43.22
C LEU H 164 10.72 26.57 42.33
N ASN H 165 11.12 27.68 42.95
CA ASN H 165 11.33 28.91 42.20
C ASN H 165 12.40 28.83 41.11
N MET H 166 13.45 28.06 41.34
CA MET H 166 14.49 27.91 40.32
C MET H 166 13.99 27.14 39.10
N VAL H 167 13.14 26.15 39.33
CA VAL H 167 12.57 25.42 38.21
C VAL H 167 11.60 26.37 37.48
N ALA H 168 10.81 27.11 38.24
CA ALA H 168 9.82 28.02 37.66
C ALA H 168 10.46 29.03 36.71
N HIS H 169 11.62 29.57 37.10
CA HIS H 169 12.31 30.58 36.31
C HIS H 169 12.85 30.03 35.01
N LYS H 170 13.15 28.73 35.00
CA LYS H 170 13.69 28.12 33.79
C LYS H 170 12.58 27.54 32.90
N VAL H 171 11.47 27.12 33.51
CA VAL H 171 10.39 26.49 32.76
C VAL H 171 9.32 27.48 32.27
N ALA H 172 8.93 28.42 33.13
CA ALA H 172 7.89 29.37 32.73
C ALA H 172 8.22 30.09 31.41
N PRO H 173 9.47 30.59 31.26
CA PRO H 173 9.85 31.32 30.05
C PRO H 173 9.94 30.40 28.83
N ALA H 174 10.27 29.13 29.04
CA ALA H 174 10.30 28.17 27.92
C ALA H 174 8.88 27.94 27.39
N ILE H 175 7.93 27.73 28.30
CA ILE H 175 6.54 27.57 27.91
C ILE H 175 6.02 28.79 27.16
N ALA H 176 6.28 29.98 27.72
CA ALA H 176 5.84 31.24 27.14
C ALA H 176 6.32 31.47 25.71
N THR H 177 7.36 30.76 25.30
CA THR H 177 7.98 30.98 24.01
C THR H 177 7.93 29.75 23.09
N ASN H 178 7.03 28.81 23.40
CA ASN H 178 6.87 27.58 22.61
C ASN H 178 8.14 26.75 22.46
N ASN H 179 8.90 26.66 23.55
CA ASN H 179 10.10 25.81 23.55
C ASN H 179 9.79 24.51 24.22
N CYS H 180 10.69 23.55 24.09
CA CYS H 180 10.55 22.27 24.77
C CYS H 180 11.72 22.06 25.74
N VAL H 181 11.41 21.82 27.02
CA VAL H 181 12.49 21.79 28.00
C VAL H 181 12.55 20.48 28.80
N VAL H 182 13.77 20.05 29.12
CA VAL H 182 13.98 18.93 30.03
C VAL H 182 14.78 19.42 31.22
N VAL H 183 14.21 19.28 32.42
CA VAL H 183 14.80 19.74 33.66
C VAL H 183 15.41 18.55 34.43
N LYS H 184 16.64 18.73 34.94
CA LYS H 184 17.22 17.76 35.88
C LYS H 184 17.52 18.47 37.19
N PRO H 185 16.57 18.42 38.13
CA PRO H 185 16.71 19.11 39.40
C PRO H 185 17.80 18.43 40.21
N THR H 186 18.34 19.14 41.19
CA THR H 186 19.35 18.54 42.05
C THR H 186 18.78 17.28 42.70
N GLU H 187 19.62 16.26 42.85
CA GLU H 187 19.22 15.05 43.55
C GLU H 187 18.88 15.30 45.02
N LEU H 188 19.21 16.48 45.53
CA LEU H 188 18.94 16.76 46.94
C LEU H 188 17.49 17.21 47.16
N THR H 189 16.91 17.83 46.14
CA THR H 189 15.56 18.38 46.26
C THR H 189 14.79 18.21 44.94
N PRO H 190 14.48 16.97 44.56
CA PRO H 190 13.86 16.73 43.24
C PRO H 190 12.33 16.67 43.30
N MET H 191 11.78 16.41 44.48
CA MET H 191 10.35 16.14 44.55
C MET H 191 9.48 17.35 44.21
N THR H 192 9.95 18.55 44.57
CA THR H 192 9.21 19.77 44.27
C THR H 192 9.10 19.94 42.75
N ALA H 193 10.15 19.55 42.05
CA ALA H 193 10.19 19.64 40.60
C ALA H 193 9.12 18.71 40.00
N LEU H 194 9.11 17.47 40.48
CA LEU H 194 8.16 16.48 40.03
C LEU H 194 6.73 16.96 40.24
N LEU H 195 6.49 17.53 41.42
CA LEU H 195 5.18 18.07 41.73
C LEU H 195 4.82 19.21 40.76
N LEU H 196 5.81 20.01 40.36
CA LEU H 196 5.55 21.13 39.46
C LEU H 196 5.14 20.65 38.06
N ALA H 197 5.89 19.70 37.51
CA ALA H 197 5.48 19.02 36.29
C ALA H 197 4.01 18.57 36.33
N ASP H 198 3.64 17.86 37.39
CA ASP H 198 2.29 17.32 37.50
C ASP H 198 1.30 18.46 37.34
N ILE H 199 1.60 19.55 38.05
CA ILE H 199 0.70 20.69 38.07
C ILE H 199 0.58 21.27 36.68
N LEU H 200 1.71 21.34 35.98
CA LEU H 200 1.77 21.89 34.62
C LEU H 200 0.96 21.03 33.67
N TYR H 201 1.10 19.71 33.76
CA TYR H 201 0.31 18.82 32.94
C TYR H 201 -1.18 19.03 33.17
N GLU H 202 -1.58 19.10 34.44
CA GLU H 202 -2.98 19.30 34.80
C GLU H 202 -3.50 20.67 34.33
N ALA H 203 -2.59 21.63 34.28
CA ALA H 203 -2.91 22.99 33.84
C ALA H 203 -3.09 23.07 32.32
N GLY H 204 -2.76 21.99 31.62
CA GLY H 204 -3.05 21.90 30.19
C GLY H 204 -1.82 21.91 29.30
N LEU H 205 -0.63 21.83 29.90
CA LEU H 205 0.58 21.84 29.10
C LEU H 205 0.71 20.60 28.23
N PRO H 206 0.92 20.78 26.91
CA PRO H 206 1.27 19.63 26.06
C PRO H 206 2.47 18.91 26.66
N PRO H 207 2.28 17.63 27.04
CA PRO H 207 3.29 16.96 27.87
C PRO H 207 4.67 16.91 27.23
N GLU H 208 4.73 16.87 25.91
CA GLU H 208 6.03 16.84 25.23
C GLU H 208 6.85 18.10 25.50
N MET H 209 6.21 19.15 25.99
CA MET H 209 6.92 20.41 26.21
C MET H 209 7.72 20.40 27.52
N LEU H 210 7.48 19.40 28.37
CA LEU H 210 8.21 19.32 29.63
C LEU H 210 8.52 17.89 30.06
N SER H 211 9.76 17.68 30.49
CA SER H 211 10.16 16.46 31.18
C SER H 211 11.00 16.83 32.39
N VAL H 212 10.76 16.13 33.51
CA VAL H 212 11.63 16.24 34.66
C VAL H 212 12.23 14.87 34.87
N VAL H 213 13.54 14.77 34.65
CA VAL H 213 14.25 13.54 34.90
C VAL H 213 15.09 13.69 36.17
N THR H 214 15.42 12.58 36.82
CA THR H 214 16.21 12.62 38.05
C THR H 214 17.29 11.56 38.03
N GLY H 215 18.41 11.84 38.70
CA GLY H 215 19.49 10.89 38.84
C GLY H 215 20.71 11.46 39.54
N TRP H 216 21.74 10.64 39.71
CA TRP H 216 23.01 11.12 40.24
C TRP H 216 23.73 11.86 39.12
N PRO H 217 24.50 12.90 39.48
CA PRO H 217 25.27 13.63 38.46
C PRO H 217 26.04 12.68 37.56
N ALA H 218 26.58 11.62 38.15
CA ALA H 218 27.44 10.67 37.46
C ALA H 218 26.75 9.94 36.31
N ASP H 219 25.46 9.68 36.48
CA ASP H 219 24.72 8.91 35.51
C ASP H 219 24.13 9.80 34.44
N ILE H 220 23.43 10.84 34.88
CA ILE H 220 22.56 11.59 33.98
C ILE H 220 23.06 13.00 33.68
N GLY H 221 23.99 13.49 34.50
CA GLY H 221 24.47 14.86 34.36
C GLY H 221 25.06 15.21 33.00
N MET H 222 25.92 14.36 32.47
CA MET H 222 26.62 14.67 31.23
C MET H 222 25.65 14.82 30.06
N GLU H 223 24.67 13.92 29.97
CA GLU H 223 23.74 13.92 28.86
C GLU H 223 23.02 15.27 28.78
N MET H 224 22.67 15.81 29.95
CA MET H 224 22.01 17.11 30.04
C MET H 224 22.83 18.23 29.36
N ILE H 225 24.14 18.03 29.25
CA ILE H 225 25.06 19.04 28.70
C ILE H 225 25.45 18.78 27.25
N THR H 226 25.39 17.53 26.83
CA THR H 226 25.94 17.15 25.54
C THR H 226 24.93 16.64 24.51
N ASN H 227 23.71 16.36 24.94
CA ASN H 227 22.70 15.87 23.99
C ASN H 227 22.64 16.73 22.74
N PRO H 228 22.73 16.09 21.57
CA PRO H 228 22.81 16.84 20.30
C PRO H 228 21.58 17.69 19.96
N HIS H 229 20.42 17.44 20.56
CA HIS H 229 19.25 18.26 20.26
C HIS H 229 19.23 19.59 21.03
N VAL H 230 20.02 19.66 22.09
CA VAL H 230 20.02 20.84 22.95
C VAL H 230 20.65 22.08 22.26
N ASP H 231 19.84 23.12 22.10
CA ASP H 231 20.33 24.40 21.58
C ASP H 231 20.90 25.29 22.67
N LEU H 232 20.38 25.12 23.88
CA LEU H 232 20.74 26.00 24.98
C LEU H 232 20.76 25.27 26.31
N VAL H 233 21.81 25.51 27.08
CA VAL H 233 21.86 25.03 28.45
C VAL H 233 21.68 26.20 29.40
N THR H 234 20.66 26.13 30.25
CA THR H 234 20.50 27.14 31.31
C THR H 234 20.72 26.48 32.67
N PHE H 235 21.68 27.03 33.43
CA PHE H 235 22.16 26.43 34.68
C PHE H 235 22.30 27.46 35.81
N THR H 236 21.85 27.08 37.01
CA THR H 236 22.15 27.82 38.23
C THR H 236 22.84 26.86 39.21
N GLY H 237 24.01 27.25 39.71
CA GLY H 237 24.73 26.42 40.67
C GLY H 237 26.09 26.98 41.04
N SER H 238 27.03 26.09 41.32
CA SER H 238 28.35 26.50 41.81
C SER H 238 29.29 26.81 40.66
N VAL H 239 30.32 27.60 40.96
CA VAL H 239 31.33 27.95 39.98
C VAL H 239 32.01 26.74 39.34
N PRO H 240 32.41 25.74 40.15
CA PRO H 240 33.10 24.59 39.55
C PRO H 240 32.22 23.81 38.59
N VAL H 241 30.96 23.57 38.95
CA VAL H 241 30.04 22.91 38.04
C VAL H 241 29.77 23.81 36.81
N GLY H 242 29.62 25.10 37.05
CA GLY H 242 29.51 26.07 35.96
C GLY H 242 30.61 25.91 34.92
N LYS H 243 31.86 25.87 35.37
CA LYS H 243 32.98 25.69 34.45
C LYS H 243 32.96 24.31 33.79
N LEU H 244 32.58 23.30 34.56
CA LEU H 244 32.37 21.95 34.04
C LEU H 244 31.41 21.98 32.84
N ILE H 245 30.28 22.64 33.02
CA ILE H 245 29.30 22.79 31.95
C ILE H 245 29.86 23.52 30.73
N ALA H 246 30.50 24.66 30.97
CA ALA H 246 31.07 25.47 29.89
C ALA H 246 32.09 24.67 29.09
N ALA H 247 32.88 23.86 29.79
CA ALA H 247 33.92 23.07 29.13
C ALA H 247 33.33 21.98 28.24
N ASN H 248 32.15 21.50 28.60
CA ASN H 248 31.55 20.38 27.89
C ASN H 248 30.48 20.78 26.86
N ALA H 249 29.73 21.84 27.17
CA ALA H 249 28.66 22.30 26.28
C ALA H 249 29.25 23.20 25.21
N HIS H 250 30.33 22.73 24.62
CA HIS H 250 31.16 23.50 23.71
C HIS H 250 30.45 24.43 22.74
N TYR H 251 29.59 23.87 21.90
CA TYR H 251 29.01 24.63 20.79
C TYR H 251 27.56 25.05 21.03
N LYS H 252 27.15 25.07 22.30
CA LYS H 252 25.79 25.37 22.67
C LYS H 252 25.72 26.70 23.40
N ARG H 253 24.62 27.42 23.23
CA ARG H 253 24.42 28.63 24.01
C ARG H 253 24.24 28.23 25.46
N GLN H 254 24.78 29.04 26.36
CA GLN H 254 24.67 28.79 27.79
C GLN H 254 24.26 30.06 28.56
N VAL H 255 23.40 29.88 29.54
CA VAL H 255 23.15 30.92 30.52
C VAL H 255 23.54 30.39 31.90
N LEU H 256 24.65 30.89 32.45
CA LEU H 256 25.19 30.40 33.70
C LEU H 256 25.01 31.39 34.84
N GLU H 257 24.31 30.97 35.88
CA GLU H 257 24.12 31.77 37.06
C GLU H 257 24.88 31.16 38.20
N LEU H 258 26.00 31.73 38.55
CA LEU H 258 26.89 31.12 39.51
C LEU H 258 26.80 31.84 40.86
N GLY H 259 27.77 31.61 41.74
CA GLY H 259 27.68 32.21 43.07
C GLY H 259 27.55 33.73 43.15
N GLY H 260 27.24 34.20 44.37
CA GLY H 260 27.37 35.61 44.72
C GLY H 260 28.06 35.75 46.07
N ASN H 261 28.66 36.90 46.32
CA ASN H 261 29.21 37.21 47.64
C ASN H 261 28.87 38.65 47.95
N ASP H 262 27.60 38.87 48.30
CA ASP H 262 26.98 40.18 48.19
C ASP H 262 26.98 40.99 49.48
N PRO H 263 27.38 42.26 49.37
CA PRO H 263 27.52 43.17 50.51
C PRO H 263 26.26 43.97 50.83
N LEU H 264 25.98 44.15 52.12
CA LEU H 264 25.09 45.22 52.55
C LEU H 264 26.01 46.28 53.18
N ILE H 265 26.04 47.45 52.56
CA ILE H 265 26.95 48.51 52.98
C ILE H 265 26.21 49.57 53.80
N ILE H 266 26.74 49.88 54.98
CA ILE H 266 26.12 50.83 55.89
C ILE H 266 26.99 52.09 55.98
N LEU H 267 26.50 53.21 55.46
CA LEU H 267 27.31 54.43 55.39
C LEU H 267 27.19 55.28 56.67
N ASN H 268 28.22 56.06 56.98
CA ASN H 268 28.28 56.80 58.23
C ASN H 268 27.36 58.03 58.36
N ASP H 269 26.48 58.26 57.38
CA ASP H 269 25.60 59.42 57.46
C ASP H 269 24.32 59.13 58.23
N LEU H 270 24.07 57.86 58.53
CA LEU H 270 22.76 57.44 59.05
C LEU H 270 22.47 57.82 60.50
N SER H 271 21.24 58.27 60.76
CA SER H 271 20.76 58.50 62.11
C SER H 271 20.61 57.17 62.85
N ASP H 272 20.27 57.24 64.14
CA ASP H 272 20.08 56.02 64.92
C ASP H 272 18.84 55.25 64.47
N ASP H 273 17.75 55.97 64.20
CA ASP H 273 16.54 55.36 63.67
C ASP H 273 16.86 54.63 62.36
N ASP H 274 17.65 55.27 61.52
CA ASP H 274 18.04 54.68 60.25
C ASP H 274 18.91 53.46 60.46
N LEU H 275 19.84 53.53 61.40
CA LEU H 275 20.73 52.40 61.69
C LEU H 275 19.90 51.19 62.16
N ALA H 276 18.78 51.45 62.82
CA ALA H 276 17.87 50.40 63.26
C ALA H 276 17.16 49.75 62.05
N ARG H 277 16.80 50.57 61.07
CA ARG H 277 16.20 50.09 59.83
C ARG H 277 17.20 49.25 59.06
N ALA H 278 18.44 49.73 59.01
CA ALA H 278 19.50 49.03 58.27
C ALA H 278 19.83 47.68 58.91
N ALA H 279 19.64 47.62 60.22
CA ALA H 279 19.86 46.40 60.98
C ALA H 279 18.76 45.41 60.68
N ASP H 280 17.53 45.90 60.54
CA ASP H 280 16.44 45.06 60.09
C ASP H 280 16.80 44.42 58.74
N LEU H 281 17.31 45.23 57.81
CA LEU H 281 17.70 44.73 56.49
C LEU H 281 18.84 43.73 56.60
N ALA H 282 19.79 44.06 57.48
CA ALA H 282 20.98 43.22 57.64
C ALA H 282 20.61 41.82 58.12
N VAL H 283 19.70 41.76 59.09
CA VAL H 283 19.30 40.47 59.67
C VAL H 283 18.47 39.66 58.67
N ALA H 284 17.50 40.30 58.04
CA ALA H 284 16.69 39.62 57.04
C ALA H 284 17.54 39.11 55.86
N GLY H 285 18.38 39.98 55.33
CA GLY H 285 19.19 39.65 54.17
C GLY H 285 20.18 38.54 54.39
N ALA H 286 20.68 38.43 55.62
CA ALA H 286 21.62 37.37 55.94
C ALA H 286 20.92 36.05 56.29
N THR H 287 19.68 36.14 56.77
CA THR H 287 19.00 34.97 57.34
C THR H 287 17.85 34.35 56.51
N LYS H 288 17.21 35.13 55.65
CA LYS H 288 16.11 34.63 54.81
C LYS H 288 16.53 33.39 54.00
N ASN H 289 15.63 32.42 53.87
CA ASN H 289 15.96 31.15 53.23
C ASN H 289 17.13 30.45 53.88
N SER H 290 17.31 30.66 55.18
CA SER H 290 18.44 30.09 55.90
C SER H 290 19.77 30.53 55.28
N GLY H 291 19.78 31.76 54.77
CA GLY H 291 20.98 32.34 54.19
C GLY H 291 21.37 31.72 52.88
N GLN H 292 20.50 30.91 52.29
CA GLN H 292 20.85 30.16 51.09
C GLN H 292 20.40 30.84 49.79
N ARG H 293 20.88 32.05 49.55
CA ARG H 293 20.63 32.77 48.29
C ARG H 293 21.95 33.18 47.64
N CYS H 294 22.03 33.03 46.33
CA CYS H 294 23.18 33.53 45.59
C CYS H 294 23.37 35.00 45.92
N THR H 295 22.29 35.66 46.35
CA THR H 295 22.27 37.09 46.64
C THR H 295 22.10 37.41 48.12
N ALA H 296 22.35 36.43 48.98
CA ALA H 296 22.17 36.65 50.41
C ALA H 296 23.20 37.67 50.90
N VAL H 297 22.91 38.34 52.00
CA VAL H 297 23.95 39.18 52.61
C VAL H 297 25.01 38.28 53.23
N LYS H 298 26.18 38.25 52.61
CA LYS H 298 27.31 37.48 53.10
C LYS H 298 28.39 38.37 53.73
N ARG H 299 28.25 39.68 53.56
CA ARG H 299 29.16 40.67 54.14
C ARG H 299 28.42 41.95 54.53
N ILE H 300 28.33 42.23 55.82
CA ILE H 300 27.78 43.50 56.28
C ILE H 300 28.90 44.49 56.49
N LEU H 301 29.04 45.43 55.55
CA LEU H 301 30.16 46.37 55.56
C LEU H 301 29.77 47.67 56.23
N CYS H 302 30.16 47.82 57.49
CA CYS H 302 29.73 48.95 58.30
C CYS H 302 30.87 49.92 58.54
N GLN H 303 30.76 51.13 58.00
CA GLN H 303 31.79 52.15 58.21
C GLN H 303 32.06 52.35 59.72
N GLU H 304 33.34 52.41 60.07
CA GLU H 304 33.79 52.42 61.47
C GLU H 304 32.98 53.30 62.41
N SER H 305 32.78 54.55 62.03
CA SER H 305 32.20 55.54 62.94
C SER H 305 30.75 55.27 63.36
N VAL H 306 30.04 54.39 62.66
CA VAL H 306 28.68 54.06 63.07
C VAL H 306 28.55 52.65 63.64
N ALA H 307 29.61 51.86 63.48
CA ALA H 307 29.64 50.46 63.91
C ALA H 307 29.16 50.24 65.34
N ASP H 308 29.70 51.02 66.28
CA ASP H 308 29.38 50.80 67.69
C ASP H 308 27.89 50.98 68.00
N ARG H 309 27.20 51.82 67.22
CA ARG H 309 25.76 52.00 67.38
C ARG H 309 24.99 50.95 66.58
N PHE H 310 25.60 50.46 65.51
CA PHE H 310 24.92 49.58 64.57
C PHE H 310 24.82 48.14 65.06
N VAL H 311 25.94 47.58 65.49
CA VAL H 311 26.01 46.19 65.92
C VAL H 311 25.05 45.82 67.06
N PRO H 312 24.97 46.65 68.10
CA PRO H 312 24.02 46.32 69.17
C PRO H 312 22.60 46.17 68.65
N LEU H 313 22.23 46.99 67.67
CA LEU H 313 20.89 46.91 67.08
C LEU H 313 20.74 45.62 66.28
N VAL H 314 21.83 45.15 65.68
CA VAL H 314 21.85 43.90 64.93
C VAL H 314 21.67 42.70 65.86
N LEU H 315 22.49 42.65 66.91
CA LEU H 315 22.38 41.60 67.93
C LEU H 315 20.94 41.52 68.45
N GLU H 316 20.43 42.66 68.89
CA GLU H 316 19.07 42.77 69.41
C GLU H 316 18.06 42.06 68.49
N ARG H 317 18.22 42.26 67.18
CA ARG H 317 17.28 41.73 66.21
C ARG H 317 17.50 40.24 65.93
N ALA H 318 18.74 39.84 65.74
CA ALA H 318 19.05 38.44 65.49
C ALA H 318 18.56 37.53 66.62
N LYS H 319 18.60 38.03 67.85
CA LYS H 319 18.13 37.27 69.00
C LYS H 319 16.60 37.22 69.06
N ARG H 320 15.93 38.08 68.31
CA ARG H 320 14.48 38.01 68.20
C ARG H 320 14.06 36.78 67.38
N LEU H 321 14.97 36.30 66.52
CA LEU H 321 14.64 35.23 65.58
C LEU H 321 14.35 33.89 66.29
N ARG H 322 13.28 33.23 65.88
CA ARG H 322 12.99 31.88 66.37
C ARG H 322 13.50 30.85 65.37
N PHE H 323 14.48 30.05 65.80
CA PHE H 323 15.06 28.97 64.97
C PHE H 323 14.77 27.58 65.58
N GLY H 324 14.37 26.63 64.73
CA GLY H 324 13.94 25.33 65.20
C GLY H 324 13.11 24.57 64.17
N ASP H 325 12.21 23.72 64.63
CA ASP H 325 11.41 22.84 63.77
C ASP H 325 10.78 23.62 62.60
N PRO H 326 11.30 23.40 61.38
CA PRO H 326 10.80 24.08 60.17
C PRO H 326 9.30 23.88 59.93
N MET H 327 8.73 22.77 60.42
CA MET H 327 7.32 22.53 60.22
C MET H 327 6.49 23.30 61.23
N ASP H 328 7.17 23.98 62.16
CA ASP H 328 6.46 24.84 63.10
C ASP H 328 6.18 26.21 62.46
N ARG H 329 4.91 26.58 62.41
CA ARG H 329 4.50 27.85 61.81
C ARG H 329 5.02 29.07 62.58
N SER H 330 5.49 28.86 63.80
CA SER H 330 6.06 29.93 64.61
C SER H 330 7.53 30.14 64.30
N THR H 331 8.15 29.17 63.65
CA THR H 331 9.58 29.23 63.31
C THR H 331 9.88 30.24 62.21
N ASP H 332 10.89 31.06 62.44
CA ASP H 332 11.38 31.99 61.43
C ASP H 332 12.45 31.32 60.59
N LEU H 333 13.39 30.66 61.25
CA LEU H 333 14.55 30.12 60.57
C LEU H 333 14.62 28.61 60.74
N GLY H 334 14.58 27.92 59.62
CA GLY H 334 14.76 26.48 59.60
C GLY H 334 16.23 26.13 59.42
N THR H 335 16.50 24.96 58.86
CA THR H 335 17.85 24.43 58.72
C THR H 335 18.48 24.85 57.40
N VAL H 336 19.77 24.53 57.27
CA VAL H 336 20.39 24.51 55.96
C VAL H 336 20.29 23.13 55.32
N ILE H 337 20.86 23.01 54.12
CA ILE H 337 20.69 21.84 53.27
C ILE H 337 21.07 20.54 53.99
N HIS H 338 22.12 20.60 54.80
CA HIS H 338 22.56 19.40 55.52
C HIS H 338 23.58 19.71 56.61
N GLU H 339 23.88 18.71 57.43
CA GLU H 339 24.79 18.91 58.56
C GLU H 339 26.22 19.25 58.14
N LYS H 340 26.74 18.64 57.08
CA LYS H 340 28.11 18.95 56.67
C LYS H 340 28.26 20.44 56.40
N ALA H 341 27.28 21.02 55.71
CA ALA H 341 27.32 22.46 55.44
C ALA H 341 27.22 23.22 56.76
N ALA H 342 26.31 22.78 57.61
CA ALA H 342 26.07 23.43 58.89
C ALA H 342 27.36 23.53 59.69
N ALA H 343 28.07 22.42 59.83
CA ALA H 343 29.25 22.41 60.68
C ALA H 343 30.41 23.15 60.01
N LEU H 344 30.46 23.13 58.67
CA LEU H 344 31.51 23.85 57.96
C LEU H 344 31.37 25.37 58.12
N PHE H 345 30.15 25.87 58.03
CA PHE H 345 29.89 27.29 58.29
C PHE H 345 30.26 27.66 59.74
N GLU H 346 29.86 26.83 60.70
CA GLU H 346 30.25 27.04 62.09
C GLU H 346 31.77 27.07 62.21
N GLU H 347 32.42 26.22 61.42
CA GLU H 347 33.88 26.19 61.34
C GLU H 347 34.47 27.56 61.05
N ARG H 348 34.06 28.12 59.93
CA ARG H 348 34.56 29.41 59.48
C ARG H 348 34.38 30.47 60.55
N VAL H 349 33.23 30.43 61.23
CA VAL H 349 32.98 31.35 62.32
C VAL H 349 34.07 31.25 63.38
N MET H 350 34.35 30.02 63.83
CA MET H 350 35.36 29.77 64.85
C MET H 350 36.73 30.21 64.37
N ARG H 351 37.04 29.93 63.12
CA ARG H 351 38.33 30.26 62.56
C ARG H 351 38.43 31.77 62.43
N ALA H 352 37.30 32.40 62.12
CA ALA H 352 37.25 33.87 62.09
C ALA H 352 37.63 34.45 63.47
N ALA H 353 37.02 33.92 64.53
CA ALA H 353 37.26 34.42 65.89
C ALA H 353 38.74 34.28 66.29
N GLU H 354 39.34 33.14 65.94
CA GLU H 354 40.78 32.94 66.15
C GLU H 354 41.59 34.02 65.45
N GLU H 355 40.96 34.68 64.48
CA GLU H 355 41.66 35.66 63.66
C GLU H 355 41.34 37.10 64.07
N GLY H 356 40.62 37.26 65.17
CA GLY H 356 40.32 38.58 65.68
C GLY H 356 38.84 38.89 65.83
N ALA H 357 37.99 38.05 65.24
CA ALA H 357 36.56 38.32 65.24
C ALA H 357 35.92 38.18 66.62
N ASP H 358 34.73 38.75 66.75
CA ASP H 358 34.05 38.89 68.02
C ASP H 358 32.66 38.27 67.92
N ILE H 359 32.53 37.03 68.39
CA ILE H 359 31.25 36.34 68.31
C ILE H 359 30.31 36.85 69.39
N LEU H 360 29.21 37.48 68.97
CA LEU H 360 28.32 38.13 69.92
C LEU H 360 27.11 37.29 70.29
N TYR H 361 26.76 36.32 69.44
CA TYR H 361 25.60 35.46 69.66
C TYR H 361 25.84 34.15 68.97
N HIS H 362 25.73 33.06 69.73
CA HIS H 362 26.04 31.71 69.23
C HIS H 362 25.39 30.66 70.15
N PRO H 363 24.09 30.42 69.95
CA PRO H 363 23.26 29.51 70.75
C PRO H 363 23.63 28.03 70.57
N GLY H 364 24.41 27.71 69.55
CA GLY H 364 24.81 26.33 69.36
C GLY H 364 24.06 25.65 68.23
N ARG H 365 24.83 24.94 67.39
CA ARG H 365 24.30 24.25 66.23
C ARG H 365 23.45 23.06 66.66
N SER H 366 22.40 22.75 65.89
CA SER H 366 21.60 21.55 66.09
C SER H 366 21.56 20.70 64.82
N GLY H 367 22.63 19.97 64.57
CA GLY H 367 22.77 19.19 63.34
C GLY H 367 22.84 20.06 62.10
N ALA H 368 21.74 20.10 61.35
CA ALA H 368 21.62 20.96 60.18
C ALA H 368 21.11 22.37 60.54
N LEU H 369 20.69 22.54 61.78
CA LEU H 369 20.10 23.83 62.16
C LEU H 369 21.18 24.76 62.68
N LEU H 370 21.45 25.83 61.94
CA LEU H 370 22.31 26.92 62.40
C LEU H 370 21.47 28.06 62.93
N PRO H 371 21.80 28.52 64.15
CA PRO H 371 21.15 29.74 64.63
C PRO H 371 21.73 30.89 63.82
N PRO H 372 21.09 32.06 63.88
CA PRO H 372 21.62 33.26 63.22
C PRO H 372 22.82 33.82 63.99
N ILE H 373 23.99 33.23 63.79
CA ILE H 373 25.19 33.62 64.51
C ILE H 373 25.61 35.03 64.15
N VAL H 374 25.77 35.89 65.15
CA VAL H 374 26.22 37.27 64.91
C VAL H 374 27.71 37.38 65.22
N VAL H 375 28.49 37.80 64.22
CA VAL H 375 29.92 38.00 64.39
C VAL H 375 30.29 39.44 64.05
N ASP H 376 31.14 40.04 64.88
CA ASP H 376 31.59 41.41 64.68
C ASP H 376 33.09 41.41 64.39
N ARG H 377 33.60 42.54 63.93
CA ARG H 377 35.03 42.70 63.64
C ARG H 377 35.54 41.54 62.82
N VAL H 378 34.76 41.10 61.85
CA VAL H 378 35.18 40.04 60.95
C VAL H 378 36.24 40.57 60.00
N PRO H 379 37.41 39.92 59.95
CA PRO H 379 38.44 40.30 58.97
C PRO H 379 37.92 39.99 57.59
N HIS H 380 38.14 40.89 56.63
CA HIS H 380 37.59 40.62 55.30
C HIS H 380 38.37 39.53 54.57
N GLN H 381 39.52 39.16 55.12
CA GLN H 381 40.34 38.13 54.49
C GLN H 381 39.95 36.73 54.94
N SER H 382 39.10 36.64 55.96
CA SER H 382 38.74 35.35 56.53
C SER H 382 37.91 34.52 55.57
N ASP H 383 37.95 33.21 55.75
CA ASP H 383 37.15 32.31 54.93
C ASP H 383 35.67 32.58 55.14
N LEU H 384 35.30 33.01 56.34
CA LEU H 384 33.90 33.33 56.61
C LEU H 384 33.37 34.23 55.49
N VAL H 385 34.12 35.27 55.18
CA VAL H 385 33.71 36.27 54.20
C VAL H 385 34.27 35.99 52.81
N LEU H 386 35.59 36.00 52.71
CA LEU H 386 36.31 35.91 51.43
C LEU H 386 35.88 34.69 50.62
N GLU H 387 35.04 33.86 51.22
CA GLU H 387 34.43 32.76 50.49
C GLU H 387 32.92 32.89 50.48
N GLU H 388 32.25 31.97 49.80
CA GLU H 388 30.80 31.93 49.79
C GLU H 388 30.31 31.05 50.93
N THR H 389 29.84 31.67 52.00
CA THR H 389 29.31 30.96 53.15
C THR H 389 27.79 30.98 53.10
N PHE H 390 27.22 29.83 52.76
CA PHE H 390 25.81 29.70 52.39
C PHE H 390 24.89 29.43 53.58
N GLY H 391 25.08 30.16 54.68
CA GLY H 391 24.33 29.93 55.90
C GLY H 391 23.84 31.22 56.54
N PRO H 392 23.04 31.12 57.59
CA PRO H 392 22.46 32.33 58.19
C PRO H 392 23.40 33.07 59.15
N ILE H 393 24.70 33.05 58.90
CA ILE H 393 25.62 33.87 59.69
C ILE H 393 25.45 35.35 59.38
N ILE H 394 25.57 36.17 60.41
CA ILE H 394 25.44 37.62 60.28
C ILE H 394 26.79 38.26 60.57
N PRO H 395 27.68 38.31 59.57
CA PRO H 395 29.07 38.76 59.74
C PRO H 395 29.26 40.23 59.43
N ILE H 396 29.68 40.99 60.43
CA ILE H 396 29.87 42.42 60.29
C ILE H 396 31.34 42.74 60.16
N VAL H 397 31.72 43.25 59.00
CA VAL H 397 33.08 43.69 58.74
C VAL H 397 33.10 45.20 58.91
N ARG H 398 34.01 45.70 59.75
CA ARG H 398 34.12 47.14 59.96
C ARG H 398 34.99 47.72 58.86
N VAL H 399 34.55 48.83 58.27
CA VAL H 399 35.27 49.41 57.14
C VAL H 399 35.57 50.90 57.36
N PRO H 400 36.59 51.43 56.66
CA PRO H 400 37.02 52.82 56.83
C PRO H 400 35.90 53.81 56.50
N ASP H 401 35.89 54.95 57.20
CA ASP H 401 34.99 56.04 56.85
C ASP H 401 35.55 56.76 55.63
N ASP H 402 35.64 56.01 54.54
CA ASP H 402 36.15 56.50 53.29
C ASP H 402 35.48 55.70 52.19
N ASP H 403 34.79 56.37 51.28
CA ASP H 403 33.99 55.66 50.28
C ASP H 403 34.85 54.95 49.23
N ASP H 404 35.96 55.57 48.84
CA ASP H 404 36.83 54.95 47.85
C ASP H 404 37.39 53.62 48.36
N ALA H 405 37.70 53.58 49.65
CA ALA H 405 38.21 52.36 50.26
C ALA H 405 37.09 51.34 50.47
N THR H 406 35.90 51.81 50.82
CA THR H 406 34.78 50.91 51.05
C THR H 406 34.41 50.22 49.73
N ILE H 407 34.46 50.98 48.64
CA ILE H 407 34.14 50.48 47.32
C ILE H 407 35.20 49.52 46.78
N THR H 408 36.46 49.85 46.98
CA THR H 408 37.54 48.95 46.58
C THR H 408 37.45 47.61 47.30
N LEU H 409 37.08 47.66 48.57
CA LEU H 409 36.98 46.47 49.39
C LEU H 409 35.75 45.62 49.00
N SER H 410 34.59 46.25 48.91
CA SER H 410 33.38 45.61 48.41
C SER H 410 33.68 44.84 47.12
N ASN H 411 34.46 45.48 46.25
CA ASN H 411 34.80 44.97 44.94
C ASN H 411 35.94 43.96 44.92
N SER H 412 36.46 43.57 46.08
CA SER H 412 37.71 42.80 46.11
C SER H 412 37.57 41.28 45.95
N THR H 413 36.34 40.77 45.86
CA THR H 413 36.14 39.33 45.68
C THR H 413 36.08 38.92 44.21
N ALA H 414 35.92 37.63 43.96
CA ALA H 414 35.90 37.13 42.60
C ALA H 414 34.50 37.22 42.03
N PHE H 415 33.57 37.69 42.85
CA PHE H 415 32.16 37.71 42.47
C PHE H 415 31.66 39.13 42.19
N GLY H 416 30.46 39.23 41.64
CA GLY H 416 29.84 40.51 41.38
C GLY H 416 28.39 40.35 40.95
N LEU H 417 27.52 40.12 41.92
CA LEU H 417 26.14 39.80 41.59
C LEU H 417 25.24 40.97 42.00
N SER H 418 24.86 41.03 43.26
CA SER H 418 24.09 42.17 43.73
C SER H 418 24.75 42.87 44.93
N SER H 419 24.03 43.81 45.53
CA SER H 419 24.55 44.62 46.62
C SER H 419 23.43 45.47 47.15
N GLY H 420 23.57 45.92 48.40
CA GLY H 420 22.62 46.84 49.00
C GLY H 420 23.42 47.94 49.68
N VAL H 421 22.85 49.15 49.73
CA VAL H 421 23.54 50.30 50.33
C VAL H 421 22.55 51.16 51.09
N CYS H 422 22.85 51.40 52.36
CA CYS H 422 22.00 52.23 53.20
C CYS H 422 22.66 53.58 53.43
N THR H 423 22.01 54.64 52.95
CA THR H 423 22.53 55.99 53.02
C THR H 423 21.43 56.94 52.54
N ASN H 424 21.45 58.18 52.99
CA ASN H 424 20.50 59.18 52.51
C ASN H 424 21.19 60.28 51.70
N ASP H 425 22.49 60.13 51.54
CA ASP H 425 23.31 61.12 50.85
C ASP H 425 23.29 60.80 49.35
N TYR H 426 22.56 61.58 48.56
CA TYR H 426 22.44 61.26 47.14
C TYR H 426 23.79 61.18 46.45
N ARG H 427 24.63 62.19 46.66
CA ARG H 427 25.97 62.19 46.08
C ARG H 427 26.69 60.86 46.27
N ARG H 428 26.60 60.31 47.49
CA ARG H 428 27.29 59.08 47.79
C ARG H 428 26.55 57.89 47.18
N MET H 429 25.23 57.95 47.26
CA MET H 429 24.36 56.97 46.62
C MET H 429 24.80 56.74 45.16
N GLN H 430 24.81 57.82 44.37
CA GLN H 430 25.19 57.78 42.95
C GLN H 430 26.58 57.19 42.78
N LYS H 431 27.48 57.56 43.69
CA LYS H 431 28.87 57.11 43.60
C LYS H 431 28.97 55.59 43.75
N TYR H 432 28.25 55.02 44.71
CA TYR H 432 28.23 53.57 44.86
C TYR H 432 27.56 52.86 43.68
N ILE H 433 26.44 53.41 43.22
CA ILE H 433 25.74 52.82 42.09
C ILE H 433 26.68 52.67 40.90
N ALA H 434 27.43 53.73 40.65
CA ALA H 434 28.35 53.78 39.53
C ALA H 434 29.59 52.94 39.79
N GLY H 435 30.03 52.89 41.04
CA GLY H 435 31.33 52.33 41.37
C GLY H 435 31.42 50.85 41.73
N LEU H 436 30.32 50.30 42.24
CA LEU H 436 30.32 48.89 42.59
C LEU H 436 30.29 48.00 41.36
N LYS H 437 31.21 47.04 41.29
CA LYS H 437 31.25 46.15 40.13
C LYS H 437 30.34 44.94 40.30
N VAL H 438 29.05 45.17 40.08
CA VAL H 438 28.01 44.17 40.29
C VAL H 438 26.98 44.31 39.17
N GLY H 439 26.02 43.39 39.10
CA GLY H 439 24.93 43.52 38.15
C GLY H 439 23.77 44.33 38.68
N THR H 440 23.72 44.52 40.01
CA THR H 440 22.59 45.18 40.68
C THR H 440 23.01 45.90 41.99
N VAL H 441 22.56 47.13 42.13
CA VAL H 441 22.73 47.90 43.36
C VAL H 441 21.40 48.35 43.93
N ASN H 442 20.99 47.76 45.04
CA ASN H 442 19.75 48.17 45.69
C ASN H 442 20.00 49.21 46.78
N ILE H 443 19.37 50.38 46.66
CA ILE H 443 19.45 51.39 47.71
C ILE H 443 18.39 51.13 48.78
N TRP H 444 18.81 51.03 50.03
CA TRP H 444 17.86 50.74 51.12
C TRP H 444 17.05 49.45 50.92
N GLU H 445 17.69 48.43 50.36
CA GLU H 445 17.10 47.09 50.31
C GLU H 445 18.21 46.06 50.32
N VAL H 446 17.86 44.82 50.62
CA VAL H 446 18.85 43.75 50.56
C VAL H 446 19.28 43.46 49.12
N PRO H 447 20.51 42.97 48.94
CA PRO H 447 20.98 42.67 47.58
C PRO H 447 20.02 41.71 46.86
N GLY H 448 19.27 40.91 47.63
CA GLY H 448 18.35 39.96 47.05
C GLY H 448 17.09 40.56 46.44
N TYR H 449 16.81 41.83 46.68
CA TYR H 449 15.57 42.36 46.14
C TYR H 449 15.56 42.52 44.61
N ARG H 450 14.48 42.03 44.02
CA ARG H 450 14.19 42.24 42.60
C ARG H 450 12.74 41.83 42.37
N ILE H 451 12.18 42.24 41.24
CA ILE H 451 10.92 41.65 40.80
C ILE H 451 11.33 40.46 39.92
N GLU H 452 10.43 39.49 39.72
CA GLU H 452 10.83 38.25 39.04
C GLU H 452 11.06 38.45 37.54
N MET H 453 10.74 39.63 37.01
CA MET H 453 10.88 39.88 35.58
C MET H 453 11.88 40.99 35.23
N SER H 454 12.55 41.56 36.24
CA SER H 454 13.60 42.56 35.98
C SER H 454 14.87 41.83 35.59
N PRO H 455 15.82 42.52 34.91
CA PRO H 455 17.01 41.79 34.46
C PRO H 455 17.90 41.40 35.63
N PHE H 456 18.29 40.13 35.65
CA PHE H 456 19.04 39.59 36.78
C PHE H 456 20.21 38.78 36.27
N GLY H 457 21.38 39.10 36.79
CA GLY H 457 22.62 38.45 36.37
C GLY H 457 23.81 39.23 36.89
N GLY H 458 24.94 38.56 37.00
CA GLY H 458 26.13 39.20 37.55
C GLY H 458 27.27 39.19 36.57
N ILE H 459 28.44 39.62 37.05
CA ILE H 459 29.63 39.66 36.23
C ILE H 459 30.73 38.93 36.98
N LYS H 460 31.95 38.97 36.44
CA LYS H 460 33.07 38.27 37.04
C LYS H 460 32.66 36.81 37.22
N ASP H 461 32.88 36.23 38.40
CA ASP H 461 32.63 34.80 38.57
C ASP H 461 31.17 34.48 38.81
N SER H 462 30.31 35.49 38.82
CA SER H 462 28.91 35.29 39.17
C SER H 462 28.07 34.75 38.01
N GLY H 463 28.62 34.77 36.81
CA GLY H 463 27.86 34.34 35.64
C GLY H 463 28.72 34.33 34.39
N ASN H 464 28.17 33.88 33.27
CA ASN H 464 28.91 33.98 32.00
C ASN H 464 28.50 35.22 31.19
N GLY H 465 27.85 36.17 31.85
CA GLY H 465 27.59 37.46 31.25
C GLY H 465 26.24 37.66 30.59
N TYR H 466 25.27 36.82 30.91
CA TYR H 466 23.92 36.97 30.35
C TYR H 466 22.89 37.20 31.44
N LYS H 467 21.91 38.06 31.17
CA LYS H 467 20.86 38.33 32.15
C LYS H 467 19.75 37.29 32.06
N GLU H 468 19.03 37.12 33.16
CA GLU H 468 17.77 36.38 33.16
C GLU H 468 16.71 37.13 33.96
N GLY H 469 15.83 36.41 34.63
CA GLY H 469 14.53 36.95 34.99
C GLY H 469 13.63 36.65 33.80
N VAL H 470 12.31 36.69 34.02
CA VAL H 470 11.35 36.21 33.03
C VAL H 470 11.50 36.86 31.65
N ILE H 471 11.62 38.19 31.62
CA ILE H 471 11.73 38.91 30.36
C ILE H 471 13.00 38.53 29.58
N GLU H 472 14.16 38.68 30.20
CA GLU H 472 15.41 38.33 29.56
C GLU H 472 15.53 36.83 29.26
N ALA H 473 14.91 35.98 30.06
CA ALA H 473 14.92 34.55 29.73
C ALA H 473 14.11 34.29 28.45
N MET H 474 12.93 34.88 28.36
CA MET H 474 12.13 34.70 27.14
C MET H 474 12.94 35.09 25.90
N LYS H 475 13.65 36.22 25.96
CA LYS H 475 14.50 36.64 24.87
C LYS H 475 15.61 35.63 24.58
N SER H 476 16.30 35.18 25.63
CA SER H 476 17.36 34.18 25.50
C SER H 476 16.89 32.90 24.81
N PHE H 477 15.66 32.50 25.11
CA PHE H 477 15.14 31.22 24.65
C PHE H 477 14.58 31.29 23.21
N THR H 478 14.98 32.30 22.44
CA THR H 478 14.47 32.48 21.08
C THR H 478 15.58 32.86 20.14
N ASN H 479 15.33 32.67 18.85
CA ASN H 479 16.17 33.24 17.81
C ASN H 479 15.41 34.38 17.16
N VAL H 480 16.07 35.50 16.94
CA VAL H 480 15.46 36.60 16.22
C VAL H 480 15.61 36.34 14.73
N LYS H 481 14.50 36.37 14.01
CA LYS H 481 14.55 36.34 12.54
C LYS H 481 14.15 37.70 11.99
N THR H 482 14.89 38.20 11.02
CA THR H 482 14.45 39.41 10.34
C THR H 482 13.94 39.14 8.93
N PHE H 483 13.05 40.00 8.47
CA PHE H 483 12.61 39.92 7.09
C PHE H 483 12.43 41.33 6.52
N SER H 484 12.66 41.49 5.22
CA SER H 484 12.56 42.81 4.61
C SER H 484 11.63 42.80 3.41
N LEU H 485 10.86 43.88 3.27
CA LEU H 485 9.87 43.98 2.20
C LEU H 485 10.08 45.27 1.40
N PRO H 486 9.84 45.23 0.09
CA PRO H 486 9.86 46.44 -0.73
C PRO H 486 8.87 47.45 -0.17
N TRP H 487 9.26 48.73 -0.14
CA TRP H 487 8.38 49.76 0.41
C TRP H 487 8.57 51.08 -0.32
PA NAD I . -5.47 9.95 9.17
O1A NAD I . -4.74 10.80 10.15
O2A NAD I . -5.56 10.65 7.88
O5B NAD I . -4.75 8.54 9.08
C5B NAD I . -4.96 7.63 7.97
C4B NAD I . -3.81 6.85 7.56
O4B NAD I . -2.83 7.70 7.04
C3B NAD I . -3.18 6.17 8.73
O3B NAD I . -2.63 4.95 8.30
C2B NAD I . -2.15 7.04 9.09
O2B NAD I . -1.17 6.39 9.85
C1B NAD I . -1.63 7.46 7.75
N9A NAD I . -0.79 8.66 7.71
C8A NAD I . -0.90 9.73 8.52
N7A NAD I . 0.02 10.66 8.20
C5A NAD I . 0.73 10.17 7.18
C6A NAD I . 1.81 10.65 6.44
N6A NAD I . 2.36 11.92 6.74
N1A NAD I . 2.32 9.89 5.46
C2A NAD I . 1.81 8.69 5.17
N3A NAD I . 0.78 8.20 5.85
C4A NAD I . 0.22 8.91 6.86
O3 NAD I . -6.97 9.68 9.57
PN NAD I . -7.43 8.82 10.78
O1N NAD I . -7.14 9.66 12.01
O2N NAD I . -8.93 8.59 10.64
O5D NAD I . -6.71 7.41 10.86
C1 POA J . -16.24 3.84 5.28
C2 POA J . -16.02 5.17 5.92
O2 POA J . -15.75 5.14 7.12
O1P POA J . -17.93 3.15 7.42
O2P POA J . -18.03 1.76 5.45
O3P POA J . -19.04 3.89 5.45
P POA J . -17.82 3.17 5.93
PA NAD K . 0.76 -30.17 11.75
O1A NAD K . 1.88 -29.31 11.33
O2A NAD K . -0.53 -29.60 11.26
O5B NAD K . 0.73 -30.35 13.32
C5B NAD K . 1.93 -30.77 14.04
C4B NAD K . 2.05 -30.38 15.43
O4B NAD K . 2.10 -28.98 15.52
C3B NAD K . 0.86 -30.81 16.22
O3B NAD K . 1.28 -31.07 17.54
C2B NAD K . 0.02 -29.67 16.18
O2B NAD K . -0.91 -29.62 17.26
C1B NAD K . 1.01 -28.55 16.32
N9A NAD K . 0.52 -27.23 15.91
C8A NAD K . -0.34 -27.00 14.90
N7A NAD K . -0.59 -25.69 14.79
C5A NAD K . 0.14 -25.07 15.74
C6A NAD K . 0.29 -23.75 16.11
N6A NAD K . -0.41 -22.74 15.40
N1A NAD K . 1.10 -23.44 17.14
C2A NAD K . 1.77 -24.38 17.81
N3A NAD K . 1.64 -25.66 17.47
C4A NAD K . 0.84 -26.04 16.45
O3 NAD K . 1.12 -31.55 11.07
PN NAD K . 0.33 -32.88 11.25
O1N NAD K . 0.20 -33.32 12.77
O2N NAD K . 1.05 -33.95 10.43
O5D NAD K . -1.05 -32.64 10.68
C1 POA L . 9.44 -39.76 10.17
C2 POA L . 8.60 -39.08 9.16
O2 POA L . 7.42 -39.43 9.17
O1P POA L . 10.34 -42.33 10.56
O2P POA L . 8.29 -42.10 9.26
O3P POA L . 10.43 -41.64 8.34
P POA L . 9.61 -41.47 9.57
PA NAD M . 4.01 19.42 -25.65
O1A NAD M . 5.12 20.41 -25.49
O2A NAD M . 3.96 18.45 -24.55
O5B NAD M . 2.66 20.20 -25.81
C5B NAD M . 1.36 19.74 -25.35
C4B NAD M . 0.46 20.77 -24.89
O4B NAD M . 0.81 21.18 -23.60
C3B NAD M . 0.52 22.00 -25.74
O3B NAD M . -0.77 22.57 -25.79
C2B NAD M . 1.40 22.84 -25.04
O2B NAD M . 1.18 24.20 -25.29
C1B NAD M . 1.00 22.57 -23.63
N9A NAD M . 1.95 22.94 -22.59
C8A NAD M . 3.29 22.99 -22.70
N7A NAD M . 3.83 23.34 -21.53
C5A NAD M . 2.81 23.53 -20.66
C6A NAD M . 2.74 23.91 -19.33
N6A NAD M . 3.94 24.16 -18.62
N1A NAD M . 1.53 24.01 -18.73
C2A NAD M . 0.39 23.77 -19.41
N3A NAD M . 0.44 23.41 -20.70
C4A NAD M . 1.62 23.27 -21.34
O3 NAD M . 4.42 18.69 -26.99
PN NAD M . 3.35 18.25 -28.02
O1N NAD M . 3.89 17.11 -28.86
O2N NAD M . 2.80 19.40 -28.84
O5D NAD M . 2.15 17.68 -27.15
C1 POA N . -3.13 9.70 -30.75
C2 POA N . -1.65 9.73 -30.59
O2 POA N . -1.05 10.40 -31.44
O1P POA N . -2.55 9.10 -33.35
O2P POA N . -4.82 8.61 -32.60
O3P POA N . -3.06 7.19 -32.04
P POA N . -3.38 8.64 -32.20
PA NAD O . -56.16 -9.44 -36.42
O1A NAD O . -55.59 -10.48 -35.56
O2A NAD O . -57.54 -9.84 -36.86
O5B NAD O . -55.25 -9.26 -37.70
C5B NAD O . -53.79 -9.16 -37.58
C4B NAD O . -53.02 -9.66 -38.70
O4B NAD O . -53.23 -11.04 -38.78
C3B NAD O . -53.52 -9.08 -39.98
O3B NAD O . -52.44 -8.95 -40.87
C2B NAD O . -54.44 -10.05 -40.42
O2B NAD O . -54.68 -10.04 -41.82
C1B NAD O . -53.74 -11.31 -40.06
N9A NAD O . -54.60 -12.52 -40.08
C8A NAD O . -55.89 -12.56 -39.73
N7A NAD O . -56.37 -13.80 -39.89
C5A NAD O . -55.37 -14.56 -40.36
C6A NAD O . -55.26 -15.91 -40.70
N6A NAD O . -56.39 -16.74 -40.57
N1A NAD O . -54.08 -16.38 -41.14
C2A NAD O . -53.01 -15.57 -41.26
N3A NAD O . -53.09 -14.28 -40.93
C4A NAD O . -54.24 -13.75 -40.48
O3 NAD O . -56.18 -8.14 -35.54
PN NAD O . -56.56 -6.71 -36.06
O1N NAD O . -56.21 -5.70 -34.90
O2N NAD O . -55.80 -6.31 -37.31
O5D NAD O . -58.06 -6.74 -36.31
C1 POA P . -48.55 -1.33 -29.88
C2 POA P . -49.91 -1.77 -29.52
O2 POA P . -50.82 -1.24 -30.18
O1P POA P . -47.08 1.00 -29.60
O2P POA P . -48.50 0.51 -27.76
O3P POA P . -49.50 1.30 -29.76
P POA P . -48.41 0.38 -29.26
PA NAD Q . -36.22 -39.10 -25.82
O1A NAD Q . -36.64 -38.01 -26.72
O2A NAD Q . -36.65 -40.42 -26.41
O5B NAD Q . -36.86 -38.95 -24.38
C5B NAD Q . -36.69 -37.72 -23.63
C4B NAD Q . -37.68 -37.49 -22.61
O4B NAD Q . -38.93 -37.29 -23.24
C3B NAD Q . -37.81 -38.69 -21.75
O3B NAD Q . -38.05 -38.26 -20.44
C2B NAD Q . -38.97 -39.33 -22.24
O2B NAD Q . -39.65 -40.06 -21.24
C1B NAD Q . -39.82 -38.16 -22.61
N9A NAD Q . -40.95 -38.41 -23.51
C8A NAD Q . -41.05 -39.35 -24.47
N7A NAD Q . -42.24 -39.24 -25.08
C5A NAD Q . -42.90 -38.23 -24.48
C6A NAD Q . -44.16 -37.65 -24.65
N6A NAD Q . -45.04 -38.15 -25.64
N1A NAD Q . -44.53 -36.62 -23.87
C2A NAD Q . -43.71 -36.14 -22.92
N3A NAD Q . -42.51 -36.67 -22.74
C4A NAD Q . -42.08 -37.71 -23.49
O3 NAD Q . -34.66 -39.03 -25.68
PN NAD Q . -33.80 -40.08 -24.92
O1N NAD Q . -32.36 -39.72 -25.19
O2N NAD Q . -34.13 -41.44 -25.47
O5D NAD Q . -34.10 -40.04 -23.36
C1 POA R . -25.85 -32.11 -23.08
C2 POA R . -26.06 -32.95 -24.28
O2 POA R . -25.91 -34.16 -24.07
O1P POA R . -23.58 -31.43 -21.67
O2P POA R . -23.52 -33.56 -22.79
O3P POA R . -23.27 -31.56 -24.01
P POA R . -24.04 -32.15 -22.88
PA NAD S . 27.42 -4.55 15.62
O1A NAD S . 26.84 -3.22 15.88
O2A NAD S . 26.45 -5.63 15.98
O5B NAD S . 27.85 -4.67 14.11
C5B NAD S . 28.20 -5.97 13.53
C4B NAD S . 27.85 -6.17 12.15
O4B NAD S . 26.46 -6.16 12.02
C3B NAD S . 28.36 -5.04 11.34
O3B NAD S . 28.86 -5.55 10.14
C2B NAD S . 27.22 -4.23 11.11
O2B NAD S . 27.35 -3.48 9.91
C1B NAD S . 26.14 -5.25 10.99
N9A NAD S . 24.74 -4.81 11.16
C8A NAD S . 24.30 -3.83 11.96
N7A NAD S . 22.97 -3.72 11.88
C5A NAD S . 22.55 -4.66 11.00
C6A NAD S . 21.31 -5.03 10.50
N6A NAD S . 20.13 -4.37 10.92
N1A NAD S . 21.23 -6.05 9.62
C2A NAD S . 22.32 -6.70 9.20
N3A NAD S . 23.51 -6.34 9.66
C4A NAD S . 23.67 -5.34 10.55
O3 NAD S . 28.69 -4.74 16.54
PN NAD S . 30.04 -3.99 16.36
O1N NAD S . 31.02 -4.67 17.40
O2N NAD S . 30.61 -4.09 14.95
O5D NAD S . 29.81 -2.54 16.73
C1 POA T . 36.43 -13.26 18.87
C2 POA T . 35.72 -12.33 19.77
O2 POA T . 36.03 -11.13 19.68
O1P POA T . 38.72 -12.12 19.94
O2P POA T . 39.04 -14.23 18.77
O3P POA T . 38.12 -14.18 20.94
P POA T . 38.10 -13.45 19.63
PA NAD U . 39.32 31.80 8.59
O1A NAD U . 40.26 30.90 7.88
O2A NAD U . 38.46 31.05 9.55
O5B NAD U . 40.18 32.90 9.36
C5B NAD U . 39.53 33.97 10.10
C4B NAD U . 40.32 34.66 11.10
O4B NAD U . 40.69 33.77 12.10
C3B NAD U . 41.59 35.14 10.48
O3B NAD U . 41.95 36.34 11.12
C2B NAD U . 42.52 34.14 10.79
O2B NAD U . 43.82 34.69 10.84
C1B NAD U . 42.09 33.74 12.16
N9A NAD U . 42.56 32.46 12.69
C8A NAD U . 42.89 31.37 11.98
N7A NAD U . 43.26 30.38 12.82
C5A NAD U . 43.18 30.86 14.07
C6A NAD U . 43.45 30.33 15.33
N6A NAD U . 43.90 28.98 15.47
N1A NAD U . 43.26 31.10 16.42
C2A NAD U . 42.82 32.38 16.33
N3A NAD U . 42.57 32.89 15.12
C4A NAD U . 42.74 32.17 13.99
O3 NAD U . 38.36 32.47 7.55
PN NAD U . 38.88 33.24 6.30
O1N NAD U . 39.84 34.34 6.72
O2N NAD U . 39.57 32.25 5.40
O5D NAD U . 37.60 33.84 5.58
C1 POA V . 29.22 39.57 6.30
C2 POA V . 29.53 38.21 5.75
O2 POA V . 30.45 38.13 4.94
O1P POA V . 28.33 41.98 5.25
O2P POA V . 29.08 40.36 3.65
O3P POA V . 26.97 40.11 4.70
P POA V . 28.39 40.50 4.97
C1 POA W . 18.78 33.54 42.88
C2 POA W . 20.00 33.17 43.63
O2 POA W . 19.84 32.40 44.57
O1P POA W . 18.26 35.88 44.34
O2P POA W . 17.91 33.80 45.45
O3P POA W . 16.34 34.56 43.82
P POA W . 17.81 34.46 44.11
#